data_1PD6
#
_entry.id   1PD6
#
_entity_poly.entity_id   1
_entity_poly.type   'polypeptide(L)'
_entity_poly.pdbx_seq_one_letter_code
;MHHHHHHSSMDEKKSTAFQKKLEPAYQVSKGHKIRLTVELADHDAEVKWLKNGQEIQMSGSKYIFESIGAKRTLTISQCS
LADDAAYQCVVGGEKCSTELFVKE
;
_entity_poly.pdbx_strand_id   A
#
# COMPACT_ATOMS: atom_id res chain seq x y z
N ASP A 11 -9.89 9.30 10.33
CA ASP A 11 -8.87 8.51 11.05
C ASP A 11 -8.43 7.32 10.22
N GLU A 12 -7.12 7.09 10.15
CA GLU A 12 -6.61 5.88 9.54
C GLU A 12 -6.76 4.74 10.52
N LYS A 13 -7.47 3.69 10.11
CA LYS A 13 -7.85 2.61 11.01
C LYS A 13 -8.51 1.50 10.20
N LYS A 14 -8.49 0.28 10.72
CA LYS A 14 -9.16 -0.83 10.05
C LYS A 14 -10.63 -0.51 9.87
N SER A 15 -11.04 -0.61 8.62
CA SER A 15 -12.35 -0.15 8.19
C SER A 15 -12.40 -0.38 6.70
N THR A 16 -11.25 -0.08 6.11
CA THR A 16 -11.00 -0.24 4.70
C THR A 16 -11.43 -1.60 4.23
N ALA A 17 -11.72 -1.71 2.94
CA ALA A 17 -12.07 -2.98 2.34
C ALA A 17 -10.86 -3.89 2.26
N PHE A 18 -9.92 -3.71 3.17
CA PHE A 18 -8.81 -4.61 3.30
C PHE A 18 -9.05 -5.47 4.52
N GLN A 19 -9.45 -6.70 4.24
CA GLN A 19 -9.74 -7.69 5.27
C GLN A 19 -8.66 -7.64 6.33
N LYS A 20 -7.43 -7.74 5.87
CA LYS A 20 -6.28 -7.48 6.68
C LYS A 20 -5.27 -6.62 5.92
N LYS A 21 -4.90 -5.50 6.51
CA LYS A 21 -3.75 -4.74 6.02
C LYS A 21 -2.50 -5.30 6.67
N LEU A 22 -1.42 -5.44 5.89
CA LEU A 22 -0.18 -5.99 6.41
C LEU A 22 0.37 -5.13 7.55
N GLU A 23 1.34 -5.67 8.27
CA GLU A 23 1.92 -5.00 9.44
C GLU A 23 2.23 -3.53 9.13
N PRO A 24 1.93 -2.63 10.10
CA PRO A 24 2.08 -1.18 9.93
C PRO A 24 3.53 -0.72 9.78
N ALA A 25 4.34 -1.51 9.11
CA ALA A 25 5.71 -1.14 8.79
C ALA A 25 6.22 -1.93 7.60
N TYR A 26 5.89 -1.46 6.42
CA TYR A 26 6.35 -2.08 5.20
C TYR A 26 7.80 -1.68 4.96
N GLN A 27 8.66 -2.64 4.70
CA GLN A 27 10.08 -2.36 4.50
C GLN A 27 10.45 -2.49 3.03
N VAL A 28 10.53 -1.37 2.33
CA VAL A 28 10.87 -1.41 0.91
C VAL A 28 12.33 -1.72 0.71
N SER A 29 12.59 -2.69 -0.14
CA SER A 29 13.94 -2.92 -0.61
C SER A 29 14.25 -1.87 -1.65
N LYS A 30 15.04 -0.89 -1.23
CA LYS A 30 15.18 0.36 -1.96
C LYS A 30 15.38 0.14 -3.46
N GLY A 31 14.49 0.76 -4.23
CA GLY A 31 14.55 0.64 -5.67
C GLY A 31 14.12 -0.71 -6.20
N HIS A 32 14.01 -1.69 -5.31
CA HIS A 32 13.57 -3.03 -5.67
C HIS A 32 12.05 -3.07 -5.82
N LYS A 33 11.44 -1.90 -5.58
CA LYS A 33 9.98 -1.74 -5.66
C LYS A 33 9.30 -2.45 -4.50
N ILE A 34 8.77 -1.70 -3.54
CA ILE A 34 8.09 -2.36 -2.44
C ILE A 34 6.62 -2.60 -2.75
N ARG A 35 6.14 -3.78 -2.39
CA ARG A 35 4.76 -4.17 -2.62
C ARG A 35 3.94 -4.01 -1.35
N LEU A 36 2.74 -3.45 -1.46
CA LEU A 36 1.88 -3.29 -0.30
C LEU A 36 0.86 -4.40 -0.27
N THR A 37 1.21 -5.47 0.43
CA THR A 37 0.38 -6.66 0.46
C THR A 37 -0.69 -6.56 1.53
N VAL A 38 -1.89 -6.97 1.18
CA VAL A 38 -3.03 -6.93 2.08
C VAL A 38 -3.97 -8.07 1.75
N GLU A 39 -4.73 -8.52 2.71
CA GLU A 39 -5.77 -9.46 2.41
C GLU A 39 -7.03 -8.67 2.19
N LEU A 40 -7.49 -8.59 0.96
CA LEU A 40 -8.62 -7.73 0.65
C LEU A 40 -9.92 -8.30 1.17
N ALA A 41 -10.84 -7.41 1.51
CA ALA A 41 -12.19 -7.81 1.85
C ALA A 41 -13.02 -7.87 0.59
N ASP A 42 -12.72 -6.95 -0.32
CA ASP A 42 -13.34 -6.92 -1.65
C ASP A 42 -12.83 -8.06 -2.51
N HIS A 43 -11.55 -8.37 -2.32
CA HIS A 43 -10.86 -9.44 -3.06
C HIS A 43 -10.45 -8.98 -4.46
N ASP A 44 -11.42 -8.57 -5.27
CA ASP A 44 -11.12 -8.13 -6.63
C ASP A 44 -11.67 -6.73 -6.89
N ALA A 45 -11.18 -5.80 -6.09
CA ALA A 45 -11.52 -4.40 -6.27
C ALA A 45 -10.26 -3.60 -6.51
N GLU A 46 -10.37 -2.50 -7.25
CA GLU A 46 -9.24 -1.64 -7.50
C GLU A 46 -8.86 -0.94 -6.21
N VAL A 47 -7.65 -1.19 -5.74
CA VAL A 47 -7.22 -0.60 -4.49
C VAL A 47 -6.43 0.68 -4.73
N LYS A 48 -6.84 1.71 -4.04
CA LYS A 48 -6.09 2.95 -4.03
C LYS A 48 -5.34 3.03 -2.73
N TRP A 49 -4.22 3.70 -2.70
CA TRP A 49 -3.42 3.69 -1.51
C TRP A 49 -3.07 5.10 -1.13
N LEU A 50 -2.56 5.28 0.04
CA LEU A 50 -2.38 6.62 0.56
C LEU A 50 -0.93 6.79 1.00
N LYS A 51 -0.30 7.87 0.65
CA LYS A 51 0.96 8.22 1.29
C LYS A 51 0.60 9.07 2.48
N ASN A 52 1.37 9.01 3.56
CA ASN A 52 0.98 9.71 4.78
C ASN A 52 0.57 11.16 4.45
N GLY A 53 -0.74 11.39 4.51
CA GLY A 53 -1.32 12.64 4.05
C GLY A 53 -1.64 12.65 2.56
N GLN A 54 -0.71 12.21 1.72
CA GLN A 54 -0.90 12.24 0.26
C GLN A 54 -1.84 11.12 -0.18
N GLU A 55 -2.73 11.40 -1.10
CA GLU A 55 -3.58 10.36 -1.63
C GLU A 55 -2.96 9.72 -2.85
N ILE A 56 -2.92 8.40 -2.85
CA ILE A 56 -2.18 7.62 -3.83
C ILE A 56 -3.12 6.80 -4.74
N GLN A 57 -3.10 7.12 -6.02
CA GLN A 57 -3.98 6.46 -6.98
C GLN A 57 -3.36 5.14 -7.44
N MET A 58 -3.15 5.00 -8.75
CA MET A 58 -2.58 3.78 -9.31
C MET A 58 -1.95 4.08 -10.66
N SER A 59 -0.81 3.48 -10.91
CA SER A 59 -0.02 3.76 -12.11
C SER A 59 0.87 2.58 -12.44
N GLY A 60 1.19 2.40 -13.72
CA GLY A 60 2.09 1.32 -14.13
C GLY A 60 3.54 1.74 -14.03
N SER A 61 3.86 2.48 -12.98
CA SER A 61 5.20 3.01 -12.77
C SER A 61 5.42 3.27 -11.28
N LYS A 62 4.31 3.53 -10.58
CA LYS A 62 4.29 3.75 -9.15
C LYS A 62 2.86 3.54 -8.70
N TYR A 63 2.65 3.01 -7.48
CA TYR A 63 1.30 2.68 -7.03
C TYR A 63 0.68 1.64 -7.98
N ILE A 64 1.43 0.58 -8.24
CA ILE A 64 1.01 -0.46 -9.16
C ILE A 64 0.10 -1.46 -8.45
N PHE A 65 -1.12 -1.63 -8.94
CA PHE A 65 -2.03 -2.56 -8.31
C PHE A 65 -1.78 -3.99 -8.80
N GLU A 66 -1.71 -4.92 -7.85
CA GLU A 66 -1.48 -6.32 -8.14
C GLU A 66 -2.28 -7.17 -7.17
N SER A 67 -2.88 -8.25 -7.65
CA SER A 67 -3.77 -9.03 -6.79
C SER A 67 -3.40 -10.50 -6.82
N ILE A 68 -3.35 -11.11 -5.64
CA ILE A 68 -3.08 -12.53 -5.53
C ILE A 68 -4.09 -13.19 -4.57
N GLY A 69 -5.00 -13.98 -5.13
CA GLY A 69 -5.97 -14.72 -4.32
C GLY A 69 -6.65 -13.85 -3.27
N ALA A 70 -7.29 -12.77 -3.72
CA ALA A 70 -7.89 -11.75 -2.86
C ALA A 70 -6.84 -10.85 -2.25
N LYS A 71 -5.70 -11.41 -1.86
CA LYS A 71 -4.66 -10.63 -1.24
C LYS A 71 -4.13 -9.62 -2.22
N ARG A 72 -4.47 -8.37 -1.96
CA ARG A 72 -4.15 -7.30 -2.86
C ARG A 72 -2.79 -6.72 -2.53
N THR A 73 -2.10 -6.26 -3.55
CA THR A 73 -0.77 -5.75 -3.38
C THR A 73 -0.56 -4.46 -4.16
N LEU A 74 0.01 -3.47 -3.49
CA LEU A 74 0.38 -2.22 -4.14
C LEU A 74 1.86 -2.23 -4.44
N THR A 75 2.23 -2.48 -5.68
CA THR A 75 3.62 -2.47 -6.06
C THR A 75 4.09 -1.03 -6.28
N ILE A 76 4.97 -0.57 -5.42
CA ILE A 76 5.47 0.79 -5.53
C ILE A 76 6.90 0.75 -6.05
N SER A 77 7.09 1.41 -7.19
CA SER A 77 8.38 1.48 -7.85
C SER A 77 8.94 2.88 -7.68
N GLN A 78 10.27 3.01 -7.73
CA GLN A 78 10.93 4.30 -7.54
C GLN A 78 10.56 4.84 -6.17
N CYS A 79 10.97 4.09 -5.15
CA CYS A 79 10.64 4.37 -3.78
C CYS A 79 11.66 3.65 -2.95
N SER A 80 12.51 4.44 -2.35
CA SER A 80 13.65 3.91 -1.69
C SER A 80 14.00 4.80 -0.50
N LEU A 81 15.26 5.21 -0.41
CA LEU A 81 15.72 6.09 0.68
C LEU A 81 15.21 7.52 0.48
N ALA A 82 13.90 7.66 0.28
CA ALA A 82 13.28 8.96 0.09
C ALA A 82 11.80 8.89 0.42
N ASP A 83 11.12 7.85 -0.08
CA ASP A 83 9.69 7.66 0.22
C ASP A 83 9.51 6.94 1.56
N ASP A 84 10.57 6.93 2.35
CA ASP A 84 10.52 6.39 3.72
C ASP A 84 9.59 7.23 4.56
N ALA A 85 8.42 6.68 4.89
CA ALA A 85 7.39 7.44 5.61
C ALA A 85 6.25 6.52 6.04
N ALA A 86 5.07 6.72 5.45
CA ALA A 86 3.92 5.86 5.74
C ALA A 86 3.00 5.78 4.52
N TYR A 87 2.53 4.58 4.21
CA TYR A 87 1.56 4.40 3.13
C TYR A 87 0.29 3.71 3.66
N GLN A 88 -0.80 4.45 3.67
CA GLN A 88 -2.11 3.93 4.02
C GLN A 88 -2.72 3.19 2.84
N CYS A 89 -3.79 2.47 3.09
CA CYS A 89 -4.48 1.72 2.04
C CYS A 89 -5.92 2.09 1.96
N VAL A 90 -6.43 2.22 0.73
CA VAL A 90 -7.71 2.86 0.55
C VAL A 90 -8.55 2.24 -0.58
N VAL A 91 -9.84 2.12 -0.30
CA VAL A 91 -10.78 1.65 -1.29
C VAL A 91 -11.99 2.58 -1.30
N GLY A 92 -12.21 3.22 -2.44
CA GLY A 92 -13.25 4.23 -2.55
C GLY A 92 -12.86 5.52 -1.86
N GLY A 93 -12.70 5.44 -0.55
CA GLY A 93 -12.28 6.59 0.24
C GLY A 93 -12.07 6.20 1.69
N GLU A 94 -11.58 4.99 1.88
CA GLU A 94 -11.35 4.44 3.21
C GLU A 94 -9.85 4.17 3.35
N LYS A 95 -9.18 4.74 4.36
CA LYS A 95 -7.72 4.55 4.48
C LYS A 95 -7.30 3.94 5.81
N CYS A 96 -6.37 2.97 5.71
CA CYS A 96 -5.77 2.32 6.87
C CYS A 96 -4.27 2.54 6.81
N SER A 97 -3.70 3.10 7.86
CA SER A 97 -2.31 3.54 7.80
C SER A 97 -1.33 2.40 8.05
N THR A 98 -0.23 2.46 7.32
CA THR A 98 0.86 1.53 7.50
C THR A 98 2.16 2.29 7.25
N GLU A 99 3.13 2.13 8.15
CA GLU A 99 4.35 2.90 8.04
C GLU A 99 5.28 2.28 7.01
N LEU A 100 5.99 3.13 6.30
CA LEU A 100 6.87 2.68 5.24
C LEU A 100 8.32 2.96 5.59
N PHE A 101 9.10 1.90 5.73
CA PHE A 101 10.51 2.01 5.99
C PHE A 101 11.29 1.40 4.84
N VAL A 102 12.32 2.08 4.40
CA VAL A 102 13.11 1.58 3.29
C VAL A 102 14.40 0.94 3.76
N LYS A 103 14.70 -0.21 3.18
CA LYS A 103 15.94 -0.91 3.41
C LYS A 103 16.81 -0.78 2.16
N GLU A 104 18.06 -0.39 2.34
CA GLU A 104 18.96 -0.14 1.23
C GLU A 104 19.26 -1.43 0.47
N ASP A 11 -11.17 7.35 8.91
CA ASP A 11 -10.04 7.62 9.81
C ASP A 11 -9.03 6.49 9.78
N GLU A 12 -7.76 6.84 9.81
CA GLU A 12 -6.69 5.86 9.70
C GLU A 12 -6.61 4.98 10.94
N LYS A 13 -6.96 3.72 10.75
CA LYS A 13 -7.01 2.72 11.79
C LYS A 13 -7.57 1.52 11.10
N LYS A 14 -7.27 0.31 11.56
CA LYS A 14 -7.67 -0.85 10.81
C LYS A 14 -9.16 -0.81 10.51
N SER A 15 -9.46 -0.66 9.24
CA SER A 15 -10.82 -0.57 8.75
C SER A 15 -10.80 -0.96 7.28
N THR A 16 -11.12 0.00 6.42
CA THR A 16 -11.01 -0.16 4.96
C THR A 16 -11.76 -1.41 4.49
N ALA A 17 -11.53 -1.79 3.24
CA ALA A 17 -12.08 -3.04 2.75
C ALA A 17 -10.97 -4.04 2.57
N PHE A 18 -9.92 -3.84 3.31
CA PHE A 18 -8.82 -4.77 3.34
C PHE A 18 -9.00 -5.64 4.57
N GLN A 19 -9.40 -6.88 4.32
CA GLN A 19 -9.62 -7.86 5.35
C GLN A 19 -8.49 -7.82 6.36
N LYS A 20 -7.30 -7.91 5.82
CA LYS A 20 -6.10 -7.66 6.58
C LYS A 20 -5.15 -6.80 5.76
N LYS A 21 -4.76 -5.67 6.30
CA LYS A 21 -3.70 -4.88 5.71
C LYS A 21 -2.41 -5.11 6.50
N LEU A 22 -1.30 -5.29 5.79
CA LEU A 22 -0.04 -5.71 6.42
C LEU A 22 0.40 -4.75 7.53
N GLU A 23 1.34 -5.23 8.34
CA GLU A 23 1.84 -4.50 9.52
C GLU A 23 2.16 -3.05 9.19
N PRO A 24 1.87 -2.11 10.12
CA PRO A 24 2.09 -0.67 9.93
C PRO A 24 3.56 -0.28 9.81
N ALA A 25 4.33 -1.08 9.11
CA ALA A 25 5.71 -0.78 8.82
C ALA A 25 6.21 -1.65 7.67
N TYR A 26 5.89 -1.25 6.45
CA TYR A 26 6.32 -1.98 5.29
C TYR A 26 7.78 -1.65 5.01
N GLN A 27 8.58 -2.68 4.77
CA GLN A 27 10.02 -2.50 4.56
C GLN A 27 10.37 -2.65 3.09
N VAL A 28 10.64 -1.54 2.42
CA VAL A 28 11.06 -1.57 1.03
C VAL A 28 12.37 -2.29 0.91
N SER A 29 12.48 -3.17 -0.05
CA SER A 29 13.80 -3.60 -0.44
C SER A 29 14.30 -2.63 -1.49
N LYS A 30 15.16 -1.70 -1.08
CA LYS A 30 15.49 -0.54 -1.91
C LYS A 30 15.75 -0.93 -3.37
N GLY A 31 14.98 -0.33 -4.25
CA GLY A 31 15.15 -0.56 -5.67
C GLY A 31 14.47 -1.83 -6.14
N HIS A 32 13.97 -2.60 -5.21
CA HIS A 32 13.26 -3.83 -5.54
C HIS A 32 11.79 -3.52 -5.81
N LYS A 33 11.41 -2.27 -5.50
CA LYS A 33 10.03 -1.81 -5.59
C LYS A 33 9.20 -2.50 -4.52
N ILE A 34 8.77 -1.78 -3.50
CA ILE A 34 8.11 -2.44 -2.39
C ILE A 34 6.64 -2.64 -2.67
N ARG A 35 6.16 -3.83 -2.31
CA ARG A 35 4.79 -4.23 -2.55
C ARG A 35 3.96 -4.07 -1.29
N LEU A 36 2.76 -3.49 -1.40
CA LEU A 36 1.90 -3.36 -0.26
C LEU A 36 0.86 -4.44 -0.32
N THR A 37 1.16 -5.55 0.33
CA THR A 37 0.32 -6.73 0.27
C THR A 37 -0.75 -6.70 1.35
N VAL A 38 -1.96 -7.07 0.97
CA VAL A 38 -3.09 -7.06 1.86
C VAL A 38 -4.03 -8.20 1.53
N GLU A 39 -4.72 -8.71 2.53
CA GLU A 39 -5.78 -9.66 2.29
C GLU A 39 -7.05 -8.85 2.20
N LEU A 40 -7.64 -8.83 1.03
CA LEU A 40 -8.75 -7.93 0.78
C LEU A 40 -10.06 -8.51 1.26
N ALA A 41 -10.92 -7.63 1.74
CA ALA A 41 -12.32 -7.96 1.95
C ALA A 41 -13.03 -7.81 0.62
N ASP A 42 -12.44 -6.97 -0.22
CA ASP A 42 -12.93 -6.72 -1.56
C ASP A 42 -12.88 -7.97 -2.41
N HIS A 43 -11.74 -8.67 -2.36
CA HIS A 43 -11.51 -9.92 -3.11
C HIS A 43 -11.27 -9.64 -4.60
N ASP A 44 -11.94 -8.63 -5.13
CA ASP A 44 -11.78 -8.26 -6.53
C ASP A 44 -12.20 -6.81 -6.72
N ALA A 45 -11.41 -5.90 -6.18
CA ALA A 45 -11.69 -4.48 -6.28
C ALA A 45 -10.39 -3.71 -6.37
N GLU A 46 -10.40 -2.62 -7.11
CA GLU A 46 -9.21 -1.81 -7.26
C GLU A 46 -8.90 -1.10 -5.96
N VAL A 47 -7.72 -1.38 -5.42
CA VAL A 47 -7.31 -0.76 -4.18
C VAL A 47 -6.48 0.48 -4.48
N LYS A 48 -6.92 1.60 -3.93
CA LYS A 48 -6.14 2.81 -4.00
C LYS A 48 -5.40 2.94 -2.69
N TRP A 49 -4.29 3.63 -2.70
CA TRP A 49 -3.48 3.66 -1.51
C TRP A 49 -3.16 5.10 -1.18
N LEU A 50 -2.65 5.31 0.00
CA LEU A 50 -2.47 6.63 0.49
C LEU A 50 -1.03 6.81 0.93
N LYS A 51 -0.42 7.91 0.62
CA LYS A 51 0.85 8.26 1.23
C LYS A 51 0.50 9.08 2.45
N ASN A 52 1.26 9.00 3.53
CA ASN A 52 0.84 9.67 4.77
C ASN A 52 0.42 11.10 4.45
N GLY A 53 -0.89 11.33 4.56
CA GLY A 53 -1.48 12.59 4.14
C GLY A 53 -1.83 12.65 2.65
N GLN A 54 -0.91 12.24 1.78
CA GLN A 54 -1.10 12.38 0.33
C GLN A 54 -1.88 11.20 -0.25
N GLU A 55 -2.81 11.45 -1.13
CA GLU A 55 -3.59 10.37 -1.71
C GLU A 55 -2.86 9.69 -2.86
N ILE A 56 -2.86 8.36 -2.84
CA ILE A 56 -2.08 7.56 -3.77
C ILE A 56 -2.99 6.76 -4.72
N GLN A 57 -3.05 7.24 -5.96
CA GLN A 57 -3.87 6.62 -6.99
C GLN A 57 -2.99 5.75 -7.88
N MET A 58 -3.44 4.53 -8.13
CA MET A 58 -2.65 3.52 -8.85
C MET A 58 -2.20 4.00 -10.23
N SER A 59 -1.07 3.48 -10.69
CA SER A 59 -0.52 3.86 -11.98
C SER A 59 0.29 2.69 -12.56
N GLY A 60 1.29 3.00 -13.38
CA GLY A 60 2.11 1.97 -13.99
C GLY A 60 3.58 2.23 -13.79
N SER A 61 3.90 2.78 -12.64
CA SER A 61 5.28 3.05 -12.26
C SER A 61 5.36 3.20 -10.75
N LYS A 62 4.72 4.23 -10.26
CA LYS A 62 4.44 4.36 -8.84
C LYS A 62 3.05 3.81 -8.57
N TYR A 63 2.86 3.22 -7.40
CA TYR A 63 1.54 2.72 -6.99
C TYR A 63 0.98 1.75 -8.02
N ILE A 64 1.76 0.72 -8.30
CA ILE A 64 1.37 -0.30 -9.27
C ILE A 64 0.44 -1.32 -8.63
N PHE A 65 -0.72 -1.53 -9.21
CA PHE A 65 -1.68 -2.47 -8.65
C PHE A 65 -1.29 -3.92 -8.98
N GLU A 66 -1.41 -4.78 -7.98
CA GLU A 66 -1.09 -6.18 -8.15
C GLU A 66 -2.08 -7.03 -7.34
N SER A 67 -2.52 -8.13 -7.91
CA SER A 67 -3.59 -8.92 -7.31
C SER A 67 -3.16 -10.36 -7.09
N ILE A 68 -3.49 -10.90 -5.91
CA ILE A 68 -3.24 -12.30 -5.60
C ILE A 68 -4.49 -12.93 -5.00
N GLY A 69 -5.31 -13.52 -5.85
CA GLY A 69 -6.58 -14.09 -5.39
C GLY A 69 -7.44 -13.03 -4.75
N ALA A 70 -7.69 -13.19 -3.46
CA ALA A 70 -8.38 -12.17 -2.68
C ALA A 70 -7.41 -11.06 -2.31
N LYS A 71 -6.17 -11.42 -2.04
CA LYS A 71 -5.15 -10.48 -1.62
C LYS A 71 -4.83 -9.45 -2.69
N ARG A 72 -4.55 -8.22 -2.25
CA ARG A 72 -4.16 -7.16 -3.16
C ARG A 72 -2.82 -6.59 -2.75
N THR A 73 -2.08 -6.12 -3.74
CA THR A 73 -0.75 -5.62 -3.51
C THR A 73 -0.50 -4.32 -4.24
N LEU A 74 0.04 -3.35 -3.53
CA LEU A 74 0.46 -2.10 -4.14
C LEU A 74 1.95 -2.14 -4.41
N THR A 75 2.35 -2.32 -5.65
CA THR A 75 3.74 -2.33 -6.00
C THR A 75 4.25 -0.91 -6.20
N ILE A 76 5.05 -0.44 -5.28
CA ILE A 76 5.54 0.93 -5.36
C ILE A 76 7.01 0.94 -5.77
N SER A 77 7.28 1.59 -6.90
CA SER A 77 8.59 1.57 -7.52
C SER A 77 9.36 2.87 -7.23
N GLN A 78 10.68 2.73 -7.08
CA GLN A 78 11.55 3.87 -6.76
C GLN A 78 11.13 4.49 -5.45
N CYS A 79 11.27 3.70 -4.40
CA CYS A 79 10.76 4.07 -3.10
C CYS A 79 11.80 3.72 -2.07
N SER A 80 13.03 3.84 -2.49
CA SER A 80 14.13 3.38 -1.70
C SER A 80 14.47 4.36 -0.58
N LEU A 81 15.75 4.66 -0.40
CA LEU A 81 16.21 5.55 0.67
C LEU A 81 15.86 7.01 0.38
N ALA A 82 14.58 7.30 0.23
CA ALA A 82 14.12 8.65 -0.07
C ALA A 82 12.62 8.76 0.15
N ASP A 83 11.88 7.75 -0.34
CA ASP A 83 10.42 7.77 -0.24
C ASP A 83 9.98 7.54 1.20
N ASP A 84 10.75 6.70 1.91
CA ASP A 84 10.55 6.35 3.35
C ASP A 84 9.61 7.31 4.10
N ALA A 85 8.49 6.77 4.56
CA ALA A 85 7.49 7.54 5.31
C ALA A 85 6.35 6.63 5.78
N ALA A 86 5.14 6.81 5.22
CA ALA A 86 4.02 5.93 5.54
C ALA A 86 3.05 5.84 4.36
N TYR A 87 2.49 4.65 4.12
CA TYR A 87 1.45 4.48 3.11
C TYR A 87 0.20 3.85 3.72
N GLN A 88 -0.92 4.56 3.64
CA GLN A 88 -2.21 4.02 4.02
C GLN A 88 -2.81 3.24 2.86
N CYS A 89 -3.86 2.48 3.14
CA CYS A 89 -4.53 1.72 2.10
C CYS A 89 -5.99 2.09 2.01
N VAL A 90 -6.50 2.21 0.79
CA VAL A 90 -7.78 2.86 0.63
C VAL A 90 -8.67 2.22 -0.45
N VAL A 91 -9.90 1.98 -0.05
CA VAL A 91 -10.93 1.48 -0.94
C VAL A 91 -12.26 2.13 -0.54
N GLY A 92 -12.83 2.91 -1.42
CA GLY A 92 -14.04 3.63 -1.10
C GLY A 92 -13.83 4.65 0.01
N GLY A 93 -12.81 5.48 -0.14
CA GLY A 93 -12.55 6.53 0.84
C GLY A 93 -11.78 6.05 2.07
N GLU A 94 -12.09 4.85 2.54
CA GLU A 94 -11.47 4.31 3.75
C GLU A 94 -9.96 4.11 3.58
N LYS A 95 -9.17 4.70 4.47
CA LYS A 95 -7.72 4.52 4.47
C LYS A 95 -7.21 3.96 5.80
N CYS A 96 -6.33 2.97 5.70
CA CYS A 96 -5.72 2.34 6.87
C CYS A 96 -4.24 2.63 6.83
N SER A 97 -3.72 3.28 7.87
CA SER A 97 -2.36 3.78 7.83
C SER A 97 -1.32 2.71 8.15
N THR A 98 -0.25 2.73 7.38
CA THR A 98 0.86 1.83 7.56
C THR A 98 2.16 2.57 7.29
N GLU A 99 3.13 2.44 8.17
CA GLU A 99 4.38 3.15 8.02
C GLU A 99 5.25 2.45 6.99
N LEU A 100 6.04 3.22 6.28
CA LEU A 100 6.83 2.70 5.18
C LEU A 100 8.30 3.02 5.39
N PHE A 101 9.10 1.99 5.57
CA PHE A 101 10.53 2.14 5.78
C PHE A 101 11.28 1.33 4.74
N VAL A 102 12.45 1.79 4.33
CA VAL A 102 13.19 1.12 3.28
C VAL A 102 14.44 0.41 3.83
N LYS A 103 14.65 -0.81 3.36
CA LYS A 103 15.88 -1.53 3.63
C LYS A 103 16.80 -1.35 2.43
N GLU A 104 18.06 -1.02 2.69
CA GLU A 104 19.02 -0.79 1.63
C GLU A 104 19.24 -2.06 0.82
N ASP A 11 -10.98 5.18 10.64
CA ASP A 11 -9.75 4.87 11.43
C ASP A 11 -8.67 4.32 10.54
N GLU A 12 -7.48 4.90 10.63
CA GLU A 12 -6.35 4.38 9.89
C GLU A 12 -5.65 3.31 10.72
N LYS A 13 -5.83 2.07 10.31
CA LYS A 13 -5.19 0.91 10.94
C LYS A 13 -5.66 -0.36 10.25
N LYS A 14 -6.51 -1.14 10.91
CA LYS A 14 -7.13 -2.29 10.27
C LYS A 14 -8.60 -2.05 9.99
N SER A 15 -8.93 -1.84 8.72
CA SER A 15 -10.30 -1.65 8.25
C SER A 15 -10.27 -1.52 6.73
N THR A 16 -10.95 -0.49 6.22
CA THR A 16 -10.87 -0.06 4.81
C THR A 16 -11.14 -1.17 3.81
N ALA A 17 -11.85 -2.18 4.27
CA ALA A 17 -12.19 -3.34 3.45
C ALA A 17 -10.96 -4.12 3.05
N PHE A 18 -9.89 -3.97 3.82
CA PHE A 18 -8.77 -4.86 3.70
C PHE A 18 -8.86 -5.83 4.85
N GLN A 19 -9.29 -7.04 4.54
CA GLN A 19 -9.44 -8.11 5.51
C GLN A 19 -8.27 -8.10 6.46
N LYS A 20 -7.10 -8.12 5.87
CA LYS A 20 -5.89 -7.86 6.60
C LYS A 20 -4.99 -6.91 5.80
N LYS A 21 -4.63 -5.80 6.42
CA LYS A 21 -3.58 -4.97 5.88
C LYS A 21 -2.28 -5.42 6.53
N LEU A 22 -1.22 -5.51 5.76
CA LEU A 22 0.06 -5.97 6.27
C LEU A 22 0.53 -5.07 7.42
N GLU A 23 1.50 -5.56 8.19
CA GLU A 23 2.01 -4.87 9.37
C GLU A 23 2.27 -3.40 9.11
N PRO A 24 1.92 -2.52 10.08
CA PRO A 24 2.06 -1.05 9.95
C PRO A 24 3.50 -0.56 9.80
N ALA A 25 4.31 -1.33 9.11
CA ALA A 25 5.65 -0.92 8.73
C ALA A 25 6.13 -1.77 7.56
N TYR A 26 5.79 -1.32 6.36
CA TYR A 26 6.23 -2.00 5.16
C TYR A 26 7.69 -1.65 4.90
N GLN A 27 8.51 -2.65 4.65
CA GLN A 27 9.94 -2.42 4.47
C GLN A 27 10.35 -2.61 3.02
N VAL A 28 10.67 -1.51 2.35
CA VAL A 28 11.09 -1.55 0.96
C VAL A 28 12.45 -2.21 0.83
N SER A 29 12.57 -3.12 -0.09
CA SER A 29 13.90 -3.48 -0.53
C SER A 29 14.32 -2.40 -1.52
N LYS A 30 15.12 -1.47 -1.01
CA LYS A 30 15.33 -0.20 -1.68
C LYS A 30 15.64 -0.34 -3.17
N GLY A 31 14.85 0.35 -3.97
CA GLY A 31 15.09 0.40 -5.39
C GLY A 31 14.78 -0.90 -6.09
N HIS A 32 14.27 -1.88 -5.36
CA HIS A 32 13.81 -3.10 -5.98
C HIS A 32 12.37 -2.88 -6.38
N LYS A 33 11.52 -2.82 -5.35
CA LYS A 33 10.12 -2.40 -5.46
C LYS A 33 9.35 -2.96 -4.28
N ILE A 34 8.87 -2.09 -3.40
CA ILE A 34 8.14 -2.59 -2.24
C ILE A 34 6.66 -2.76 -2.57
N ARG A 35 6.14 -3.94 -2.30
CA ARG A 35 4.76 -4.25 -2.59
C ARG A 35 3.90 -4.05 -1.35
N LEU A 36 2.76 -3.38 -1.50
CA LEU A 36 1.86 -3.19 -0.39
C LEU A 36 0.81 -4.27 -0.47
N THR A 37 1.08 -5.38 0.19
CA THR A 37 0.23 -6.54 0.09
C THR A 37 -0.80 -6.56 1.21
N VAL A 38 -2.01 -6.92 0.86
CA VAL A 38 -3.13 -6.92 1.78
C VAL A 38 -4.05 -8.07 1.47
N GLU A 39 -4.67 -8.64 2.47
CA GLU A 39 -5.71 -9.60 2.24
C GLU A 39 -7.01 -8.85 2.23
N LEU A 40 -7.62 -8.74 1.07
CA LEU A 40 -8.76 -7.85 0.92
C LEU A 40 -10.02 -8.46 1.46
N ALA A 41 -10.91 -7.60 1.92
CA ALA A 41 -12.27 -7.98 2.26
C ALA A 41 -13.12 -7.88 1.00
N ASP A 42 -12.70 -6.95 0.13
CA ASP A 42 -13.34 -6.75 -1.17
C ASP A 42 -13.06 -7.91 -2.10
N HIS A 43 -11.81 -8.39 -2.05
CA HIS A 43 -11.35 -9.53 -2.86
C HIS A 43 -11.08 -9.14 -4.30
N ASP A 44 -12.08 -8.58 -4.97
CA ASP A 44 -11.97 -8.25 -6.38
C ASP A 44 -12.29 -6.78 -6.61
N ALA A 45 -11.53 -5.95 -5.92
CA ALA A 45 -11.69 -4.51 -6.04
C ALA A 45 -10.34 -3.85 -6.23
N GLU A 46 -10.33 -2.77 -6.99
CA GLU A 46 -9.11 -2.00 -7.17
C GLU A 46 -8.79 -1.29 -5.88
N VAL A 47 -7.61 -1.54 -5.34
CA VAL A 47 -7.22 -0.92 -4.10
C VAL A 47 -6.45 0.36 -4.37
N LYS A 48 -6.94 1.43 -3.78
CA LYS A 48 -6.29 2.71 -3.87
C LYS A 48 -5.46 2.93 -2.62
N TRP A 49 -4.37 3.65 -2.72
CA TRP A 49 -3.46 3.70 -1.58
C TRP A 49 -3.15 5.15 -1.24
N LEU A 50 -2.55 5.35 -0.10
CA LEU A 50 -2.42 6.68 0.44
C LEU A 50 -0.99 6.90 0.92
N LYS A 51 -0.38 8.02 0.58
CA LYS A 51 0.85 8.41 1.24
C LYS A 51 0.43 9.26 2.42
N ASN A 52 1.13 9.19 3.55
CA ASN A 52 0.65 9.85 4.75
C ASN A 52 0.21 11.28 4.44
N GLY A 53 -1.11 11.48 4.45
CA GLY A 53 -1.69 12.74 4.01
C GLY A 53 -2.02 12.81 2.52
N GLN A 54 -1.10 12.41 1.66
CA GLN A 54 -1.32 12.52 0.21
C GLN A 54 -2.00 11.27 -0.35
N GLU A 55 -3.03 11.45 -1.14
CA GLU A 55 -3.74 10.32 -1.69
C GLU A 55 -2.99 9.69 -2.87
N ILE A 56 -2.93 8.36 -2.86
CA ILE A 56 -2.11 7.62 -3.80
C ILE A 56 -2.98 6.78 -4.77
N GLN A 57 -2.90 7.16 -6.04
CA GLN A 57 -3.67 6.51 -7.09
C GLN A 57 -2.97 5.23 -7.58
N MET A 58 -2.47 5.25 -8.80
CA MET A 58 -1.84 4.09 -9.40
C MET A 58 -1.08 4.50 -10.66
N SER A 59 0.02 3.82 -10.95
CA SER A 59 0.84 4.17 -12.10
C SER A 59 1.64 2.96 -12.61
N GLY A 60 2.52 3.23 -13.56
CA GLY A 60 3.28 2.17 -14.20
C GLY A 60 4.51 1.75 -13.42
N SER A 61 5.21 2.73 -12.86
CA SER A 61 6.43 2.45 -12.12
C SER A 61 6.19 2.56 -10.61
N LYS A 62 5.59 3.66 -10.20
CA LYS A 62 5.19 3.82 -8.81
C LYS A 62 3.72 3.51 -8.65
N TYR A 63 3.32 3.02 -7.48
CA TYR A 63 1.91 2.73 -7.20
C TYR A 63 1.35 1.74 -8.22
N ILE A 64 2.04 0.63 -8.40
CA ILE A 64 1.65 -0.39 -9.34
C ILE A 64 0.61 -1.32 -8.72
N PHE A 65 -0.57 -1.38 -9.29
CA PHE A 65 -1.62 -2.25 -8.77
C PHE A 65 -1.33 -3.72 -9.11
N GLU A 66 -1.55 -4.60 -8.13
CA GLU A 66 -1.29 -6.02 -8.29
C GLU A 66 -2.29 -6.83 -7.47
N SER A 67 -2.66 -8.00 -7.96
CA SER A 67 -3.69 -8.81 -7.33
C SER A 67 -3.28 -10.28 -7.22
N ILE A 68 -3.50 -10.85 -6.05
CA ILE A 68 -3.34 -12.28 -5.85
C ILE A 68 -4.57 -12.80 -5.12
N GLY A 69 -5.56 -13.24 -5.89
CA GLY A 69 -6.84 -13.60 -5.30
C GLY A 69 -7.52 -12.39 -4.70
N ALA A 70 -7.81 -12.45 -3.41
CA ALA A 70 -8.25 -11.27 -2.68
C ALA A 70 -7.06 -10.42 -2.34
N LYS A 71 -5.93 -11.07 -2.10
CA LYS A 71 -4.77 -10.39 -1.60
C LYS A 71 -4.29 -9.38 -2.62
N ARG A 72 -4.50 -8.13 -2.28
CA ARG A 72 -4.25 -7.05 -3.18
C ARG A 72 -2.93 -6.39 -2.84
N THR A 73 -2.22 -5.95 -3.86
CA THR A 73 -0.89 -5.45 -3.64
C THR A 73 -0.63 -4.15 -4.39
N LEU A 74 -0.08 -3.18 -3.70
CA LEU A 74 0.36 -1.96 -4.31
C LEU A 74 1.88 -2.00 -4.48
N THR A 75 2.35 -2.28 -5.67
CA THR A 75 3.78 -2.35 -5.91
C THR A 75 4.36 -0.96 -6.11
N ILE A 76 5.19 -0.54 -5.17
CA ILE A 76 5.86 0.74 -5.25
C ILE A 76 7.31 0.56 -5.71
N SER A 77 7.63 1.16 -6.84
CA SER A 77 8.96 1.06 -7.39
C SER A 77 9.59 2.45 -7.46
N GLN A 78 10.93 2.50 -7.40
CA GLN A 78 11.65 3.76 -7.41
C GLN A 78 11.24 4.61 -6.20
N CYS A 79 11.36 4.00 -5.03
CA CYS A 79 10.94 4.62 -3.78
C CYS A 79 11.75 4.00 -2.65
N SER A 80 13.05 4.21 -2.75
CA SER A 80 13.98 3.60 -1.85
C SER A 80 14.20 4.47 -0.61
N LEU A 81 15.47 4.74 -0.28
CA LEU A 81 15.82 5.54 0.89
C LEU A 81 15.46 7.01 0.70
N ALA A 82 14.18 7.28 0.51
CA ALA A 82 13.72 8.63 0.25
C ALA A 82 12.21 8.72 0.45
N ASP A 83 11.49 7.73 -0.08
CA ASP A 83 10.03 7.69 0.05
C ASP A 83 9.63 7.04 1.37
N ASP A 84 10.65 6.75 2.17
CA ASP A 84 10.47 6.25 3.54
C ASP A 84 9.55 7.19 4.32
N ALA A 85 8.38 6.68 4.71
CA ALA A 85 7.34 7.51 5.32
C ALA A 85 6.19 6.66 5.86
N ALA A 86 4.99 6.87 5.31
CA ALA A 86 3.83 6.06 5.68
C ALA A 86 2.87 5.96 4.50
N TYR A 87 2.43 4.75 4.17
CA TYR A 87 1.47 4.57 3.09
C TYR A 87 0.21 3.85 3.59
N GLN A 88 -0.90 4.57 3.61
CA GLN A 88 -2.19 4.02 3.96
C GLN A 88 -2.80 3.27 2.79
N CYS A 89 -3.88 2.55 3.06
CA CYS A 89 -4.60 1.81 2.04
C CYS A 89 -6.03 2.21 2.01
N VAL A 90 -6.57 2.33 0.82
CA VAL A 90 -7.85 2.97 0.67
C VAL A 90 -8.71 2.34 -0.41
N VAL A 91 -9.95 2.08 -0.06
CA VAL A 91 -10.91 1.47 -0.99
C VAL A 91 -12.21 2.23 -0.91
N GLY A 92 -12.62 2.82 -2.02
CA GLY A 92 -13.78 3.68 -2.04
C GLY A 92 -13.48 5.07 -1.48
N GLY A 93 -12.84 5.09 -0.32
CA GLY A 93 -12.47 6.33 0.32
C GLY A 93 -11.75 6.09 1.63
N GLU A 94 -12.12 5.00 2.30
CA GLU A 94 -11.55 4.63 3.58
C GLU A 94 -10.05 4.36 3.48
N LYS A 95 -9.24 5.03 4.30
CA LYS A 95 -7.79 4.78 4.33
C LYS A 95 -7.32 4.23 5.68
N CYS A 96 -6.42 3.23 5.62
CA CYS A 96 -5.83 2.60 6.81
C CYS A 96 -4.31 2.69 6.73
N SER A 97 -3.71 3.24 7.78
CA SER A 97 -2.32 3.64 7.71
C SER A 97 -1.35 2.50 7.94
N THR A 98 -0.20 2.61 7.27
CA THR A 98 0.91 1.70 7.47
C THR A 98 2.19 2.48 7.25
N GLU A 99 3.15 2.33 8.17
CA GLU A 99 4.38 3.08 8.08
C GLU A 99 5.29 2.45 7.04
N LEU A 100 5.93 3.28 6.26
CA LEU A 100 6.75 2.82 5.16
C LEU A 100 8.22 3.01 5.48
N PHE A 101 8.88 1.89 5.76
CA PHE A 101 10.31 1.88 5.99
C PHE A 101 11.01 1.30 4.78
N VAL A 102 12.20 1.76 4.49
CA VAL A 102 12.94 1.23 3.36
C VAL A 102 14.27 0.62 3.80
N LYS A 103 14.54 -0.57 3.31
CA LYS A 103 15.76 -1.28 3.60
C LYS A 103 16.74 -1.11 2.46
N GLU A 104 17.96 -0.71 2.80
CA GLU A 104 19.00 -0.54 1.79
C GLU A 104 19.40 -1.90 1.23
N ASP A 11 -7.65 9.04 11.66
CA ASP A 11 -8.04 7.94 12.59
C ASP A 11 -7.72 6.59 11.96
N GLU A 12 -6.60 6.52 11.27
CA GLU A 12 -6.23 5.36 10.50
C GLU A 12 -5.58 4.29 11.38
N LYS A 13 -6.11 3.08 11.32
CA LYS A 13 -5.54 1.93 11.99
C LYS A 13 -5.89 0.70 11.19
N LYS A 14 -6.72 -0.16 11.74
CA LYS A 14 -7.29 -1.24 10.97
C LYS A 14 -8.77 -0.99 10.67
N SER A 15 -9.09 -0.90 9.40
CA SER A 15 -10.45 -0.69 8.92
C SER A 15 -10.46 -1.05 7.43
N THR A 16 -10.92 -0.10 6.59
CA THR A 16 -10.89 -0.22 5.12
C THR A 16 -11.53 -1.52 4.63
N ALA A 17 -11.44 -1.77 3.33
CA ALA A 17 -11.96 -2.99 2.76
C ALA A 17 -10.86 -4.02 2.62
N PHE A 18 -9.82 -3.84 3.40
CA PHE A 18 -8.73 -4.77 3.42
C PHE A 18 -8.93 -5.69 4.59
N GLN A 19 -9.33 -6.91 4.28
CA GLN A 19 -9.59 -7.94 5.27
C GLN A 19 -8.47 -7.94 6.28
N LYS A 20 -7.26 -7.98 5.75
CA LYS A 20 -6.09 -7.79 6.54
C LYS A 20 -5.11 -6.87 5.82
N LYS A 21 -4.72 -5.79 6.49
CA LYS A 21 -3.62 -4.95 6.02
C LYS A 21 -2.34 -5.45 6.66
N LEU A 22 -1.26 -5.48 5.90
CA LEU A 22 0.02 -5.94 6.41
C LEU A 22 0.47 -5.08 7.59
N GLU A 23 1.44 -5.56 8.34
CA GLU A 23 1.97 -4.85 9.51
C GLU A 23 2.24 -3.39 9.17
N PRO A 24 1.90 -2.45 10.08
CA PRO A 24 2.02 -1.00 9.84
C PRO A 24 3.46 -0.52 9.71
N ALA A 25 4.29 -1.33 9.09
CA ALA A 25 5.65 -0.96 8.76
C ALA A 25 6.15 -1.81 7.62
N TYR A 26 5.86 -1.38 6.41
CA TYR A 26 6.31 -2.08 5.23
C TYR A 26 7.78 -1.71 5.01
N GLN A 27 8.61 -2.72 4.80
CA GLN A 27 10.04 -2.49 4.66
C GLN A 27 10.50 -2.69 3.22
N VAL A 28 10.67 -1.58 2.50
CA VAL A 28 11.10 -1.62 1.12
C VAL A 28 12.45 -2.31 1.00
N SER A 29 12.57 -3.19 0.05
CA SER A 29 13.88 -3.57 -0.40
C SER A 29 14.30 -2.51 -1.42
N LYS A 30 15.11 -1.57 -0.97
CA LYS A 30 15.36 -0.33 -1.71
C LYS A 30 15.56 -0.59 -3.21
N GLY A 31 14.75 0.09 -4.01
CA GLY A 31 14.86 -0.03 -5.45
C GLY A 31 14.31 -1.35 -5.99
N HIS A 32 13.98 -2.28 -5.09
CA HIS A 32 13.39 -3.54 -5.52
C HIS A 32 11.90 -3.34 -5.74
N LYS A 33 11.45 -2.12 -5.47
CA LYS A 33 10.04 -1.73 -5.59
C LYS A 33 9.22 -2.43 -4.51
N ILE A 34 8.78 -1.69 -3.51
CA ILE A 34 8.07 -2.35 -2.40
C ILE A 34 6.58 -2.49 -2.69
N ARG A 35 6.09 -3.69 -2.49
CA ARG A 35 4.71 -4.03 -2.74
C ARG A 35 3.89 -3.94 -1.46
N LEU A 36 2.67 -3.41 -1.54
CA LEU A 36 1.85 -3.30 -0.35
C LEU A 36 0.85 -4.43 -0.35
N THR A 37 1.22 -5.53 0.29
CA THR A 37 0.42 -6.73 0.27
C THR A 37 -0.58 -6.74 1.41
N VAL A 38 -1.83 -7.02 1.07
CA VAL A 38 -2.93 -7.03 2.00
C VAL A 38 -3.88 -8.15 1.63
N GLU A 39 -4.62 -8.65 2.58
CA GLU A 39 -5.70 -9.56 2.24
C GLU A 39 -6.95 -8.72 2.10
N LEU A 40 -7.51 -8.66 0.91
CA LEU A 40 -8.65 -7.80 0.68
C LEU A 40 -9.93 -8.43 1.20
N ALA A 41 -10.86 -7.59 1.57
CA ALA A 41 -12.21 -8.03 1.92
C ALA A 41 -13.04 -8.03 0.64
N ASP A 42 -12.73 -7.08 -0.23
CA ASP A 42 -13.39 -6.97 -1.53
C ASP A 42 -12.89 -8.02 -2.50
N HIS A 43 -11.58 -8.27 -2.46
CA HIS A 43 -10.92 -9.25 -3.33
C HIS A 43 -10.76 -8.72 -4.76
N ASP A 44 -11.88 -8.47 -5.41
CA ASP A 44 -11.89 -8.02 -6.81
C ASP A 44 -12.28 -6.56 -6.88
N ALA A 45 -11.52 -5.74 -6.20
CA ALA A 45 -11.76 -4.31 -6.15
C ALA A 45 -10.47 -3.56 -6.38
N GLU A 46 -10.57 -2.42 -7.07
CA GLU A 46 -9.41 -1.56 -7.25
C GLU A 46 -9.06 -0.91 -5.94
N VAL A 47 -7.85 -1.16 -5.47
CA VAL A 47 -7.40 -0.57 -4.24
C VAL A 47 -6.65 0.72 -4.53
N LYS A 48 -7.07 1.77 -3.87
CA LYS A 48 -6.35 3.02 -3.92
C LYS A 48 -5.51 3.10 -2.66
N TRP A 49 -4.39 3.77 -2.71
CA TRP A 49 -3.52 3.77 -1.56
C TRP A 49 -3.17 5.21 -1.22
N LEU A 50 -2.61 5.40 -0.07
CA LEU A 50 -2.42 6.74 0.44
C LEU A 50 -0.98 6.92 0.87
N LYS A 51 -0.38 8.05 0.54
CA LYS A 51 0.89 8.41 1.14
C LYS A 51 0.52 9.27 2.33
N ASN A 52 1.24 9.18 3.44
CA ASN A 52 0.79 9.88 4.65
C ASN A 52 0.35 11.31 4.31
N GLY A 53 -0.96 11.54 4.42
CA GLY A 53 -1.57 12.78 3.97
C GLY A 53 -1.90 12.82 2.48
N GLN A 54 -0.96 12.43 1.62
CA GLN A 54 -1.16 12.52 0.17
C GLN A 54 -1.95 11.31 -0.36
N GLU A 55 -2.94 11.55 -1.18
CA GLU A 55 -3.73 10.44 -1.72
C GLU A 55 -3.04 9.79 -2.91
N ILE A 56 -3.02 8.46 -2.91
CA ILE A 56 -2.27 7.70 -3.87
C ILE A 56 -3.18 6.88 -4.80
N GLN A 57 -3.19 7.28 -6.07
CA GLN A 57 -3.94 6.58 -7.10
C GLN A 57 -3.03 5.59 -7.81
N MET A 58 -3.54 4.39 -8.06
CA MET A 58 -2.76 3.35 -8.70
C MET A 58 -2.38 3.72 -10.13
N SER A 59 -1.16 3.38 -10.52
CA SER A 59 -0.61 3.78 -11.81
C SER A 59 0.41 2.75 -12.30
N GLY A 60 1.27 3.17 -13.23
CA GLY A 60 2.27 2.27 -13.78
C GLY A 60 3.67 2.59 -13.30
N SER A 61 4.01 3.88 -13.29
CA SER A 61 5.34 4.30 -12.87
C SER A 61 5.53 4.09 -11.36
N LYS A 62 4.46 4.36 -10.62
CA LYS A 62 4.44 4.14 -9.18
C LYS A 62 3.06 3.65 -8.79
N TYR A 63 2.91 3.14 -7.56
CA TYR A 63 1.60 2.71 -7.06
C TYR A 63 0.97 1.70 -8.02
N ILE A 64 1.69 0.64 -8.32
CA ILE A 64 1.24 -0.36 -9.27
C ILE A 64 0.29 -1.35 -8.60
N PHE A 65 -0.84 -1.62 -9.21
CA PHE A 65 -1.78 -2.58 -8.65
C PHE A 65 -1.31 -4.01 -8.94
N GLU A 66 -1.41 -4.86 -7.93
CA GLU A 66 -0.98 -6.24 -8.04
C GLU A 66 -1.94 -7.11 -7.24
N SER A 67 -2.40 -8.20 -7.81
CA SER A 67 -3.39 -9.02 -7.15
C SER A 67 -2.88 -10.44 -6.94
N ILE A 68 -3.04 -10.93 -5.73
CA ILE A 68 -2.72 -12.31 -5.42
C ILE A 68 -3.95 -12.98 -4.84
N GLY A 69 -4.76 -13.58 -5.72
CA GLY A 69 -6.05 -14.08 -5.29
C GLY A 69 -6.90 -12.94 -4.76
N ALA A 70 -7.30 -13.05 -3.49
CA ALA A 70 -7.97 -11.96 -2.81
C ALA A 70 -6.96 -10.94 -2.33
N LYS A 71 -5.79 -11.45 -1.97
CA LYS A 71 -4.76 -10.61 -1.38
C LYS A 71 -4.29 -9.58 -2.38
N ARG A 72 -4.55 -8.34 -2.07
CA ARG A 72 -4.22 -7.24 -2.93
C ARG A 72 -2.85 -6.68 -2.59
N THR A 73 -2.14 -6.24 -3.59
CA THR A 73 -0.80 -5.72 -3.40
C THR A 73 -0.58 -4.43 -4.18
N LEU A 74 0.02 -3.45 -3.54
CA LEU A 74 0.36 -2.20 -4.20
C LEU A 74 1.86 -2.18 -4.48
N THR A 75 2.25 -2.45 -5.71
CA THR A 75 3.65 -2.44 -6.07
C THR A 75 4.16 -1.01 -6.26
N ILE A 76 4.90 -0.51 -5.31
CA ILE A 76 5.45 0.83 -5.40
C ILE A 76 6.87 0.76 -5.97
N SER A 77 7.02 1.38 -7.14
CA SER A 77 8.28 1.37 -7.86
C SER A 77 9.02 2.67 -7.66
N GLN A 78 10.35 2.59 -7.63
CA GLN A 78 11.20 3.74 -7.37
C GLN A 78 10.90 4.31 -6.00
N CYS A 79 11.34 3.59 -5.00
CA CYS A 79 11.08 3.91 -3.63
C CYS A 79 12.10 3.18 -2.80
N SER A 80 12.89 3.94 -2.09
CA SER A 80 14.01 3.38 -1.39
C SER A 80 14.30 4.21 -0.16
N LEU A 81 15.59 4.46 0.12
CA LEU A 81 15.99 5.26 1.25
C LEU A 81 15.69 6.74 1.03
N ALA A 82 14.46 7.02 0.64
CA ALA A 82 14.02 8.37 0.35
C ALA A 82 12.50 8.46 0.51
N ASP A 83 11.77 7.53 -0.11
CA ASP A 83 10.31 7.50 0.02
C ASP A 83 9.89 6.81 1.32
N ASP A 84 10.83 6.65 2.23
CA ASP A 84 10.55 6.17 3.59
C ASP A 84 9.57 7.14 4.26
N ALA A 85 8.43 6.62 4.67
CA ALA A 85 7.33 7.46 5.13
C ALA A 85 6.19 6.62 5.71
N ALA A 86 4.98 6.83 5.21
CA ALA A 86 3.83 6.02 5.60
C ALA A 86 2.87 5.94 4.43
N TYR A 87 2.45 4.73 4.08
CA TYR A 87 1.50 4.55 2.99
C TYR A 87 0.24 3.85 3.50
N GLN A 88 -0.85 4.58 3.53
CA GLN A 88 -2.14 4.06 3.94
C GLN A 88 -2.79 3.31 2.77
N CYS A 89 -3.84 2.56 3.08
CA CYS A 89 -4.57 1.80 2.08
C CYS A 89 -6.01 2.21 2.04
N VAL A 90 -6.56 2.35 0.84
CA VAL A 90 -7.83 3.03 0.71
C VAL A 90 -8.72 2.43 -0.38
N VAL A 91 -9.98 2.25 -0.03
CA VAL A 91 -10.96 1.70 -0.94
C VAL A 91 -12.28 2.43 -0.75
N GLY A 92 -12.74 3.11 -1.79
CA GLY A 92 -13.93 3.92 -1.71
C GLY A 92 -13.70 5.25 -1.01
N GLY A 93 -12.90 5.21 0.05
CA GLY A 93 -12.63 6.41 0.84
C GLY A 93 -11.87 6.07 2.11
N GLU A 94 -12.14 4.87 2.63
CA GLU A 94 -11.50 4.38 3.84
C GLU A 94 -10.01 4.25 3.66
N LYS A 95 -9.21 4.86 4.54
CA LYS A 95 -7.76 4.71 4.50
C LYS A 95 -7.22 4.16 5.83
N CYS A 96 -6.31 3.20 5.72
CA CYS A 96 -5.69 2.58 6.88
C CYS A 96 -4.19 2.72 6.78
N SER A 97 -3.59 3.27 7.81
CA SER A 97 -2.20 3.68 7.73
C SER A 97 -1.23 2.53 7.93
N THR A 98 -0.14 2.59 7.20
CA THR A 98 0.94 1.65 7.33
C THR A 98 2.25 2.38 7.07
N GLU A 99 3.18 2.29 7.99
CA GLU A 99 4.40 3.07 7.89
C GLU A 99 5.35 2.41 6.90
N LEU A 100 6.01 3.23 6.12
CA LEU A 100 6.86 2.74 5.07
C LEU A 100 8.32 2.95 5.43
N PHE A 101 8.98 1.86 5.77
CA PHE A 101 10.41 1.86 6.08
C PHE A 101 11.15 1.14 4.98
N VAL A 102 12.38 1.52 4.72
CA VAL A 102 13.10 0.94 3.61
C VAL A 102 14.43 0.33 4.05
N LYS A 103 14.72 -0.85 3.52
CA LYS A 103 15.99 -1.50 3.72
C LYS A 103 16.87 -1.31 2.49
N GLU A 104 18.12 -0.94 2.72
CA GLU A 104 19.09 -0.78 1.63
C GLU A 104 19.39 -2.14 0.99
N ASP A 11 -9.01 9.61 9.56
CA ASP A 11 -9.40 8.60 10.57
C ASP A 11 -8.71 7.27 10.30
N GLU A 12 -7.42 7.33 10.07
CA GLU A 12 -6.64 6.15 9.73
C GLU A 12 -6.45 5.26 10.94
N LYS A 13 -7.01 4.06 10.86
CA LYS A 13 -6.83 3.03 11.86
C LYS A 13 -6.85 1.73 11.10
N LYS A 14 -7.48 0.71 11.63
CA LYS A 14 -7.81 -0.40 10.78
C LYS A 14 -9.25 -0.28 10.32
N SER A 15 -9.40 0.01 9.05
CA SER A 15 -10.70 0.16 8.43
C SER A 15 -10.61 -0.45 7.04
N THR A 16 -11.06 0.31 6.03
CA THR A 16 -10.89 -0.03 4.61
C THR A 16 -11.55 -1.35 4.23
N ALA A 17 -11.61 -1.60 2.94
CA ALA A 17 -12.08 -2.88 2.45
C ALA A 17 -10.92 -3.85 2.32
N PHE A 18 -9.87 -3.59 3.09
CA PHE A 18 -8.77 -4.50 3.19
C PHE A 18 -8.97 -5.32 4.44
N GLN A 19 -9.43 -6.54 4.24
CA GLN A 19 -9.70 -7.49 5.31
C GLN A 19 -8.59 -7.43 6.33
N LYS A 20 -7.39 -7.58 5.82
CA LYS A 20 -6.21 -7.36 6.62
C LYS A 20 -5.18 -6.54 5.85
N LYS A 21 -4.79 -5.42 6.43
CA LYS A 21 -3.62 -4.71 5.96
C LYS A 21 -2.39 -5.34 6.59
N LEU A 22 -1.30 -5.43 5.86
CA LEU A 22 -0.06 -5.98 6.40
C LEU A 22 0.45 -5.12 7.55
N GLU A 23 1.43 -5.64 8.30
CA GLU A 23 1.96 -4.96 9.49
C GLU A 23 2.23 -3.48 9.21
N PRO A 24 1.98 -2.61 10.20
CA PRO A 24 2.13 -1.15 10.06
C PRO A 24 3.57 -0.69 9.87
N ALA A 25 4.38 -1.54 9.25
CA ALA A 25 5.74 -1.18 8.88
C ALA A 25 6.16 -1.95 7.65
N TYR A 26 5.83 -1.41 6.50
CA TYR A 26 6.24 -2.01 5.24
C TYR A 26 7.69 -1.62 4.97
N GLN A 27 8.52 -2.60 4.62
CA GLN A 27 9.93 -2.33 4.37
C GLN A 27 10.25 -2.44 2.89
N VAL A 28 10.51 -1.30 2.25
CA VAL A 28 10.91 -1.29 0.85
C VAL A 28 12.25 -1.96 0.70
N SER A 29 12.34 -2.92 -0.18
CA SER A 29 13.65 -3.34 -0.60
C SER A 29 14.14 -2.26 -1.58
N LYS A 30 15.03 -1.42 -1.08
CA LYS A 30 15.36 -0.15 -1.72
C LYS A 30 15.56 -0.29 -3.23
N GLY A 31 14.76 0.45 -3.97
CA GLY A 31 14.85 0.45 -5.42
C GLY A 31 14.46 -0.88 -6.05
N HIS A 32 14.05 -1.82 -5.22
CA HIS A 32 13.61 -3.12 -5.70
C HIS A 32 12.10 -3.11 -5.86
N LYS A 33 11.51 -1.94 -5.58
CA LYS A 33 10.07 -1.71 -5.67
C LYS A 33 9.35 -2.42 -4.53
N ILE A 34 8.83 -1.67 -3.56
CA ILE A 34 8.14 -2.32 -2.44
C ILE A 34 6.68 -2.57 -2.79
N ARG A 35 6.20 -3.74 -2.40
CA ARG A 35 4.83 -4.14 -2.67
C ARG A 35 3.99 -4.00 -1.39
N LEU A 36 2.77 -3.46 -1.51
CA LEU A 36 1.93 -3.30 -0.35
C LEU A 36 0.91 -4.40 -0.33
N THR A 37 1.25 -5.48 0.36
CA THR A 37 0.41 -6.67 0.38
C THR A 37 -0.63 -6.59 1.48
N VAL A 38 -1.84 -7.01 1.15
CA VAL A 38 -2.98 -6.95 2.05
C VAL A 38 -3.93 -8.10 1.74
N GLU A 39 -4.69 -8.54 2.71
CA GLU A 39 -5.78 -9.43 2.41
C GLU A 39 -7.01 -8.58 2.20
N LEU A 40 -7.55 -8.56 1.00
CA LEU A 40 -8.67 -7.69 0.70
C LEU A 40 -9.96 -8.29 1.23
N ALA A 41 -10.91 -7.43 1.52
CA ALA A 41 -12.26 -7.84 1.82
C ALA A 41 -13.04 -7.92 0.51
N ASP A 42 -12.70 -7.00 -0.38
CA ASP A 42 -13.28 -6.96 -1.73
C ASP A 42 -12.82 -8.14 -2.57
N HIS A 43 -11.54 -8.48 -2.42
CA HIS A 43 -10.91 -9.58 -3.16
C HIS A 43 -10.60 -9.19 -4.60
N ASP A 44 -11.55 -8.56 -5.29
CA ASP A 44 -11.35 -8.18 -6.68
C ASP A 44 -11.87 -6.78 -6.94
N ALA A 45 -11.28 -5.82 -6.24
CA ALA A 45 -11.61 -4.42 -6.41
C ALA A 45 -10.36 -3.59 -6.54
N GLU A 46 -10.51 -2.43 -7.14
CA GLU A 46 -9.40 -1.52 -7.33
C GLU A 46 -9.00 -0.94 -5.98
N VAL A 47 -7.77 -1.18 -5.58
CA VAL A 47 -7.27 -0.64 -4.34
C VAL A 47 -6.47 0.62 -4.62
N LYS A 48 -6.84 1.69 -3.95
CA LYS A 48 -6.06 2.90 -4.00
C LYS A 48 -5.32 3.01 -2.68
N TRP A 49 -4.20 3.67 -2.69
CA TRP A 49 -3.39 3.67 -1.50
C TRP A 49 -3.05 5.10 -1.15
N LEU A 50 -2.55 5.30 0.02
CA LEU A 50 -2.39 6.64 0.52
C LEU A 50 -0.94 6.84 0.94
N LYS A 51 -0.36 7.95 0.55
CA LYS A 51 0.92 8.33 1.11
C LYS A 51 0.61 9.17 2.34
N ASN A 52 1.46 9.14 3.35
CA ASN A 52 1.18 9.86 4.59
C ASN A 52 0.56 11.23 4.28
N GLY A 53 -0.75 11.33 4.52
CA GLY A 53 -1.50 12.52 4.13
C GLY A 53 -1.92 12.56 2.65
N GLN A 54 -0.99 12.26 1.74
CA GLN A 54 -1.26 12.40 0.31
C GLN A 54 -1.99 11.18 -0.25
N GLU A 55 -2.95 11.41 -1.14
CA GLU A 55 -3.70 10.31 -1.72
C GLU A 55 -3.00 9.68 -2.92
N ILE A 56 -2.94 8.36 -2.91
CA ILE A 56 -2.21 7.59 -3.89
C ILE A 56 -3.16 6.75 -4.76
N GLN A 57 -3.14 6.99 -6.06
CA GLN A 57 -4.00 6.25 -6.98
C GLN A 57 -3.31 4.97 -7.43
N MET A 58 -3.13 4.84 -8.73
CA MET A 58 -2.46 3.67 -9.29
C MET A 58 -1.84 4.04 -10.63
N SER A 59 -0.65 3.53 -10.89
CA SER A 59 0.06 3.83 -12.12
C SER A 59 0.96 2.66 -12.53
N GLY A 60 1.47 2.73 -13.75
CA GLY A 60 2.27 1.66 -14.30
C GLY A 60 3.58 1.45 -13.57
N SER A 61 4.21 2.53 -13.14
CA SER A 61 5.49 2.44 -12.46
C SER A 61 5.31 2.60 -10.95
N LYS A 62 4.73 3.71 -10.54
CA LYS A 62 4.47 3.94 -9.12
C LYS A 62 3.03 3.55 -8.79
N TYR A 63 2.80 3.06 -7.58
CA TYR A 63 1.45 2.71 -7.13
C TYR A 63 0.82 1.65 -8.06
N ILE A 64 1.53 0.57 -8.27
CA ILE A 64 1.06 -0.54 -9.12
C ILE A 64 0.17 -1.48 -8.31
N PHE A 65 -1.06 -1.74 -8.75
CA PHE A 65 -1.85 -2.73 -8.03
C PHE A 65 -1.68 -4.13 -8.63
N GLU A 66 -1.58 -5.11 -7.75
CA GLU A 66 -1.37 -6.50 -8.14
C GLU A 66 -2.25 -7.42 -7.30
N SER A 67 -3.02 -8.25 -7.98
CA SER A 67 -3.99 -9.11 -7.33
C SER A 67 -3.41 -10.50 -7.06
N ILE A 68 -3.49 -10.95 -5.81
CA ILE A 68 -3.01 -12.27 -5.43
C ILE A 68 -4.06 -12.99 -4.58
N GLY A 69 -4.92 -13.77 -5.25
CA GLY A 69 -5.94 -14.55 -4.55
C GLY A 69 -6.67 -13.76 -3.48
N ALA A 70 -7.27 -12.65 -3.90
CA ALA A 70 -7.91 -11.67 -3.01
C ALA A 70 -6.88 -10.77 -2.36
N LYS A 71 -5.77 -11.35 -1.92
CA LYS A 71 -4.73 -10.56 -1.29
C LYS A 71 -4.15 -9.59 -2.29
N ARG A 72 -4.36 -8.33 -2.02
CA ARG A 72 -4.01 -7.29 -2.96
C ARG A 72 -2.66 -6.69 -2.60
N THR A 73 -1.93 -6.28 -3.62
CA THR A 73 -0.60 -5.79 -3.42
C THR A 73 -0.35 -4.50 -4.21
N LEU A 74 0.16 -3.48 -3.53
CA LEU A 74 0.52 -2.24 -4.18
C LEU A 74 2.03 -2.20 -4.43
N THR A 75 2.44 -2.47 -5.65
CA THR A 75 3.84 -2.39 -6.00
C THR A 75 4.25 -0.95 -6.26
N ILE A 76 5.16 -0.45 -5.47
CA ILE A 76 5.59 0.92 -5.61
C ILE A 76 7.07 0.96 -6.03
N SER A 77 7.30 1.60 -7.16
CA SER A 77 8.62 1.69 -7.75
C SER A 77 9.27 3.01 -7.38
N GLN A 78 10.59 3.00 -7.18
CA GLN A 78 11.33 4.18 -6.79
C GLN A 78 10.75 4.77 -5.50
N CYS A 79 11.07 4.11 -4.39
CA CYS A 79 10.57 4.50 -3.09
C CYS A 79 11.56 4.03 -2.07
N SER A 80 12.82 4.24 -2.44
CA SER A 80 13.92 3.69 -1.70
C SER A 80 14.31 4.60 -0.53
N LEU A 81 15.62 4.83 -0.37
CA LEU A 81 16.16 5.59 0.77
C LEU A 81 15.81 7.07 0.72
N ALA A 82 14.52 7.40 0.72
CA ALA A 82 14.08 8.79 0.68
C ALA A 82 12.58 8.87 0.89
N ASP A 83 11.87 8.02 0.18
CA ASP A 83 10.41 8.01 0.20
C ASP A 83 9.87 7.40 1.49
N ASP A 84 10.80 6.85 2.28
CA ASP A 84 10.53 6.33 3.63
C ASP A 84 9.59 7.25 4.40
N ALA A 85 8.46 6.70 4.85
CA ALA A 85 7.44 7.47 5.54
C ALA A 85 6.29 6.57 5.98
N ALA A 86 5.10 6.78 5.42
CA ALA A 86 3.95 5.93 5.72
C ALA A 86 3.01 5.86 4.52
N TYR A 87 2.51 4.67 4.20
CA TYR A 87 1.55 4.50 3.12
C TYR A 87 0.29 3.81 3.64
N GLN A 88 -0.83 4.52 3.63
CA GLN A 88 -2.11 3.97 4.00
C GLN A 88 -2.71 3.20 2.82
N CYS A 89 -3.77 2.46 3.08
CA CYS A 89 -4.46 1.72 2.03
C CYS A 89 -5.91 2.10 1.98
N VAL A 90 -6.43 2.24 0.77
CA VAL A 90 -7.71 2.90 0.61
C VAL A 90 -8.59 2.29 -0.48
N VAL A 91 -9.82 2.04 -0.09
CA VAL A 91 -10.85 1.55 -0.99
C VAL A 91 -12.17 2.16 -0.57
N GLY A 92 -12.78 2.93 -1.46
CA GLY A 92 -13.98 3.67 -1.13
C GLY A 92 -13.73 4.76 -0.12
N GLY A 93 -12.63 5.48 -0.29
CA GLY A 93 -12.28 6.57 0.62
C GLY A 93 -11.59 6.09 1.89
N GLU A 94 -12.00 4.92 2.37
CA GLU A 94 -11.48 4.37 3.61
C GLU A 94 -9.98 4.10 3.52
N LYS A 95 -9.20 4.69 4.44
CA LYS A 95 -7.74 4.51 4.46
C LYS A 95 -7.25 3.91 5.78
N CYS A 96 -6.32 2.96 5.66
CA CYS A 96 -5.72 2.27 6.80
C CYS A 96 -4.23 2.52 6.77
N SER A 97 -3.70 3.13 7.81
CA SER A 97 -2.32 3.60 7.78
C SER A 97 -1.31 2.51 8.08
N THR A 98 -0.23 2.53 7.31
CA THR A 98 0.89 1.64 7.54
C THR A 98 2.19 2.41 7.32
N GLU A 99 3.13 2.27 8.23
CA GLU A 99 4.36 3.02 8.16
C GLU A 99 5.30 2.37 7.17
N LEU A 100 5.92 3.19 6.34
CA LEU A 100 6.77 2.71 5.28
C LEU A 100 8.23 2.97 5.60
N PHE A 101 8.96 1.90 5.81
CA PHE A 101 10.39 1.95 6.01
C PHE A 101 11.08 1.40 4.77
N VAL A 102 12.26 1.89 4.46
CA VAL A 102 13.00 1.36 3.33
C VAL A 102 14.24 0.60 3.79
N LYS A 103 14.39 -0.62 3.28
CA LYS A 103 15.54 -1.45 3.57
C LYS A 103 16.55 -1.31 2.45
N GLU A 104 17.79 -1.00 2.81
CA GLU A 104 18.86 -0.89 1.83
C GLU A 104 19.20 -2.27 1.27
N ASP A 11 -10.89 8.42 10.71
CA ASP A 11 -9.42 8.38 10.91
C ASP A 11 -8.84 7.13 10.29
N GLU A 12 -7.64 7.25 9.74
CA GLU A 12 -7.02 6.13 9.04
C GLU A 12 -6.58 5.03 10.01
N LYS A 13 -7.17 3.85 9.82
CA LYS A 13 -6.89 2.65 10.62
C LYS A 13 -7.57 1.47 9.95
N LYS A 14 -7.70 0.34 10.64
CA LYS A 14 -8.46 -0.78 10.10
C LYS A 14 -9.93 -0.43 10.07
N SER A 15 -10.48 -0.53 8.88
CA SER A 15 -11.82 -0.07 8.57
C SER A 15 -12.03 -0.34 7.11
N THR A 16 -10.98 -0.01 6.37
CA THR A 16 -10.88 -0.22 4.95
C THR A 16 -11.30 -1.62 4.56
N ALA A 17 -11.75 -1.77 3.33
CA ALA A 17 -12.14 -3.06 2.80
C ALA A 17 -10.94 -3.98 2.58
N PHE A 18 -9.92 -3.79 3.39
CA PHE A 18 -8.80 -4.69 3.41
C PHE A 18 -8.96 -5.56 4.64
N GLN A 19 -9.41 -6.78 4.39
CA GLN A 19 -9.65 -7.78 5.43
C GLN A 19 -8.51 -7.73 6.43
N LYS A 20 -7.33 -7.85 5.89
CA LYS A 20 -6.13 -7.66 6.65
C LYS A 20 -5.14 -6.80 5.87
N LYS A 21 -4.73 -5.70 6.45
CA LYS A 21 -3.61 -4.95 5.89
C LYS A 21 -2.34 -5.46 6.54
N LEU A 22 -1.27 -5.57 5.77
CA LEU A 22 0.00 -6.03 6.31
C LEU A 22 0.47 -5.07 7.42
N GLU A 23 1.44 -5.52 8.20
CA GLU A 23 1.91 -4.76 9.37
C GLU A 23 2.14 -3.30 9.03
N PRO A 24 1.76 -2.38 9.93
CA PRO A 24 1.88 -0.92 9.74
C PRO A 24 3.32 -0.43 9.67
N ALA A 25 4.16 -1.20 8.97
CA ALA A 25 5.52 -0.79 8.69
C ALA A 25 6.09 -1.67 7.58
N TYR A 26 5.78 -1.31 6.35
CA TYR A 26 6.24 -2.07 5.19
C TYR A 26 7.71 -1.74 4.94
N GLN A 27 8.52 -2.74 4.64
CA GLN A 27 9.95 -2.52 4.45
C GLN A 27 10.34 -2.65 2.97
N VAL A 28 10.59 -1.51 2.33
CA VAL A 28 11.02 -1.49 0.93
C VAL A 28 12.37 -2.15 0.78
N SER A 29 12.49 -2.99 -0.22
CA SER A 29 13.82 -3.34 -0.66
C SER A 29 14.26 -2.24 -1.60
N LYS A 30 15.07 -1.33 -1.08
CA LYS A 30 15.28 -0.04 -1.71
C LYS A 30 15.60 -0.16 -3.19
N GLY A 31 14.79 0.51 -3.99
CA GLY A 31 14.96 0.50 -5.43
C GLY A 31 14.50 -0.79 -6.07
N HIS A 32 14.10 -1.74 -5.25
CA HIS A 32 13.59 -3.02 -5.75
C HIS A 32 12.07 -2.95 -5.85
N LYS A 33 11.54 -1.77 -5.56
CA LYS A 33 10.10 -1.48 -5.57
C LYS A 33 9.35 -2.30 -4.52
N ILE A 34 8.80 -1.61 -3.53
CA ILE A 34 8.12 -2.31 -2.44
C ILE A 34 6.65 -2.54 -2.76
N ARG A 35 6.20 -3.76 -2.51
CA ARG A 35 4.82 -4.13 -2.77
C ARG A 35 3.99 -4.04 -1.49
N LEU A 36 2.79 -3.48 -1.57
CA LEU A 36 1.95 -3.33 -0.40
C LEU A 36 0.90 -4.42 -0.37
N THR A 37 1.22 -5.51 0.31
CA THR A 37 0.36 -6.67 0.35
C THR A 37 -0.75 -6.49 1.39
N VAL A 38 -1.94 -6.94 1.05
CA VAL A 38 -3.10 -6.88 1.93
C VAL A 38 -4.04 -8.04 1.60
N GLU A 39 -4.73 -8.55 2.59
CA GLU A 39 -5.79 -9.50 2.33
C GLU A 39 -7.06 -8.70 2.20
N LEU A 40 -7.59 -8.61 0.99
CA LEU A 40 -8.74 -7.76 0.76
C LEU A 40 -10.00 -8.38 1.31
N ALA A 41 -10.93 -7.52 1.68
CA ALA A 41 -12.28 -7.96 2.01
C ALA A 41 -13.12 -7.93 0.75
N ASP A 42 -12.77 -6.99 -0.13
CA ASP A 42 -13.39 -6.86 -1.43
C ASP A 42 -13.05 -8.02 -2.34
N HIS A 43 -11.78 -8.42 -2.32
CA HIS A 43 -11.26 -9.51 -3.15
C HIS A 43 -11.10 -9.08 -4.62
N ASP A 44 -12.14 -8.48 -5.18
CA ASP A 44 -12.14 -8.11 -6.58
C ASP A 44 -12.42 -6.62 -6.74
N ALA A 45 -11.61 -5.82 -6.08
CA ALA A 45 -11.74 -4.39 -6.16
C ALA A 45 -10.38 -3.74 -6.28
N GLU A 46 -10.31 -2.68 -7.08
CA GLU A 46 -9.08 -1.94 -7.19
C GLU A 46 -8.82 -1.20 -5.90
N VAL A 47 -7.67 -1.44 -5.32
CA VAL A 47 -7.32 -0.79 -4.08
C VAL A 47 -6.53 0.47 -4.38
N LYS A 48 -7.03 1.56 -3.88
CA LYS A 48 -6.34 2.81 -3.99
C LYS A 48 -5.50 2.95 -2.73
N TRP A 49 -4.39 3.64 -2.79
CA TRP A 49 -3.53 3.66 -1.63
C TRP A 49 -3.23 5.09 -1.28
N LEU A 50 -2.69 5.27 -0.11
CA LEU A 50 -2.50 6.60 0.41
C LEU A 50 -1.05 6.77 0.81
N LYS A 51 -0.49 7.92 0.53
CA LYS A 51 0.81 8.28 1.05
C LYS A 51 0.55 9.18 2.23
N ASN A 52 1.41 9.18 3.25
CA ASN A 52 1.12 9.94 4.48
C ASN A 52 0.42 11.28 4.18
N GLY A 53 -0.88 11.32 4.42
CA GLY A 53 -1.68 12.49 4.08
C GLY A 53 -2.10 12.55 2.61
N GLN A 54 -1.16 12.27 1.70
CA GLN A 54 -1.39 12.39 0.27
C GLN A 54 -2.11 11.16 -0.29
N GLU A 55 -3.03 11.38 -1.22
CA GLU A 55 -3.75 10.25 -1.78
C GLU A 55 -3.02 9.64 -2.98
N ILE A 56 -3.00 8.31 -2.99
CA ILE A 56 -2.27 7.53 -3.99
C ILE A 56 -3.25 6.76 -4.89
N GLN A 57 -3.45 7.31 -6.09
CA GLN A 57 -4.51 6.86 -6.99
C GLN A 57 -4.08 5.71 -7.89
N MET A 58 -2.89 5.16 -7.65
CA MET A 58 -2.34 4.04 -8.43
C MET A 58 -1.79 4.53 -9.79
N SER A 59 -0.77 3.85 -10.28
CA SER A 59 -0.14 4.19 -11.56
C SER A 59 0.58 2.97 -12.15
N GLY A 60 1.05 3.10 -13.39
CA GLY A 60 1.75 2.01 -14.04
C GLY A 60 3.25 2.13 -13.95
N SER A 61 3.74 2.49 -12.77
CA SER A 61 5.18 2.57 -12.52
C SER A 61 5.40 2.72 -11.02
N LYS A 62 4.83 3.77 -10.46
CA LYS A 62 4.70 3.89 -9.02
C LYS A 62 3.27 3.54 -8.66
N TYR A 63 3.02 3.07 -7.43
CA TYR A 63 1.67 2.73 -6.99
C TYR A 63 1.03 1.72 -7.96
N ILE A 64 1.73 0.63 -8.22
CA ILE A 64 1.27 -0.40 -9.16
C ILE A 64 0.30 -1.35 -8.46
N PHE A 65 -0.77 -1.74 -9.14
CA PHE A 65 -1.71 -2.69 -8.54
C PHE A 65 -1.34 -4.12 -8.91
N GLU A 66 -1.44 -5.01 -7.93
CA GLU A 66 -1.14 -6.43 -8.13
C GLU A 66 -2.12 -7.27 -7.31
N SER A 67 -2.85 -8.16 -7.97
CA SER A 67 -3.87 -8.95 -7.30
C SER A 67 -3.44 -10.40 -7.13
N ILE A 68 -3.46 -10.89 -5.90
CA ILE A 68 -3.09 -12.26 -5.62
C ILE A 68 -4.13 -12.94 -4.72
N GLY A 69 -5.07 -13.66 -5.33
CA GLY A 69 -6.08 -14.40 -4.59
C GLY A 69 -6.75 -13.56 -3.51
N ALA A 70 -7.40 -12.48 -3.93
CA ALA A 70 -7.97 -11.48 -3.03
C ALA A 70 -6.90 -10.60 -2.41
N LYS A 71 -5.78 -11.21 -2.02
CA LYS A 71 -4.72 -10.44 -1.41
C LYS A 71 -4.18 -9.45 -2.42
N ARG A 72 -4.46 -8.19 -2.17
CA ARG A 72 -4.11 -7.16 -3.10
C ARG A 72 -2.80 -6.52 -2.70
N THR A 73 -2.04 -6.12 -3.69
CA THR A 73 -0.70 -5.64 -3.46
C THR A 73 -0.43 -4.36 -4.25
N LEU A 74 0.12 -3.36 -3.56
CA LEU A 74 0.49 -2.12 -4.19
C LEU A 74 1.99 -2.11 -4.46
N THR A 75 2.40 -2.36 -5.68
CA THR A 75 3.79 -2.36 -6.03
C THR A 75 4.29 -0.94 -6.27
N ILE A 76 5.02 -0.41 -5.31
CA ILE A 76 5.52 0.96 -5.39
C ILE A 76 6.99 0.96 -5.82
N SER A 77 7.26 1.67 -6.91
CA SER A 77 8.61 1.76 -7.45
C SER A 77 9.19 3.14 -7.18
N GLN A 78 10.51 3.23 -7.10
CA GLN A 78 11.20 4.50 -6.88
C GLN A 78 10.82 5.10 -5.53
N CYS A 79 11.03 4.32 -4.47
CA CYS A 79 10.70 4.75 -3.11
C CYS A 79 11.66 4.08 -2.15
N SER A 80 12.94 4.28 -2.39
CA SER A 80 13.97 3.63 -1.63
C SER A 80 14.25 4.42 -0.34
N LEU A 81 15.53 4.70 -0.07
CA LEU A 81 15.93 5.45 1.11
C LEU A 81 15.57 6.93 0.98
N ALA A 82 14.30 7.20 0.76
CA ALA A 82 13.82 8.56 0.56
C ALA A 82 12.34 8.66 0.88
N ASP A 83 11.56 7.72 0.37
CA ASP A 83 10.12 7.71 0.63
C ASP A 83 9.79 6.91 1.89
N ASP A 84 10.84 6.61 2.65
CA ASP A 84 10.71 6.02 3.99
C ASP A 84 9.86 6.93 4.87
N ALA A 85 8.60 6.53 5.05
CA ALA A 85 7.62 7.37 5.74
C ALA A 85 6.36 6.57 6.08
N ALA A 86 5.23 6.84 5.41
CA ALA A 86 4.00 6.09 5.66
C ALA A 86 3.12 6.00 4.41
N TYR A 87 2.59 4.80 4.16
CA TYR A 87 1.63 4.59 3.07
C TYR A 87 0.37 3.88 3.62
N GLN A 88 -0.77 4.57 3.56
CA GLN A 88 -2.06 4.02 3.94
C GLN A 88 -2.67 3.24 2.78
N CYS A 89 -3.71 2.48 3.07
CA CYS A 89 -4.41 1.71 2.04
C CYS A 89 -5.86 2.08 2.00
N VAL A 90 -6.41 2.20 0.80
CA VAL A 90 -7.69 2.87 0.69
C VAL A 90 -8.62 2.25 -0.38
N VAL A 91 -9.87 2.12 0.00
CA VAL A 91 -10.90 1.64 -0.89
C VAL A 91 -12.19 2.38 -0.57
N GLY A 92 -12.63 3.22 -1.49
CA GLY A 92 -13.81 4.02 -1.25
C GLY A 92 -13.61 5.05 -0.16
N GLY A 93 -12.49 5.77 -0.22
CA GLY A 93 -12.21 6.81 0.76
C GLY A 93 -11.56 6.27 2.02
N GLU A 94 -11.96 5.08 2.42
CA GLU A 94 -11.43 4.46 3.63
C GLU A 94 -9.93 4.22 3.50
N LYS A 95 -9.14 4.73 4.44
CA LYS A 95 -7.68 4.53 4.43
C LYS A 95 -7.20 3.92 5.76
N CYS A 96 -6.28 2.97 5.64
CA CYS A 96 -5.66 2.34 6.80
C CYS A 96 -4.19 2.69 6.78
N SER A 97 -3.71 3.32 7.84
CA SER A 97 -2.36 3.82 7.84
C SER A 97 -1.34 2.74 8.12
N THR A 98 -0.23 2.85 7.42
CA THR A 98 0.85 1.91 7.51
C THR A 98 2.16 2.66 7.27
N GLU A 99 3.12 2.45 8.14
CA GLU A 99 4.39 3.14 8.00
C GLU A 99 5.25 2.44 6.96
N LEU A 100 6.07 3.21 6.30
CA LEU A 100 6.88 2.69 5.22
C LEU A 100 8.36 2.86 5.56
N PHE A 101 8.99 1.74 5.85
CA PHE A 101 10.41 1.70 6.14
C PHE A 101 11.14 1.08 4.95
N VAL A 102 12.37 1.50 4.70
CA VAL A 102 13.07 0.99 3.55
C VAL A 102 14.39 0.31 3.93
N LYS A 103 14.60 -0.87 3.38
CA LYS A 103 15.82 -1.63 3.57
C LYS A 103 16.72 -1.42 2.37
N GLU A 104 17.96 -1.05 2.63
CA GLU A 104 18.92 -0.80 1.57
C GLU A 104 19.23 -2.09 0.81
N ASP A 11 -6.47 10.28 10.62
CA ASP A 11 -7.33 9.50 11.57
C ASP A 11 -7.47 8.07 11.09
N GLU A 12 -6.36 7.49 10.67
CA GLU A 12 -6.37 6.16 10.10
C GLU A 12 -6.48 5.11 11.20
N LYS A 13 -7.40 4.18 11.00
CA LYS A 13 -7.63 3.06 11.90
C LYS A 13 -8.18 1.93 11.07
N LYS A 14 -7.94 0.70 11.49
CA LYS A 14 -8.28 -0.45 10.67
C LYS A 14 -9.76 -0.45 10.28
N SER A 15 -9.99 -0.37 8.99
CA SER A 15 -11.31 -0.32 8.40
C SER A 15 -11.19 -0.70 6.92
N THR A 16 -11.32 0.29 6.04
CA THR A 16 -11.09 0.12 4.61
C THR A 16 -11.84 -1.09 4.05
N ALA A 17 -11.39 -1.60 2.92
CA ALA A 17 -11.93 -2.82 2.38
C ALA A 17 -10.87 -3.89 2.42
N PHE A 18 -9.83 -3.63 3.20
CA PHE A 18 -8.75 -4.55 3.35
C PHE A 18 -9.01 -5.38 4.58
N GLN A 19 -9.37 -6.62 4.36
CA GLN A 19 -9.64 -7.59 5.40
C GLN A 19 -8.52 -7.53 6.42
N LYS A 20 -7.33 -7.69 5.90
CA LYS A 20 -6.13 -7.46 6.66
C LYS A 20 -5.13 -6.69 5.81
N LYS A 21 -4.67 -5.56 6.31
CA LYS A 21 -3.53 -4.89 5.70
C LYS A 21 -2.27 -5.39 6.41
N LEU A 22 -1.18 -5.53 5.67
CA LEU A 22 0.06 -6.07 6.23
C LEU A 22 0.55 -5.24 7.42
N GLU A 23 1.48 -5.80 8.17
CA GLU A 23 1.97 -5.16 9.40
C GLU A 23 2.27 -3.67 9.18
N PRO A 24 2.00 -2.84 10.21
CA PRO A 24 2.11 -1.37 10.12
C PRO A 24 3.54 -0.85 9.91
N ALA A 25 4.35 -1.62 9.21
CA ALA A 25 5.63 -1.14 8.74
C ALA A 25 6.07 -1.93 7.53
N TYR A 26 5.80 -1.37 6.36
CA TYR A 26 6.24 -1.96 5.13
C TYR A 26 7.68 -1.56 4.88
N GLN A 27 8.55 -2.55 4.76
CA GLN A 27 9.97 -2.30 4.59
C GLN A 27 10.38 -2.40 3.12
N VAL A 28 10.53 -1.25 2.48
CA VAL A 28 10.92 -1.22 1.07
C VAL A 28 12.32 -1.77 0.89
N SER A 29 12.49 -2.66 -0.04
CA SER A 29 13.83 -2.90 -0.51
C SER A 29 14.12 -1.79 -1.52
N LYS A 30 14.94 -0.85 -1.09
CA LYS A 30 15.09 0.43 -1.77
C LYS A 30 15.35 0.26 -3.26
N GLY A 31 14.48 0.88 -4.05
CA GLY A 31 14.61 0.81 -5.50
C GLY A 31 14.33 -0.58 -6.03
N HIS A 32 13.95 -1.48 -5.13
CA HIS A 32 13.58 -2.83 -5.51
C HIS A 32 12.06 -2.89 -5.60
N LYS A 33 11.45 -1.70 -5.54
CA LYS A 33 10.00 -1.49 -5.62
C LYS A 33 9.22 -2.36 -4.62
N ILE A 34 8.72 -1.72 -3.57
CA ILE A 34 8.05 -2.46 -2.51
C ILE A 34 6.57 -2.69 -2.82
N ARG A 35 6.12 -3.90 -2.57
CA ARG A 35 4.74 -4.29 -2.83
C ARG A 35 3.90 -4.16 -1.55
N LEU A 36 2.72 -3.55 -1.64
CA LEU A 36 1.88 -3.40 -0.47
C LEU A 36 0.85 -4.51 -0.47
N THR A 37 1.18 -5.60 0.20
CA THR A 37 0.35 -6.78 0.21
C THR A 37 -0.70 -6.68 1.31
N VAL A 38 -1.91 -7.09 1.00
CA VAL A 38 -3.04 -7.02 1.91
C VAL A 38 -4.01 -8.15 1.63
N GLU A 39 -4.71 -8.60 2.65
CA GLU A 39 -5.78 -9.54 2.42
C GLU A 39 -7.03 -8.72 2.26
N LEU A 40 -7.57 -8.68 1.06
CA LEU A 40 -8.70 -7.82 0.77
C LEU A 40 -9.98 -8.41 1.33
N ALA A 41 -10.93 -7.54 1.58
CA ALA A 41 -12.27 -7.95 1.93
C ALA A 41 -13.09 -8.00 0.64
N ASP A 42 -12.79 -7.04 -0.24
CA ASP A 42 -13.43 -6.94 -1.54
C ASP A 42 -13.01 -8.05 -2.48
N HIS A 43 -11.69 -8.32 -2.49
CA HIS A 43 -11.10 -9.37 -3.33
C HIS A 43 -10.98 -8.93 -4.78
N ASP A 44 -12.06 -8.42 -5.35
CA ASP A 44 -12.09 -8.01 -6.76
C ASP A 44 -12.44 -6.54 -6.89
N ALA A 45 -11.63 -5.71 -6.27
CA ALA A 45 -11.86 -4.28 -6.27
C ALA A 45 -10.57 -3.53 -6.53
N GLU A 46 -10.67 -2.37 -7.17
CA GLU A 46 -9.51 -1.53 -7.36
C GLU A 46 -9.10 -0.94 -6.02
N VAL A 47 -7.89 -1.22 -5.59
CA VAL A 47 -7.42 -0.68 -4.34
C VAL A 47 -6.64 0.59 -4.58
N LYS A 48 -7.03 1.63 -3.87
CA LYS A 48 -6.33 2.87 -3.91
C LYS A 48 -5.50 2.97 -2.64
N TRP A 49 -4.41 3.65 -2.66
CA TRP A 49 -3.55 3.66 -1.49
C TRP A 49 -3.20 5.08 -1.14
N LEU A 50 -2.66 5.28 0.01
CA LEU A 50 -2.42 6.62 0.49
C LEU A 50 -0.94 6.77 0.80
N LYS A 51 -0.36 7.85 0.34
CA LYS A 51 0.99 8.20 0.74
C LYS A 51 0.85 9.04 1.98
N ASN A 52 1.83 8.98 2.88
CA ASN A 52 1.73 9.69 4.13
C ASN A 52 1.21 11.11 3.89
N GLY A 53 -0.08 11.31 4.17
CA GLY A 53 -0.74 12.55 3.87
C GLY A 53 -1.24 12.66 2.42
N GLN A 54 -0.46 12.18 1.46
CA GLN A 54 -0.82 12.27 0.05
C GLN A 54 -1.75 11.13 -0.37
N GLU A 55 -2.62 11.36 -1.33
CA GLU A 55 -3.50 10.30 -1.80
C GLU A 55 -2.92 9.59 -3.01
N ILE A 56 -2.91 8.27 -2.95
CA ILE A 56 -2.23 7.44 -3.94
C ILE A 56 -3.23 6.63 -4.79
N GLN A 57 -3.14 6.83 -6.10
CA GLN A 57 -4.00 6.10 -7.01
C GLN A 57 -3.30 4.83 -7.49
N MET A 58 -3.06 4.73 -8.79
CA MET A 58 -2.41 3.56 -9.36
C MET A 58 -1.78 3.90 -10.71
N SER A 59 -0.57 3.40 -10.93
CA SER A 59 0.20 3.72 -12.11
C SER A 59 1.15 2.57 -12.46
N GLY A 60 1.67 2.60 -13.69
CA GLY A 60 2.54 1.54 -14.16
C GLY A 60 3.93 1.59 -13.54
N SER A 61 4.45 2.79 -13.32
CA SER A 61 5.81 2.95 -12.83
C SER A 61 5.86 3.17 -11.32
N LYS A 62 4.68 3.22 -10.69
CA LYS A 62 4.57 3.43 -9.24
C LYS A 62 3.10 3.27 -8.85
N TYR A 63 2.82 2.91 -7.59
CA TYR A 63 1.44 2.64 -7.17
C TYR A 63 0.86 1.54 -8.06
N ILE A 64 1.63 0.48 -8.24
CA ILE A 64 1.28 -0.59 -9.16
C ILE A 64 0.32 -1.58 -8.51
N PHE A 65 -0.84 -1.79 -9.12
CA PHE A 65 -1.81 -2.71 -8.55
C PHE A 65 -1.51 -4.15 -8.95
N GLU A 66 -1.57 -5.06 -7.97
CA GLU A 66 -1.32 -6.48 -8.18
C GLU A 66 -2.23 -7.29 -7.27
N SER A 67 -2.71 -8.43 -7.75
CA SER A 67 -3.70 -9.20 -7.03
C SER A 67 -3.27 -10.66 -6.88
N ILE A 68 -3.28 -11.16 -5.66
CA ILE A 68 -2.94 -12.57 -5.40
C ILE A 68 -3.97 -13.21 -4.49
N GLY A 69 -4.83 -14.04 -5.07
CA GLY A 69 -5.83 -14.77 -4.30
C GLY A 69 -6.58 -13.89 -3.31
N ALA A 70 -7.21 -12.83 -3.85
CA ALA A 70 -7.86 -11.79 -3.06
C ALA A 70 -6.85 -10.84 -2.45
N LYS A 71 -5.72 -11.38 -2.00
CA LYS A 71 -4.72 -10.58 -1.35
C LYS A 71 -4.16 -9.57 -2.34
N ARG A 72 -4.52 -8.33 -2.10
CA ARG A 72 -4.19 -7.27 -3.02
C ARG A 72 -2.84 -6.69 -2.70
N THR A 73 -2.17 -6.19 -3.72
CA THR A 73 -0.83 -5.68 -3.58
C THR A 73 -0.65 -4.36 -4.31
N LEU A 74 -0.04 -3.40 -3.64
CA LEU A 74 0.33 -2.14 -4.26
C LEU A 74 1.84 -2.07 -4.42
N THR A 75 2.33 -2.33 -5.61
CA THR A 75 3.75 -2.27 -5.86
C THR A 75 4.18 -0.81 -6.09
N ILE A 76 4.85 -0.26 -5.10
CA ILE A 76 5.34 1.10 -5.20
C ILE A 76 6.79 1.07 -5.68
N SER A 77 7.07 1.89 -6.67
CA SER A 77 8.37 1.92 -7.31
C SER A 77 8.91 3.34 -7.28
N GLN A 78 10.25 3.46 -7.24
CA GLN A 78 10.90 4.76 -7.09
C GLN A 78 10.48 5.36 -5.75
N CYS A 79 10.75 4.62 -4.68
CA CYS A 79 10.29 4.98 -3.36
C CYS A 79 11.22 4.36 -2.35
N SER A 80 12.49 4.67 -2.53
CA SER A 80 13.54 4.07 -1.76
C SER A 80 13.86 4.91 -0.52
N LEU A 81 15.15 5.18 -0.28
CA LEU A 81 15.60 5.92 0.90
C LEU A 81 15.25 7.40 0.83
N ALA A 82 13.98 7.71 0.67
CA ALA A 82 13.53 9.09 0.62
C ALA A 82 12.05 9.19 0.99
N ASP A 83 11.23 8.36 0.35
CA ASP A 83 9.78 8.39 0.59
C ASP A 83 9.41 7.64 1.88
N ASP A 84 10.43 7.19 2.59
CA ASP A 84 10.27 6.53 3.89
C ASP A 84 9.37 7.36 4.80
N ALA A 85 8.29 6.75 5.28
CA ALA A 85 7.30 7.42 6.15
C ALA A 85 6.11 6.50 6.45
N ALA A 86 4.99 6.68 5.73
CA ALA A 86 3.82 5.82 5.91
C ALA A 86 2.98 5.74 4.63
N TYR A 87 2.58 4.53 4.22
CA TYR A 87 1.63 4.41 3.11
C TYR A 87 0.34 3.73 3.58
N GLN A 88 -0.75 4.47 3.55
CA GLN A 88 -2.05 3.96 3.94
C GLN A 88 -2.70 3.20 2.79
N CYS A 89 -3.78 2.49 3.09
CA CYS A 89 -4.49 1.72 2.09
C CYS A 89 -5.95 2.11 2.05
N VAL A 90 -6.49 2.25 0.85
CA VAL A 90 -7.77 2.92 0.71
C VAL A 90 -8.66 2.32 -0.39
N VAL A 91 -9.95 2.23 -0.09
CA VAL A 91 -10.92 1.74 -1.04
C VAL A 91 -12.20 2.54 -0.90
N GLY A 92 -12.58 3.23 -1.97
CA GLY A 92 -13.74 4.12 -1.93
C GLY A 92 -13.45 5.43 -1.22
N GLY A 93 -12.73 5.34 -0.10
CA GLY A 93 -12.41 6.51 0.69
C GLY A 93 -11.66 6.13 1.95
N GLU A 94 -12.00 4.96 2.48
CA GLU A 94 -11.41 4.45 3.72
C GLU A 94 -9.91 4.25 3.56
N LYS A 95 -9.12 4.86 4.46
CA LYS A 95 -7.66 4.66 4.46
C LYS A 95 -7.17 4.10 5.80
N CYS A 96 -6.26 3.13 5.71
CA CYS A 96 -5.64 2.52 6.88
C CYS A 96 -4.14 2.70 6.79
N SER A 97 -3.55 3.28 7.80
CA SER A 97 -2.15 3.66 7.74
C SER A 97 -1.22 2.50 8.03
N THR A 98 -0.16 2.44 7.25
CA THR A 98 0.91 1.52 7.51
C THR A 98 2.22 2.26 7.31
N GLU A 99 3.13 2.12 8.26
CA GLU A 99 4.35 2.90 8.22
C GLU A 99 5.28 2.33 7.17
N LEU A 100 5.94 3.21 6.48
CA LEU A 100 6.81 2.83 5.40
C LEU A 100 8.26 3.03 5.79
N PHE A 101 8.96 1.93 5.95
CA PHE A 101 10.38 1.99 6.25
C PHE A 101 11.15 1.40 5.10
N VAL A 102 12.12 2.12 4.61
CA VAL A 102 12.86 1.65 3.45
C VAL A 102 14.22 1.06 3.85
N LYS A 103 14.47 -0.13 3.33
CA LYS A 103 15.71 -0.84 3.55
C LYS A 103 16.58 -0.73 2.32
N GLU A 104 17.82 -0.33 2.51
CA GLU A 104 18.76 -0.21 1.43
C GLU A 104 19.03 -1.59 0.82
N ASP A 11 -7.44 9.25 10.99
CA ASP A 11 -8.14 8.15 11.71
C ASP A 11 -8.16 6.90 10.87
N GLU A 12 -6.99 6.53 10.36
CA GLU A 12 -6.85 5.35 9.55
C GLU A 12 -6.99 4.10 10.42
N LYS A 13 -7.98 3.27 10.10
CA LYS A 13 -8.27 2.10 10.91
C LYS A 13 -8.72 0.94 10.02
N LYS A 14 -8.59 -0.28 10.52
CA LYS A 14 -9.04 -1.45 9.79
C LYS A 14 -10.55 -1.41 9.55
N SER A 15 -10.89 -1.18 8.30
CA SER A 15 -12.27 -1.01 7.84
C SER A 15 -12.26 -0.88 6.34
N THR A 16 -11.09 -0.52 5.86
CA THR A 16 -10.86 -0.04 4.51
C THR A 16 -11.01 -1.09 3.43
N ALA A 17 -11.79 -2.12 3.73
CA ALA A 17 -12.04 -3.22 2.82
C ALA A 17 -10.77 -4.01 2.55
N PHE A 18 -9.80 -3.84 3.41
CA PHE A 18 -8.65 -4.73 3.45
C PHE A 18 -8.85 -5.64 4.62
N GLN A 19 -9.28 -6.86 4.31
CA GLN A 19 -9.54 -7.89 5.31
C GLN A 19 -8.39 -7.93 6.30
N LYS A 20 -7.20 -7.94 5.74
CA LYS A 20 -6.00 -7.76 6.51
C LYS A 20 -5.07 -6.77 5.79
N LYS A 21 -4.69 -5.71 6.48
CA LYS A 21 -3.59 -4.86 6.01
C LYS A 21 -2.32 -5.40 6.64
N LEU A 22 -1.23 -5.47 5.87
CA LEU A 22 0.03 -5.94 6.43
C LEU A 22 0.49 -5.00 7.55
N GLU A 23 1.46 -5.46 8.33
CA GLU A 23 1.93 -4.72 9.50
C GLU A 23 2.19 -3.25 9.16
N PRO A 24 1.85 -2.33 10.07
CA PRO A 24 1.96 -0.87 9.86
C PRO A 24 3.41 -0.38 9.73
N ALA A 25 4.23 -1.18 9.07
CA ALA A 25 5.58 -0.79 8.74
C ALA A 25 6.09 -1.66 7.60
N TYR A 26 5.77 -1.24 6.39
CA TYR A 26 6.23 -1.93 5.21
C TYR A 26 7.68 -1.55 4.95
N GLN A 27 8.54 -2.55 4.79
CA GLN A 27 9.95 -2.29 4.61
C GLN A 27 10.38 -2.50 3.15
N VAL A 28 10.62 -1.40 2.44
CA VAL A 28 11.09 -1.47 1.08
C VAL A 28 12.44 -2.13 1.01
N SER A 29 12.62 -2.97 0.03
CA SER A 29 13.97 -3.32 -0.35
C SER A 29 14.36 -2.30 -1.42
N LYS A 30 15.09 -1.26 -0.99
CA LYS A 30 15.27 -0.05 -1.80
C LYS A 30 15.48 -0.34 -3.27
N GLY A 31 14.69 0.32 -4.09
CA GLY A 31 14.82 0.22 -5.53
C GLY A 31 14.34 -1.12 -6.07
N HIS A 32 14.10 -2.06 -5.18
CA HIS A 32 13.56 -3.36 -5.58
C HIS A 32 12.05 -3.27 -5.65
N LYS A 33 11.57 -2.03 -5.46
CA LYS A 33 10.15 -1.66 -5.49
C LYS A 33 9.35 -2.42 -4.43
N ILE A 34 8.86 -1.71 -3.43
CA ILE A 34 8.15 -2.39 -2.34
C ILE A 34 6.67 -2.59 -2.67
N ARG A 35 6.20 -3.79 -2.40
CA ARG A 35 4.83 -4.17 -2.71
C ARG A 35 3.96 -4.07 -1.45
N LEU A 36 2.77 -3.49 -1.56
CA LEU A 36 1.90 -3.32 -0.41
C LEU A 36 0.90 -4.45 -0.38
N THR A 37 1.23 -5.51 0.34
CA THR A 37 0.42 -6.71 0.35
C THR A 37 -0.62 -6.65 1.46
N VAL A 38 -1.83 -7.04 1.11
CA VAL A 38 -2.95 -7.03 2.03
C VAL A 38 -3.88 -8.18 1.67
N GLU A 39 -4.66 -8.66 2.60
CA GLU A 39 -5.72 -9.56 2.24
C GLU A 39 -6.97 -8.72 2.08
N LEU A 40 -7.47 -8.65 0.86
CA LEU A 40 -8.59 -7.77 0.60
C LEU A 40 -9.88 -8.36 1.13
N ALA A 41 -10.82 -7.49 1.45
CA ALA A 41 -12.16 -7.89 1.81
C ALA A 41 -12.99 -7.95 0.54
N ASP A 42 -12.65 -7.06 -0.39
CA ASP A 42 -13.30 -7.01 -1.70
C ASP A 42 -12.74 -8.07 -2.62
N HIS A 43 -11.44 -8.32 -2.47
CA HIS A 43 -10.70 -9.32 -3.25
C HIS A 43 -10.38 -8.83 -4.65
N ASP A 44 -11.40 -8.40 -5.39
CA ASP A 44 -11.20 -7.99 -6.78
C ASP A 44 -11.60 -6.54 -7.01
N ALA A 45 -11.32 -5.72 -6.02
CA ALA A 45 -11.57 -4.30 -6.13
C ALA A 45 -10.27 -3.55 -6.41
N GLU A 46 -10.37 -2.48 -7.16
CA GLU A 46 -9.22 -1.62 -7.41
C GLU A 46 -8.86 -0.89 -6.14
N VAL A 47 -7.67 -1.14 -5.65
CA VAL A 47 -7.21 -0.55 -4.41
C VAL A 47 -6.43 0.72 -4.68
N LYS A 48 -6.77 1.76 -3.96
CA LYS A 48 -6.02 2.98 -4.03
C LYS A 48 -5.35 3.17 -2.69
N TRP A 49 -4.19 3.78 -2.68
CA TRP A 49 -3.42 3.77 -1.47
C TRP A 49 -3.05 5.19 -1.11
N LEU A 50 -2.56 5.38 0.07
CA LEU A 50 -2.38 6.71 0.58
C LEU A 50 -0.94 6.89 1.00
N LYS A 51 -0.33 8.00 0.66
CA LYS A 51 0.93 8.35 1.27
C LYS A 51 0.57 9.18 2.49
N ASN A 52 1.35 9.13 3.55
CA ASN A 52 0.93 9.80 4.79
C ASN A 52 0.45 11.22 4.48
N GLY A 53 -0.86 11.41 4.63
CA GLY A 53 -1.50 12.64 4.21
C GLY A 53 -1.84 12.69 2.72
N GLN A 54 -0.89 12.32 1.87
CA GLN A 54 -1.08 12.45 0.41
C GLN A 54 -1.88 11.28 -0.15
N GLU A 55 -2.88 11.55 -0.97
CA GLU A 55 -3.68 10.48 -1.54
C GLU A 55 -2.99 9.84 -2.75
N ILE A 56 -2.94 8.52 -2.75
CA ILE A 56 -2.18 7.76 -3.74
C ILE A 56 -3.09 6.94 -4.66
N GLN A 57 -2.98 7.21 -5.96
CA GLN A 57 -3.80 6.54 -6.94
C GLN A 57 -3.17 5.24 -7.41
N MET A 58 -2.93 5.12 -8.71
CA MET A 58 -2.40 3.88 -9.29
C MET A 58 -1.77 4.17 -10.65
N SER A 59 -0.68 3.47 -10.95
CA SER A 59 0.04 3.65 -12.20
C SER A 59 0.97 2.47 -12.45
N GLY A 60 1.35 2.27 -13.71
CA GLY A 60 2.22 1.17 -14.07
C GLY A 60 3.69 1.44 -13.77
N SER A 61 3.97 1.93 -12.57
CA SER A 61 5.33 2.19 -12.13
C SER A 61 5.34 2.42 -10.63
N LYS A 62 4.82 3.56 -10.21
CA LYS A 62 4.53 3.76 -8.80
C LYS A 62 3.05 3.50 -8.58
N TYR A 63 2.72 2.87 -7.45
CA TYR A 63 1.33 2.53 -7.14
C TYR A 63 0.79 1.51 -8.14
N ILE A 64 1.51 0.41 -8.31
CA ILE A 64 1.10 -0.65 -9.21
C ILE A 64 0.12 -1.60 -8.51
N PHE A 65 -1.11 -1.68 -9.00
CA PHE A 65 -2.09 -2.55 -8.38
C PHE A 65 -1.95 -3.99 -8.86
N GLU A 66 -1.93 -4.94 -7.91
CA GLU A 66 -1.78 -6.34 -8.27
C GLU A 66 -2.66 -7.23 -7.37
N SER A 67 -3.43 -8.09 -8.01
CA SER A 67 -4.33 -9.00 -7.30
C SER A 67 -3.63 -10.35 -7.08
N ILE A 68 -3.63 -10.84 -5.85
CA ILE A 68 -3.07 -12.15 -5.57
C ILE A 68 -4.02 -12.98 -4.70
N GLY A 69 -4.88 -13.76 -5.35
CA GLY A 69 -5.81 -14.62 -4.64
C GLY A 69 -6.55 -13.89 -3.54
N ALA A 70 -7.27 -12.83 -3.92
CA ALA A 70 -7.90 -11.90 -2.98
C ALA A 70 -6.90 -10.97 -2.35
N LYS A 71 -5.75 -11.51 -1.95
CA LYS A 71 -4.73 -10.69 -1.32
C LYS A 71 -4.21 -9.67 -2.31
N ARG A 72 -4.53 -8.43 -2.04
CA ARG A 72 -4.18 -7.33 -2.89
C ARG A 72 -2.78 -6.85 -2.59
N THR A 73 -2.08 -6.43 -3.62
CA THR A 73 -0.76 -5.88 -3.46
C THR A 73 -0.60 -4.59 -4.27
N LEU A 74 -0.03 -3.59 -3.63
CA LEU A 74 0.30 -2.34 -4.29
C LEU A 74 1.81 -2.27 -4.52
N THR A 75 2.25 -2.55 -5.73
CA THR A 75 3.66 -2.52 -6.03
C THR A 75 4.13 -1.08 -6.21
N ILE A 76 5.03 -0.67 -5.34
CA ILE A 76 5.53 0.69 -5.36
C ILE A 76 6.98 0.70 -5.84
N SER A 77 7.20 1.34 -6.99
CA SER A 77 8.53 1.45 -7.55
C SER A 77 9.10 2.82 -7.25
N GLN A 78 10.42 2.95 -7.36
CA GLN A 78 11.09 4.23 -7.09
C GLN A 78 10.76 4.69 -5.68
N CYS A 79 11.17 3.87 -4.72
CA CYS A 79 10.89 4.11 -3.33
C CYS A 79 11.96 3.41 -2.56
N SER A 80 12.73 4.20 -1.86
CA SER A 80 13.94 3.68 -1.30
C SER A 80 14.33 4.50 -0.08
N LEU A 81 15.63 4.76 0.09
CA LEU A 81 16.13 5.54 1.21
C LEU A 81 15.81 7.03 1.04
N ALA A 82 14.56 7.33 0.73
CA ALA A 82 14.13 8.70 0.51
C ALA A 82 12.60 8.79 0.59
N ASP A 83 11.93 7.89 -0.12
CA ASP A 83 10.47 7.83 -0.12
C ASP A 83 9.94 7.41 1.26
N ASP A 84 10.81 6.72 2.02
CA ASP A 84 10.53 6.30 3.41
C ASP A 84 9.61 7.26 4.15
N ALA A 85 8.48 6.72 4.62
CA ALA A 85 7.46 7.53 5.30
C ALA A 85 6.32 6.64 5.80
N ALA A 86 5.13 6.82 5.24
CA ALA A 86 3.98 5.98 5.57
C ALA A 86 3.04 5.89 4.37
N TYR A 87 2.55 4.69 4.10
CA TYR A 87 1.54 4.51 3.05
C TYR A 87 0.30 3.83 3.63
N GLN A 88 -0.80 4.55 3.65
CA GLN A 88 -2.09 4.02 4.02
C GLN A 88 -2.71 3.29 2.83
N CYS A 89 -3.79 2.58 3.09
CA CYS A 89 -4.46 1.82 2.05
C CYS A 89 -5.92 2.15 1.98
N VAL A 90 -6.43 2.30 0.78
CA VAL A 90 -7.72 2.92 0.62
C VAL A 90 -8.58 2.27 -0.47
N VAL A 91 -9.83 2.06 -0.12
CA VAL A 91 -10.80 1.48 -1.03
C VAL A 91 -12.09 2.29 -0.96
N GLY A 92 -12.43 2.93 -2.07
CA GLY A 92 -13.55 3.85 -2.10
C GLY A 92 -13.21 5.18 -1.47
N GLY A 93 -12.51 5.16 -0.36
CA GLY A 93 -12.12 6.36 0.33
C GLY A 93 -11.47 6.05 1.66
N GLU A 94 -11.91 4.96 2.28
CA GLU A 94 -11.39 4.52 3.56
C GLU A 94 -9.90 4.21 3.49
N LYS A 95 -9.11 4.84 4.35
CA LYS A 95 -7.67 4.60 4.41
C LYS A 95 -7.23 3.94 5.72
N CYS A 96 -6.33 2.96 5.63
CA CYS A 96 -5.75 2.30 6.80
C CYS A 96 -4.26 2.55 6.77
N SER A 97 -3.71 3.09 7.84
CA SER A 97 -2.35 3.57 7.82
C SER A 97 -1.33 2.47 8.05
N THR A 98 -0.26 2.56 7.27
CA THR A 98 0.87 1.67 7.42
C THR A 98 2.13 2.48 7.14
N GLU A 99 3.10 2.37 8.02
CA GLU A 99 4.32 3.16 7.87
C GLU A 99 5.22 2.49 6.85
N LEU A 100 5.96 3.29 6.13
CA LEU A 100 6.80 2.79 5.06
C LEU A 100 8.26 3.03 5.40
N PHE A 101 8.95 1.97 5.75
CA PHE A 101 10.37 2.02 6.06
C PHE A 101 11.15 1.34 4.95
N VAL A 102 12.37 1.77 4.70
CA VAL A 102 13.13 1.18 3.61
C VAL A 102 14.42 0.52 4.10
N LYS A 103 14.67 -0.66 3.58
CA LYS A 103 15.93 -1.36 3.79
C LYS A 103 16.76 -1.27 2.51
N GLU A 104 18.04 -1.03 2.65
CA GLU A 104 18.90 -0.88 1.48
C GLU A 104 18.99 -2.19 0.72
N ASP A 11 -8.12 9.16 12.02
CA ASP A 11 -9.14 8.54 11.13
C ASP A 11 -8.71 7.14 10.71
N GLU A 12 -7.48 7.02 10.26
CA GLU A 12 -6.96 5.74 9.76
C GLU A 12 -7.06 4.66 10.84
N LYS A 13 -7.85 3.63 10.53
CA LYS A 13 -8.05 2.49 11.42
C LYS A 13 -8.43 1.29 10.59
N LYS A 14 -7.99 0.11 11.01
CA LYS A 14 -8.10 -1.09 10.19
C LYS A 14 -9.54 -1.39 9.78
N SER A 15 -9.78 -1.19 8.50
CA SER A 15 -11.04 -1.48 7.84
C SER A 15 -10.77 -1.40 6.33
N THR A 16 -11.26 -0.32 5.70
CA THR A 16 -10.89 0.06 4.33
C THR A 16 -11.03 -1.06 3.31
N ALA A 17 -11.81 -2.06 3.67
CA ALA A 17 -12.05 -3.22 2.83
C ALA A 17 -10.78 -4.02 2.58
N PHE A 18 -9.78 -3.84 3.44
CA PHE A 18 -8.64 -4.72 3.45
C PHE A 18 -8.81 -5.62 4.64
N GLN A 19 -9.25 -6.84 4.37
CA GLN A 19 -9.51 -7.84 5.39
C GLN A 19 -8.35 -7.87 6.35
N LYS A 20 -7.17 -7.99 5.78
CA LYS A 20 -5.96 -7.85 6.53
C LYS A 20 -5.00 -6.95 5.77
N LYS A 21 -4.56 -5.88 6.40
CA LYS A 21 -3.47 -5.08 5.86
C LYS A 21 -2.20 -5.46 6.61
N LEU A 22 -1.10 -5.53 5.90
CA LEU A 22 0.17 -5.97 6.49
C LEU A 22 0.58 -5.06 7.66
N GLU A 23 1.55 -5.53 8.42
CA GLU A 23 2.04 -4.80 9.60
C GLU A 23 2.25 -3.32 9.32
N PRO A 24 1.97 -2.45 10.30
CA PRO A 24 2.08 -0.98 10.14
C PRO A 24 3.50 -0.49 9.92
N ALA A 25 4.30 -1.29 9.23
CA ALA A 25 5.63 -0.89 8.82
C ALA A 25 6.10 -1.76 7.67
N TYR A 26 5.76 -1.33 6.45
CA TYR A 26 6.18 -2.01 5.25
C TYR A 26 7.64 -1.64 4.96
N GLN A 27 8.48 -2.65 4.76
CA GLN A 27 9.91 -2.39 4.57
C GLN A 27 10.33 -2.57 3.10
N VAL A 28 10.61 -1.46 2.43
CA VAL A 28 11.06 -1.47 1.05
C VAL A 28 12.40 -2.14 0.91
N SER A 29 12.55 -2.97 -0.09
CA SER A 29 13.88 -3.30 -0.53
C SER A 29 14.33 -2.19 -1.46
N LYS A 30 15.13 -1.28 -0.91
CA LYS A 30 15.37 0.03 -1.52
C LYS A 30 15.62 -0.04 -3.02
N GLY A 31 14.85 0.74 -3.75
CA GLY A 31 15.08 0.90 -5.18
C GLY A 31 14.75 -0.34 -5.98
N HIS A 32 14.27 -1.38 -5.31
CA HIS A 32 13.79 -2.54 -6.00
C HIS A 32 12.37 -2.27 -6.42
N LYS A 33 11.50 -2.25 -5.41
CA LYS A 33 10.11 -1.84 -5.52
C LYS A 33 9.33 -2.47 -4.37
N ILE A 34 8.86 -1.67 -3.42
CA ILE A 34 8.15 -2.28 -2.30
C ILE A 34 6.68 -2.48 -2.63
N ARG A 35 6.20 -3.69 -2.37
CA ARG A 35 4.82 -4.06 -2.65
C ARG A 35 3.98 -3.95 -1.38
N LEU A 36 2.72 -3.52 -1.49
CA LEU A 36 1.88 -3.41 -0.33
C LEU A 36 0.86 -4.52 -0.36
N THR A 37 1.18 -5.63 0.29
CA THR A 37 0.35 -6.82 0.22
C THR A 37 -0.66 -6.85 1.37
N VAL A 38 -1.90 -7.12 1.00
CA VAL A 38 -3.01 -7.13 1.93
C VAL A 38 -3.94 -8.28 1.57
N GLU A 39 -4.66 -8.81 2.55
CA GLU A 39 -5.72 -9.71 2.21
C GLU A 39 -6.98 -8.89 2.10
N LEU A 40 -7.45 -8.69 0.89
CA LEU A 40 -8.57 -7.79 0.66
C LEU A 40 -9.85 -8.39 1.21
N ALA A 41 -10.75 -7.52 1.60
CA ALA A 41 -12.09 -7.92 1.96
C ALA A 41 -12.96 -7.88 0.70
N ASP A 42 -12.63 -6.93 -0.16
CA ASP A 42 -13.30 -6.79 -1.46
C ASP A 42 -12.93 -7.90 -2.41
N HIS A 43 -11.68 -8.34 -2.33
CA HIS A 43 -11.14 -9.44 -3.13
C HIS A 43 -10.88 -9.04 -4.58
N ASP A 44 -11.88 -8.47 -5.23
CA ASP A 44 -11.78 -8.11 -6.64
C ASP A 44 -12.22 -6.67 -6.85
N ALA A 45 -11.49 -5.77 -6.23
CA ALA A 45 -11.80 -4.35 -6.32
C ALA A 45 -10.53 -3.55 -6.51
N GLU A 46 -10.66 -2.37 -7.09
CA GLU A 46 -9.54 -1.47 -7.25
C GLU A 46 -9.12 -0.92 -5.90
N VAL A 47 -7.90 -1.20 -5.51
CA VAL A 47 -7.38 -0.64 -4.29
C VAL A 47 -6.61 0.62 -4.60
N LYS A 48 -6.98 1.69 -3.94
CA LYS A 48 -6.25 2.92 -4.03
C LYS A 48 -5.47 3.06 -2.74
N TRP A 49 -4.34 3.70 -2.78
CA TRP A 49 -3.51 3.71 -1.60
C TRP A 49 -3.17 5.14 -1.24
N LEU A 50 -2.64 5.33 -0.08
CA LEU A 50 -2.47 6.67 0.41
C LEU A 50 -1.00 6.88 0.80
N LYS A 51 -0.45 7.99 0.45
CA LYS A 51 0.83 8.38 0.99
C LYS A 51 0.53 9.22 2.22
N ASN A 52 1.35 9.14 3.26
CA ASN A 52 1.02 9.84 4.51
C ASN A 52 0.52 11.26 4.22
N GLY A 53 -0.79 11.44 4.34
CA GLY A 53 -1.43 12.68 3.95
C GLY A 53 -1.83 12.76 2.48
N GLN A 54 -0.95 12.34 1.57
CA GLN A 54 -1.21 12.46 0.13
C GLN A 54 -2.01 11.25 -0.37
N GLU A 55 -2.95 11.47 -1.27
CA GLU A 55 -3.74 10.37 -1.79
C GLU A 55 -3.07 9.73 -3.00
N ILE A 56 -3.02 8.41 -2.98
CA ILE A 56 -2.29 7.63 -3.96
C ILE A 56 -3.23 6.80 -4.85
N GLN A 57 -3.20 7.11 -6.14
CA GLN A 57 -4.07 6.43 -7.08
C GLN A 57 -3.45 5.11 -7.53
N MET A 58 -2.91 5.07 -8.75
CA MET A 58 -2.34 3.86 -9.31
C MET A 58 -1.74 4.17 -10.67
N SER A 59 -0.61 3.54 -10.99
CA SER A 59 0.08 3.80 -12.24
C SER A 59 1.13 2.72 -12.52
N GLY A 60 2.08 3.04 -13.39
CA GLY A 60 3.15 2.10 -13.72
C GLY A 60 4.45 2.45 -13.05
N SER A 61 4.79 3.74 -13.06
CA SER A 61 6.02 4.21 -12.45
C SER A 61 5.98 4.00 -10.93
N LYS A 62 4.81 4.25 -10.35
CA LYS A 62 4.59 4.05 -8.93
C LYS A 62 3.15 3.60 -8.71
N TYR A 63 2.86 3.08 -7.51
CA TYR A 63 1.49 2.69 -7.14
C TYR A 63 0.92 1.67 -8.13
N ILE A 64 1.66 0.59 -8.33
CA ILE A 64 1.26 -0.45 -9.27
C ILE A 64 0.30 -1.42 -8.59
N PHE A 65 -0.90 -1.56 -9.10
CA PHE A 65 -1.88 -2.48 -8.52
C PHE A 65 -1.57 -3.91 -8.92
N GLU A 66 -1.72 -4.83 -7.95
CA GLU A 66 -1.46 -6.24 -8.18
C GLU A 66 -2.40 -7.09 -7.34
N SER A 67 -2.97 -8.12 -7.94
CA SER A 67 -3.99 -8.93 -7.29
C SER A 67 -3.53 -10.37 -7.16
N ILE A 68 -3.56 -10.90 -5.95
CA ILE A 68 -3.17 -12.28 -5.70
C ILE A 68 -4.21 -13.00 -4.84
N GLY A 69 -5.14 -13.68 -5.49
CA GLY A 69 -6.15 -14.45 -4.78
C GLY A 69 -6.85 -13.65 -3.68
N ALA A 70 -7.43 -12.52 -4.08
CA ALA A 70 -8.01 -11.54 -3.15
C ALA A 70 -6.95 -10.71 -2.48
N LYS A 71 -5.83 -11.34 -2.13
CA LYS A 71 -4.76 -10.61 -1.49
C LYS A 71 -4.21 -9.59 -2.46
N ARG A 72 -4.50 -8.34 -2.17
CA ARG A 72 -4.16 -7.27 -3.05
C ARG A 72 -2.80 -6.70 -2.70
N THR A 73 -2.07 -6.26 -3.71
CA THR A 73 -0.75 -5.75 -3.50
C THR A 73 -0.52 -4.45 -4.26
N LEU A 74 0.01 -3.45 -3.56
CA LEU A 74 0.39 -2.20 -4.20
C LEU A 74 1.88 -2.21 -4.46
N THR A 75 2.28 -2.45 -5.68
CA THR A 75 3.68 -2.45 -6.03
C THR A 75 4.18 -1.03 -6.25
N ILE A 76 5.00 -0.56 -5.33
CA ILE A 76 5.52 0.79 -5.41
C ILE A 76 6.99 0.74 -5.87
N SER A 77 7.24 1.38 -7.00
CA SER A 77 8.56 1.36 -7.60
C SER A 77 9.24 2.71 -7.43
N GLN A 78 10.57 2.73 -7.54
CA GLN A 78 11.35 3.94 -7.28
C GLN A 78 11.04 4.43 -5.88
N CYS A 79 11.40 3.63 -4.91
CA CYS A 79 11.09 3.87 -3.53
C CYS A 79 12.15 3.21 -2.72
N SER A 80 12.84 4.03 -1.99
CA SER A 80 13.99 3.58 -1.28
C SER A 80 14.22 4.48 -0.09
N LEU A 81 15.45 4.93 0.08
CA LEU A 81 15.80 5.83 1.17
C LEU A 81 15.30 7.26 0.93
N ALA A 82 14.02 7.39 0.59
CA ALA A 82 13.40 8.68 0.33
C ALA A 82 11.88 8.59 0.51
N ASP A 83 11.26 7.60 -0.12
CA ASP A 83 9.82 7.38 0.01
C ASP A 83 9.48 6.83 1.39
N ASP A 84 10.53 6.54 2.17
CA ASP A 84 10.39 6.06 3.55
C ASP A 84 9.57 7.06 4.37
N ALA A 85 8.46 6.58 4.93
CA ALA A 85 7.57 7.38 5.77
C ALA A 85 6.34 6.57 6.17
N ALA A 86 5.20 6.81 5.52
CA ALA A 86 3.99 6.02 5.76
C ALA A 86 3.11 5.98 4.51
N TYR A 87 2.58 4.80 4.20
CA TYR A 87 1.60 4.65 3.12
C TYR A 87 0.34 3.96 3.64
N GLN A 88 -0.79 4.62 3.51
CA GLN A 88 -2.09 4.07 3.91
C GLN A 88 -2.69 3.28 2.75
N CYS A 89 -3.76 2.54 3.04
CA CYS A 89 -4.45 1.77 2.02
C CYS A 89 -5.91 2.12 1.98
N VAL A 90 -6.46 2.23 0.77
CA VAL A 90 -7.73 2.88 0.64
C VAL A 90 -8.64 2.25 -0.42
N VAL A 91 -9.87 1.98 0.01
CA VAL A 91 -10.89 1.43 -0.86
C VAL A 91 -12.24 2.05 -0.46
N GLY A 92 -12.83 2.79 -1.39
CA GLY A 92 -14.06 3.50 -1.08
C GLY A 92 -13.83 4.64 -0.11
N GLY A 93 -12.74 5.39 -0.31
CA GLY A 93 -12.43 6.52 0.54
C GLY A 93 -11.74 6.14 1.83
N GLU A 94 -12.04 4.95 2.34
CA GLU A 94 -11.48 4.48 3.59
C GLU A 94 -9.97 4.28 3.48
N LYS A 95 -9.18 4.85 4.40
CA LYS A 95 -7.72 4.67 4.41
C LYS A 95 -7.21 4.08 5.74
N CYS A 96 -6.30 3.11 5.62
CA CYS A 96 -5.64 2.47 6.76
C CYS A 96 -4.16 2.78 6.72
N SER A 97 -3.65 3.40 7.76
CA SER A 97 -2.27 3.85 7.74
C SER A 97 -1.30 2.73 8.07
N THR A 98 -0.20 2.73 7.33
CA THR A 98 0.87 1.80 7.57
C THR A 98 2.19 2.48 7.28
N GLU A 99 3.13 2.37 8.22
CA GLU A 99 4.36 3.10 8.09
C GLU A 99 5.25 2.43 7.06
N LEU A 100 5.99 3.23 6.32
CA LEU A 100 6.81 2.72 5.25
C LEU A 100 8.28 2.92 5.59
N PHE A 101 8.96 1.82 5.84
CA PHE A 101 10.38 1.85 6.13
C PHE A 101 11.13 1.22 4.97
N VAL A 102 12.32 1.69 4.70
CA VAL A 102 13.08 1.16 3.60
C VAL A 102 14.34 0.42 4.07
N LYS A 103 14.52 -0.79 3.55
CA LYS A 103 15.72 -1.56 3.75
C LYS A 103 16.70 -1.22 2.64
N GLU A 104 17.92 -0.88 3.00
CA GLU A 104 18.94 -0.51 2.03
C GLU A 104 19.38 -1.72 1.20
N ASP A 11 -9.07 9.18 10.95
CA ASP A 11 -8.51 8.41 12.08
C ASP A 11 -8.10 7.01 11.62
N GLU A 12 -7.32 6.96 10.55
CA GLU A 12 -6.94 5.69 9.95
C GLU A 12 -6.22 4.79 10.94
N LYS A 13 -6.69 3.55 11.02
CA LYS A 13 -6.07 2.52 11.82
C LYS A 13 -6.36 1.19 11.14
N LYS A 14 -7.19 0.35 11.74
CA LYS A 14 -7.70 -0.79 11.00
C LYS A 14 -9.17 -0.60 10.64
N SER A 15 -9.43 -0.63 9.35
CA SER A 15 -10.76 -0.49 8.77
C SER A 15 -10.69 -0.93 7.31
N THR A 16 -11.19 -0.08 6.40
CA THR A 16 -11.10 -0.28 4.94
C THR A 16 -11.65 -1.62 4.48
N ALA A 17 -11.69 -1.80 3.17
CA ALA A 17 -12.14 -3.05 2.56
C ALA A 17 -11.00 -4.06 2.57
N PHE A 18 -9.95 -3.74 3.28
CA PHE A 18 -8.83 -4.63 3.41
C PHE A 18 -9.05 -5.49 4.62
N GLN A 19 -9.39 -6.74 4.36
CA GLN A 19 -9.65 -7.73 5.39
C GLN A 19 -8.56 -7.67 6.45
N LYS A 20 -7.35 -7.78 5.97
CA LYS A 20 -6.19 -7.54 6.79
C LYS A 20 -5.17 -6.72 6.00
N LYS A 21 -4.76 -5.59 6.53
CA LYS A 21 -3.64 -4.86 5.95
C LYS A 21 -2.37 -5.34 6.62
N LEU A 22 -1.29 -5.45 5.84
CA LEU A 22 -0.03 -5.95 6.36
C LEU A 22 0.46 -5.08 7.52
N GLU A 23 1.43 -5.60 8.28
CA GLU A 23 1.96 -4.93 9.47
C GLU A 23 2.25 -3.46 9.21
N PRO A 24 1.98 -2.59 10.21
CA PRO A 24 2.14 -1.13 10.08
C PRO A 24 3.60 -0.69 9.91
N ALA A 25 4.39 -1.53 9.26
CA ALA A 25 5.76 -1.19 8.92
C ALA A 25 6.20 -1.95 7.68
N TYR A 26 5.87 -1.40 6.53
CA TYR A 26 6.31 -1.97 5.27
C TYR A 26 7.76 -1.59 5.05
N GLN A 27 8.57 -2.51 4.57
CA GLN A 27 9.99 -2.26 4.37
C GLN A 27 10.36 -2.46 2.91
N VAL A 28 10.71 -1.37 2.23
CA VAL A 28 11.08 -1.45 0.82
C VAL A 28 12.43 -2.13 0.68
N SER A 29 12.48 -3.13 -0.16
CA SER A 29 13.78 -3.55 -0.64
C SER A 29 14.18 -2.54 -1.70
N LYS A 30 15.03 -1.60 -1.31
CA LYS A 30 15.25 -0.38 -2.09
C LYS A 30 15.40 -0.66 -3.58
N GLY A 31 14.56 0.00 -4.38
CA GLY A 31 14.62 -0.16 -5.82
C GLY A 31 14.11 -1.50 -6.31
N HIS A 32 13.88 -2.41 -5.37
CA HIS A 32 13.36 -3.73 -5.70
C HIS A 32 11.85 -3.66 -5.84
N LYS A 33 11.34 -2.45 -5.63
CA LYS A 33 9.91 -2.16 -5.72
C LYS A 33 9.16 -2.80 -4.55
N ILE A 34 8.73 -2.00 -3.57
CA ILE A 34 8.05 -2.59 -2.44
C ILE A 34 6.56 -2.78 -2.73
N ARG A 35 6.07 -3.95 -2.37
CA ARG A 35 4.68 -4.29 -2.57
C ARG A 35 3.85 -3.99 -1.33
N LEU A 36 2.70 -3.35 -1.50
CA LEU A 36 1.84 -3.10 -0.37
C LEU A 36 0.82 -4.21 -0.32
N THR A 37 1.16 -5.26 0.42
CA THR A 37 0.36 -6.46 0.43
C THR A 37 -0.65 -6.42 1.56
N VAL A 38 -1.85 -6.87 1.23
CA VAL A 38 -2.99 -6.83 2.14
C VAL A 38 -3.91 -7.99 1.81
N GLU A 39 -4.64 -8.46 2.79
CA GLU A 39 -5.66 -9.44 2.51
C GLU A 39 -6.95 -8.68 2.30
N LEU A 40 -7.42 -8.65 1.07
CA LEU A 40 -8.57 -7.83 0.74
C LEU A 40 -9.86 -8.52 1.18
N ALA A 41 -10.85 -7.71 1.49
CA ALA A 41 -12.19 -8.21 1.75
C ALA A 41 -12.95 -8.26 0.43
N ASP A 42 -12.66 -7.27 -0.40
CA ASP A 42 -13.26 -7.12 -1.72
C ASP A 42 -12.67 -8.11 -2.71
N HIS A 43 -11.35 -8.28 -2.62
CA HIS A 43 -10.58 -9.18 -3.48
C HIS A 43 -10.41 -8.60 -4.89
N ASP A 44 -11.48 -8.59 -5.66
CA ASP A 44 -11.43 -8.15 -7.05
C ASP A 44 -11.82 -6.69 -7.18
N ALA A 45 -11.34 -5.90 -6.25
CA ALA A 45 -11.57 -4.47 -6.26
C ALA A 45 -10.28 -3.73 -6.48
N GLU A 46 -10.32 -2.69 -7.31
CA GLU A 46 -9.15 -1.86 -7.54
C GLU A 46 -8.87 -1.05 -6.29
N VAL A 47 -7.70 -1.25 -5.72
CA VAL A 47 -7.34 -0.58 -4.49
C VAL A 47 -6.55 0.70 -4.77
N LYS A 48 -6.91 1.76 -4.08
CA LYS A 48 -6.16 3.00 -4.15
C LYS A 48 -5.43 3.16 -2.83
N TRP A 49 -4.30 3.82 -2.82
CA TRP A 49 -3.50 3.81 -1.61
C TRP A 49 -3.16 5.23 -1.22
N LEU A 50 -2.67 5.39 -0.03
CA LEU A 50 -2.48 6.71 0.51
C LEU A 50 -1.05 6.85 1.00
N LYS A 51 -0.43 7.97 0.73
CA LYS A 51 0.83 8.28 1.37
C LYS A 51 0.49 9.10 2.60
N ASN A 52 1.28 9.00 3.66
CA ASN A 52 0.92 9.65 4.92
C ASN A 52 0.38 11.06 4.67
N GLY A 53 -0.94 11.20 4.83
CA GLY A 53 -1.63 12.44 4.50
C GLY A 53 -1.95 12.61 3.01
N GLN A 54 -1.01 12.27 2.13
CA GLN A 54 -1.16 12.52 0.68
C GLN A 54 -1.82 11.33 -0.01
N GLU A 55 -2.71 11.57 -0.95
CA GLU A 55 -3.43 10.46 -1.58
C GLU A 55 -2.63 9.81 -2.70
N ILE A 56 -2.66 8.48 -2.73
CA ILE A 56 -1.87 7.71 -3.67
C ILE A 56 -2.77 6.97 -4.69
N GLN A 57 -2.63 7.37 -5.95
CA GLN A 57 -3.46 6.81 -7.02
C GLN A 57 -2.95 5.42 -7.43
N MET A 58 -2.84 5.21 -8.74
CA MET A 58 -2.34 3.95 -9.28
C MET A 58 -1.71 4.22 -10.64
N SER A 59 -0.63 3.52 -10.94
CA SER A 59 0.17 3.82 -12.12
C SER A 59 1.01 2.62 -12.51
N GLY A 60 1.53 2.64 -13.73
CA GLY A 60 2.33 1.54 -14.23
C GLY A 60 3.80 1.68 -13.87
N SER A 61 4.07 2.24 -12.71
CA SER A 61 5.44 2.37 -12.22
C SER A 61 5.42 2.52 -10.70
N LYS A 62 4.99 3.67 -10.23
CA LYS A 62 4.74 3.83 -8.81
C LYS A 62 3.26 3.58 -8.56
N TYR A 63 2.92 3.02 -7.38
CA TYR A 63 1.53 2.71 -7.05
C TYR A 63 0.94 1.71 -8.06
N ILE A 64 1.62 0.60 -8.27
CA ILE A 64 1.17 -0.43 -9.18
C ILE A 64 0.16 -1.36 -8.48
N PHE A 65 -1.03 -1.52 -9.03
CA PHE A 65 -2.00 -2.43 -8.42
C PHE A 65 -1.72 -3.87 -8.86
N GLU A 66 -1.77 -4.79 -7.90
CA GLU A 66 -1.44 -6.20 -8.15
C GLU A 66 -2.25 -7.10 -7.24
N SER A 67 -2.91 -8.09 -7.82
CA SER A 67 -3.76 -9.00 -7.06
C SER A 67 -3.02 -10.32 -6.79
N ILE A 68 -3.08 -10.78 -5.55
CA ILE A 68 -2.48 -12.07 -5.20
C ILE A 68 -3.46 -12.91 -4.39
N GLY A 69 -4.23 -13.75 -5.09
CA GLY A 69 -5.18 -14.64 -4.44
C GLY A 69 -6.04 -13.92 -3.40
N ALA A 70 -6.71 -12.86 -3.85
CA ALA A 70 -7.49 -11.96 -2.98
C ALA A 70 -6.58 -10.99 -2.24
N LYS A 71 -5.42 -11.47 -1.80
CA LYS A 71 -4.48 -10.61 -1.13
C LYS A 71 -3.99 -9.56 -2.12
N ARG A 72 -4.43 -8.34 -1.88
CA ARG A 72 -4.14 -7.25 -2.77
C ARG A 72 -2.78 -6.65 -2.46
N THR A 73 -2.10 -6.23 -3.49
CA THR A 73 -0.79 -5.66 -3.35
C THR A 73 -0.64 -4.40 -4.20
N LEU A 74 -0.05 -3.37 -3.60
CA LEU A 74 0.34 -2.20 -4.38
C LEU A 74 1.85 -2.18 -4.56
N THR A 75 2.31 -2.42 -5.77
CA THR A 75 3.73 -2.38 -6.04
C THR A 75 4.21 -0.94 -6.19
N ILE A 76 5.05 -0.52 -5.28
CA ILE A 76 5.65 0.80 -5.34
C ILE A 76 7.08 0.67 -5.88
N SER A 77 7.26 1.18 -7.10
CA SER A 77 8.52 1.04 -7.81
C SER A 77 9.24 2.37 -7.86
N GLN A 78 10.55 2.33 -8.07
CA GLN A 78 11.36 3.55 -8.10
C GLN A 78 11.22 4.27 -6.78
N CYS A 79 11.43 3.54 -5.71
CA CYS A 79 11.22 4.03 -4.38
C CYS A 79 12.14 3.26 -3.49
N SER A 80 13.01 4.00 -2.86
CA SER A 80 14.05 3.42 -2.08
C SER A 80 14.35 4.35 -0.93
N LEU A 81 15.58 4.84 -0.84
CA LEU A 81 15.94 5.79 0.21
C LEU A 81 15.34 7.17 -0.05
N ALA A 82 14.03 7.20 -0.28
CA ALA A 82 13.32 8.44 -0.60
C ALA A 82 11.84 8.31 -0.28
N ASP A 83 11.24 7.17 -0.64
CA ASP A 83 9.81 6.97 -0.41
C ASP A 83 9.51 6.69 1.05
N ASP A 84 10.57 6.39 1.83
CA ASP A 84 10.46 6.09 3.26
C ASP A 84 9.48 7.06 3.95
N ALA A 85 8.27 6.55 4.20
CA ALA A 85 7.16 7.33 4.75
C ALA A 85 5.92 6.45 4.78
N ALA A 86 4.98 6.74 5.67
CA ALA A 86 3.83 5.86 5.88
C ALA A 86 2.92 5.82 4.64
N TYR A 87 2.42 4.62 4.30
CA TYR A 87 1.46 4.47 3.20
C TYR A 87 0.17 3.78 3.69
N GLN A 88 -0.91 4.54 3.68
CA GLN A 88 -2.23 4.02 4.00
C GLN A 88 -2.84 3.28 2.81
N CYS A 89 -3.93 2.56 3.05
CA CYS A 89 -4.62 1.82 2.00
C CYS A 89 -6.05 2.25 1.88
N VAL A 90 -6.55 2.36 0.65
CA VAL A 90 -7.83 3.02 0.46
C VAL A 90 -8.68 2.41 -0.66
N VAL A 91 -9.96 2.27 -0.37
CA VAL A 91 -10.92 1.79 -1.34
C VAL A 91 -12.18 2.64 -1.27
N GLY A 92 -12.49 3.32 -2.38
CA GLY A 92 -13.60 4.25 -2.41
C GLY A 92 -13.27 5.55 -1.70
N GLY A 93 -12.96 5.44 -0.43
CA GLY A 93 -12.59 6.60 0.37
C GLY A 93 -12.34 6.23 1.81
N GLU A 94 -11.78 5.04 2.00
CA GLU A 94 -11.47 4.53 3.32
C GLU A 94 -9.98 4.26 3.38
N LYS A 95 -9.27 4.84 4.34
CA LYS A 95 -7.82 4.65 4.41
C LYS A 95 -7.37 4.07 5.74
N CYS A 96 -6.42 3.13 5.66
CA CYS A 96 -5.81 2.52 6.84
C CYS A 96 -4.31 2.71 6.77
N SER A 97 -3.75 3.30 7.82
CA SER A 97 -2.36 3.71 7.80
C SER A 97 -1.41 2.58 8.12
N THR A 98 -0.29 2.60 7.41
CA THR A 98 0.80 1.69 7.66
C THR A 98 2.11 2.44 7.44
N GLU A 99 3.06 2.27 8.33
CA GLU A 99 4.32 2.96 8.20
C GLU A 99 5.19 2.24 7.20
N LEU A 100 5.96 2.99 6.44
CA LEU A 100 6.76 2.40 5.39
C LEU A 100 8.19 2.93 5.46
N PHE A 101 9.12 1.99 5.57
CA PHE A 101 10.54 2.28 5.67
C PHE A 101 11.27 1.51 4.58
N VAL A 102 12.35 2.06 4.07
CA VAL A 102 13.08 1.39 3.01
C VAL A 102 14.34 0.68 3.54
N LYS A 103 14.53 -0.55 3.08
CA LYS A 103 15.73 -1.29 3.37
C LYS A 103 16.70 -1.16 2.19
N GLU A 104 17.91 -0.69 2.47
CA GLU A 104 18.92 -0.52 1.44
C GLU A 104 19.39 -1.88 0.95
N ASP A 11 -9.46 9.59 9.79
CA ASP A 11 -9.71 8.26 10.39
C ASP A 11 -8.88 7.17 9.72
N GLU A 12 -7.63 7.46 9.39
CA GLU A 12 -6.78 6.45 8.75
C GLU A 12 -6.28 5.46 9.80
N LYS A 13 -6.68 4.21 9.63
CA LYS A 13 -6.37 3.12 10.53
C LYS A 13 -7.07 1.90 9.97
N LYS A 14 -6.62 0.71 10.32
CA LYS A 14 -7.16 -0.48 9.66
C LYS A 14 -8.66 -0.60 9.88
N SER A 15 -9.34 -0.77 8.76
CA SER A 15 -10.79 -0.91 8.72
C SER A 15 -11.13 -1.19 7.27
N THR A 16 -11.55 -0.13 6.57
CA THR A 16 -11.57 -0.12 5.11
C THR A 16 -12.17 -1.39 4.52
N ALA A 17 -11.56 -1.89 3.47
CA ALA A 17 -11.99 -3.12 2.85
C ALA A 17 -10.82 -4.08 2.69
N PHE A 18 -9.80 -3.89 3.50
CA PHE A 18 -8.69 -4.82 3.51
C PHE A 18 -8.90 -5.76 4.68
N GLN A 19 -9.29 -6.98 4.36
CA GLN A 19 -9.51 -8.03 5.34
C GLN A 19 -8.37 -8.03 6.32
N LYS A 20 -7.18 -8.06 5.75
CA LYS A 20 -5.97 -7.85 6.50
C LYS A 20 -5.05 -6.89 5.75
N LYS A 21 -4.66 -5.80 6.39
CA LYS A 21 -3.59 -4.98 5.87
C LYS A 21 -2.32 -5.37 6.59
N LEU A 22 -1.22 -5.36 5.87
CA LEU A 22 0.06 -5.77 6.41
C LEU A 22 0.43 -4.92 7.64
N GLU A 23 1.44 -5.35 8.38
CA GLU A 23 1.89 -4.62 9.58
C GLU A 23 2.04 -3.12 9.30
N PRO A 24 1.81 -2.26 10.32
CA PRO A 24 1.89 -0.80 10.16
C PRO A 24 3.32 -0.30 9.92
N ALA A 25 4.12 -1.11 9.24
CA ALA A 25 5.44 -0.72 8.83
C ALA A 25 5.90 -1.60 7.68
N TYR A 26 5.60 -1.17 6.47
CA TYR A 26 6.03 -1.88 5.28
C TYR A 26 7.50 -1.54 5.03
N GLN A 27 8.32 -2.56 4.81
CA GLN A 27 9.74 -2.36 4.65
C GLN A 27 10.18 -2.57 3.20
N VAL A 28 10.46 -1.48 2.51
CA VAL A 28 10.93 -1.54 1.13
C VAL A 28 12.23 -2.30 1.05
N SER A 29 12.34 -3.16 0.07
CA SER A 29 13.65 -3.63 -0.30
C SER A 29 14.18 -2.62 -1.32
N LYS A 30 15.07 -1.75 -0.87
CA LYS A 30 15.42 -0.55 -1.63
C LYS A 30 15.69 -0.86 -3.10
N GLY A 31 14.97 -0.19 -3.96
CA GLY A 31 15.17 -0.34 -5.39
C GLY A 31 14.57 -1.62 -5.94
N HIS A 32 13.98 -2.41 -5.07
CA HIS A 32 13.30 -3.64 -5.50
C HIS A 32 11.86 -3.33 -5.82
N LYS A 33 11.44 -2.12 -5.42
CA LYS A 33 10.05 -1.66 -5.54
C LYS A 33 9.20 -2.38 -4.50
N ILE A 34 8.74 -1.66 -3.49
CA ILE A 34 8.05 -2.32 -2.39
C ILE A 34 6.57 -2.51 -2.68
N ARG A 35 6.10 -3.73 -2.43
CA ARG A 35 4.73 -4.13 -2.67
C ARG A 35 3.90 -4.00 -1.40
N LEU A 36 2.69 -3.44 -1.51
CA LEU A 36 1.84 -3.31 -0.35
C LEU A 36 0.85 -4.45 -0.37
N THR A 37 1.21 -5.53 0.30
CA THR A 37 0.43 -6.75 0.24
C THR A 37 -0.65 -6.76 1.31
N VAL A 38 -1.87 -7.01 0.89
CA VAL A 38 -3.01 -7.01 1.79
C VAL A 38 -3.94 -8.16 1.46
N GLU A 39 -4.62 -8.67 2.44
CA GLU A 39 -5.68 -9.62 2.18
C GLU A 39 -6.96 -8.83 2.07
N LEU A 40 -7.49 -8.71 0.86
CA LEU A 40 -8.64 -7.86 0.64
C LEU A 40 -9.90 -8.48 1.20
N ALA A 41 -10.83 -7.63 1.60
CA ALA A 41 -12.16 -8.07 1.97
C ALA A 41 -13.02 -8.09 0.72
N ASP A 42 -12.74 -7.14 -0.17
CA ASP A 42 -13.41 -7.04 -1.46
C ASP A 42 -12.99 -8.16 -2.38
N HIS A 43 -11.68 -8.47 -2.34
CA HIS A 43 -11.08 -9.52 -3.17
C HIS A 43 -10.86 -9.05 -4.60
N ASP A 44 -11.91 -8.51 -5.22
CA ASP A 44 -11.85 -8.06 -6.60
C ASP A 44 -12.29 -6.62 -6.71
N ALA A 45 -11.53 -5.75 -6.08
CA ALA A 45 -11.79 -4.32 -6.13
C ALA A 45 -10.51 -3.57 -6.36
N GLU A 46 -10.60 -2.46 -7.10
CA GLU A 46 -9.44 -1.63 -7.31
C GLU A 46 -9.06 -0.95 -6.01
N VAL A 47 -7.85 -1.21 -5.55
CA VAL A 47 -7.40 -0.65 -4.30
C VAL A 47 -6.67 0.64 -4.52
N LYS A 48 -7.04 1.63 -3.75
CA LYS A 48 -6.40 2.92 -3.79
C LYS A 48 -5.46 3.01 -2.60
N TRP A 49 -4.36 3.69 -2.73
CA TRP A 49 -3.42 3.67 -1.64
C TRP A 49 -3.06 5.10 -1.28
N LEU A 50 -2.45 5.28 -0.16
CA LEU A 50 -2.30 6.60 0.40
C LEU A 50 -0.86 6.79 0.86
N LYS A 51 -0.26 7.90 0.54
CA LYS A 51 0.99 8.27 1.18
C LYS A 51 0.61 9.16 2.35
N ASN A 52 1.37 9.13 3.45
CA ASN A 52 0.92 9.81 4.66
C ASN A 52 0.40 11.22 4.33
N GLY A 53 -0.92 11.36 4.42
CA GLY A 53 -1.57 12.58 3.99
C GLY A 53 -1.87 12.64 2.49
N GLN A 54 -0.91 12.25 1.66
CA GLN A 54 -1.07 12.36 0.21
C GLN A 54 -1.84 11.16 -0.36
N GLU A 55 -2.83 11.43 -1.20
CA GLU A 55 -3.61 10.35 -1.78
C GLU A 55 -2.89 9.67 -2.95
N ILE A 56 -2.88 8.34 -2.92
CA ILE A 56 -2.13 7.55 -3.88
C ILE A 56 -3.06 6.71 -4.78
N GLN A 57 -3.00 6.98 -6.08
CA GLN A 57 -3.82 6.26 -7.04
C GLN A 57 -3.09 5.04 -7.59
N MET A 58 -2.97 4.96 -8.91
CA MET A 58 -2.37 3.80 -9.56
C MET A 58 -1.60 4.23 -10.79
N SER A 59 -0.49 3.54 -11.06
CA SER A 59 0.38 3.89 -12.17
C SER A 59 1.32 2.73 -12.52
N GLY A 60 2.02 2.85 -13.63
CA GLY A 60 2.88 1.79 -14.11
C GLY A 60 4.23 1.75 -13.41
N SER A 61 4.78 2.92 -13.09
CA SER A 61 6.11 2.98 -12.49
C SER A 61 6.04 3.47 -11.04
N LYS A 62 4.89 3.26 -10.42
CA LYS A 62 4.65 3.58 -9.02
C LYS A 62 3.18 3.35 -8.72
N TYR A 63 2.84 2.99 -7.48
CA TYR A 63 1.45 2.72 -7.13
C TYR A 63 0.87 1.66 -8.06
N ILE A 64 1.62 0.60 -8.27
CA ILE A 64 1.24 -0.46 -9.19
C ILE A 64 0.30 -1.44 -8.52
N PHE A 65 -0.92 -1.55 -9.00
CA PHE A 65 -1.88 -2.47 -8.40
C PHE A 65 -1.66 -3.89 -8.91
N GLU A 66 -1.76 -4.87 -8.01
CA GLU A 66 -1.60 -6.28 -8.36
C GLU A 66 -2.50 -7.14 -7.49
N SER A 67 -3.17 -8.10 -8.09
CA SER A 67 -4.13 -8.94 -7.40
C SER A 67 -3.61 -10.37 -7.26
N ILE A 68 -3.61 -10.90 -6.05
CA ILE A 68 -3.19 -12.27 -5.81
C ILE A 68 -4.20 -13.01 -4.93
N GLY A 69 -5.14 -13.70 -5.57
CA GLY A 69 -6.14 -14.47 -4.85
C GLY A 69 -6.80 -13.69 -3.74
N ALA A 70 -7.44 -12.58 -4.11
CA ALA A 70 -8.00 -11.61 -3.16
C ALA A 70 -6.92 -10.74 -2.57
N LYS A 71 -5.79 -11.33 -2.22
CA LYS A 71 -4.72 -10.58 -1.60
C LYS A 71 -4.20 -9.55 -2.59
N ARG A 72 -4.49 -8.31 -2.29
CA ARG A 72 -4.18 -7.22 -3.17
C ARG A 72 -2.83 -6.63 -2.82
N THR A 73 -2.13 -6.18 -3.82
CA THR A 73 -0.78 -5.70 -3.63
C THR A 73 -0.56 -4.38 -4.37
N LEU A 74 0.04 -3.43 -3.65
CA LEU A 74 0.43 -2.17 -4.26
C LEU A 74 1.95 -2.15 -4.47
N THR A 75 2.39 -2.38 -5.69
CA THR A 75 3.79 -2.32 -5.99
C THR A 75 4.24 -0.88 -6.20
N ILE A 76 5.01 -0.37 -5.27
CA ILE A 76 5.49 0.99 -5.37
C ILE A 76 6.95 0.99 -5.83
N SER A 77 7.20 1.66 -6.94
CA SER A 77 8.50 1.65 -7.58
C SER A 77 9.21 2.97 -7.31
N GLN A 78 10.55 2.92 -7.29
CA GLN A 78 11.37 4.10 -7.01
C GLN A 78 11.02 4.64 -5.64
N CYS A 79 11.42 3.90 -4.62
CA CYS A 79 10.95 4.15 -3.27
C CYS A 79 11.97 3.67 -2.26
N SER A 80 13.23 3.83 -2.60
CA SER A 80 14.27 3.29 -1.77
C SER A 80 14.55 4.22 -0.57
N LEU A 81 15.82 4.47 -0.29
CA LEU A 81 16.23 5.29 0.86
C LEU A 81 15.91 6.77 0.64
N ALA A 82 14.62 7.08 0.47
CA ALA A 82 14.19 8.45 0.24
C ALA A 82 12.67 8.56 0.36
N ASP A 83 11.96 7.60 -0.20
CA ASP A 83 10.50 7.61 -0.18
C ASP A 83 9.96 7.15 1.17
N ASP A 84 10.84 6.54 1.97
CA ASP A 84 10.49 6.03 3.29
C ASP A 84 9.70 7.06 4.09
N ALA A 85 8.54 6.63 4.59
CA ALA A 85 7.59 7.51 5.25
C ALA A 85 6.43 6.70 5.82
N ALA A 86 5.25 6.89 5.24
CA ALA A 86 4.09 6.08 5.59
C ALA A 86 3.15 5.97 4.40
N TYR A 87 2.60 4.79 4.17
CA TYR A 87 1.58 4.60 3.14
C TYR A 87 0.32 3.99 3.76
N GLN A 88 -0.77 4.74 3.74
CA GLN A 88 -2.06 4.19 4.10
C GLN A 88 -2.60 3.41 2.92
N CYS A 89 -3.50 2.50 3.22
CA CYS A 89 -4.04 1.61 2.22
C CYS A 89 -5.54 1.77 2.17
N VAL A 90 -6.11 1.90 0.97
CA VAL A 90 -7.45 2.47 0.90
C VAL A 90 -8.34 1.86 -0.20
N VAL A 91 -9.64 1.88 0.04
CA VAL A 91 -10.60 1.42 -0.94
C VAL A 91 -11.74 2.43 -1.06
N GLY A 92 -11.84 3.06 -2.23
CA GLY A 92 -12.82 4.10 -2.46
C GLY A 92 -12.46 5.41 -1.77
N GLY A 93 -12.09 5.32 -0.51
CA GLY A 93 -11.74 6.49 0.28
C GLY A 93 -11.19 6.11 1.64
N GLU A 94 -11.73 5.03 2.19
CA GLU A 94 -11.29 4.51 3.48
C GLU A 94 -9.82 4.10 3.43
N LYS A 95 -9.01 4.69 4.32
CA LYS A 95 -7.57 4.41 4.36
C LYS A 95 -7.14 3.83 5.71
N CYS A 96 -6.22 2.88 5.65
CA CYS A 96 -5.62 2.28 6.84
C CYS A 96 -4.16 2.66 6.85
N SER A 97 -3.74 3.34 7.91
CA SER A 97 -2.41 3.92 7.93
C SER A 97 -1.34 2.89 8.26
N THR A 98 -0.25 2.97 7.52
CA THR A 98 0.84 2.05 7.68
C THR A 98 2.15 2.75 7.36
N GLU A 99 3.12 2.62 8.24
CA GLU A 99 4.39 3.31 8.07
C GLU A 99 5.23 2.59 7.03
N LEU A 100 6.05 3.35 6.32
CA LEU A 100 6.85 2.80 5.25
C LEU A 100 8.33 3.02 5.52
N PHE A 101 9.02 1.93 5.81
CA PHE A 101 10.45 1.98 6.03
C PHE A 101 11.15 1.30 4.87
N VAL A 102 12.34 1.76 4.54
CA VAL A 102 13.08 1.15 3.44
C VAL A 102 14.36 0.48 3.95
N LYS A 103 14.63 -0.71 3.43
CA LYS A 103 15.83 -1.43 3.78
C LYS A 103 16.79 -1.38 2.61
N GLU A 104 18.04 -1.01 2.89
CA GLU A 104 19.06 -0.92 1.87
C GLU A 104 19.43 -2.31 1.36
N ASP A 11 -5.07 8.65 12.97
CA ASP A 11 -4.71 7.31 13.52
C ASP A 11 -5.58 6.22 12.91
N GLU A 12 -5.66 6.20 11.58
CA GLU A 12 -6.39 5.13 10.90
C GLU A 12 -5.57 3.85 10.94
N LYS A 13 -6.09 2.81 11.57
CA LYS A 13 -5.36 1.57 11.70
C LYS A 13 -6.07 0.49 10.90
N LYS A 14 -7.19 0.04 11.45
CA LYS A 14 -8.10 -0.83 10.70
C LYS A 14 -9.38 -0.04 10.38
N SER A 15 -9.93 -0.25 9.19
CA SER A 15 -11.10 0.51 8.73
C SER A 15 -11.48 0.08 7.34
N THR A 16 -10.50 0.13 6.47
CA THR A 16 -10.64 -0.17 5.06
C THR A 16 -11.22 -1.55 4.81
N ALA A 17 -11.72 -1.76 3.60
CA ALA A 17 -12.20 -3.07 3.21
C ALA A 17 -11.04 -4.02 2.91
N PHE A 18 -9.94 -3.85 3.63
CA PHE A 18 -8.86 -4.79 3.57
C PHE A 18 -9.01 -5.72 4.74
N GLN A 19 -9.35 -6.97 4.44
CA GLN A 19 -9.52 -8.01 5.44
C GLN A 19 -8.37 -7.96 6.41
N LYS A 20 -7.19 -7.97 5.83
CA LYS A 20 -5.99 -7.68 6.58
C LYS A 20 -5.09 -6.74 5.78
N LYS A 21 -4.74 -5.63 6.39
CA LYS A 21 -3.65 -4.80 5.88
C LYS A 21 -2.37 -5.31 6.51
N LEU A 22 -1.30 -5.45 5.73
CA LEU A 22 -0.04 -5.95 6.26
C LEU A 22 0.46 -5.08 7.40
N GLU A 23 1.40 -5.60 8.18
CA GLU A 23 1.93 -4.90 9.36
C GLU A 23 2.27 -3.44 9.02
N PRO A 24 1.94 -2.51 9.93
CA PRO A 24 2.15 -1.06 9.70
C PRO A 24 3.61 -0.66 9.65
N ALA A 25 4.41 -1.45 8.97
CA ALA A 25 5.79 -1.13 8.68
C ALA A 25 6.25 -1.90 7.47
N TYR A 26 5.91 -1.37 6.30
CA TYR A 26 6.32 -1.98 5.07
C TYR A 26 7.77 -1.58 4.83
N GLN A 27 8.64 -2.57 4.68
CA GLN A 27 10.06 -2.32 4.60
C GLN A 27 10.59 -2.54 3.19
N VAL A 28 10.76 -1.44 2.46
CA VAL A 28 11.20 -1.50 1.07
C VAL A 28 12.61 -2.03 0.97
N SER A 29 12.80 -2.93 0.06
CA SER A 29 14.15 -3.20 -0.40
C SER A 29 14.43 -2.15 -1.48
N LYS A 30 15.14 -1.12 -1.06
CA LYS A 30 15.23 0.12 -1.84
C LYS A 30 15.46 -0.12 -3.33
N GLY A 31 14.56 0.42 -4.14
CA GLY A 31 14.66 0.28 -5.58
C GLY A 31 14.33 -1.12 -6.06
N HIS A 32 14.17 -2.04 -5.12
CA HIS A 32 13.80 -3.40 -5.43
C HIS A 32 12.29 -3.52 -5.48
N LYS A 33 11.66 -2.34 -5.42
CA LYS A 33 10.19 -2.16 -5.45
C LYS A 33 9.48 -2.89 -4.32
N ILE A 34 8.88 -2.13 -3.42
CA ILE A 34 8.15 -2.72 -2.31
C ILE A 34 6.67 -2.90 -2.66
N ARG A 35 6.13 -4.07 -2.37
CA ARG A 35 4.73 -4.35 -2.62
C ARG A 35 3.90 -4.10 -1.35
N LEU A 36 2.78 -3.41 -1.48
CA LEU A 36 1.90 -3.24 -0.35
C LEU A 36 0.84 -4.31 -0.42
N THR A 37 1.13 -5.44 0.22
CA THR A 37 0.25 -6.59 0.13
C THR A 37 -0.78 -6.57 1.23
N VAL A 38 -1.99 -6.93 0.87
CA VAL A 38 -3.11 -6.94 1.80
C VAL A 38 -4.03 -8.09 1.48
N GLU A 39 -4.68 -8.60 2.51
CA GLU A 39 -5.73 -9.57 2.31
C GLU A 39 -7.01 -8.77 2.24
N LEU A 40 -7.59 -8.68 1.08
CA LEU A 40 -8.72 -7.80 0.89
C LEU A 40 -10.00 -8.42 1.38
N ALA A 41 -10.92 -7.58 1.82
CA ALA A 41 -12.29 -7.99 2.07
C ALA A 41 -13.03 -7.91 0.74
N ASP A 42 -12.50 -7.03 -0.11
CA ASP A 42 -13.03 -6.82 -1.44
C ASP A 42 -12.87 -8.07 -2.29
N HIS A 43 -11.68 -8.65 -2.23
CA HIS A 43 -11.34 -9.87 -2.97
C HIS A 43 -11.11 -9.58 -4.46
N ASP A 44 -11.88 -8.66 -5.03
CA ASP A 44 -11.80 -8.38 -6.46
C ASP A 44 -12.10 -6.92 -6.76
N ALA A 45 -11.50 -6.05 -5.99
CA ALA A 45 -11.64 -4.62 -6.19
C ALA A 45 -10.28 -3.96 -6.31
N GLU A 46 -10.23 -2.91 -7.12
CA GLU A 46 -8.99 -2.15 -7.26
C GLU A 46 -8.71 -1.40 -5.97
N VAL A 47 -7.54 -1.60 -5.42
CA VAL A 47 -7.18 -0.94 -4.19
C VAL A 47 -6.44 0.37 -4.47
N LYS A 48 -6.93 1.44 -3.88
CA LYS A 48 -6.27 2.73 -3.98
C LYS A 48 -5.46 2.92 -2.72
N TRP A 49 -4.39 3.67 -2.78
CA TRP A 49 -3.52 3.73 -1.63
C TRP A 49 -3.22 5.17 -1.27
N LEU A 50 -2.68 5.38 -0.11
CA LEU A 50 -2.52 6.70 0.41
C LEU A 50 -1.07 6.89 0.86
N LYS A 51 -0.46 8.00 0.49
CA LYS A 51 0.83 8.35 1.08
C LYS A 51 0.52 9.16 2.31
N ASN A 52 1.38 9.09 3.31
CA ASN A 52 1.13 9.79 4.57
C ASN A 52 0.59 11.19 4.30
N GLY A 53 -0.73 11.34 4.46
CA GLY A 53 -1.41 12.58 4.12
C GLY A 53 -1.78 12.69 2.63
N GLN A 54 -0.87 12.28 1.75
CA GLN A 54 -1.11 12.39 0.30
C GLN A 54 -1.96 11.23 -0.22
N GLU A 55 -2.78 11.49 -1.22
CA GLU A 55 -3.65 10.44 -1.75
C GLU A 55 -3.02 9.77 -2.97
N ILE A 56 -3.02 8.44 -2.95
CA ILE A 56 -2.29 7.64 -3.92
C ILE A 56 -3.23 6.84 -4.83
N GLN A 57 -3.15 7.13 -6.12
CA GLN A 57 -3.96 6.46 -7.11
C GLN A 57 -3.33 5.12 -7.51
N MET A 58 -3.02 4.98 -8.78
CA MET A 58 -2.42 3.75 -9.30
C MET A 58 -1.79 4.01 -10.66
N SER A 59 -0.59 3.48 -10.86
CA SER A 59 0.17 3.75 -12.07
C SER A 59 0.92 2.50 -12.52
N GLY A 60 1.98 2.67 -13.28
CA GLY A 60 2.74 1.54 -13.79
C GLY A 60 4.22 1.69 -13.54
N SER A 61 4.55 2.34 -12.43
CA SER A 61 5.93 2.52 -12.01
C SER A 61 5.95 2.73 -10.51
N LYS A 62 5.25 3.75 -10.09
CA LYS A 62 4.95 3.92 -8.69
C LYS A 62 3.49 3.59 -8.46
N TYR A 63 3.15 3.04 -7.31
CA TYR A 63 1.76 2.71 -7.00
C TYR A 63 1.19 1.74 -8.05
N ILE A 64 1.88 0.63 -8.25
CA ILE A 64 1.44 -0.36 -9.22
C ILE A 64 0.40 -1.29 -8.60
N PHE A 65 -0.74 -1.43 -9.24
CA PHE A 65 -1.79 -2.30 -8.73
C PHE A 65 -1.44 -3.77 -8.98
N GLU A 66 -1.64 -4.59 -7.96
CA GLU A 66 -1.32 -6.01 -8.02
C GLU A 66 -2.40 -6.80 -7.29
N SER A 67 -2.75 -7.95 -7.84
CA SER A 67 -3.84 -8.74 -7.32
C SER A 67 -3.45 -10.21 -7.22
N ILE A 68 -3.67 -10.79 -6.04
CA ILE A 68 -3.39 -12.22 -5.82
C ILE A 68 -4.58 -12.87 -5.13
N GLY A 69 -5.46 -13.46 -5.93
CA GLY A 69 -6.68 -14.02 -5.39
C GLY A 69 -7.52 -12.96 -4.71
N ALA A 70 -7.78 -13.16 -3.43
CA ALA A 70 -8.48 -12.16 -2.64
C ALA A 70 -7.52 -11.05 -2.22
N LYS A 71 -6.24 -11.39 -2.14
CA LYS A 71 -5.22 -10.45 -1.68
C LYS A 71 -4.92 -9.40 -2.74
N ARG A 72 -4.78 -8.16 -2.29
CA ARG A 72 -4.44 -7.06 -3.18
C ARG A 72 -3.13 -6.43 -2.77
N THR A 73 -2.41 -5.93 -3.76
CA THR A 73 -1.07 -5.45 -3.53
C THR A 73 -0.81 -4.14 -4.24
N LEU A 74 -0.15 -3.22 -3.57
CA LEU A 74 0.31 -2.00 -4.20
C LEU A 74 1.81 -2.13 -4.43
N THR A 75 2.21 -2.47 -5.62
CA THR A 75 3.62 -2.62 -5.92
C THR A 75 4.24 -1.26 -6.21
N ILE A 76 5.12 -0.81 -5.34
CA ILE A 76 5.70 0.49 -5.51
C ILE A 76 7.16 0.37 -5.92
N SER A 77 7.50 1.05 -7.01
CA SER A 77 8.85 0.98 -7.53
C SER A 77 9.46 2.36 -7.58
N GLN A 78 10.77 2.43 -7.35
CA GLN A 78 11.50 3.70 -7.28
C GLN A 78 10.94 4.55 -6.15
N CYS A 79 10.87 3.93 -4.99
CA CYS A 79 10.38 4.57 -3.78
C CYS A 79 11.25 4.09 -2.64
N SER A 80 12.52 4.34 -2.80
CA SER A 80 13.54 3.79 -1.96
C SER A 80 13.82 4.72 -0.78
N LEU A 81 15.11 5.04 -0.57
CA LEU A 81 15.53 5.90 0.53
C LEU A 81 15.09 7.36 0.30
N ALA A 82 13.80 7.57 0.19
CA ALA A 82 13.24 8.89 -0.08
C ALA A 82 11.76 8.93 0.30
N ASP A 83 11.04 7.89 -0.12
CA ASP A 83 9.60 7.79 0.18
C ASP A 83 9.38 7.20 1.57
N ASP A 84 10.48 6.93 2.27
CA ASP A 84 10.45 6.43 3.65
C ASP A 84 9.52 7.31 4.52
N ALA A 85 8.39 6.75 4.95
CA ALA A 85 7.39 7.50 5.70
C ALA A 85 6.25 6.58 6.15
N ALA A 86 5.03 6.79 5.63
CA ALA A 86 3.90 5.91 5.93
C ALA A 86 2.92 5.88 4.75
N TYR A 87 2.53 4.70 4.33
CA TYR A 87 1.55 4.57 3.25
C TYR A 87 0.27 3.89 3.74
N GLN A 88 -0.82 4.62 3.64
CA GLN A 88 -2.13 4.12 3.99
C GLN A 88 -2.75 3.34 2.84
N CYS A 89 -3.73 2.53 3.12
CA CYS A 89 -4.44 1.77 2.11
C CYS A 89 -5.89 2.18 2.04
N VAL A 90 -6.43 2.25 0.83
CA VAL A 90 -7.72 2.88 0.67
C VAL A 90 -8.58 2.23 -0.42
N VAL A 91 -9.86 2.10 -0.12
CA VAL A 91 -10.81 1.58 -1.10
C VAL A 91 -12.09 2.40 -1.02
N GLY A 92 -12.42 3.07 -2.13
CA GLY A 92 -13.60 3.93 -2.17
C GLY A 92 -13.40 5.25 -1.46
N GLY A 93 -12.77 5.20 -0.30
CA GLY A 93 -12.56 6.38 0.52
C GLY A 93 -11.88 6.05 1.83
N GLU A 94 -12.18 4.85 2.34
CA GLU A 94 -11.61 4.37 3.58
C GLU A 94 -10.09 4.25 3.45
N LYS A 95 -9.35 4.75 4.44
CA LYS A 95 -7.88 4.64 4.45
C LYS A 95 -7.36 4.13 5.78
N CYS A 96 -6.33 3.30 5.70
CA CYS A 96 -5.71 2.68 6.88
C CYS A 96 -4.21 2.82 6.78
N SER A 97 -3.61 3.44 7.79
CA SER A 97 -2.21 3.81 7.68
C SER A 97 -1.28 2.65 8.00
N THR A 98 -0.19 2.63 7.27
CA THR A 98 0.85 1.65 7.47
C THR A 98 2.19 2.34 7.27
N GLU A 99 3.11 2.21 8.21
CA GLU A 99 4.35 2.96 8.12
C GLU A 99 5.28 2.34 7.09
N LEU A 100 5.97 3.19 6.37
CA LEU A 100 6.82 2.76 5.29
C LEU A 100 8.28 3.02 5.63
N PHE A 101 9.01 1.93 5.82
CA PHE A 101 10.44 2.00 6.06
C PHE A 101 11.18 1.43 4.86
N VAL A 102 12.22 2.09 4.42
CA VAL A 102 12.98 1.60 3.29
C VAL A 102 14.37 1.16 3.70
N LYS A 103 14.80 0.03 3.16
CA LYS A 103 16.10 -0.53 3.45
C LYS A 103 16.98 -0.46 2.22
N GLU A 104 18.18 0.06 2.42
CA GLU A 104 19.14 0.16 1.34
C GLU A 104 19.53 -1.22 0.82
N ASP A 11 -4.32 8.92 11.91
CA ASP A 11 -4.95 7.98 12.88
C ASP A 11 -5.82 6.98 12.15
N GLU A 12 -5.29 6.44 11.06
CA GLU A 12 -6.07 5.58 10.20
C GLU A 12 -6.02 4.14 10.69
N LYS A 13 -7.17 3.60 11.04
CA LYS A 13 -7.28 2.24 11.50
C LYS A 13 -8.21 1.47 10.58
N LYS A 14 -8.50 0.22 10.91
CA LYS A 14 -9.35 -0.61 10.08
C LYS A 14 -10.68 0.04 9.78
N SER A 15 -10.99 0.06 8.50
CA SER A 15 -12.17 0.71 7.94
C SER A 15 -12.29 0.28 6.49
N THR A 16 -11.14 0.29 5.86
CA THR A 16 -10.98 -0.02 4.45
C THR A 16 -11.52 -1.40 4.11
N ALA A 17 -11.66 -1.64 2.82
CA ALA A 17 -12.07 -2.94 2.34
C ALA A 17 -10.91 -3.91 2.36
N PHE A 18 -9.93 -3.67 3.23
CA PHE A 18 -8.84 -4.60 3.40
C PHE A 18 -9.14 -5.44 4.62
N GLN A 19 -9.44 -6.69 4.36
CA GLN A 19 -9.73 -7.67 5.40
C GLN A 19 -8.64 -7.61 6.43
N LYS A 20 -7.43 -7.80 5.94
CA LYS A 20 -6.26 -7.63 6.73
C LYS A 20 -5.22 -6.83 5.93
N LYS A 21 -4.78 -5.73 6.49
CA LYS A 21 -3.65 -4.99 5.95
C LYS A 21 -2.37 -5.60 6.50
N LEU A 22 -1.31 -5.63 5.72
CA LEU A 22 -0.03 -6.13 6.21
C LEU A 22 0.47 -5.27 7.37
N GLU A 23 1.43 -5.78 8.12
CA GLU A 23 1.92 -5.10 9.32
C GLU A 23 2.20 -3.62 9.07
N PRO A 24 1.86 -2.75 10.04
CA PRO A 24 1.99 -1.29 9.91
C PRO A 24 3.44 -0.81 9.78
N ALA A 25 4.28 -1.61 9.16
CA ALA A 25 5.65 -1.22 8.85
C ALA A 25 6.12 -1.95 7.61
N TYR A 26 5.76 -1.41 6.46
CA TYR A 26 6.21 -1.96 5.20
C TYR A 26 7.66 -1.52 4.97
N GLN A 27 8.52 -2.45 4.58
CA GLN A 27 9.93 -2.14 4.43
C GLN A 27 10.38 -2.33 2.98
N VAL A 28 10.63 -1.21 2.32
CA VAL A 28 10.99 -1.19 0.91
C VAL A 28 12.36 -1.78 0.69
N SER A 29 12.46 -2.69 -0.27
CA SER A 29 13.74 -3.00 -0.82
C SER A 29 14.10 -1.86 -1.77
N LYS A 30 14.95 -0.97 -1.30
CA LYS A 30 15.14 0.34 -1.92
C LYS A 30 15.25 0.26 -3.45
N GLY A 31 14.32 0.95 -4.11
CA GLY A 31 14.30 0.99 -5.57
C GLY A 31 14.05 -0.35 -6.20
N HIS A 32 13.83 -1.38 -5.38
CA HIS A 32 13.51 -2.70 -5.88
C HIS A 32 12.01 -2.85 -5.93
N LYS A 33 11.33 -1.74 -5.63
CA LYS A 33 9.87 -1.65 -5.65
C LYS A 33 9.26 -2.41 -4.48
N ILE A 34 8.72 -1.67 -3.51
CA ILE A 34 8.06 -2.34 -2.39
C ILE A 34 6.59 -2.60 -2.72
N ARG A 35 6.18 -3.85 -2.53
CA ARG A 35 4.80 -4.26 -2.79
C ARG A 35 3.95 -4.09 -1.54
N LEU A 36 2.75 -3.50 -1.68
CA LEU A 36 1.88 -3.33 -0.54
C LEU A 36 0.82 -4.42 -0.57
N THR A 37 1.11 -5.51 0.11
CA THR A 37 0.23 -6.67 0.08
C THR A 37 -0.77 -6.62 1.24
N VAL A 38 -2.00 -7.01 0.94
CA VAL A 38 -3.09 -6.94 1.89
C VAL A 38 -4.06 -8.07 1.62
N GLU A 39 -4.74 -8.53 2.64
CA GLU A 39 -5.79 -9.50 2.45
C GLU A 39 -7.07 -8.71 2.27
N LEU A 40 -7.54 -8.62 1.05
CA LEU A 40 -8.67 -7.77 0.77
C LEU A 40 -9.95 -8.39 1.30
N ALA A 41 -10.89 -7.54 1.64
CA ALA A 41 -12.22 -7.97 2.04
C ALA A 41 -13.05 -8.13 0.78
N ASP A 42 -12.86 -7.19 -0.14
CA ASP A 42 -13.53 -7.19 -1.43
C ASP A 42 -12.98 -8.27 -2.33
N HIS A 43 -11.64 -8.31 -2.42
CA HIS A 43 -10.89 -9.24 -3.29
C HIS A 43 -10.74 -8.67 -4.70
N ASP A 44 -11.80 -8.09 -5.23
CA ASP A 44 -11.77 -7.60 -6.61
C ASP A 44 -11.64 -6.10 -6.68
N ALA A 45 -11.81 -5.46 -5.56
CA ALA A 45 -11.75 -4.03 -5.45
C ALA A 45 -10.50 -3.44 -6.06
N GLU A 46 -10.67 -2.30 -6.71
CA GLU A 46 -9.54 -1.48 -7.06
C GLU A 46 -9.01 -0.88 -5.78
N VAL A 47 -7.77 -1.18 -5.45
CA VAL A 47 -7.22 -0.63 -4.23
C VAL A 47 -6.46 0.65 -4.54
N LYS A 48 -6.89 1.71 -3.92
CA LYS A 48 -6.14 2.95 -3.97
C LYS A 48 -5.38 3.04 -2.67
N TRP A 49 -4.28 3.71 -2.66
CA TRP A 49 -3.47 3.71 -1.46
C TRP A 49 -3.12 5.14 -1.12
N LEU A 50 -2.61 5.36 0.06
CA LEU A 50 -2.40 6.70 0.53
C LEU A 50 -0.93 6.87 0.89
N LYS A 51 -0.33 7.95 0.49
CA LYS A 51 0.99 8.29 0.97
C LYS A 51 0.80 9.21 2.14
N ASN A 52 1.72 9.20 3.09
CA ASN A 52 1.55 9.95 4.32
C ASN A 52 0.94 11.33 4.03
N GLY A 53 -0.35 11.47 4.30
CA GLY A 53 -1.10 12.65 3.93
C GLY A 53 -1.52 12.71 2.46
N GLN A 54 -0.63 12.29 1.57
CA GLN A 54 -0.88 12.35 0.12
C GLN A 54 -1.77 11.19 -0.34
N GLU A 55 -2.56 11.40 -1.36
CA GLU A 55 -3.40 10.34 -1.88
C GLU A 55 -2.74 9.61 -3.04
N ILE A 56 -2.80 8.29 -2.99
CA ILE A 56 -2.10 7.43 -3.92
C ILE A 56 -3.08 6.63 -4.79
N GLN A 57 -3.01 6.84 -6.10
CA GLN A 57 -3.87 6.13 -7.02
C GLN A 57 -3.21 4.83 -7.48
N MET A 58 -3.21 4.59 -8.78
CA MET A 58 -2.56 3.41 -9.35
C MET A 58 -2.01 3.75 -10.72
N SER A 59 -0.82 3.23 -11.01
CA SER A 59 -0.12 3.56 -12.24
C SER A 59 0.89 2.46 -12.57
N GLY A 60 1.45 2.52 -13.77
CA GLY A 60 2.43 1.53 -14.19
C GLY A 60 3.77 1.72 -13.51
N SER A 61 4.18 2.97 -13.35
CA SER A 61 5.46 3.29 -12.74
C SER A 61 5.41 3.09 -11.22
N LYS A 62 4.68 3.96 -10.54
CA LYS A 62 4.46 3.82 -9.11
C LYS A 62 3.02 3.43 -8.86
N TYR A 63 2.72 2.94 -7.65
CA TYR A 63 1.35 2.55 -7.30
C TYR A 63 0.86 1.46 -8.25
N ILE A 64 1.64 0.40 -8.36
CA ILE A 64 1.35 -0.68 -9.29
C ILE A 64 0.36 -1.67 -8.66
N PHE A 65 -0.74 -1.93 -9.35
CA PHE A 65 -1.74 -2.85 -8.83
C PHE A 65 -1.34 -4.31 -9.08
N GLU A 66 -1.55 -5.15 -8.08
CA GLU A 66 -1.23 -6.57 -8.16
C GLU A 66 -2.19 -7.35 -7.29
N SER A 67 -2.60 -8.52 -7.75
CA SER A 67 -3.62 -9.31 -7.05
C SER A 67 -3.15 -10.74 -6.85
N ILE A 68 -3.13 -11.19 -5.59
CA ILE A 68 -2.71 -12.56 -5.29
C ILE A 68 -3.70 -13.22 -4.33
N GLY A 69 -4.53 -14.11 -4.87
CA GLY A 69 -5.49 -14.85 -4.06
C GLY A 69 -6.27 -13.96 -3.11
N ALA A 70 -6.97 -12.97 -3.69
CA ALA A 70 -7.66 -11.92 -2.94
C ALA A 70 -6.70 -10.90 -2.38
N LYS A 71 -5.55 -11.38 -1.92
CA LYS A 71 -4.59 -10.50 -1.30
C LYS A 71 -4.06 -9.53 -2.31
N ARG A 72 -4.48 -8.30 -2.14
CA ARG A 72 -4.18 -7.25 -3.09
C ARG A 72 -2.83 -6.64 -2.76
N THR A 73 -2.13 -6.22 -3.79
CA THR A 73 -0.79 -5.70 -3.62
C THR A 73 -0.58 -4.43 -4.43
N LEU A 74 0.02 -3.44 -3.77
CA LEU A 74 0.34 -2.17 -4.40
C LEU A 74 1.85 -2.05 -4.55
N THR A 75 2.38 -2.28 -5.74
CA THR A 75 3.81 -2.21 -5.93
C THR A 75 4.26 -0.75 -6.08
N ILE A 76 5.11 -0.31 -5.18
CA ILE A 76 5.61 1.04 -5.19
C ILE A 76 7.05 1.08 -5.69
N SER A 77 7.27 1.86 -6.73
CA SER A 77 8.57 1.97 -7.36
C SER A 77 9.23 3.28 -7.00
N GLN A 78 10.56 3.30 -7.00
CA GLN A 78 11.36 4.50 -6.76
C GLN A 78 10.85 5.25 -5.53
N CYS A 79 10.81 4.55 -4.41
CA CYS A 79 10.39 5.13 -3.14
C CYS A 79 11.22 4.51 -2.06
N SER A 80 12.52 4.66 -2.25
CA SER A 80 13.48 3.99 -1.43
C SER A 80 13.84 4.83 -0.20
N LEU A 81 15.15 5.04 0.03
CA LEU A 81 15.64 5.78 1.19
C LEU A 81 15.32 7.27 1.08
N ALA A 82 14.05 7.60 1.01
CA ALA A 82 13.60 8.97 0.87
C ALA A 82 12.11 9.07 1.13
N ASP A 83 11.35 8.11 0.62
CA ASP A 83 9.90 8.11 0.77
C ASP A 83 9.47 7.41 2.05
N ASP A 84 10.46 6.97 2.83
CA ASP A 84 10.22 6.39 4.15
C ASP A 84 9.31 7.30 4.98
N ALA A 85 8.17 6.76 5.40
CA ALA A 85 7.15 7.52 6.11
C ALA A 85 5.98 6.61 6.45
N ALA A 86 4.86 6.80 5.75
CA ALA A 86 3.71 5.90 5.89
C ALA A 86 2.91 5.84 4.60
N TYR A 87 2.52 4.63 4.18
CA TYR A 87 1.61 4.48 3.06
C TYR A 87 0.34 3.77 3.53
N GLN A 88 -0.76 4.52 3.56
CA GLN A 88 -2.04 3.98 3.95
C GLN A 88 -2.68 3.22 2.80
N CYS A 89 -3.73 2.48 3.09
CA CYS A 89 -4.43 1.72 2.07
C CYS A 89 -5.87 2.13 2.01
N VAL A 90 -6.40 2.26 0.79
CA VAL A 90 -7.65 2.97 0.63
C VAL A 90 -8.56 2.37 -0.46
N VAL A 91 -9.84 2.31 -0.16
CA VAL A 91 -10.84 1.87 -1.10
C VAL A 91 -12.11 2.69 -0.90
N GLY A 92 -12.40 3.57 -1.84
CA GLY A 92 -13.57 4.43 -1.73
C GLY A 92 -13.48 5.37 -0.54
N GLY A 93 -12.35 6.07 -0.42
CA GLY A 93 -12.18 7.03 0.66
C GLY A 93 -11.60 6.42 1.93
N GLU A 94 -11.97 5.18 2.22
CA GLU A 94 -11.49 4.49 3.41
C GLU A 94 -9.98 4.32 3.35
N LYS A 95 -9.27 4.74 4.40
CA LYS A 95 -7.80 4.60 4.44
C LYS A 95 -7.32 4.02 5.78
N CYS A 96 -6.36 3.10 5.70
CA CYS A 96 -5.77 2.45 6.87
C CYS A 96 -4.26 2.63 6.80
N SER A 97 -3.67 3.18 7.86
CA SER A 97 -2.29 3.60 7.80
C SER A 97 -1.31 2.47 8.03
N THR A 98 -0.29 2.42 7.20
CA THR A 98 0.80 1.50 7.39
C THR A 98 2.10 2.27 7.21
N GLU A 99 3.00 2.13 8.18
CA GLU A 99 4.21 2.93 8.18
C GLU A 99 5.22 2.34 7.21
N LEU A 100 5.94 3.21 6.55
CA LEU A 100 6.84 2.79 5.49
C LEU A 100 8.29 3.02 5.88
N PHE A 101 9.01 1.92 5.94
CA PHE A 101 10.44 1.91 6.19
C PHE A 101 11.13 1.34 4.97
N VAL A 102 12.36 1.75 4.70
CA VAL A 102 13.03 1.30 3.49
C VAL A 102 14.40 0.71 3.78
N LYS A 103 14.69 -0.41 3.13
CA LYS A 103 15.96 -1.10 3.24
C LYS A 103 16.85 -0.77 2.06
N GLU A 104 18.08 -0.35 2.34
CA GLU A 104 19.04 -0.06 1.28
C GLU A 104 19.46 -1.34 0.55
N ASP A 11 -2.56 7.54 13.59
CA ASP A 11 -2.74 6.17 13.05
C ASP A 11 -4.19 5.88 12.76
N GLU A 12 -4.48 5.52 11.52
CA GLU A 12 -5.82 5.15 11.11
C GLU A 12 -6.10 3.70 11.49
N LYS A 13 -7.16 3.48 12.25
CA LYS A 13 -7.62 2.13 12.53
C LYS A 13 -8.14 1.52 11.24
N LYS A 14 -7.68 0.32 10.91
CA LYS A 14 -7.98 -0.24 9.61
C LYS A 14 -9.46 -0.63 9.49
N SER A 15 -10.17 0.16 8.73
CA SER A 15 -11.49 -0.22 8.30
C SER A 15 -11.37 -0.69 6.87
N THR A 16 -11.33 0.28 5.96
CA THR A 16 -11.01 0.06 4.56
C THR A 16 -11.82 -1.10 3.98
N ALA A 17 -11.35 -1.66 2.89
CA ALA A 17 -11.92 -2.88 2.39
C ALA A 17 -10.83 -3.92 2.36
N PHE A 18 -9.82 -3.69 3.18
CA PHE A 18 -8.73 -4.61 3.33
C PHE A 18 -8.99 -5.41 4.57
N GLN A 19 -9.38 -6.66 4.34
CA GLN A 19 -9.64 -7.62 5.40
C GLN A 19 -8.53 -7.56 6.41
N LYS A 20 -7.32 -7.62 5.89
CA LYS A 20 -6.14 -7.41 6.69
C LYS A 20 -5.18 -6.50 5.92
N LYS A 21 -4.82 -5.37 6.52
CA LYS A 21 -3.70 -4.59 5.99
C LYS A 21 -2.43 -5.10 6.65
N LEU A 22 -1.37 -5.23 5.88
CA LEU A 22 -0.11 -5.78 6.36
C LEU A 22 0.41 -4.98 7.56
N GLU A 23 1.42 -5.53 8.25
CA GLU A 23 1.97 -4.87 9.44
C GLU A 23 2.24 -3.38 9.18
N PRO A 24 1.97 -2.52 10.18
CA PRO A 24 2.09 -1.05 10.02
C PRO A 24 3.51 -0.54 9.80
N ALA A 25 4.31 -1.32 9.09
CA ALA A 25 5.62 -0.88 8.66
C ALA A 25 6.11 -1.76 7.52
N TYR A 26 5.85 -1.30 6.31
CA TYR A 26 6.27 -2.01 5.12
C TYR A 26 7.75 -1.74 4.87
N GLN A 27 8.51 -2.81 4.71
CA GLN A 27 9.95 -2.72 4.55
C GLN A 27 10.34 -2.72 3.08
N VAL A 28 10.54 -1.54 2.49
CA VAL A 28 10.95 -1.45 1.10
C VAL A 28 12.30 -2.10 0.91
N SER A 29 12.36 -3.10 0.07
CA SER A 29 13.66 -3.56 -0.37
C SER A 29 14.14 -2.55 -1.41
N LYS A 30 15.09 -1.72 -1.01
CA LYS A 30 15.44 -0.54 -1.79
C LYS A 30 15.71 -0.86 -3.24
N GLY A 31 14.99 -0.17 -4.10
CA GLY A 31 15.14 -0.35 -5.53
C GLY A 31 14.65 -1.71 -5.99
N HIS A 32 13.92 -2.40 -5.12
CA HIS A 32 13.31 -3.67 -5.48
C HIS A 32 11.87 -3.42 -5.85
N LYS A 33 11.42 -2.20 -5.55
CA LYS A 33 10.02 -1.81 -5.68
C LYS A 33 9.22 -2.53 -4.61
N ILE A 34 8.78 -1.80 -3.59
CA ILE A 34 8.11 -2.47 -2.48
C ILE A 34 6.63 -2.64 -2.76
N ARG A 35 6.15 -3.84 -2.50
CA ARG A 35 4.79 -4.21 -2.80
C ARG A 35 3.92 -4.11 -1.54
N LEU A 36 2.74 -3.49 -1.65
CA LEU A 36 1.90 -3.32 -0.49
C LEU A 36 0.88 -4.44 -0.46
N THR A 37 1.21 -5.51 0.23
CA THR A 37 0.38 -6.70 0.26
C THR A 37 -0.64 -6.61 1.38
N VAL A 38 -1.86 -7.00 1.06
CA VAL A 38 -2.98 -6.93 1.99
C VAL A 38 -3.94 -8.08 1.72
N GLU A 39 -4.68 -8.50 2.73
CA GLU A 39 -5.74 -9.44 2.48
C GLU A 39 -7.00 -8.63 2.29
N LEU A 40 -7.56 -8.66 1.09
CA LEU A 40 -8.69 -7.81 0.77
C LEU A 40 -9.98 -8.41 1.29
N ALA A 41 -10.92 -7.53 1.59
CA ALA A 41 -12.28 -7.94 1.90
C ALA A 41 -13.06 -7.99 0.59
N ASP A 42 -12.70 -7.08 -0.31
CA ASP A 42 -13.31 -7.02 -1.64
C ASP A 42 -12.84 -8.15 -2.53
N HIS A 43 -11.53 -8.41 -2.47
CA HIS A 43 -10.88 -9.47 -3.26
C HIS A 43 -10.67 -9.05 -4.72
N ASP A 44 -11.74 -8.56 -5.34
CA ASP A 44 -11.70 -8.17 -6.74
C ASP A 44 -12.15 -6.73 -6.92
N ALA A 45 -11.41 -5.84 -6.27
CA ALA A 45 -11.71 -4.41 -6.33
C ALA A 45 -10.43 -3.62 -6.46
N GLU A 46 -10.52 -2.48 -7.10
CA GLU A 46 -9.37 -1.59 -7.25
C GLU A 46 -9.01 -1.00 -5.91
N VAL A 47 -7.80 -1.27 -5.46
CA VAL A 47 -7.33 -0.72 -4.21
C VAL A 47 -6.59 0.58 -4.44
N LYS A 48 -7.08 1.63 -3.83
CA LYS A 48 -6.39 2.90 -3.86
C LYS A 48 -5.49 2.94 -2.64
N TRP A 49 -4.38 3.62 -2.72
CA TRP A 49 -3.49 3.65 -1.58
C TRP A 49 -3.17 5.10 -1.25
N LEU A 50 -2.63 5.32 -0.10
CA LEU A 50 -2.51 6.66 0.42
C LEU A 50 -1.08 6.88 0.91
N LYS A 51 -0.49 7.99 0.56
CA LYS A 51 0.80 8.38 1.13
C LYS A 51 0.49 9.21 2.36
N ASN A 52 1.32 9.17 3.40
CA ASN A 52 0.92 9.80 4.67
C ASN A 52 0.31 11.18 4.43
N GLY A 53 -1.01 11.24 4.58
CA GLY A 53 -1.76 12.46 4.23
C GLY A 53 -2.10 12.55 2.74
N GLN A 54 -1.14 12.24 1.86
CA GLN A 54 -1.34 12.37 0.41
C GLN A 54 -2.10 11.17 -0.16
N GLU A 55 -2.92 11.40 -1.16
CA GLU A 55 -3.69 10.31 -1.74
C GLU A 55 -2.96 9.66 -2.91
N ILE A 56 -2.94 8.33 -2.91
CA ILE A 56 -2.15 7.55 -3.85
C ILE A 56 -3.04 6.75 -4.81
N GLN A 57 -3.07 7.22 -6.05
CA GLN A 57 -3.85 6.60 -7.10
C GLN A 57 -2.99 5.64 -7.90
N MET A 58 -3.54 4.47 -8.22
CA MET A 58 -2.82 3.45 -8.96
C MET A 58 -2.24 4.02 -10.26
N SER A 59 -1.00 3.67 -10.56
CA SER A 59 -0.30 4.20 -11.72
C SER A 59 0.64 3.16 -12.32
N GLY A 60 1.20 3.48 -13.48
CA GLY A 60 2.05 2.55 -14.20
C GLY A 60 3.42 2.37 -13.56
N SER A 61 4.04 3.47 -13.15
CA SER A 61 5.38 3.41 -12.57
C SER A 61 5.32 3.25 -11.05
N LYS A 62 4.68 4.20 -10.38
CA LYS A 62 4.47 4.12 -8.95
C LYS A 62 3.05 3.68 -8.67
N TYR A 63 2.78 3.16 -7.47
CA TYR A 63 1.44 2.77 -7.07
C TYR A 63 0.85 1.76 -8.07
N ILE A 64 1.60 0.71 -8.32
CA ILE A 64 1.21 -0.31 -9.28
C ILE A 64 0.26 -1.32 -8.61
N PHE A 65 -0.91 -1.55 -9.19
CA PHE A 65 -1.81 -2.56 -8.63
C PHE A 65 -1.37 -3.97 -9.02
N GLU A 66 -1.47 -4.89 -8.07
CA GLU A 66 -1.09 -6.29 -8.30
C GLU A 66 -1.93 -7.20 -7.39
N SER A 67 -2.50 -8.24 -7.97
CA SER A 67 -3.45 -9.07 -7.23
C SER A 67 -2.90 -10.47 -6.96
N ILE A 68 -3.12 -10.96 -5.74
CA ILE A 68 -2.79 -12.33 -5.38
C ILE A 68 -4.02 -12.97 -4.72
N GLY A 69 -4.84 -13.62 -5.53
CA GLY A 69 -6.11 -14.11 -5.03
C GLY A 69 -6.98 -12.98 -4.53
N ALA A 70 -7.35 -13.03 -3.25
CA ALA A 70 -7.99 -11.89 -2.61
C ALA A 70 -6.95 -10.90 -2.19
N LYS A 71 -5.80 -11.39 -1.79
CA LYS A 71 -4.76 -10.54 -1.26
C LYS A 71 -4.28 -9.58 -2.31
N ARG A 72 -4.39 -8.31 -2.01
CA ARG A 72 -4.07 -7.28 -2.97
C ARG A 72 -2.72 -6.67 -2.65
N THR A 73 -2.02 -6.25 -3.70
CA THR A 73 -0.68 -5.74 -3.54
C THR A 73 -0.47 -4.46 -4.35
N LEU A 74 0.13 -3.48 -3.69
CA LEU A 74 0.44 -2.21 -4.33
C LEU A 74 1.95 -2.11 -4.57
N THR A 75 2.37 -2.27 -5.80
CA THR A 75 3.79 -2.19 -6.12
C THR A 75 4.23 -0.74 -6.19
N ILE A 76 5.17 -0.38 -5.34
CA ILE A 76 5.68 0.97 -5.30
C ILE A 76 7.13 1.00 -5.78
N SER A 77 7.35 1.80 -6.82
CA SER A 77 8.65 1.87 -7.46
C SER A 77 9.37 3.16 -7.07
N GLN A 78 10.67 3.05 -6.79
CA GLN A 78 11.49 4.20 -6.40
C GLN A 78 10.95 4.83 -5.13
N CYS A 79 11.11 4.14 -4.02
CA CYS A 79 10.71 4.66 -2.72
C CYS A 79 11.63 4.04 -1.70
N SER A 80 12.88 4.01 -2.13
CA SER A 80 13.91 3.34 -1.40
C SER A 80 14.48 4.24 -0.30
N LEU A 81 15.81 4.36 -0.25
CA LEU A 81 16.49 5.15 0.78
C LEU A 81 16.31 6.64 0.57
N ALA A 82 15.07 7.10 0.54
CA ALA A 82 14.77 8.50 0.39
C ALA A 82 13.31 8.77 0.74
N ASP A 83 12.42 8.00 0.16
CA ASP A 83 10.99 8.18 0.39
C ASP A 83 10.64 7.88 1.84
N ASP A 84 11.09 6.69 2.32
CA ASP A 84 10.94 6.21 3.72
C ASP A 84 9.90 7.01 4.52
N ALA A 85 8.65 6.54 4.51
CA ALA A 85 7.56 7.33 5.08
C ALA A 85 6.42 6.45 5.61
N ALA A 86 5.19 6.72 5.17
CA ALA A 86 4.03 5.94 5.60
C ALA A 86 2.98 5.93 4.48
N TYR A 87 2.45 4.74 4.19
CA TYR A 87 1.42 4.61 3.15
C TYR A 87 0.16 3.94 3.73
N GLN A 88 -0.95 4.67 3.70
CA GLN A 88 -2.24 4.12 4.05
C GLN A 88 -2.80 3.34 2.87
N CYS A 89 -3.84 2.58 3.09
CA CYS A 89 -4.52 1.91 1.97
C CYS A 89 -5.99 2.15 2.01
N VAL A 90 -6.58 2.32 0.84
CA VAL A 90 -7.90 2.88 0.75
C VAL A 90 -8.73 2.27 -0.37
N VAL A 91 -9.96 1.97 -0.05
CA VAL A 91 -10.90 1.48 -1.05
C VAL A 91 -12.18 2.31 -1.00
N GLY A 92 -12.45 3.02 -2.08
CA GLY A 92 -13.56 3.94 -2.12
C GLY A 92 -13.27 5.23 -1.37
N GLY A 93 -12.78 5.11 -0.15
CA GLY A 93 -12.43 6.26 0.66
C GLY A 93 -11.72 5.87 1.93
N GLU A 94 -12.12 4.73 2.49
CA GLU A 94 -11.56 4.24 3.75
C GLU A 94 -10.06 3.97 3.62
N LYS A 95 -9.27 4.61 4.47
CA LYS A 95 -7.81 4.44 4.48
C LYS A 95 -7.31 3.95 5.85
N CYS A 96 -6.36 3.02 5.81
CA CYS A 96 -5.69 2.53 7.02
C CYS A 96 -4.20 2.77 6.87
N SER A 97 -3.60 3.44 7.84
CA SER A 97 -2.22 3.86 7.71
C SER A 97 -1.23 2.76 8.03
N THR A 98 -0.17 2.72 7.26
CA THR A 98 0.90 1.79 7.48
C THR A 98 2.22 2.50 7.21
N GLU A 99 3.18 2.33 8.09
CA GLU A 99 4.46 3.01 7.94
C GLU A 99 5.27 2.33 6.85
N LEU A 100 6.13 3.09 6.23
CA LEU A 100 6.93 2.59 5.13
C LEU A 100 8.40 2.85 5.41
N PHE A 101 9.11 1.78 5.75
CA PHE A 101 10.53 1.86 6.03
C PHE A 101 11.31 1.13 4.96
N VAL A 102 12.34 1.77 4.44
CA VAL A 102 13.13 1.13 3.41
C VAL A 102 14.30 0.35 3.98
N LYS A 103 14.49 -0.84 3.43
CA LYS A 103 15.61 -1.69 3.73
C LYS A 103 16.60 -1.63 2.59
N GLU A 104 17.88 -1.43 2.90
CA GLU A 104 18.89 -1.33 1.87
C GLU A 104 19.06 -2.67 1.15
N ASP A 11 -10.72 8.24 8.00
CA ASP A 11 -9.58 8.42 8.94
C ASP A 11 -8.65 7.23 8.90
N GLU A 12 -7.36 7.49 9.01
CA GLU A 12 -6.36 6.42 9.00
C GLU A 12 -6.57 5.50 10.20
N LYS A 13 -6.99 4.26 9.93
CA LYS A 13 -7.31 3.30 10.97
C LYS A 13 -7.74 2.02 10.28
N LYS A 14 -7.58 0.89 10.96
CA LYS A 14 -7.94 -0.38 10.32
C LYS A 14 -9.43 -0.46 10.08
N SER A 15 -9.78 -0.40 8.81
CA SER A 15 -11.15 -0.48 8.35
C SER A 15 -11.12 -0.84 6.87
N THR A 16 -11.26 0.18 6.02
CA THR A 16 -11.04 0.04 4.57
C THR A 16 -11.84 -1.14 4.01
N ALA A 17 -11.37 -1.67 2.90
CA ALA A 17 -11.93 -2.90 2.37
C ALA A 17 -10.86 -3.96 2.37
N PHE A 18 -9.77 -3.65 3.05
CA PHE A 18 -8.69 -4.58 3.23
C PHE A 18 -8.98 -5.38 4.48
N GLN A 19 -9.31 -6.63 4.27
CA GLN A 19 -9.60 -7.56 5.34
C GLN A 19 -8.49 -7.48 6.37
N LYS A 20 -7.29 -7.63 5.87
CA LYS A 20 -6.11 -7.37 6.64
C LYS A 20 -5.09 -6.58 5.81
N LYS A 21 -4.67 -5.44 6.34
CA LYS A 21 -3.50 -4.78 5.78
C LYS A 21 -2.27 -5.37 6.44
N LEU A 22 -1.18 -5.52 5.70
CA LEU A 22 0.07 -6.01 6.28
C LEU A 22 0.52 -5.09 7.40
N GLU A 23 1.46 -5.56 8.21
CA GLU A 23 1.92 -4.85 9.41
C GLU A 23 2.17 -3.36 9.15
N PRO A 24 1.91 -2.50 10.16
CA PRO A 24 2.06 -1.03 10.07
C PRO A 24 3.50 -0.57 9.85
N ALA A 25 4.30 -1.41 9.22
CA ALA A 25 5.64 -1.04 8.83
C ALA A 25 6.08 -1.85 7.63
N TYR A 26 5.74 -1.36 6.45
CA TYR A 26 6.16 -2.01 5.21
C TYR A 26 7.60 -1.64 4.94
N GLN A 27 8.44 -2.64 4.72
CA GLN A 27 9.87 -2.39 4.55
C GLN A 27 10.31 -2.59 3.11
N VAL A 28 10.59 -1.48 2.43
CA VAL A 28 11.05 -1.50 1.04
C VAL A 28 12.41 -2.15 0.95
N SER A 29 12.56 -3.04 -0.01
CA SER A 29 13.89 -3.37 -0.44
C SER A 29 14.29 -2.28 -1.44
N LYS A 30 15.08 -1.33 -0.94
CA LYS A 30 15.27 -0.05 -1.62
C LYS A 30 15.47 -0.20 -3.12
N GLY A 31 14.66 0.54 -3.88
CA GLY A 31 14.73 0.50 -5.33
C GLY A 31 14.26 -0.81 -5.93
N HIS A 32 14.09 -1.83 -5.10
CA HIS A 32 13.63 -3.13 -5.55
C HIS A 32 12.11 -3.12 -5.69
N LYS A 33 11.54 -1.94 -5.42
CA LYS A 33 10.10 -1.72 -5.51
C LYS A 33 9.38 -2.44 -4.39
N ILE A 34 8.86 -1.69 -3.41
CA ILE A 34 8.14 -2.35 -2.32
C ILE A 34 6.67 -2.54 -2.69
N ARG A 35 6.17 -3.73 -2.42
CA ARG A 35 4.79 -4.07 -2.77
C ARG A 35 3.92 -4.06 -1.53
N LEU A 36 2.73 -3.45 -1.60
CA LEU A 36 1.90 -3.36 -0.42
C LEU A 36 0.87 -4.48 -0.45
N THR A 37 1.22 -5.58 0.19
CA THR A 37 0.38 -6.76 0.20
C THR A 37 -0.63 -6.68 1.34
N VAL A 38 -1.84 -7.13 1.07
CA VAL A 38 -2.94 -7.06 2.01
C VAL A 38 -3.91 -8.19 1.72
N GLU A 39 -4.65 -8.63 2.71
CA GLU A 39 -5.73 -9.55 2.45
C GLU A 39 -6.98 -8.72 2.25
N LEU A 40 -7.53 -8.76 1.06
CA LEU A 40 -8.67 -7.93 0.74
C LEU A 40 -9.96 -8.55 1.24
N ALA A 41 -10.94 -7.71 1.49
CA ALA A 41 -12.29 -8.16 1.78
C ALA A 41 -13.06 -8.18 0.47
N ASP A 42 -12.79 -7.17 -0.35
CA ASP A 42 -13.39 -7.03 -1.67
C ASP A 42 -12.86 -8.06 -2.64
N HIS A 43 -11.53 -8.20 -2.64
CA HIS A 43 -10.81 -9.09 -3.54
C HIS A 43 -10.70 -8.52 -4.95
N ASP A 44 -11.84 -8.34 -5.61
CA ASP A 44 -11.85 -7.91 -7.00
C ASP A 44 -12.16 -6.43 -7.17
N ALA A 45 -11.70 -5.66 -6.21
CA ALA A 45 -11.87 -4.22 -6.27
C ALA A 45 -10.55 -3.52 -6.48
N GLU A 46 -10.61 -2.37 -7.14
CA GLU A 46 -9.44 -1.53 -7.29
C GLU A 46 -9.07 -0.94 -5.95
N VAL A 47 -7.86 -1.24 -5.50
CA VAL A 47 -7.40 -0.66 -4.26
C VAL A 47 -6.60 0.60 -4.54
N LYS A 48 -6.99 1.67 -3.89
CA LYS A 48 -6.23 2.89 -3.94
C LYS A 48 -5.46 2.99 -2.64
N TRP A 49 -4.36 3.67 -2.64
CA TRP A 49 -3.54 3.69 -1.44
C TRP A 49 -3.23 5.12 -1.10
N LEU A 50 -2.74 5.36 0.06
CA LEU A 50 -2.54 6.71 0.52
C LEU A 50 -1.07 6.92 0.82
N LYS A 51 -0.53 8.04 0.36
CA LYS A 51 0.83 8.41 0.69
C LYS A 51 0.75 9.27 1.93
N ASN A 52 1.79 9.25 2.76
CA ASN A 52 1.73 9.91 4.06
C ASN A 52 0.99 11.23 3.94
N GLY A 53 -0.25 11.23 4.41
CA GLY A 53 -1.12 12.38 4.28
C GLY A 53 -1.84 12.49 2.95
N GLN A 54 -1.16 12.28 1.82
CA GLN A 54 -1.80 12.48 0.51
C GLN A 54 -2.30 11.19 -0.12
N GLU A 55 -3.09 11.35 -1.16
CA GLU A 55 -3.77 10.21 -1.75
C GLU A 55 -2.99 9.59 -2.91
N ILE A 56 -2.96 8.28 -2.91
CA ILE A 56 -2.23 7.48 -3.88
C ILE A 56 -3.19 6.70 -4.79
N GLN A 57 -3.17 7.02 -6.07
CA GLN A 57 -4.05 6.38 -7.04
C GLN A 57 -3.40 5.12 -7.59
N MET A 58 -3.14 5.10 -8.90
CA MET A 58 -2.56 3.94 -9.56
C MET A 58 -1.79 4.36 -10.80
N SER A 59 -0.68 3.72 -11.05
CA SER A 59 0.20 4.08 -12.14
C SER A 59 1.15 2.93 -12.49
N GLY A 60 1.77 3.01 -13.66
CA GLY A 60 2.62 1.94 -14.12
C GLY A 60 3.99 1.95 -13.47
N SER A 61 4.52 3.15 -13.19
CA SER A 61 5.86 3.28 -12.65
C SER A 61 5.85 3.60 -11.16
N LYS A 62 4.69 3.44 -10.54
CA LYS A 62 4.52 3.68 -9.11
C LYS A 62 3.05 3.53 -8.77
N TYR A 63 2.72 3.07 -7.57
CA TYR A 63 1.32 2.84 -7.18
C TYR A 63 0.69 1.81 -8.10
N ILE A 64 1.40 0.70 -8.29
CA ILE A 64 0.98 -0.34 -9.20
C ILE A 64 0.02 -1.31 -8.52
N PHE A 65 -1.13 -1.56 -9.13
CA PHE A 65 -2.07 -2.52 -8.56
C PHE A 65 -1.71 -3.96 -8.96
N GLU A 66 -1.75 -4.86 -7.99
CA GLU A 66 -1.42 -6.26 -8.22
C GLU A 66 -2.24 -7.14 -7.26
N SER A 67 -2.76 -8.24 -7.74
CA SER A 67 -3.65 -9.06 -6.92
C SER A 67 -3.15 -10.49 -6.82
N ILE A 68 -3.06 -11.00 -5.59
CA ILE A 68 -2.63 -12.37 -5.34
C ILE A 68 -3.67 -13.12 -4.51
N GLY A 69 -4.50 -13.92 -5.17
CA GLY A 69 -5.50 -14.73 -4.48
C GLY A 69 -6.30 -13.92 -3.47
N ALA A 70 -6.92 -12.84 -3.94
CA ALA A 70 -7.64 -11.88 -3.10
C ALA A 70 -6.68 -10.95 -2.40
N LYS A 71 -5.53 -11.46 -1.98
CA LYS A 71 -4.58 -10.64 -1.28
C LYS A 71 -4.00 -9.62 -2.24
N ARG A 72 -4.42 -8.40 -2.02
CA ARG A 72 -4.09 -7.33 -2.92
C ARG A 72 -2.73 -6.75 -2.62
N THR A 73 -2.06 -6.29 -3.65
CA THR A 73 -0.73 -5.75 -3.52
C THR A 73 -0.57 -4.45 -4.29
N LEU A 74 -0.01 -3.45 -3.62
CA LEU A 74 0.31 -2.19 -4.27
C LEU A 74 1.81 -2.14 -4.55
N THR A 75 2.20 -2.36 -5.80
CA THR A 75 3.60 -2.34 -6.15
C THR A 75 4.10 -0.90 -6.25
N ILE A 76 5.01 -0.56 -5.36
CA ILE A 76 5.58 0.77 -5.31
C ILE A 76 6.98 0.76 -5.90
N SER A 77 7.14 1.50 -6.99
CA SER A 77 8.40 1.60 -7.70
C SER A 77 9.02 2.96 -7.42
N GLN A 78 10.35 3.05 -7.50
CA GLN A 78 11.05 4.30 -7.23
C GLN A 78 10.77 4.74 -5.79
N CYS A 79 11.28 3.95 -4.86
CA CYS A 79 11.04 4.17 -3.47
C CYS A 79 12.09 3.42 -2.70
N SER A 80 12.83 4.15 -1.94
CA SER A 80 13.96 3.58 -1.26
C SER A 80 14.26 4.41 -0.02
N LEU A 81 15.53 4.75 0.19
CA LEU A 81 15.94 5.55 1.34
C LEU A 81 15.55 7.02 1.17
N ALA A 82 14.30 7.27 0.82
CA ALA A 82 13.79 8.61 0.65
C ALA A 82 12.28 8.62 0.82
N ASP A 83 11.59 7.68 0.18
CA ASP A 83 10.14 7.58 0.30
C ASP A 83 9.74 6.90 1.63
N ASP A 84 10.74 6.70 2.49
CA ASP A 84 10.51 6.21 3.85
C ASP A 84 9.59 7.17 4.61
N ALA A 85 8.40 6.68 4.96
CA ALA A 85 7.39 7.51 5.61
C ALA A 85 6.21 6.64 6.04
N ALA A 86 5.03 6.85 5.44
CA ALA A 86 3.89 5.99 5.69
C ALA A 86 2.98 5.94 4.47
N TYR A 87 2.51 4.75 4.12
CA TYR A 87 1.56 4.59 3.02
C TYR A 87 0.30 3.88 3.52
N GLN A 88 -0.81 4.61 3.52
CA GLN A 88 -2.08 4.07 3.94
C GLN A 88 -2.74 3.30 2.80
N CYS A 89 -3.79 2.54 3.11
CA CYS A 89 -4.48 1.76 2.09
C CYS A 89 -5.94 2.12 2.03
N VAL A 90 -6.48 2.23 0.82
CA VAL A 90 -7.77 2.87 0.68
C VAL A 90 -8.66 2.25 -0.41
N VAL A 91 -9.93 2.13 -0.10
CA VAL A 91 -10.90 1.64 -1.06
C VAL A 91 -12.14 2.51 -0.97
N GLY A 92 -12.46 3.18 -2.07
CA GLY A 92 -13.55 4.14 -2.10
C GLY A 92 -13.20 5.43 -1.38
N GLY A 93 -12.92 5.33 -0.10
CA GLY A 93 -12.56 6.48 0.71
C GLY A 93 -12.25 6.10 2.13
N GLU A 94 -11.70 4.90 2.30
CA GLU A 94 -11.30 4.41 3.61
C GLU A 94 -9.81 4.13 3.61
N LYS A 95 -9.08 4.74 4.54
CA LYS A 95 -7.63 4.56 4.58
C LYS A 95 -7.16 3.93 5.88
N CYS A 96 -6.24 2.97 5.76
CA CYS A 96 -5.59 2.35 6.89
C CYS A 96 -4.11 2.66 6.81
N SER A 97 -3.58 3.28 7.83
CA SER A 97 -2.22 3.78 7.78
C SER A 97 -1.20 2.69 8.08
N THR A 98 -0.13 2.71 7.29
CA THR A 98 0.98 1.80 7.49
C THR A 98 2.27 2.55 7.27
N GLU A 99 3.21 2.39 8.18
CA GLU A 99 4.45 3.12 8.09
C GLU A 99 5.36 2.45 7.07
N LEU A 100 5.95 3.27 6.22
CA LEU A 100 6.79 2.76 5.16
C LEU A 100 8.24 2.95 5.51
N PHE A 101 8.88 1.83 5.84
CA PHE A 101 10.30 1.78 6.15
C PHE A 101 11.05 1.17 4.97
N VAL A 102 12.29 1.56 4.78
CA VAL A 102 13.05 1.06 3.66
C VAL A 102 14.36 0.41 4.09
N LYS A 103 14.63 -0.75 3.51
CA LYS A 103 15.89 -1.44 3.69
C LYS A 103 16.80 -1.16 2.52
N GLU A 104 18.03 -0.74 2.81
CA GLU A 104 19.02 -0.53 1.76
C GLU A 104 19.37 -1.87 1.10
N ASP A 11 -7.14 10.23 10.51
CA ASP A 11 -7.62 9.44 11.66
C ASP A 11 -7.74 7.98 11.28
N GLU A 12 -6.65 7.44 10.76
CA GLU A 12 -6.65 6.08 10.23
C GLU A 12 -6.72 5.05 11.35
N LYS A 13 -7.64 4.12 11.20
CA LYS A 13 -7.81 3.00 12.11
C LYS A 13 -8.37 1.86 11.30
N LYS A 14 -8.13 0.63 11.73
CA LYS A 14 -8.42 -0.50 10.88
C LYS A 14 -9.89 -0.56 10.48
N SER A 15 -10.09 -0.40 9.19
CA SER A 15 -11.38 -0.49 8.54
C SER A 15 -11.13 -0.97 7.11
N THR A 16 -11.49 -0.12 6.15
CA THR A 16 -11.16 -0.32 4.73
C THR A 16 -11.66 -1.65 4.17
N ALA A 17 -11.70 -1.72 2.85
CA ALA A 17 -12.08 -2.96 2.16
C ALA A 17 -11.04 -4.03 2.36
N PHE A 18 -9.90 -3.62 2.89
CA PHE A 18 -8.83 -4.54 3.14
C PHE A 18 -9.17 -5.32 4.39
N GLN A 19 -9.45 -6.59 4.19
CA GLN A 19 -9.73 -7.51 5.26
C GLN A 19 -8.67 -7.39 6.32
N LYS A 20 -7.45 -7.62 5.87
CA LYS A 20 -6.30 -7.36 6.69
C LYS A 20 -5.24 -6.65 5.88
N LYS A 21 -4.79 -5.52 6.37
CA LYS A 21 -3.61 -4.87 5.85
C LYS A 21 -2.36 -5.51 6.47
N LEU A 22 -1.25 -5.54 5.74
CA LEU A 22 -0.01 -6.09 6.28
C LEU A 22 0.49 -5.22 7.43
N GLU A 23 1.47 -5.74 8.18
CA GLU A 23 1.97 -5.07 9.39
C GLU A 23 2.22 -3.58 9.16
N PRO A 24 1.96 -2.74 10.19
CA PRO A 24 2.05 -1.26 10.09
C PRO A 24 3.46 -0.73 9.87
N ALA A 25 4.30 -1.52 9.21
CA ALA A 25 5.61 -1.06 8.79
C ALA A 25 6.10 -1.89 7.62
N TYR A 26 5.82 -1.41 6.42
CA TYR A 26 6.30 -2.04 5.21
C TYR A 26 7.75 -1.65 4.98
N GLN A 27 8.59 -2.61 4.62
CA GLN A 27 10.01 -2.32 4.46
C GLN A 27 10.43 -2.46 2.99
N VAL A 28 10.63 -1.32 2.34
CA VAL A 28 11.06 -1.29 0.95
C VAL A 28 12.42 -1.90 0.81
N SER A 29 12.58 -2.82 -0.10
CA SER A 29 13.91 -3.17 -0.52
C SER A 29 14.36 -2.09 -1.50
N LYS A 30 15.17 -1.16 -1.00
CA LYS A 30 15.42 0.10 -1.72
C LYS A 30 15.70 -0.12 -3.19
N GLY A 31 14.91 0.54 -4.00
CA GLY A 31 15.07 0.50 -5.44
C GLY A 31 14.70 -0.86 -6.03
N HIS A 32 14.10 -1.71 -5.22
CA HIS A 32 13.63 -3.01 -5.69
C HIS A 32 12.13 -2.98 -5.84
N LYS A 33 11.55 -1.81 -5.53
CA LYS A 33 10.10 -1.59 -5.58
C LYS A 33 9.41 -2.32 -4.44
N ILE A 34 8.88 -1.59 -3.47
CA ILE A 34 8.16 -2.24 -2.38
C ILE A 34 6.68 -2.43 -2.73
N ARG A 35 6.16 -3.60 -2.43
CA ARG A 35 4.79 -3.93 -2.75
C ARG A 35 3.93 -3.87 -1.47
N LEU A 36 2.69 -3.40 -1.57
CA LEU A 36 1.86 -3.27 -0.38
C LEU A 36 0.85 -4.40 -0.37
N THR A 37 1.20 -5.48 0.31
CA THR A 37 0.37 -6.67 0.32
C THR A 37 -0.65 -6.60 1.45
N VAL A 38 -1.86 -7.02 1.16
CA VAL A 38 -2.98 -6.98 2.09
C VAL A 38 -3.93 -8.12 1.77
N GLU A 39 -4.69 -8.57 2.74
CA GLU A 39 -5.77 -9.48 2.45
C GLU A 39 -7.01 -8.66 2.24
N LEU A 40 -7.57 -8.70 1.04
CA LEU A 40 -8.73 -7.89 0.74
C LEU A 40 -10.00 -8.57 1.18
N ALA A 41 -10.99 -7.78 1.48
CA ALA A 41 -12.33 -8.27 1.74
C ALA A 41 -13.07 -8.35 0.40
N ASP A 42 -12.78 -7.36 -0.44
CA ASP A 42 -13.35 -7.29 -1.79
C ASP A 42 -12.67 -8.29 -2.71
N HIS A 43 -11.36 -8.41 -2.53
CA HIS A 43 -10.50 -9.31 -3.31
C HIS A 43 -10.14 -8.71 -4.67
N ASP A 44 -11.13 -8.45 -5.51
CA ASP A 44 -10.84 -7.90 -6.83
C ASP A 44 -11.51 -6.55 -7.04
N ALA A 45 -11.31 -5.67 -6.08
CA ALA A 45 -11.71 -4.29 -6.22
C ALA A 45 -10.49 -3.43 -6.43
N GLU A 46 -10.66 -2.27 -7.05
CA GLU A 46 -9.52 -1.37 -7.20
C GLU A 46 -9.15 -0.84 -5.84
N VAL A 47 -7.94 -1.13 -5.42
CA VAL A 47 -7.44 -0.59 -4.17
C VAL A 47 -6.64 0.65 -4.45
N LYS A 48 -7.04 1.72 -3.83
CA LYS A 48 -6.27 2.92 -3.85
C LYS A 48 -5.45 2.95 -2.57
N TRP A 49 -4.35 3.61 -2.60
CA TRP A 49 -3.50 3.61 -1.44
C TRP A 49 -3.18 5.03 -1.11
N LEU A 50 -2.64 5.26 0.05
CA LEU A 50 -2.43 6.61 0.49
C LEU A 50 -0.95 6.78 0.85
N LYS A 51 -0.36 7.85 0.38
CA LYS A 51 0.98 8.21 0.81
C LYS A 51 0.81 9.13 1.99
N ASN A 52 1.75 9.14 2.92
CA ASN A 52 1.60 9.93 4.13
C ASN A 52 1.02 11.31 3.80
N GLY A 53 -0.27 11.47 4.06
CA GLY A 53 -0.99 12.66 3.66
C GLY A 53 -1.41 12.66 2.19
N GLN A 54 -0.55 12.21 1.29
CA GLN A 54 -0.85 12.23 -0.15
C GLN A 54 -1.78 11.08 -0.53
N GLU A 55 -2.67 11.31 -1.47
CA GLU A 55 -3.56 10.26 -1.91
C GLU A 55 -2.98 9.53 -3.13
N ILE A 56 -3.02 8.21 -3.05
CA ILE A 56 -2.36 7.34 -4.02
C ILE A 56 -3.41 6.56 -4.83
N GLN A 57 -3.65 7.01 -6.05
CA GLN A 57 -4.71 6.45 -6.87
C GLN A 57 -4.30 5.12 -7.50
N MET A 58 -3.42 5.20 -8.50
CA MET A 58 -2.96 4.04 -9.26
C MET A 58 -2.17 4.50 -10.46
N SER A 59 -1.02 3.89 -10.72
CA SER A 59 -0.17 4.30 -11.83
C SER A 59 0.74 3.17 -12.29
N GLY A 60 1.24 3.29 -13.51
CA GLY A 60 2.04 2.24 -14.10
C GLY A 60 3.42 2.10 -13.49
N SER A 61 4.03 3.22 -13.13
CA SER A 61 5.37 3.19 -12.57
C SER A 61 5.31 3.08 -11.05
N LYS A 62 4.71 4.07 -10.41
CA LYS A 62 4.49 4.03 -8.97
C LYS A 62 3.03 3.71 -8.70
N TYR A 63 2.72 3.19 -7.51
CA TYR A 63 1.34 2.87 -7.13
C TYR A 63 0.75 1.85 -8.12
N ILE A 64 1.49 0.76 -8.36
CA ILE A 64 1.06 -0.27 -9.29
C ILE A 64 0.11 -1.24 -8.62
N PHE A 65 -1.02 -1.55 -9.24
CA PHE A 65 -1.95 -2.51 -8.67
C PHE A 65 -1.52 -3.94 -8.97
N GLU A 66 -1.63 -4.81 -7.97
CA GLU A 66 -1.26 -6.21 -8.10
C GLU A 66 -2.19 -7.06 -7.24
N SER A 67 -2.69 -8.15 -7.78
CA SER A 67 -3.63 -8.99 -7.05
C SER A 67 -3.08 -10.40 -6.86
N ILE A 68 -3.13 -10.90 -5.64
CA ILE A 68 -2.74 -12.26 -5.34
C ILE A 68 -3.91 -12.99 -4.70
N GLY A 69 -4.71 -13.65 -5.54
CA GLY A 69 -5.93 -14.28 -5.04
C GLY A 69 -6.88 -13.23 -4.48
N ALA A 70 -7.00 -13.21 -3.16
CA ALA A 70 -7.72 -12.16 -2.49
C ALA A 70 -6.76 -11.08 -2.05
N LYS A 71 -5.57 -11.50 -1.68
CA LYS A 71 -4.58 -10.62 -1.13
C LYS A 71 -4.11 -9.62 -2.18
N ARG A 72 -4.50 -8.39 -1.97
CA ARG A 72 -4.18 -7.32 -2.89
C ARG A 72 -2.81 -6.73 -2.56
N THR A 73 -2.10 -6.31 -3.57
CA THR A 73 -0.77 -5.78 -3.39
C THR A 73 -0.57 -4.51 -4.21
N LEU A 74 -0.02 -3.49 -3.57
CA LEU A 74 0.31 -2.24 -4.24
C LEU A 74 1.80 -2.23 -4.57
N THR A 75 2.15 -2.49 -5.81
CA THR A 75 3.54 -2.48 -6.20
C THR A 75 4.02 -1.04 -6.34
N ILE A 76 4.88 -0.62 -5.43
CA ILE A 76 5.37 0.74 -5.44
C ILE A 76 6.83 0.79 -5.88
N SER A 77 7.08 1.61 -6.88
CA SER A 77 8.41 1.77 -7.43
C SER A 77 8.98 3.11 -7.00
N GLN A 78 10.28 3.15 -6.75
CA GLN A 78 10.95 4.38 -6.31
C GLN A 78 10.37 4.86 -4.99
N CYS A 79 10.70 4.16 -3.91
CA CYS A 79 10.28 4.55 -2.58
C CYS A 79 11.34 4.08 -1.62
N SER A 80 12.56 4.26 -2.06
CA SER A 80 13.70 3.73 -1.36
C SER A 80 14.09 4.62 -0.19
N LEU A 81 15.37 5.00 -0.13
CA LEU A 81 15.88 5.82 0.97
C LEU A 81 15.41 7.27 0.83
N ALA A 82 14.11 7.48 0.69
CA ALA A 82 13.55 8.80 0.51
C ALA A 82 12.07 8.83 0.85
N ASP A 83 11.35 7.81 0.41
CA ASP A 83 9.91 7.74 0.65
C ASP A 83 9.58 7.05 1.97
N ASP A 84 10.62 6.87 2.78
CA ASP A 84 10.48 6.36 4.13
C ASP A 84 9.56 7.25 4.95
N ALA A 85 8.36 6.73 5.26
CA ALA A 85 7.34 7.48 5.99
C ALA A 85 6.16 6.56 6.32
N ALA A 86 5.01 6.77 5.67
CA ALA A 86 3.87 5.87 5.84
C ALA A 86 3.01 5.83 4.57
N TYR A 87 2.52 4.64 4.24
CA TYR A 87 1.58 4.48 3.13
C TYR A 87 0.31 3.77 3.63
N GLN A 88 -0.81 4.47 3.55
CA GLN A 88 -2.10 3.95 3.96
C GLN A 88 -2.73 3.14 2.83
N CYS A 89 -3.78 2.40 3.16
CA CYS A 89 -4.50 1.63 2.16
C CYS A 89 -5.94 2.06 2.10
N VAL A 90 -6.47 2.22 0.90
CA VAL A 90 -7.72 2.92 0.76
C VAL A 90 -8.65 2.36 -0.34
N VAL A 91 -9.90 2.22 0.01
CA VAL A 91 -10.94 1.81 -0.94
C VAL A 91 -12.23 2.54 -0.59
N GLY A 92 -12.71 3.36 -1.51
CA GLY A 92 -13.90 4.14 -1.25
C GLY A 92 -13.72 5.12 -0.10
N GLY A 93 -12.63 5.88 -0.14
CA GLY A 93 -12.36 6.86 0.90
C GLY A 93 -11.68 6.27 2.12
N GLU A 94 -12.01 5.02 2.45
CA GLU A 94 -11.50 4.37 3.64
C GLU A 94 -9.98 4.20 3.54
N LYS A 95 -9.24 4.71 4.54
CA LYS A 95 -7.77 4.58 4.56
C LYS A 95 -7.28 4.03 5.90
N CYS A 96 -6.33 3.10 5.82
CA CYS A 96 -5.69 2.52 7.00
C CYS A 96 -4.19 2.71 6.87
N SER A 97 -3.58 3.32 7.86
CA SER A 97 -2.19 3.71 7.75
C SER A 97 -1.23 2.58 8.05
N THR A 98 -0.20 2.49 7.26
CA THR A 98 0.88 1.56 7.49
C THR A 98 2.20 2.30 7.23
N GLU A 99 3.15 2.15 8.13
CA GLU A 99 4.37 2.93 8.01
C GLU A 99 5.28 2.33 6.95
N LEU A 100 6.00 3.18 6.27
CA LEU A 100 6.86 2.76 5.20
C LEU A 100 8.31 2.98 5.57
N PHE A 101 8.99 1.89 5.85
CA PHE A 101 10.41 1.89 6.13
C PHE A 101 11.14 1.33 4.92
N VAL A 102 12.35 1.79 4.66
CA VAL A 102 13.09 1.24 3.54
C VAL A 102 14.32 0.47 4.01
N LYS A 103 14.41 -0.77 3.57
CA LYS A 103 15.57 -1.58 3.79
C LYS A 103 16.50 -1.40 2.60
N GLU A 104 17.55 -0.65 2.82
CA GLU A 104 18.38 -0.22 1.74
C GLU A 104 19.50 -1.23 1.47
N ASP A 11 -7.54 9.57 12.93
CA ASP A 11 -6.75 8.35 13.24
C ASP A 11 -7.15 7.22 12.31
N GLU A 12 -6.21 6.72 11.53
CA GLU A 12 -6.46 5.61 10.65
C GLU A 12 -6.44 4.30 11.43
N LYS A 13 -7.42 3.46 11.15
CA LYS A 13 -7.56 2.17 11.81
C LYS A 13 -8.29 1.21 10.90
N LYS A 14 -8.11 -0.10 11.10
CA LYS A 14 -8.69 -1.09 10.21
C LYS A 14 -10.18 -0.86 10.02
N SER A 15 -10.55 -0.62 8.77
CA SER A 15 -11.89 -0.21 8.39
C SER A 15 -12.09 -0.49 6.91
N THR A 16 -11.01 -0.24 6.18
CA THR A 16 -10.97 -0.35 4.74
C THR A 16 -11.46 -1.70 4.26
N ALA A 17 -11.65 -1.81 2.96
CA ALA A 17 -12.00 -3.08 2.34
C ALA A 17 -10.84 -4.03 2.32
N PHE A 18 -9.86 -3.77 3.16
CA PHE A 18 -8.74 -4.66 3.32
C PHE A 18 -9.00 -5.51 4.54
N GLN A 19 -9.37 -6.74 4.30
CA GLN A 19 -9.66 -7.72 5.34
C GLN A 19 -8.60 -7.63 6.40
N LYS A 20 -7.38 -7.80 5.95
CA LYS A 20 -6.23 -7.55 6.78
C LYS A 20 -5.18 -6.79 5.98
N LYS A 21 -4.74 -5.66 6.50
CA LYS A 21 -3.59 -4.98 5.92
C LYS A 21 -2.32 -5.55 6.55
N LEU A 22 -1.24 -5.55 5.78
CA LEU A 22 0.05 -6.02 6.26
C LEU A 22 0.51 -5.13 7.43
N GLU A 23 1.52 -5.58 8.17
CA GLU A 23 2.00 -4.85 9.35
C GLU A 23 2.24 -3.37 9.04
N PRO A 24 1.94 -2.48 10.01
CA PRO A 24 2.09 -1.02 9.87
C PRO A 24 3.54 -0.57 9.72
N ALA A 25 4.36 -1.38 9.09
CA ALA A 25 5.72 -1.02 8.77
C ALA A 25 6.18 -1.83 7.56
N TYR A 26 5.86 -1.32 6.39
CA TYR A 26 6.28 -1.96 5.16
C TYR A 26 7.74 -1.59 4.90
N GLN A 27 8.59 -2.59 4.71
CA GLN A 27 10.00 -2.35 4.49
C GLN A 27 10.37 -2.59 3.03
N VAL A 28 10.66 -1.50 2.32
CA VAL A 28 11.01 -1.58 0.91
C VAL A 28 12.34 -2.27 0.73
N SER A 29 12.37 -3.24 -0.14
CA SER A 29 13.64 -3.67 -0.65
C SER A 29 14.09 -2.63 -1.67
N LYS A 30 14.99 -1.75 -1.24
CA LYS A 30 15.28 -0.50 -1.95
C LYS A 30 15.42 -0.71 -3.46
N GLY A 31 14.59 0.00 -4.21
CA GLY A 31 14.63 -0.10 -5.66
C GLY A 31 14.21 -1.45 -6.19
N HIS A 32 13.99 -2.39 -5.27
CA HIS A 32 13.51 -3.71 -5.64
C HIS A 32 11.99 -3.71 -5.57
N LYS A 33 11.46 -2.49 -5.53
CA LYS A 33 10.02 -2.18 -5.50
C LYS A 33 9.30 -2.89 -4.37
N ILE A 34 8.80 -2.10 -3.43
CA ILE A 34 8.06 -2.66 -2.32
C ILE A 34 6.59 -2.83 -2.67
N ARG A 35 6.07 -3.99 -2.38
CA ARG A 35 4.68 -4.31 -2.67
C ARG A 35 3.83 -4.07 -1.42
N LEU A 36 2.68 -3.42 -1.56
CA LEU A 36 1.84 -3.20 -0.42
C LEU A 36 0.82 -4.32 -0.37
N THR A 37 1.19 -5.37 0.32
CA THR A 37 0.41 -6.59 0.35
C THR A 37 -0.63 -6.55 1.46
N VAL A 38 -1.84 -6.96 1.14
CA VAL A 38 -2.96 -6.92 2.05
C VAL A 38 -3.89 -8.08 1.75
N GLU A 39 -4.61 -8.56 2.74
CA GLU A 39 -5.65 -9.52 2.48
C GLU A 39 -6.92 -8.74 2.26
N LEU A 40 -7.39 -8.68 1.04
CA LEU A 40 -8.53 -7.85 0.72
C LEU A 40 -9.81 -8.47 1.20
N ALA A 41 -10.77 -7.63 1.52
CA ALA A 41 -12.13 -8.07 1.79
C ALA A 41 -12.89 -8.12 0.47
N ASP A 42 -12.58 -7.15 -0.38
CA ASP A 42 -13.15 -7.05 -1.73
C ASP A 42 -12.59 -8.12 -2.64
N HIS A 43 -11.31 -8.44 -2.42
CA HIS A 43 -10.58 -9.44 -3.20
C HIS A 43 -10.15 -8.90 -4.56
N ASP A 44 -11.09 -8.48 -5.38
CA ASP A 44 -10.72 -7.93 -6.68
C ASP A 44 -11.38 -6.58 -6.93
N ALA A 45 -11.21 -5.70 -5.97
CA ALA A 45 -11.61 -4.32 -6.15
C ALA A 45 -10.40 -3.50 -6.56
N GLU A 46 -10.66 -2.31 -7.06
CA GLU A 46 -9.61 -1.37 -7.29
C GLU A 46 -9.15 -0.79 -5.96
N VAL A 47 -7.90 -1.01 -5.62
CA VAL A 47 -7.37 -0.49 -4.37
C VAL A 47 -6.61 0.80 -4.61
N LYS A 48 -7.08 1.85 -3.97
CA LYS A 48 -6.37 3.11 -3.98
C LYS A 48 -5.53 3.16 -2.71
N TRP A 49 -4.41 3.82 -2.74
CA TRP A 49 -3.56 3.80 -1.57
C TRP A 49 -3.22 5.21 -1.17
N LEU A 50 -2.70 5.37 -0.01
CA LEU A 50 -2.53 6.69 0.54
C LEU A 50 -1.07 6.85 0.98
N LYS A 51 -0.50 7.99 0.71
CA LYS A 51 0.77 8.34 1.32
C LYS A 51 0.43 9.20 2.51
N ASN A 52 1.21 9.17 3.59
CA ASN A 52 0.84 9.90 4.79
C ASN A 52 0.27 11.29 4.46
N GLY A 53 -1.04 11.42 4.59
CA GLY A 53 -1.73 12.64 4.19
C GLY A 53 -2.06 12.71 2.71
N GLN A 54 -1.10 12.37 1.85
CA GLN A 54 -1.31 12.50 0.40
C GLN A 54 -2.03 11.29 -0.17
N GLU A 55 -3.05 11.50 -0.97
CA GLU A 55 -3.79 10.38 -1.54
C GLU A 55 -3.06 9.79 -2.75
N ILE A 56 -2.99 8.47 -2.78
CA ILE A 56 -2.16 7.74 -3.74
C ILE A 56 -3.01 6.93 -4.73
N GLN A 57 -2.86 7.26 -6.00
CA GLN A 57 -3.58 6.58 -7.06
C GLN A 57 -2.84 5.31 -7.48
N MET A 58 -2.62 5.13 -8.78
CA MET A 58 -1.93 3.96 -9.30
C MET A 58 -1.23 4.30 -10.62
N SER A 59 -0.13 3.62 -10.90
CA SER A 59 0.72 3.95 -12.04
C SER A 59 1.61 2.76 -12.40
N GLY A 60 2.25 2.84 -13.56
CA GLY A 60 3.12 1.76 -14.01
C GLY A 60 4.47 1.79 -13.32
N SER A 61 4.97 2.99 -13.04
CA SER A 61 6.28 3.16 -12.43
C SER A 61 6.21 3.08 -10.91
N LYS A 62 5.07 3.47 -10.36
CA LYS A 62 4.87 3.49 -8.92
C LYS A 62 3.39 3.33 -8.63
N TYR A 63 3.03 2.84 -7.44
CA TYR A 63 1.63 2.57 -7.13
C TYR A 63 1.08 1.54 -8.10
N ILE A 64 1.86 0.49 -8.32
CA ILE A 64 1.53 -0.56 -9.27
C ILE A 64 0.59 -1.58 -8.62
N PHE A 65 -0.69 -1.48 -8.89
CA PHE A 65 -1.66 -2.38 -8.26
C PHE A 65 -1.51 -3.81 -8.81
N GLU A 66 -1.57 -4.78 -7.92
CA GLU A 66 -1.41 -6.19 -8.28
C GLU A 66 -2.17 -7.05 -7.28
N SER A 67 -2.81 -8.10 -7.76
CA SER A 67 -3.62 -8.94 -6.89
C SER A 67 -3.06 -10.35 -6.81
N ILE A 68 -3.02 -10.89 -5.60
CA ILE A 68 -2.56 -12.26 -5.39
C ILE A 68 -3.56 -13.02 -4.51
N GLY A 69 -4.40 -13.83 -5.15
CA GLY A 69 -5.36 -14.65 -4.43
C GLY A 69 -6.15 -13.87 -3.40
N ALA A 70 -6.85 -12.83 -3.86
CA ALA A 70 -7.55 -11.87 -3.00
C ALA A 70 -6.58 -10.90 -2.34
N LYS A 71 -5.43 -11.39 -1.92
CA LYS A 71 -4.46 -10.55 -1.25
C LYS A 71 -3.96 -9.50 -2.23
N ARG A 72 -4.39 -8.29 -1.99
CA ARG A 72 -4.11 -7.20 -2.88
C ARG A 72 -2.76 -6.59 -2.56
N THR A 73 -2.10 -6.12 -3.59
CA THR A 73 -0.78 -5.59 -3.45
C THR A 73 -0.62 -4.29 -4.23
N LEU A 74 -0.03 -3.30 -3.59
CA LEU A 74 0.32 -2.06 -4.26
C LEU A 74 1.83 -1.99 -4.45
N THR A 75 2.30 -2.28 -5.64
CA THR A 75 3.74 -2.31 -5.88
C THR A 75 4.29 -0.90 -6.09
N ILE A 76 5.10 -0.46 -5.15
CA ILE A 76 5.77 0.82 -5.24
C ILE A 76 7.19 0.59 -5.75
N SER A 77 7.45 1.06 -6.95
CA SER A 77 8.70 0.78 -7.62
C SER A 77 9.55 2.05 -7.74
N GLN A 78 10.87 1.85 -7.78
CA GLN A 78 11.81 2.95 -7.87
C GLN A 78 11.60 3.92 -6.71
N CYS A 79 11.62 3.36 -5.51
CA CYS A 79 11.40 4.08 -4.29
C CYS A 79 12.16 3.35 -3.22
N SER A 80 13.22 3.97 -2.78
CA SER A 80 14.12 3.33 -1.88
C SER A 80 14.35 4.22 -0.68
N LEU A 81 15.60 4.56 -0.41
CA LEU A 81 15.96 5.42 0.72
C LEU A 81 15.53 6.86 0.46
N ALA A 82 14.26 7.05 0.13
CA ALA A 82 13.71 8.35 -0.20
C ALA A 82 12.21 8.35 -0.04
N ASP A 83 11.54 7.30 -0.53
CA ASP A 83 10.09 7.21 -0.40
C ASP A 83 9.69 6.71 0.98
N ASP A 84 10.69 6.50 1.83
CA ASP A 84 10.50 6.11 3.22
C ASP A 84 9.60 7.11 3.94
N ALA A 85 8.47 6.62 4.46
CA ALA A 85 7.44 7.48 5.08
C ALA A 85 6.30 6.62 5.63
N ALA A 86 5.08 6.82 5.14
CA ALA A 86 3.94 6.00 5.55
C ALA A 86 2.94 5.91 4.41
N TYR A 87 2.46 4.70 4.13
CA TYR A 87 1.43 4.51 3.11
C TYR A 87 0.19 3.83 3.69
N GLN A 88 -0.93 4.55 3.64
CA GLN A 88 -2.22 4.01 4.00
C GLN A 88 -2.83 3.27 2.82
N CYS A 89 -3.88 2.52 3.08
CA CYS A 89 -4.57 1.77 2.04
C CYS A 89 -6.01 2.16 1.98
N VAL A 90 -6.54 2.31 0.77
CA VAL A 90 -7.82 2.99 0.66
C VAL A 90 -8.71 2.40 -0.45
N VAL A 91 -9.96 2.21 -0.10
CA VAL A 91 -10.95 1.74 -1.05
C VAL A 91 -12.25 2.50 -0.81
N GLY A 92 -12.63 3.32 -1.78
CA GLY A 92 -13.81 4.14 -1.65
C GLY A 92 -13.73 5.13 -0.50
N GLY A 93 -12.57 5.78 -0.36
CA GLY A 93 -12.42 6.79 0.68
C GLY A 93 -11.80 6.25 1.95
N GLU A 94 -12.12 5.01 2.31
CA GLU A 94 -11.61 4.39 3.53
C GLU A 94 -10.09 4.22 3.43
N LYS A 95 -9.33 4.76 4.41
CA LYS A 95 -7.87 4.57 4.42
C LYS A 95 -7.38 4.00 5.77
N CYS A 96 -6.44 3.07 5.69
CA CYS A 96 -5.84 2.44 6.86
C CYS A 96 -4.33 2.61 6.79
N SER A 97 -3.75 3.17 7.84
CA SER A 97 -2.37 3.62 7.80
C SER A 97 -1.35 2.51 8.02
N THR A 98 -0.23 2.65 7.34
CA THR A 98 0.90 1.75 7.49
C THR A 98 2.19 2.53 7.27
N GLU A 99 3.14 2.39 8.17
CA GLU A 99 4.40 3.12 8.07
C GLU A 99 5.30 2.43 7.06
N LEU A 100 6.03 3.24 6.31
CA LEU A 100 6.82 2.75 5.21
C LEU A 100 8.30 2.99 5.45
N PHE A 101 9.02 1.92 5.71
CA PHE A 101 10.45 1.95 5.90
C PHE A 101 11.13 1.31 4.70
N VAL A 102 12.32 1.74 4.34
CA VAL A 102 13.01 1.12 3.23
C VAL A 102 14.29 0.44 3.69
N LYS A 103 14.50 -0.76 3.18
CA LYS A 103 15.69 -1.53 3.46
C LYS A 103 16.65 -1.41 2.29
N GLU A 104 17.90 -1.06 2.59
CA GLU A 104 18.91 -0.89 1.55
C GLU A 104 19.26 -2.23 0.91
N ASP A 11 -6.14 9.59 12.49
CA ASP A 11 -6.44 8.46 13.40
C ASP A 11 -7.07 7.33 12.62
N GLU A 12 -6.49 7.04 11.47
CA GLU A 12 -6.99 6.01 10.60
C GLU A 12 -6.44 4.65 11.00
N LYS A 13 -7.33 3.74 11.33
CA LYS A 13 -6.96 2.37 11.66
C LYS A 13 -7.73 1.44 10.75
N LYS A 14 -7.87 0.18 11.15
CA LYS A 14 -8.54 -0.79 10.30
C LYS A 14 -9.99 -0.43 10.01
N SER A 15 -10.25 -0.34 8.72
CA SER A 15 -11.56 -0.03 8.16
C SER A 15 -11.50 -0.47 6.70
N THR A 16 -11.63 0.47 5.79
CA THR A 16 -11.35 0.24 4.36
C THR A 16 -12.06 -1.01 3.86
N ALA A 17 -11.48 -1.63 2.84
CA ALA A 17 -11.97 -2.88 2.33
C ALA A 17 -10.86 -3.91 2.38
N PHE A 18 -9.87 -3.66 3.20
CA PHE A 18 -8.79 -4.59 3.37
C PHE A 18 -9.05 -5.42 4.60
N GLN A 19 -9.33 -6.68 4.37
CA GLN A 19 -9.62 -7.64 5.41
C GLN A 19 -8.53 -7.59 6.45
N LYS A 20 -7.33 -7.79 5.97
CA LYS A 20 -6.14 -7.56 6.77
C LYS A 20 -5.12 -6.79 5.94
N LYS A 21 -4.68 -5.67 6.47
CA LYS A 21 -3.57 -4.94 5.88
C LYS A 21 -2.28 -5.42 6.53
N LEU A 22 -1.22 -5.51 5.75
CA LEU A 22 0.07 -5.91 6.28
C LEU A 22 0.50 -4.97 7.40
N GLU A 23 1.42 -5.41 8.23
CA GLU A 23 1.84 -4.67 9.42
C GLU A 23 2.12 -3.19 9.12
N PRO A 24 1.82 -2.29 10.08
CA PRO A 24 1.99 -0.84 9.94
C PRO A 24 3.45 -0.41 9.81
N ALA A 25 4.25 -1.22 9.14
CA ALA A 25 5.63 -0.90 8.85
C ALA A 25 6.14 -1.73 7.68
N TYR A 26 5.82 -1.28 6.48
CA TYR A 26 6.30 -1.94 5.28
C TYR A 26 7.77 -1.57 5.07
N GLN A 27 8.61 -2.56 4.79
CA GLN A 27 10.03 -2.31 4.57
C GLN A 27 10.38 -2.52 3.11
N VAL A 28 10.54 -1.42 2.38
CA VAL A 28 10.86 -1.50 0.96
C VAL A 28 12.31 -1.88 0.75
N SER A 29 12.51 -2.90 -0.05
CA SER A 29 13.84 -3.24 -0.50
C SER A 29 14.23 -2.22 -1.57
N LYS A 30 15.06 -1.27 -1.16
CA LYS A 30 15.29 -0.05 -1.95
C LYS A 30 15.47 -0.32 -3.43
N GLY A 31 14.62 0.32 -4.22
CA GLY A 31 14.68 0.23 -5.67
C GLY A 31 14.34 -1.15 -6.20
N HIS A 32 14.04 -2.06 -5.29
CA HIS A 32 13.62 -3.41 -5.65
C HIS A 32 12.11 -3.45 -5.75
N LYS A 33 11.51 -2.28 -5.51
CA LYS A 33 10.06 -2.08 -5.57
C LYS A 33 9.38 -2.74 -4.39
N ILE A 34 8.86 -1.94 -3.46
CA ILE A 34 8.11 -2.52 -2.34
C ILE A 34 6.65 -2.69 -2.71
N ARG A 35 6.10 -3.84 -2.39
CA ARG A 35 4.71 -4.13 -2.70
C ARG A 35 3.86 -3.99 -1.44
N LEU A 36 2.68 -3.39 -1.56
CA LEU A 36 1.82 -3.22 -0.42
C LEU A 36 0.84 -4.35 -0.36
N THR A 37 1.21 -5.40 0.36
CA THR A 37 0.44 -6.62 0.40
C THR A 37 -0.63 -6.54 1.47
N VAL A 38 -1.83 -6.99 1.12
CA VAL A 38 -2.97 -6.96 2.02
C VAL A 38 -3.92 -8.10 1.69
N GLU A 39 -4.67 -8.55 2.66
CA GLU A 39 -5.74 -9.46 2.38
C GLU A 39 -7.00 -8.65 2.20
N LEU A 40 -7.51 -8.60 0.99
CA LEU A 40 -8.65 -7.76 0.69
C LEU A 40 -9.93 -8.36 1.23
N ALA A 41 -10.85 -7.49 1.61
CA ALA A 41 -12.19 -7.89 1.97
C ALA A 41 -13.04 -7.93 0.70
N ASP A 42 -12.71 -7.02 -0.21
CA ASP A 42 -13.36 -6.95 -1.52
C ASP A 42 -12.90 -8.08 -2.41
N HIS A 43 -11.62 -8.42 -2.28
CA HIS A 43 -11.00 -9.51 -3.06
C HIS A 43 -10.69 -9.09 -4.49
N ASP A 44 -11.65 -8.48 -5.17
CA ASP A 44 -11.46 -8.08 -6.56
C ASP A 44 -12.01 -6.68 -6.81
N ALA A 45 -11.40 -5.72 -6.13
CA ALA A 45 -11.75 -4.32 -6.29
C ALA A 45 -10.50 -3.50 -6.48
N GLU A 46 -10.61 -2.39 -7.19
CA GLU A 46 -9.45 -1.53 -7.39
C GLU A 46 -9.06 -0.90 -6.07
N VAL A 47 -7.85 -1.19 -5.64
CA VAL A 47 -7.36 -0.64 -4.40
C VAL A 47 -6.58 0.62 -4.65
N LYS A 48 -6.95 1.66 -3.96
CA LYS A 48 -6.23 2.90 -4.00
C LYS A 48 -5.47 3.02 -2.69
N TRP A 49 -4.35 3.68 -2.69
CA TRP A 49 -3.54 3.67 -1.50
C TRP A 49 -3.21 5.09 -1.13
N LEU A 50 -2.70 5.29 0.05
CA LEU A 50 -2.49 6.63 0.55
C LEU A 50 -1.03 6.77 0.99
N LYS A 51 -0.43 7.89 0.74
CA LYS A 51 0.87 8.18 1.36
C LYS A 51 0.57 9.07 2.55
N ASN A 52 1.36 8.99 3.63
CA ASN A 52 0.96 9.67 4.87
C ASN A 52 0.41 11.07 4.58
N GLY A 53 -0.89 11.21 4.78
CA GLY A 53 -1.60 12.43 4.45
C GLY A 53 -2.03 12.52 2.98
N GLN A 54 -1.15 12.17 2.05
CA GLN A 54 -1.47 12.33 0.63
C GLN A 54 -2.06 11.08 0.01
N GLU A 55 -2.73 11.26 -1.10
CA GLU A 55 -3.43 10.16 -1.72
C GLU A 55 -2.61 9.50 -2.82
N ILE A 56 -2.64 8.18 -2.81
CA ILE A 56 -1.85 7.37 -3.70
C ILE A 56 -2.75 6.62 -4.71
N GLN A 57 -2.62 7.03 -5.96
CA GLN A 57 -3.47 6.52 -7.02
C GLN A 57 -2.97 5.17 -7.54
N MET A 58 -2.79 5.08 -8.85
CA MET A 58 -2.31 3.87 -9.49
C MET A 58 -1.58 4.24 -10.77
N SER A 59 -0.42 3.63 -10.97
CA SER A 59 0.46 4.00 -12.07
C SER A 59 1.47 2.90 -12.34
N GLY A 60 2.18 3.00 -13.44
CA GLY A 60 3.22 2.04 -13.77
C GLY A 60 4.54 2.42 -13.11
N SER A 61 4.76 3.71 -12.97
CA SER A 61 5.99 4.22 -12.37
C SER A 61 5.98 4.03 -10.85
N LYS A 62 4.80 4.17 -10.27
CA LYS A 62 4.59 3.97 -8.84
C LYS A 62 3.14 3.63 -8.60
N TYR A 63 2.84 3.00 -7.47
CA TYR A 63 1.45 2.66 -7.13
C TYR A 63 0.90 1.67 -8.16
N ILE A 64 1.66 0.60 -8.37
CA ILE A 64 1.29 -0.42 -9.34
C ILE A 64 0.32 -1.42 -8.69
N PHE A 65 -0.82 -1.67 -9.31
CA PHE A 65 -1.75 -2.63 -8.75
C PHE A 65 -1.30 -4.07 -9.04
N GLU A 66 -1.37 -4.91 -8.03
CA GLU A 66 -1.02 -6.32 -8.18
C GLU A 66 -1.95 -7.18 -7.32
N SER A 67 -2.58 -8.15 -7.95
CA SER A 67 -3.59 -8.94 -7.28
C SER A 67 -3.15 -10.38 -7.11
N ILE A 68 -3.33 -10.92 -5.91
CA ILE A 68 -3.05 -12.31 -5.65
C ILE A 68 -4.23 -12.96 -4.92
N GLY A 69 -5.12 -13.56 -5.70
CA GLY A 69 -6.37 -14.05 -5.14
C GLY A 69 -7.17 -12.91 -4.54
N ALA A 70 -7.60 -13.08 -3.30
CA ALA A 70 -8.20 -11.98 -2.56
C ALA A 70 -7.14 -10.97 -2.20
N LYS A 71 -5.96 -11.47 -1.86
CA LYS A 71 -4.91 -10.62 -1.36
C LYS A 71 -4.49 -9.62 -2.43
N ARG A 72 -4.46 -8.38 -2.03
CA ARG A 72 -4.16 -7.30 -2.93
C ARG A 72 -2.81 -6.69 -2.60
N THR A 73 -2.15 -6.23 -3.64
CA THR A 73 -0.81 -5.71 -3.49
C THR A 73 -0.64 -4.41 -4.26
N LEU A 74 -0.04 -3.42 -3.62
CA LEU A 74 0.30 -2.18 -4.29
C LEU A 74 1.80 -2.15 -4.53
N THR A 75 2.23 -2.44 -5.74
CA THR A 75 3.65 -2.45 -6.05
C THR A 75 4.16 -1.02 -6.20
N ILE A 76 5.12 -0.66 -5.38
CA ILE A 76 5.70 0.66 -5.38
C ILE A 76 7.12 0.62 -5.93
N SER A 77 7.33 1.38 -6.99
CA SER A 77 8.60 1.42 -7.66
C SER A 77 9.26 2.79 -7.47
N GLN A 78 10.58 2.79 -7.35
CA GLN A 78 11.34 4.02 -7.14
C GLN A 78 10.84 4.75 -5.90
N CYS A 79 11.05 4.13 -4.75
CA CYS A 79 10.61 4.67 -3.47
C CYS A 79 11.52 4.12 -2.41
N SER A 80 12.79 4.28 -2.69
CA SER A 80 13.84 3.68 -1.92
C SER A 80 14.20 4.59 -0.74
N LEU A 81 15.48 4.95 -0.64
CA LEU A 81 15.98 5.84 0.40
C LEU A 81 15.49 7.28 0.20
N ALA A 82 14.18 7.44 0.10
CA ALA A 82 13.58 8.74 -0.19
C ALA A 82 12.10 8.74 0.19
N ASP A 83 11.39 7.69 -0.21
CA ASP A 83 9.96 7.60 0.07
C ASP A 83 9.70 6.86 1.37
N ASP A 84 10.74 6.72 2.18
CA ASP A 84 10.62 6.24 3.55
C ASP A 84 9.66 7.14 4.31
N ALA A 85 8.47 6.62 4.60
CA ALA A 85 7.37 7.44 5.10
C ALA A 85 6.25 6.58 5.66
N ALA A 86 5.04 6.73 5.12
CA ALA A 86 3.92 5.91 5.52
C ALA A 86 2.95 5.76 4.36
N TYR A 87 2.48 4.55 4.10
CA TYR A 87 1.50 4.32 3.04
C TYR A 87 0.25 3.64 3.60
N GLN A 88 -0.86 4.39 3.60
CA GLN A 88 -2.16 3.88 3.98
C GLN A 88 -2.81 3.14 2.81
N CYS A 89 -3.89 2.44 3.08
CA CYS A 89 -4.61 1.71 2.04
C CYS A 89 -6.04 2.13 1.98
N VAL A 90 -6.56 2.27 0.76
CA VAL A 90 -7.82 2.95 0.60
C VAL A 90 -8.69 2.35 -0.51
N VAL A 91 -9.97 2.25 -0.22
CA VAL A 91 -10.95 1.76 -1.17
C VAL A 91 -12.21 2.59 -1.06
N GLY A 92 -12.55 3.29 -2.13
CA GLY A 92 -13.67 4.22 -2.09
C GLY A 92 -13.31 5.53 -1.40
N GLY A 93 -12.55 5.44 -0.33
CA GLY A 93 -12.17 6.60 0.45
C GLY A 93 -11.55 6.20 1.77
N GLU A 94 -11.99 5.06 2.27
CA GLU A 94 -11.50 4.50 3.53
C GLU A 94 -10.01 4.23 3.48
N LYS A 95 -9.25 4.72 4.47
CA LYS A 95 -7.79 4.51 4.51
C LYS A 95 -7.33 3.91 5.84
N CYS A 96 -6.39 2.97 5.74
CA CYS A 96 -5.76 2.33 6.90
C CYS A 96 -4.27 2.59 6.83
N SER A 97 -3.71 3.15 7.89
CA SER A 97 -2.33 3.62 7.86
C SER A 97 -1.31 2.51 8.09
N THR A 98 -0.20 2.65 7.40
CA THR A 98 0.93 1.75 7.54
C THR A 98 2.22 2.53 7.31
N GLU A 99 3.17 2.41 8.20
CA GLU A 99 4.41 3.15 8.07
C GLU A 99 5.32 2.46 7.06
N LEU A 100 6.09 3.24 6.36
CA LEU A 100 6.93 2.74 5.29
C LEU A 100 8.40 3.02 5.58
N PHE A 101 9.17 1.96 5.69
CA PHE A 101 10.59 2.06 5.93
C PHE A 101 11.34 1.44 4.75
N VAL A 102 12.39 2.09 4.29
CA VAL A 102 13.17 1.51 3.21
C VAL A 102 14.40 0.79 3.73
N LYS A 103 14.56 -0.44 3.25
CA LYS A 103 15.71 -1.25 3.57
C LYS A 103 16.67 -1.19 2.39
N GLU A 104 17.90 -0.80 2.67
CA GLU A 104 18.89 -0.61 1.62
C GLU A 104 19.23 -1.94 0.93
N ASP A 11 -10.70 6.93 11.38
CA ASP A 11 -9.38 6.88 12.05
C ASP A 11 -8.47 5.89 11.34
N GLU A 12 -7.27 6.33 11.02
CA GLU A 12 -6.32 5.47 10.33
C GLU A 12 -5.66 4.49 11.29
N LYS A 13 -5.99 3.22 11.12
CA LYS A 13 -5.37 2.15 11.86
C LYS A 13 -5.72 0.86 11.14
N LYS A 14 -6.54 0.02 11.75
CA LYS A 14 -7.14 -1.06 11.01
C LYS A 14 -8.62 -0.78 10.74
N SER A 15 -8.99 -0.88 9.48
CA SER A 15 -10.34 -0.61 8.99
C SER A 15 -10.37 -0.98 7.51
N THR A 16 -10.88 -0.07 6.67
CA THR A 16 -10.88 -0.21 5.21
C THR A 16 -11.49 -1.51 4.72
N ALA A 17 -11.51 -1.70 3.41
CA ALA A 17 -12.03 -2.92 2.84
C ALA A 17 -10.91 -3.94 2.70
N PHE A 18 -9.85 -3.73 3.43
CA PHE A 18 -8.75 -4.66 3.46
C PHE A 18 -8.94 -5.56 4.66
N GLN A 19 -9.40 -6.76 4.38
CA GLN A 19 -9.66 -7.78 5.39
C GLN A 19 -8.54 -7.77 6.41
N LYS A 20 -7.35 -7.90 5.91
CA LYS A 20 -6.17 -7.72 6.68
C LYS A 20 -5.15 -6.90 5.89
N LYS A 21 -4.70 -5.80 6.45
CA LYS A 21 -3.57 -5.11 5.87
C LYS A 21 -2.31 -5.64 6.51
N LEU A 22 -1.21 -5.68 5.76
CA LEU A 22 0.05 -6.14 6.30
C LEU A 22 0.52 -5.23 7.44
N GLU A 23 1.49 -5.69 8.22
CA GLU A 23 1.96 -4.97 9.42
C GLU A 23 2.19 -3.49 9.14
N PRO A 24 1.90 -2.63 10.13
CA PRO A 24 2.02 -1.16 10.01
C PRO A 24 3.46 -0.68 9.83
N ALA A 25 4.27 -1.49 9.18
CA ALA A 25 5.62 -1.10 8.81
C ALA A 25 6.07 -1.89 7.59
N TYR A 26 5.74 -1.38 6.42
CA TYR A 26 6.17 -1.97 5.18
C TYR A 26 7.61 -1.57 4.94
N GLN A 27 8.49 -2.54 4.69
CA GLN A 27 9.90 -2.25 4.52
C GLN A 27 10.32 -2.42 3.06
N VAL A 28 10.55 -1.30 2.38
CA VAL A 28 11.01 -1.32 1.01
C VAL A 28 12.37 -1.97 0.93
N SER A 29 12.55 -2.82 -0.04
CA SER A 29 13.90 -3.15 -0.41
C SER A 29 14.34 -2.09 -1.40
N LYS A 30 15.13 -1.14 -0.93
CA LYS A 30 15.39 0.09 -1.69
C LYS A 30 15.65 -0.19 -3.16
N GLY A 31 14.83 0.42 -4.01
CA GLY A 31 14.99 0.29 -5.44
C GLY A 31 14.53 -1.06 -5.97
N HIS A 32 14.16 -1.96 -5.06
CA HIS A 32 13.67 -3.27 -5.45
C HIS A 32 12.17 -3.21 -5.66
N LYS A 33 11.62 -2.01 -5.44
CA LYS A 33 10.18 -1.75 -5.54
C LYS A 33 9.43 -2.45 -4.41
N ILE A 34 8.91 -1.68 -3.46
CA ILE A 34 8.17 -2.30 -2.37
C ILE A 34 6.70 -2.49 -2.74
N ARG A 35 6.17 -3.67 -2.42
CA ARG A 35 4.80 -3.99 -2.77
C ARG A 35 3.93 -3.99 -1.52
N LEU A 36 2.75 -3.37 -1.60
CA LEU A 36 1.89 -3.25 -0.44
C LEU A 36 0.88 -4.38 -0.43
N THR A 37 1.22 -5.44 0.27
CA THR A 37 0.39 -6.63 0.30
C THR A 37 -0.69 -6.53 1.35
N VAL A 38 -1.89 -6.94 0.99
CA VAL A 38 -3.04 -6.91 1.89
C VAL A 38 -3.97 -8.06 1.55
N GLU A 39 -4.68 -8.56 2.54
CA GLU A 39 -5.77 -9.46 2.25
C GLU A 39 -7.02 -8.63 2.19
N LEU A 40 -7.65 -8.60 1.04
CA LEU A 40 -8.80 -7.74 0.85
C LEU A 40 -10.06 -8.37 1.38
N ALA A 41 -11.01 -7.52 1.71
CA ALA A 41 -12.35 -7.96 2.04
C ALA A 41 -13.17 -8.03 0.76
N ASP A 42 -12.85 -7.10 -0.14
CA ASP A 42 -13.45 -7.07 -1.47
C ASP A 42 -12.92 -8.19 -2.34
N HIS A 43 -11.64 -8.49 -2.14
CA HIS A 43 -10.92 -9.55 -2.88
C HIS A 43 -10.58 -9.11 -4.30
N ASP A 44 -11.57 -8.69 -5.06
CA ASP A 44 -11.36 -8.35 -6.47
C ASP A 44 -11.76 -6.91 -6.77
N ALA A 45 -11.34 -6.01 -5.91
CA ALA A 45 -11.59 -4.60 -6.10
C ALA A 45 -10.30 -3.85 -6.36
N GLU A 46 -10.41 -2.71 -7.03
CA GLU A 46 -9.26 -1.84 -7.24
C GLU A 46 -8.89 -1.19 -5.91
N VAL A 47 -7.68 -1.44 -5.45
CA VAL A 47 -7.23 -0.85 -4.21
C VAL A 47 -6.47 0.44 -4.48
N LYS A 48 -6.94 1.50 -3.87
CA LYS A 48 -6.29 2.79 -3.96
C LYS A 48 -5.48 2.98 -2.70
N TRP A 49 -4.40 3.70 -2.74
CA TRP A 49 -3.55 3.75 -1.58
C TRP A 49 -3.24 5.18 -1.23
N LEU A 50 -2.70 5.39 -0.06
CA LEU A 50 -2.48 6.72 0.43
C LEU A 50 -1.02 6.87 0.83
N LYS A 51 -0.42 7.98 0.48
CA LYS A 51 0.90 8.29 1.00
C LYS A 51 0.68 9.08 2.27
N ASN A 52 1.57 9.00 3.24
CA ASN A 52 1.34 9.65 4.52
C ASN A 52 0.84 11.09 4.29
N GLY A 53 -0.47 11.27 4.52
CA GLY A 53 -1.13 12.52 4.19
C GLY A 53 -1.50 12.66 2.71
N GLN A 54 -0.63 12.22 1.82
CA GLN A 54 -0.85 12.37 0.37
C GLN A 54 -1.73 11.23 -0.17
N GLU A 55 -2.47 11.47 -1.23
CA GLU A 55 -3.33 10.42 -1.78
C GLU A 55 -2.65 9.68 -2.93
N ILE A 56 -2.73 8.36 -2.89
CA ILE A 56 -1.99 7.51 -3.82
C ILE A 56 -2.92 6.75 -4.78
N GLN A 57 -2.78 7.06 -6.05
CA GLN A 57 -3.61 6.47 -7.09
C GLN A 57 -3.13 5.07 -7.46
N MET A 58 -3.03 4.81 -8.76
CA MET A 58 -2.58 3.53 -9.29
C MET A 58 -2.13 3.72 -10.73
N SER A 59 -0.97 3.20 -11.06
CA SER A 59 -0.39 3.48 -12.36
C SER A 59 0.61 2.38 -12.77
N GLY A 60 1.39 2.67 -13.80
CA GLY A 60 2.33 1.69 -14.32
C GLY A 60 3.69 1.76 -13.67
N SER A 61 4.16 2.98 -13.40
CA SER A 61 5.47 3.17 -12.80
C SER A 61 5.36 3.20 -11.28
N LYS A 62 4.48 4.05 -10.76
CA LYS A 62 4.28 4.17 -9.33
C LYS A 62 2.92 3.61 -8.97
N TYR A 63 2.77 3.10 -7.73
CA TYR A 63 1.47 2.60 -7.26
C TYR A 63 0.93 1.54 -8.22
N ILE A 64 1.70 0.49 -8.41
CA ILE A 64 1.34 -0.58 -9.32
C ILE A 64 0.41 -1.56 -8.64
N PHE A 65 -0.86 -1.55 -9.00
CA PHE A 65 -1.82 -2.46 -8.38
C PHE A 65 -1.55 -3.90 -8.82
N GLU A 66 -1.61 -4.82 -7.88
CA GLU A 66 -1.33 -6.22 -8.13
C GLU A 66 -2.30 -7.08 -7.35
N SER A 67 -2.71 -8.19 -7.94
CA SER A 67 -3.74 -9.04 -7.36
C SER A 67 -3.21 -10.44 -7.10
N ILE A 68 -3.40 -10.93 -5.88
CA ILE A 68 -3.06 -12.29 -5.55
C ILE A 68 -4.23 -12.95 -4.82
N GLY A 69 -5.08 -13.60 -5.58
CA GLY A 69 -6.31 -14.15 -5.02
C GLY A 69 -7.17 -13.05 -4.43
N ALA A 70 -7.52 -13.22 -3.17
CA ALA A 70 -8.24 -12.19 -2.44
C ALA A 70 -7.29 -11.06 -2.04
N LYS A 71 -6.01 -11.40 -1.93
CA LYS A 71 -5.03 -10.46 -1.46
C LYS A 71 -4.65 -9.46 -2.55
N ARG A 72 -4.60 -8.20 -2.18
CA ARG A 72 -4.23 -7.16 -3.11
C ARG A 72 -2.87 -6.59 -2.74
N THR A 73 -2.15 -6.13 -3.75
CA THR A 73 -0.80 -5.63 -3.53
C THR A 73 -0.58 -4.34 -4.29
N LEU A 74 0.05 -3.38 -3.62
CA LEU A 74 0.41 -2.13 -4.28
C LEU A 74 1.92 -2.10 -4.51
N THR A 75 2.35 -2.41 -5.72
CA THR A 75 3.76 -2.40 -6.03
C THR A 75 4.24 -0.97 -6.29
N ILE A 76 4.98 -0.44 -5.35
CA ILE A 76 5.49 0.91 -5.48
C ILE A 76 6.96 0.86 -5.92
N SER A 77 7.24 1.54 -7.02
CA SER A 77 8.56 1.55 -7.60
C SER A 77 9.23 2.89 -7.34
N GLN A 78 10.56 2.87 -7.20
CA GLN A 78 11.33 4.09 -6.94
C GLN A 78 10.80 4.76 -5.68
N CYS A 79 11.12 4.16 -4.54
CA CYS A 79 10.57 4.59 -3.27
C CYS A 79 11.50 4.12 -2.17
N SER A 80 12.77 4.41 -2.39
CA SER A 80 13.82 3.87 -1.55
C SER A 80 14.02 4.73 -0.30
N LEU A 81 15.29 5.02 0.01
CA LEU A 81 15.65 5.79 1.21
C LEU A 81 15.30 7.28 1.06
N ALA A 82 14.07 7.56 0.69
CA ALA A 82 13.61 8.92 0.54
C ALA A 82 12.10 9.00 0.75
N ASP A 83 11.38 8.04 0.21
CA ASP A 83 9.93 7.99 0.37
C ASP A 83 9.54 7.30 1.68
N ASP A 84 10.57 6.97 2.47
CA ASP A 84 10.38 6.41 3.81
C ASP A 84 9.46 7.30 4.63
N ALA A 85 8.30 6.76 5.00
CA ALA A 85 7.27 7.52 5.70
C ALA A 85 6.13 6.60 6.10
N ALA A 86 4.97 6.75 5.46
CA ALA A 86 3.84 5.85 5.67
C ALA A 86 3.00 5.77 4.41
N TYR A 87 2.47 4.59 4.09
CA TYR A 87 1.53 4.45 2.97
C TYR A 87 0.24 3.79 3.46
N GLN A 88 -0.83 4.55 3.52
CA GLN A 88 -2.13 4.06 3.91
C GLN A 88 -2.79 3.32 2.75
N CYS A 89 -3.85 2.58 3.05
CA CYS A 89 -4.56 1.81 2.03
C CYS A 89 -5.99 2.21 1.97
N VAL A 90 -6.53 2.34 0.77
CA VAL A 90 -7.81 3.00 0.63
C VAL A 90 -8.67 2.36 -0.46
N VAL A 91 -9.93 2.15 -0.15
CA VAL A 91 -10.88 1.59 -1.09
C VAL A 91 -12.20 2.34 -0.96
N GLY A 92 -12.53 3.07 -2.01
CA GLY A 92 -13.69 3.94 -1.99
C GLY A 92 -13.42 5.26 -1.28
N GLY A 93 -12.78 5.19 -0.12
CA GLY A 93 -12.48 6.36 0.66
C GLY A 93 -11.76 6.02 1.96
N GLU A 94 -12.08 4.85 2.50
CA GLU A 94 -11.48 4.37 3.74
C GLU A 94 -9.98 4.19 3.58
N LYS A 95 -9.19 4.80 4.45
CA LYS A 95 -7.74 4.64 4.41
C LYS A 95 -7.19 4.11 5.74
N CYS A 96 -6.27 3.15 5.64
CA CYS A 96 -5.63 2.54 6.79
C CYS A 96 -4.15 2.76 6.71
N SER A 97 -3.58 3.37 7.73
CA SER A 97 -2.20 3.77 7.69
C SER A 97 -1.26 2.61 7.98
N THR A 98 -0.16 2.60 7.25
CA THR A 98 0.91 1.66 7.48
C THR A 98 2.22 2.39 7.23
N GLU A 99 3.15 2.27 8.16
CA GLU A 99 4.37 3.04 8.07
C GLU A 99 5.31 2.41 7.05
N LEU A 100 5.90 3.26 6.23
CA LEU A 100 6.76 2.79 5.18
C LEU A 100 8.22 3.02 5.54
N PHE A 101 8.88 1.92 5.85
CA PHE A 101 10.31 1.90 6.12
C PHE A 101 11.03 1.35 4.91
N VAL A 102 12.25 1.78 4.67
CA VAL A 102 12.99 1.29 3.52
C VAL A 102 14.36 0.74 3.94
N LYS A 103 14.66 -0.45 3.44
CA LYS A 103 15.93 -1.09 3.69
C LYS A 103 16.90 -0.80 2.55
N GLU A 104 18.10 -0.35 2.91
CA GLU A 104 19.13 -0.06 1.93
C GLU A 104 19.58 -1.34 1.24
N ASP A 11 -3.61 7.49 13.52
CA ASP A 11 -3.40 6.30 12.67
C ASP A 11 -4.73 5.75 12.18
N GLU A 12 -4.78 5.43 10.90
CA GLU A 12 -5.97 4.88 10.29
C GLU A 12 -6.07 3.38 10.60
N LYS A 13 -7.05 3.01 11.40
CA LYS A 13 -7.28 1.61 11.74
C LYS A 13 -8.01 0.90 10.61
N LYS A 14 -7.61 -0.33 10.32
CA LYS A 14 -8.18 -1.08 9.21
C LYS A 14 -9.70 -1.23 9.35
N SER A 15 -10.40 -0.76 8.33
CA SER A 15 -11.85 -0.75 8.23
C SER A 15 -12.19 -0.23 6.86
N THR A 16 -11.43 -0.74 5.93
CA THR A 16 -11.25 -0.08 4.66
C THR A 16 -11.36 -1.07 3.52
N ALA A 17 -12.07 -2.15 3.81
CA ALA A 17 -12.25 -3.26 2.88
C ALA A 17 -10.95 -4.04 2.68
N PHE A 18 -10.07 -3.98 3.67
CA PHE A 18 -8.93 -4.85 3.69
C PHE A 18 -9.16 -5.86 4.80
N GLN A 19 -9.52 -7.07 4.39
CA GLN A 19 -9.75 -8.17 5.31
C GLN A 19 -8.62 -8.23 6.32
N LYS A 20 -7.43 -8.21 5.76
CA LYS A 20 -6.24 -8.04 6.55
C LYS A 20 -5.32 -7.03 5.88
N LYS A 21 -4.93 -5.99 6.61
CA LYS A 21 -3.90 -5.09 6.12
C LYS A 21 -2.58 -5.46 6.79
N LEU A 22 -1.51 -5.50 6.00
CA LEU A 22 -0.22 -5.95 6.50
C LEU A 22 0.32 -5.04 7.61
N GLU A 23 1.32 -5.54 8.32
CA GLU A 23 1.89 -4.85 9.48
C GLU A 23 2.20 -3.37 9.19
N PRO A 24 1.98 -2.50 10.19
CA PRO A 24 2.15 -1.04 10.06
C PRO A 24 3.59 -0.59 9.84
N ALA A 25 4.37 -1.40 9.15
CA ALA A 25 5.71 -1.01 8.74
C ALA A 25 6.14 -1.83 7.52
N TYR A 26 5.82 -1.31 6.35
CA TYR A 26 6.20 -1.95 5.11
C TYR A 26 7.67 -1.63 4.83
N GLN A 27 8.46 -2.66 4.56
CA GLN A 27 9.89 -2.50 4.39
C GLN A 27 10.31 -2.60 2.93
N VAL A 28 10.55 -1.45 2.30
CA VAL A 28 11.01 -1.42 0.92
C VAL A 28 12.37 -2.05 0.80
N SER A 29 12.56 -2.83 -0.22
CA SER A 29 13.91 -3.10 -0.64
C SER A 29 14.24 -2.04 -1.69
N LYS A 30 15.02 -1.05 -1.30
CA LYS A 30 15.16 0.18 -2.10
C LYS A 30 15.33 -0.12 -3.58
N GLY A 31 14.45 0.48 -4.38
CA GLY A 31 14.52 0.34 -5.83
C GLY A 31 14.16 -1.04 -6.31
N HIS A 32 13.80 -1.91 -5.37
CA HIS A 32 13.34 -3.25 -5.70
C HIS A 32 11.83 -3.24 -5.83
N LYS A 33 11.27 -2.05 -5.56
CA LYS A 33 9.83 -1.82 -5.60
C LYS A 33 9.16 -2.49 -4.40
N ILE A 34 8.69 -1.70 -3.46
CA ILE A 34 8.01 -2.30 -2.31
C ILE A 34 6.54 -2.49 -2.60
N ARG A 35 6.02 -3.65 -2.22
CA ARG A 35 4.64 -3.99 -2.51
C ARG A 35 3.79 -3.84 -1.25
N LEU A 36 2.61 -3.23 -1.39
CA LEU A 36 1.72 -3.07 -0.27
C LEU A 36 0.69 -4.18 -0.29
N THR A 37 1.01 -5.26 0.40
CA THR A 37 0.18 -6.45 0.36
C THR A 37 -0.85 -6.44 1.46
N VAL A 38 -2.06 -6.84 1.11
CA VAL A 38 -3.19 -6.89 2.01
C VAL A 38 -4.08 -8.04 1.61
N GLU A 39 -4.82 -8.58 2.54
CA GLU A 39 -5.83 -9.53 2.19
C GLU A 39 -7.12 -8.76 2.03
N LEU A 40 -7.56 -8.56 0.80
CA LEU A 40 -8.69 -7.70 0.57
C LEU A 40 -9.97 -8.31 1.08
N ALA A 41 -10.86 -7.45 1.52
CA ALA A 41 -12.20 -7.84 1.90
C ALA A 41 -13.07 -7.85 0.65
N ASP A 42 -12.76 -6.92 -0.23
CA ASP A 42 -13.45 -6.79 -1.52
C ASP A 42 -13.05 -7.91 -2.47
N HIS A 43 -11.76 -8.24 -2.44
CA HIS A 43 -11.17 -9.28 -3.30
C HIS A 43 -10.97 -8.77 -4.73
N ASP A 44 -12.06 -8.34 -5.37
CA ASP A 44 -12.01 -7.86 -6.75
C ASP A 44 -12.27 -6.37 -6.81
N ALA A 45 -11.47 -5.63 -6.09
CA ALA A 45 -11.59 -4.19 -6.06
C ALA A 45 -10.28 -3.52 -6.40
N GLU A 46 -10.36 -2.45 -7.18
CA GLU A 46 -9.19 -1.66 -7.47
C GLU A 46 -8.80 -0.87 -6.23
N VAL A 47 -7.61 -1.12 -5.74
CA VAL A 47 -7.15 -0.49 -4.51
C VAL A 47 -6.35 0.76 -4.81
N LYS A 48 -6.64 1.83 -4.09
CA LYS A 48 -5.82 3.03 -4.20
C LYS A 48 -5.23 3.32 -2.85
N TRP A 49 -4.00 3.74 -2.84
CA TRP A 49 -3.26 3.73 -1.61
C TRP A 49 -2.87 5.13 -1.25
N LEU A 50 -2.40 5.33 -0.06
CA LEU A 50 -2.27 6.66 0.45
C LEU A 50 -0.84 6.88 0.91
N LYS A 51 -0.28 8.03 0.65
CA LYS A 51 0.97 8.39 1.29
C LYS A 51 0.59 9.25 2.48
N ASN A 52 1.34 9.19 3.58
CA ASN A 52 0.90 9.84 4.81
C ASN A 52 0.39 11.25 4.51
N GLY A 53 -0.93 11.39 4.58
CA GLY A 53 -1.60 12.62 4.18
C GLY A 53 -1.93 12.71 2.69
N GLN A 54 -0.99 12.36 1.82
CA GLN A 54 -1.19 12.50 0.37
C GLN A 54 -1.93 11.29 -0.19
N GLU A 55 -2.91 11.51 -1.01
CA GLU A 55 -3.66 10.40 -1.60
C GLU A 55 -2.95 9.81 -2.80
N ILE A 56 -2.88 8.49 -2.83
CA ILE A 56 -2.13 7.77 -3.84
C ILE A 56 -3.07 6.96 -4.75
N GLN A 57 -3.05 7.28 -6.03
CA GLN A 57 -3.95 6.66 -6.98
C GLN A 57 -3.47 5.27 -7.37
N MET A 58 -3.17 5.07 -8.65
CA MET A 58 -2.78 3.77 -9.16
C MET A 58 -2.32 3.91 -10.60
N SER A 59 -1.16 3.33 -10.93
CA SER A 59 -0.58 3.50 -12.25
C SER A 59 0.50 2.45 -12.53
N GLY A 60 1.47 2.83 -13.35
CA GLY A 60 2.59 1.96 -13.65
C GLY A 60 3.86 2.47 -13.00
N SER A 61 4.71 1.53 -12.61
CA SER A 61 5.95 1.83 -11.87
C SER A 61 5.63 2.27 -10.44
N LYS A 62 4.97 3.41 -10.29
CA LYS A 62 4.51 3.82 -8.98
C LYS A 62 3.07 3.43 -8.79
N TYR A 63 2.73 2.97 -7.58
CA TYR A 63 1.34 2.65 -7.23
C TYR A 63 0.76 1.64 -8.22
N ILE A 64 1.48 0.53 -8.38
CA ILE A 64 1.07 -0.54 -9.26
C ILE A 64 0.10 -1.48 -8.55
N PHE A 65 -0.97 -1.86 -9.21
CA PHE A 65 -1.89 -2.81 -8.59
C PHE A 65 -1.48 -4.25 -8.92
N GLU A 66 -1.53 -5.11 -7.92
CA GLU A 66 -1.22 -6.52 -8.09
C GLU A 66 -2.12 -7.35 -7.18
N SER A 67 -2.62 -8.46 -7.70
CA SER A 67 -3.58 -9.25 -6.97
C SER A 67 -3.10 -10.69 -6.80
N ILE A 68 -3.16 -11.17 -5.58
CA ILE A 68 -2.88 -12.57 -5.28
C ILE A 68 -4.12 -13.19 -4.64
N GLY A 69 -4.97 -13.79 -5.47
CA GLY A 69 -6.26 -14.21 -4.98
C GLY A 69 -7.08 -13.03 -4.54
N ALA A 70 -7.53 -13.05 -3.29
CA ALA A 70 -8.15 -11.89 -2.70
C ALA A 70 -7.11 -10.89 -2.26
N LYS A 71 -5.93 -11.39 -1.92
CA LYS A 71 -4.89 -10.55 -1.38
C LYS A 71 -4.45 -9.52 -2.40
N ARG A 72 -4.68 -8.27 -2.08
CA ARG A 72 -4.35 -7.19 -2.96
C ARG A 72 -3.02 -6.57 -2.59
N THR A 73 -2.27 -6.17 -3.59
CA THR A 73 -0.95 -5.65 -3.37
C THR A 73 -0.72 -4.39 -4.20
N LEU A 74 -0.19 -3.37 -3.53
CA LEU A 74 0.19 -2.14 -4.20
C LEU A 74 1.70 -2.14 -4.43
N THR A 75 2.12 -2.45 -5.64
CA THR A 75 3.53 -2.45 -5.95
C THR A 75 4.01 -1.02 -6.18
N ILE A 76 5.00 -0.59 -5.44
CA ILE A 76 5.46 0.78 -5.54
C ILE A 76 6.94 0.81 -5.92
N SER A 77 7.21 1.48 -7.03
CA SER A 77 8.57 1.58 -7.55
C SER A 77 9.06 3.01 -7.41
N GLN A 78 10.38 3.17 -7.29
CA GLN A 78 10.97 4.49 -7.09
C GLN A 78 10.45 5.08 -5.79
N CYS A 79 10.71 4.37 -4.71
CA CYS A 79 10.19 4.71 -3.40
C CYS A 79 11.15 4.16 -2.38
N SER A 80 12.37 4.57 -2.55
CA SER A 80 13.47 4.03 -1.81
C SER A 80 13.83 4.94 -0.63
N LEU A 81 15.10 5.31 -0.52
CA LEU A 81 15.58 6.13 0.60
C LEU A 81 15.14 7.59 0.46
N ALA A 82 13.84 7.80 0.31
CA ALA A 82 13.28 9.14 0.18
C ALA A 82 11.83 9.17 0.65
N ASP A 83 11.06 8.18 0.24
CA ASP A 83 9.66 8.09 0.65
C ASP A 83 9.50 7.28 1.91
N ASP A 84 10.62 7.05 2.60
CA ASP A 84 10.61 6.41 3.91
C ASP A 84 9.75 7.23 4.87
N ALA A 85 8.54 6.76 5.13
CA ALA A 85 7.57 7.51 5.90
C ALA A 85 6.37 6.63 6.26
N ALA A 86 5.23 6.86 5.60
CA ALA A 86 4.04 6.04 5.81
C ALA A 86 3.17 6.00 4.56
N TYR A 87 2.70 4.80 4.20
CA TYR A 87 1.73 4.66 3.13
C TYR A 87 0.46 4.00 3.68
N GLN A 88 -0.64 4.73 3.66
CA GLN A 88 -1.93 4.18 4.00
C GLN A 88 -2.49 3.40 2.82
N CYS A 89 -3.49 2.62 3.10
CA CYS A 89 -4.05 1.68 2.16
C CYS A 89 -5.53 1.95 2.01
N VAL A 90 -6.05 2.06 0.78
CA VAL A 90 -7.40 2.59 0.68
C VAL A 90 -8.28 1.94 -0.42
N VAL A 91 -9.52 1.68 -0.01
CA VAL A 91 -10.53 1.13 -0.89
C VAL A 91 -11.82 1.91 -0.69
N GLY A 92 -12.32 2.51 -1.75
CA GLY A 92 -13.50 3.34 -1.63
C GLY A 92 -13.24 4.57 -0.78
N GLY A 93 -12.06 5.17 -0.97
CA GLY A 93 -11.69 6.35 -0.21
C GLY A 93 -11.14 6.01 1.17
N GLU A 94 -11.66 4.96 1.77
CA GLU A 94 -11.26 4.55 3.11
C GLU A 94 -9.79 4.14 3.17
N LYS A 95 -9.00 4.78 4.04
CA LYS A 95 -7.57 4.45 4.19
C LYS A 95 -7.26 3.81 5.54
N CYS A 96 -6.27 2.90 5.52
CA CYS A 96 -5.73 2.26 6.72
C CYS A 96 -4.23 2.48 6.69
N SER A 97 -3.67 3.07 7.72
CA SER A 97 -2.30 3.56 7.61
C SER A 97 -1.27 2.51 7.99
N THR A 98 -0.17 2.53 7.24
CA THR A 98 0.92 1.63 7.49
C THR A 98 2.23 2.37 7.23
N GLU A 99 3.16 2.28 8.17
CA GLU A 99 4.40 3.03 8.08
C GLU A 99 5.28 2.42 7.00
N LEU A 100 6.02 3.26 6.32
CA LEU A 100 6.87 2.84 5.23
C LEU A 100 8.32 3.03 5.58
N PHE A 101 9.04 1.91 5.67
CA PHE A 101 10.47 1.95 5.96
C PHE A 101 11.23 1.34 4.79
N VAL A 102 12.22 2.04 4.29
CA VAL A 102 12.99 1.54 3.17
C VAL A 102 14.32 0.93 3.62
N LYS A 103 14.55 -0.28 3.16
CA LYS A 103 15.81 -0.97 3.35
C LYS A 103 16.72 -0.65 2.19
N GLU A 104 17.96 -0.28 2.48
CA GLU A 104 18.93 0.01 1.46
C GLU A 104 19.32 -1.27 0.72
N ASP A 11 -6.17 7.16 15.06
CA ASP A 11 -5.28 6.38 14.16
C ASP A 11 -6.11 5.53 13.21
N GLU A 12 -5.83 5.64 11.92
CA GLU A 12 -6.45 4.76 10.96
C GLU A 12 -5.59 3.51 10.76
N LYS A 13 -6.05 2.39 11.26
CA LYS A 13 -5.31 1.14 11.11
C LYS A 13 -6.20 0.07 10.51
N LYS A 14 -7.30 -0.23 11.18
CA LYS A 14 -8.32 -1.08 10.58
C LYS A 14 -9.58 -0.24 10.29
N SER A 15 -9.97 -0.18 9.03
CA SER A 15 -11.13 0.61 8.60
C SER A 15 -11.48 0.28 7.16
N THR A 16 -10.49 0.47 6.30
CA THR A 16 -10.62 0.27 4.87
C THR A 16 -10.98 -1.19 4.56
N ALA A 17 -11.58 -1.44 3.40
CA ALA A 17 -12.05 -2.78 3.05
C ALA A 17 -10.91 -3.75 2.76
N PHE A 18 -9.87 -3.70 3.57
CA PHE A 18 -8.83 -4.67 3.53
C PHE A 18 -9.04 -5.63 4.68
N GLN A 19 -9.39 -6.87 4.34
CA GLN A 19 -9.62 -7.92 5.32
C GLN A 19 -8.48 -7.92 6.30
N LYS A 20 -7.30 -7.86 5.75
CA LYS A 20 -6.11 -7.64 6.52
C LYS A 20 -5.18 -6.68 5.79
N LYS A 21 -4.80 -5.60 6.45
CA LYS A 21 -3.70 -4.78 5.96
C LYS A 21 -2.42 -5.28 6.61
N LEU A 22 -1.36 -5.36 5.84
CA LEU A 22 -0.09 -5.90 6.34
C LEU A 22 0.46 -5.08 7.51
N GLU A 23 1.45 -5.64 8.19
CA GLU A 23 2.04 -5.01 9.36
C GLU A 23 2.34 -3.53 9.13
N PRO A 24 2.07 -2.67 10.14
CA PRO A 24 2.19 -1.21 10.02
C PRO A 24 3.63 -0.72 9.83
N ALA A 25 4.45 -1.52 9.18
CA ALA A 25 5.77 -1.11 8.76
C ALA A 25 6.22 -1.92 7.56
N TYR A 26 5.92 -1.40 6.39
CA TYR A 26 6.34 -2.01 5.16
C TYR A 26 7.81 -1.68 4.91
N GLN A 27 8.59 -2.68 4.56
CA GLN A 27 10.02 -2.50 4.37
C GLN A 27 10.39 -2.61 2.90
N VAL A 28 10.67 -1.46 2.28
CA VAL A 28 11.06 -1.44 0.90
C VAL A 28 12.40 -2.11 0.73
N SER A 29 12.47 -3.08 -0.16
CA SER A 29 13.76 -3.50 -0.62
C SER A 29 14.19 -2.48 -1.67
N LYS A 30 15.10 -1.61 -1.26
CA LYS A 30 15.37 -0.37 -1.99
C LYS A 30 15.51 -0.60 -3.49
N GLY A 31 14.68 0.12 -4.25
CA GLY A 31 14.69 0.01 -5.70
C GLY A 31 14.35 -1.37 -6.20
N HIS A 32 13.94 -2.24 -5.30
CA HIS A 32 13.49 -3.58 -5.66
C HIS A 32 11.98 -3.57 -5.71
N LYS A 33 11.44 -2.37 -5.56
CA LYS A 33 9.99 -2.13 -5.58
C LYS A 33 9.33 -2.77 -4.37
N ILE A 34 8.86 -1.95 -3.44
CA ILE A 34 8.16 -2.50 -2.28
C ILE A 34 6.69 -2.71 -2.62
N ARG A 35 6.16 -3.85 -2.25
CA ARG A 35 4.81 -4.21 -2.59
C ARG A 35 3.90 -4.10 -1.35
N LEU A 36 2.79 -3.38 -1.48
CA LEU A 36 1.90 -3.22 -0.36
C LEU A 36 0.85 -4.30 -0.41
N THR A 37 1.15 -5.41 0.25
CA THR A 37 0.32 -6.59 0.19
C THR A 37 -0.70 -6.58 1.30
N VAL A 38 -1.92 -6.95 0.95
CA VAL A 38 -3.02 -6.92 1.88
C VAL A 38 -3.97 -8.06 1.57
N GLU A 39 -4.68 -8.51 2.57
CA GLU A 39 -5.80 -9.38 2.34
C GLU A 39 -7.02 -8.50 2.23
N LEU A 40 -7.71 -8.58 1.10
CA LEU A 40 -8.80 -7.66 0.84
C LEU A 40 -10.12 -8.20 1.37
N ALA A 41 -11.00 -7.29 1.74
CA ALA A 41 -12.36 -7.65 2.10
C ALA A 41 -13.18 -7.71 0.82
N ASP A 42 -12.81 -6.84 -0.12
CA ASP A 42 -13.41 -6.79 -1.45
C ASP A 42 -13.02 -8.00 -2.28
N HIS A 43 -11.77 -8.44 -2.10
CA HIS A 43 -11.21 -9.59 -2.81
C HIS A 43 -10.86 -9.26 -4.26
N ASP A 44 -11.77 -8.63 -4.97
CA ASP A 44 -11.55 -8.30 -6.37
C ASP A 44 -11.99 -6.88 -6.69
N ALA A 45 -11.39 -5.95 -5.98
CA ALA A 45 -11.61 -4.53 -6.22
C ALA A 45 -10.29 -3.82 -6.43
N GLU A 46 -10.34 -2.71 -7.14
CA GLU A 46 -9.17 -1.87 -7.33
C GLU A 46 -8.82 -1.19 -6.02
N VAL A 47 -7.61 -1.41 -5.53
CA VAL A 47 -7.19 -0.78 -4.30
C VAL A 47 -6.46 0.52 -4.60
N LYS A 48 -6.94 1.59 -3.98
CA LYS A 48 -6.24 2.86 -4.04
C LYS A 48 -5.50 3.04 -2.74
N TRP A 49 -4.42 3.74 -2.74
CA TRP A 49 -3.62 3.80 -1.54
C TRP A 49 -3.33 5.22 -1.19
N LEU A 50 -2.86 5.44 -0.01
CA LEU A 50 -2.72 6.78 0.49
C LEU A 50 -1.27 6.99 0.89
N LYS A 51 -0.69 8.11 0.53
CA LYS A 51 0.64 8.45 1.01
C LYS A 51 0.44 9.18 2.31
N ASN A 52 1.36 9.07 3.26
CA ASN A 52 1.13 9.64 4.59
C ASN A 52 0.53 11.04 4.47
N GLY A 53 -0.78 11.12 4.75
CA GLY A 53 -1.53 12.33 4.52
C GLY A 53 -2.10 12.48 3.12
N GLN A 54 -1.29 12.24 2.08
CA GLN A 54 -1.72 12.49 0.71
C GLN A 54 -2.33 11.25 0.06
N GLU A 55 -3.03 11.47 -1.04
CA GLU A 55 -3.78 10.41 -1.69
C GLU A 55 -3.00 9.77 -2.84
N ILE A 56 -3.02 8.44 -2.87
CA ILE A 56 -2.26 7.66 -3.82
C ILE A 56 -3.17 6.87 -4.79
N GLN A 57 -3.06 7.18 -6.07
CA GLN A 57 -3.83 6.49 -7.10
C GLN A 57 -3.14 5.19 -7.51
N MET A 58 -2.93 5.01 -8.81
CA MET A 58 -2.26 3.84 -9.33
C MET A 58 -1.55 4.19 -10.63
N SER A 59 -0.36 3.65 -10.82
CA SER A 59 0.47 3.98 -11.98
C SER A 59 1.47 2.86 -12.27
N GLY A 60 2.16 2.97 -13.40
CA GLY A 60 3.15 1.97 -13.77
C GLY A 60 4.48 2.19 -13.08
N SER A 61 4.86 3.45 -12.93
CA SER A 61 6.13 3.81 -12.31
C SER A 61 6.05 3.66 -10.79
N LYS A 62 4.94 4.08 -10.23
CA LYS A 62 4.69 4.00 -8.79
C LYS A 62 3.22 3.64 -8.56
N TYR A 63 2.92 3.04 -7.41
CA TYR A 63 1.53 2.65 -7.10
C TYR A 63 1.05 1.60 -8.11
N ILE A 64 1.84 0.55 -8.27
CA ILE A 64 1.56 -0.50 -9.23
C ILE A 64 0.59 -1.53 -8.64
N PHE A 65 -0.58 -1.68 -9.23
CA PHE A 65 -1.57 -2.64 -8.71
C PHE A 65 -1.18 -4.08 -9.05
N GLU A 66 -1.26 -4.95 -8.05
CA GLU A 66 -0.90 -6.36 -8.20
C GLU A 66 -1.80 -7.20 -7.31
N SER A 67 -2.26 -8.34 -7.81
CA SER A 67 -3.30 -9.09 -7.13
C SER A 67 -2.94 -10.57 -6.93
N ILE A 68 -3.25 -11.09 -5.75
CA ILE A 68 -3.14 -12.52 -5.47
C ILE A 68 -4.43 -13.00 -4.77
N GLY A 69 -5.34 -13.55 -5.56
CA GLY A 69 -6.64 -13.93 -5.03
C GLY A 69 -7.38 -12.73 -4.49
N ALA A 70 -7.79 -12.80 -3.23
CA ALA A 70 -8.33 -11.64 -2.55
C ALA A 70 -7.22 -10.67 -2.23
N LYS A 71 -6.07 -11.21 -1.87
CA LYS A 71 -4.97 -10.39 -1.42
C LYS A 71 -4.53 -9.45 -2.52
N ARG A 72 -4.47 -8.19 -2.17
CA ARG A 72 -4.13 -7.16 -3.13
C ARG A 72 -2.83 -6.50 -2.75
N THR A 73 -2.09 -6.07 -3.75
CA THR A 73 -0.77 -5.55 -3.54
C THR A 73 -0.53 -4.26 -4.32
N LEU A 74 -0.03 -3.26 -3.60
CA LEU A 74 0.34 -2.00 -4.22
C LEU A 74 1.86 -1.95 -4.38
N THR A 75 2.36 -2.19 -5.57
CA THR A 75 3.79 -2.20 -5.79
C THR A 75 4.31 -0.77 -5.98
N ILE A 76 5.16 -0.35 -5.08
CA ILE A 76 5.77 0.95 -5.13
C ILE A 76 7.20 0.83 -5.66
N SER A 77 7.50 1.60 -6.70
CA SER A 77 8.79 1.52 -7.35
C SER A 77 9.47 2.87 -7.36
N GLN A 78 10.81 2.85 -7.37
CA GLN A 78 11.62 4.06 -7.35
C GLN A 78 11.31 4.87 -6.10
N CYS A 79 11.40 4.20 -4.96
CA CYS A 79 11.09 4.82 -3.67
C CYS A 79 11.94 4.17 -2.62
N SER A 80 13.22 4.19 -2.86
CA SER A 80 14.16 3.48 -2.03
C SER A 80 14.49 4.28 -0.77
N LEU A 81 15.79 4.44 -0.49
CA LEU A 81 16.26 5.15 0.68
C LEU A 81 16.01 6.65 0.59
N ALA A 82 14.75 7.06 0.54
CA ALA A 82 14.39 8.47 0.44
C ALA A 82 12.90 8.70 0.67
N ASP A 83 12.07 7.95 -0.02
CA ASP A 83 10.62 8.19 0.01
C ASP A 83 9.95 7.61 1.24
N ASP A 84 10.69 6.78 1.97
CA ASP A 84 10.19 6.11 3.17
C ASP A 84 9.45 7.07 4.10
N ALA A 85 8.31 6.61 4.63
CA ALA A 85 7.45 7.41 5.49
C ALA A 85 6.28 6.57 6.00
N ALA A 86 5.10 6.79 5.44
CA ALA A 86 3.94 5.96 5.74
C ALA A 86 3.00 5.92 4.54
N TYR A 87 2.45 4.75 4.23
CA TYR A 87 1.46 4.63 3.15
C TYR A 87 0.19 3.96 3.69
N GLN A 88 -0.92 4.68 3.60
CA GLN A 88 -2.21 4.16 3.98
C GLN A 88 -2.84 3.39 2.81
N CYS A 89 -3.88 2.62 3.10
CA CYS A 89 -4.57 1.84 2.10
C CYS A 89 -6.03 2.19 2.00
N VAL A 90 -6.55 2.25 0.77
CA VAL A 90 -7.85 2.84 0.57
C VAL A 90 -8.69 2.15 -0.51
N VAL A 91 -9.97 2.01 -0.22
CA VAL A 91 -10.92 1.42 -1.14
C VAL A 91 -12.21 2.22 -1.10
N GLY A 92 -12.52 2.88 -2.19
CA GLY A 92 -13.66 3.78 -2.23
C GLY A 92 -13.37 5.12 -1.55
N GLY A 93 -12.67 5.06 -0.43
CA GLY A 93 -12.35 6.25 0.33
C GLY A 93 -11.71 5.90 1.66
N GLU A 94 -12.12 4.76 2.21
CA GLU A 94 -11.61 4.28 3.49
C GLU A 94 -10.10 4.07 3.44
N LYS A 95 -9.38 4.69 4.36
CA LYS A 95 -7.92 4.60 4.39
C LYS A 95 -7.40 4.14 5.74
N CYS A 96 -6.36 3.32 5.70
CA CYS A 96 -5.71 2.80 6.89
C CYS A 96 -4.21 2.90 6.75
N SER A 97 -3.56 3.50 7.72
CA SER A 97 -2.15 3.83 7.60
C SER A 97 -1.26 2.65 7.91
N THR A 98 -0.13 2.65 7.23
CA THR A 98 0.90 1.68 7.47
C THR A 98 2.25 2.34 7.21
N GLU A 99 3.18 2.21 8.14
CA GLU A 99 4.42 2.95 8.06
C GLU A 99 5.34 2.33 7.03
N LEU A 100 6.07 3.17 6.34
CA LEU A 100 6.89 2.75 5.23
C LEU A 100 8.36 3.00 5.54
N PHE A 101 9.11 1.92 5.64
CA PHE A 101 10.55 2.00 5.87
C PHE A 101 11.26 1.29 4.73
N VAL A 102 12.44 1.75 4.37
CA VAL A 102 13.14 1.17 3.25
C VAL A 102 14.47 0.55 3.67
N LYS A 103 14.75 -0.63 3.13
CA LYS A 103 15.98 -1.34 3.41
C LYS A 103 16.85 -1.35 2.17
N GLU A 104 18.13 -1.09 2.37
CA GLU A 104 19.08 -1.09 1.27
C GLU A 104 19.25 -2.51 0.73
N ASP A 11 -9.46 8.76 10.05
CA ASP A 11 -9.84 7.75 11.06
C ASP A 11 -9.22 6.41 10.72
N GLU A 12 -7.90 6.41 10.63
CA GLU A 12 -7.16 5.22 10.28
C GLU A 12 -7.04 4.30 11.48
N LYS A 13 -7.69 3.15 11.42
CA LYS A 13 -7.64 2.17 12.51
C LYS A 13 -7.61 0.76 11.94
N LYS A 14 -8.63 0.44 11.16
CA LYS A 14 -8.64 -0.82 10.42
C LYS A 14 -8.35 -0.55 8.95
N SER A 15 -7.72 -1.53 8.37
CA SER A 15 -7.26 -1.49 7.01
C SER A 15 -8.38 -1.41 5.98
N THR A 16 -9.11 -0.28 5.95
CA THR A 16 -10.10 -0.01 4.90
C THR A 16 -10.91 -1.27 4.55
N ALA A 17 -11.20 -1.47 3.27
CA ALA A 17 -11.87 -2.69 2.82
C ALA A 17 -10.89 -3.81 2.64
N PHE A 18 -9.72 -3.67 3.21
CA PHE A 18 -8.77 -4.75 3.21
C PHE A 18 -9.12 -5.63 4.36
N GLN A 19 -9.36 -6.89 4.07
CA GLN A 19 -9.63 -7.87 5.08
C GLN A 19 -8.53 -7.78 6.12
N LYS A 20 -7.33 -7.79 5.61
CA LYS A 20 -6.19 -7.45 6.40
C LYS A 20 -5.17 -6.63 5.58
N LYS A 21 -4.76 -5.48 6.09
CA LYS A 21 -3.58 -4.83 5.51
C LYS A 21 -2.37 -5.26 6.33
N LEU A 22 -1.23 -5.37 5.66
CA LEU A 22 0.00 -5.85 6.27
C LEU A 22 0.39 -4.97 7.47
N GLU A 23 1.34 -5.45 8.25
CA GLU A 23 1.81 -4.75 9.44
C GLU A 23 2.07 -3.26 9.17
N PRO A 24 1.78 -2.39 10.15
CA PRO A 24 1.95 -0.93 10.01
C PRO A 24 3.39 -0.49 9.86
N ALA A 25 4.21 -1.31 9.22
CA ALA A 25 5.58 -0.93 8.89
C ALA A 25 6.08 -1.79 7.74
N TYR A 26 5.82 -1.32 6.54
CA TYR A 26 6.28 -2.00 5.33
C TYR A 26 7.75 -1.67 5.12
N GLN A 27 8.55 -2.65 4.72
CA GLN A 27 9.97 -2.42 4.54
C GLN A 27 10.37 -2.55 3.08
N VAL A 28 10.60 -1.42 2.42
CA VAL A 28 11.04 -1.42 1.03
C VAL A 28 12.39 -2.09 0.91
N SER A 29 12.52 -2.95 -0.07
CA SER A 29 13.85 -3.32 -0.49
C SER A 29 14.31 -2.22 -1.47
N LYS A 30 15.17 -1.35 -0.96
CA LYS A 30 15.44 -0.05 -1.59
C LYS A 30 15.63 -0.16 -3.10
N GLY A 31 14.83 0.61 -3.83
CA GLY A 31 14.93 0.66 -5.29
C GLY A 31 14.52 -0.63 -5.95
N HIS A 32 14.24 -1.65 -5.15
CA HIS A 32 13.78 -2.93 -5.68
C HIS A 32 12.28 -2.89 -5.88
N LYS A 33 11.70 -1.74 -5.55
CA LYS A 33 10.26 -1.49 -5.70
C LYS A 33 9.47 -2.29 -4.66
N ILE A 34 8.97 -1.64 -3.61
CA ILE A 34 8.27 -2.39 -2.56
C ILE A 34 6.79 -2.59 -2.89
N ARG A 35 6.33 -3.82 -2.71
CA ARG A 35 4.93 -4.18 -2.95
C ARG A 35 4.15 -4.09 -1.65
N LEU A 36 2.91 -3.58 -1.69
CA LEU A 36 2.13 -3.44 -0.48
C LEU A 36 1.07 -4.53 -0.45
N THR A 37 1.41 -5.65 0.19
CA THR A 37 0.56 -6.82 0.17
C THR A 37 -0.43 -6.84 1.33
N VAL A 38 -1.67 -7.15 1.01
CA VAL A 38 -2.76 -7.14 1.96
C VAL A 38 -3.74 -8.26 1.62
N GLU A 39 -4.52 -8.67 2.58
CA GLU A 39 -5.64 -9.53 2.30
C GLU A 39 -6.86 -8.64 2.10
N LEU A 40 -7.46 -8.68 0.92
CA LEU A 40 -8.56 -7.77 0.62
C LEU A 40 -9.89 -8.37 1.01
N ALA A 41 -10.83 -7.53 1.41
CA ALA A 41 -12.19 -7.96 1.67
C ALA A 41 -12.99 -7.93 0.38
N ASP A 42 -12.63 -6.99 -0.48
CA ASP A 42 -13.27 -6.82 -1.78
C ASP A 42 -12.72 -7.85 -2.77
N HIS A 43 -11.44 -8.13 -2.62
CA HIS A 43 -10.72 -9.10 -3.46
C HIS A 43 -10.41 -8.51 -4.83
N ASP A 44 -11.41 -8.44 -5.68
CA ASP A 44 -11.23 -7.97 -7.06
C ASP A 44 -11.66 -6.53 -7.22
N ALA A 45 -11.30 -5.72 -6.27
CA ALA A 45 -11.57 -4.29 -6.33
C ALA A 45 -10.29 -3.52 -6.58
N GLU A 46 -10.42 -2.39 -7.26
CA GLU A 46 -9.29 -1.51 -7.48
C GLU A 46 -8.91 -0.87 -6.16
N VAL A 47 -7.69 -1.11 -5.72
CA VAL A 47 -7.24 -0.57 -4.45
C VAL A 47 -6.45 0.70 -4.68
N LYS A 48 -6.79 1.72 -3.92
CA LYS A 48 -6.05 2.97 -3.97
C LYS A 48 -5.36 3.16 -2.63
N TRP A 49 -4.21 3.77 -2.64
CA TRP A 49 -3.41 3.77 -1.43
C TRP A 49 -3.04 5.19 -1.10
N LEU A 50 -2.53 5.40 0.06
CA LEU A 50 -2.36 6.74 0.54
C LEU A 50 -0.93 6.91 0.98
N LYS A 51 -0.33 8.04 0.75
CA LYS A 51 0.94 8.36 1.39
C LYS A 51 0.59 9.26 2.55
N ASN A 52 1.35 9.22 3.65
CA ASN A 52 0.92 9.95 4.85
C ASN A 52 0.40 11.35 4.48
N GLY A 53 -0.91 11.52 4.60
CA GLY A 53 -1.57 12.72 4.12
C GLY A 53 -1.87 12.71 2.61
N GLN A 54 -0.88 12.34 1.80
CA GLN A 54 -1.04 12.36 0.35
C GLN A 54 -1.94 11.22 -0.13
N GLU A 55 -2.84 11.52 -1.03
CA GLU A 55 -3.76 10.52 -1.55
C GLU A 55 -3.25 9.90 -2.84
N ILE A 56 -3.18 8.58 -2.83
CA ILE A 56 -2.51 7.82 -3.87
C ILE A 56 -3.50 6.93 -4.66
N GLN A 57 -3.49 7.07 -5.98
CA GLN A 57 -4.33 6.23 -6.82
C GLN A 57 -3.59 4.94 -7.18
N MET A 58 -3.56 4.62 -8.46
CA MET A 58 -2.83 3.44 -8.92
C MET A 58 -2.37 3.68 -10.35
N SER A 59 -1.17 3.19 -10.66
CA SER A 59 -0.54 3.45 -11.94
C SER A 59 0.41 2.33 -12.30
N GLY A 60 0.73 2.22 -13.58
CA GLY A 60 1.64 1.18 -14.05
C GLY A 60 3.04 1.39 -13.55
N SER A 61 3.44 2.65 -13.38
CA SER A 61 4.78 2.98 -12.93
C SER A 61 4.92 2.82 -11.41
N LYS A 62 4.19 3.66 -10.68
CA LYS A 62 4.17 3.59 -9.22
C LYS A 62 2.74 3.33 -8.78
N TYR A 63 2.54 2.84 -7.54
CA TYR A 63 1.21 2.49 -7.06
C TYR A 63 0.61 1.41 -7.95
N ILE A 64 1.35 0.33 -8.14
CA ILE A 64 0.93 -0.74 -9.04
C ILE A 64 -0.02 -1.72 -8.34
N PHE A 65 -1.20 -1.90 -8.87
CA PHE A 65 -2.18 -2.80 -8.29
C PHE A 65 -1.97 -4.24 -8.77
N GLU A 66 -1.98 -5.20 -7.85
CA GLU A 66 -1.85 -6.61 -8.22
C GLU A 66 -2.66 -7.49 -7.26
N SER A 67 -3.40 -8.45 -7.81
CA SER A 67 -4.26 -9.30 -7.00
C SER A 67 -3.71 -10.71 -6.87
N ILE A 68 -3.54 -11.16 -5.63
CA ILE A 68 -3.04 -12.50 -5.36
C ILE A 68 -4.00 -13.26 -4.44
N GLY A 69 -4.89 -14.06 -5.04
CA GLY A 69 -5.84 -14.83 -4.27
C GLY A 69 -6.57 -13.99 -3.23
N ALA A 70 -7.23 -12.93 -3.71
CA ALA A 70 -7.86 -11.92 -2.85
C ALA A 70 -6.84 -10.97 -2.26
N LYS A 71 -5.68 -11.50 -1.88
CA LYS A 71 -4.66 -10.69 -1.28
C LYS A 71 -4.12 -9.69 -2.29
N ARG A 72 -4.48 -8.45 -2.07
CA ARG A 72 -4.14 -7.38 -2.97
C ARG A 72 -2.77 -6.81 -2.64
N THR A 73 -2.07 -6.39 -3.66
CA THR A 73 -0.75 -5.85 -3.48
C THR A 73 -0.57 -4.57 -4.28
N LEU A 74 -0.02 -3.57 -3.62
CA LEU A 74 0.28 -2.30 -4.25
C LEU A 74 1.79 -2.20 -4.47
N THR A 75 2.24 -2.48 -5.67
CA THR A 75 3.66 -2.43 -5.95
C THR A 75 4.11 -0.99 -6.18
N ILE A 76 4.91 -0.49 -5.26
CA ILE A 76 5.43 0.84 -5.35
C ILE A 76 6.85 0.80 -5.91
N SER A 77 7.03 1.44 -7.04
CA SER A 77 8.29 1.43 -7.74
C SER A 77 9.10 2.63 -7.36
N GLN A 78 10.42 2.46 -7.30
CA GLN A 78 11.33 3.57 -7.11
C GLN A 78 11.02 4.30 -5.83
N CYS A 79 11.44 3.68 -4.75
CA CYS A 79 11.17 4.09 -3.40
C CYS A 79 12.17 3.37 -2.56
N SER A 80 13.01 4.13 -1.92
CA SER A 80 14.14 3.55 -1.28
C SER A 80 14.50 4.36 -0.04
N LEU A 81 15.80 4.55 0.18
CA LEU A 81 16.28 5.29 1.35
C LEU A 81 15.99 6.79 1.23
N ALA A 82 14.74 7.13 0.90
CA ALA A 82 14.32 8.51 0.75
C ALA A 82 12.80 8.62 0.81
N ASP A 83 12.10 7.74 0.09
CA ASP A 83 10.64 7.77 0.07
C ASP A 83 10.07 7.24 1.39
N ASP A 84 10.95 6.65 2.20
CA ASP A 84 10.62 6.15 3.55
C ASP A 84 9.69 7.13 4.27
N ALA A 85 8.52 6.65 4.67
CA ALA A 85 7.48 7.50 5.24
C ALA A 85 6.34 6.65 5.79
N ALA A 86 5.13 6.86 5.25
CA ALA A 86 3.98 6.04 5.62
C ALA A 86 3.02 5.95 4.45
N TYR A 87 2.54 4.75 4.15
CA TYR A 87 1.52 4.58 3.12
C TYR A 87 0.27 3.94 3.70
N GLN A 88 -0.83 4.69 3.68
CA GLN A 88 -2.12 4.18 4.07
C GLN A 88 -2.73 3.40 2.92
N CYS A 89 -3.77 2.63 3.20
CA CYS A 89 -4.39 1.80 2.18
C CYS A 89 -5.87 2.07 2.10
N VAL A 90 -6.38 2.15 0.88
CA VAL A 90 -7.70 2.72 0.71
C VAL A 90 -8.54 2.07 -0.39
N VAL A 91 -9.79 1.83 -0.06
CA VAL A 91 -10.75 1.32 -1.00
C VAL A 91 -11.98 2.20 -0.97
N GLY A 92 -12.26 2.86 -2.09
CA GLY A 92 -13.34 3.81 -2.17
C GLY A 92 -13.00 5.15 -1.52
N GLY A 93 -12.49 5.09 -0.30
CA GLY A 93 -12.12 6.30 0.41
C GLY A 93 -11.44 5.97 1.73
N GLU A 94 -11.87 4.89 2.36
CA GLU A 94 -11.35 4.47 3.65
C GLU A 94 -9.85 4.19 3.57
N LYS A 95 -9.08 4.78 4.48
CA LYS A 95 -7.63 4.58 4.50
C LYS A 95 -7.17 4.01 5.85
N CYS A 96 -6.24 3.07 5.77
CA CYS A 96 -5.56 2.54 6.97
C CYS A 96 -4.12 2.93 6.89
N SER A 97 -3.59 3.50 7.95
CA SER A 97 -2.22 3.97 7.92
C SER A 97 -1.23 2.85 8.16
N THR A 98 -0.13 2.90 7.42
CA THR A 98 0.94 1.94 7.56
C THR A 98 2.27 2.65 7.33
N GLU A 99 3.21 2.47 8.25
CA GLU A 99 4.48 3.16 8.16
C GLU A 99 5.36 2.48 7.12
N LEU A 100 6.04 3.30 6.34
CA LEU A 100 6.85 2.78 5.26
C LEU A 100 8.33 2.96 5.59
N PHE A 101 8.96 1.85 5.91
CA PHE A 101 10.38 1.79 6.20
C PHE A 101 11.10 1.24 4.99
N VAL A 102 12.33 1.66 4.77
CA VAL A 102 13.09 1.13 3.65
C VAL A 102 14.35 0.42 4.12
N LYS A 103 14.64 -0.71 3.49
CA LYS A 103 15.83 -1.49 3.75
C LYS A 103 16.74 -1.39 2.53
N GLU A 104 18.02 -1.13 2.76
CA GLU A 104 18.97 -1.07 1.65
C GLU A 104 19.11 -2.45 1.02
N ASP A 11 -6.42 8.38 13.19
CA ASP A 11 -5.90 7.03 13.47
C ASP A 11 -6.65 5.98 12.67
N GLU A 12 -6.65 6.16 11.36
CA GLU A 12 -7.35 5.26 10.45
C GLU A 12 -6.64 3.90 10.37
N LYS A 13 -7.37 2.83 10.68
CA LYS A 13 -6.80 1.50 10.71
C LYS A 13 -7.71 0.46 10.05
N LYS A 14 -7.88 -0.70 10.68
CA LYS A 14 -8.59 -1.82 10.07
C LYS A 14 -10.01 -1.49 9.65
N SER A 15 -10.23 -1.70 8.35
CA SER A 15 -11.50 -1.49 7.67
C SER A 15 -11.15 -1.40 6.19
N THR A 16 -11.59 -0.31 5.56
CA THR A 16 -11.09 0.10 4.24
C THR A 16 -11.22 -0.97 3.16
N ALA A 17 -12.00 -1.97 3.47
CA ALA A 17 -12.21 -3.12 2.60
C ALA A 17 -10.95 -3.97 2.47
N PHE A 18 -9.93 -3.66 3.25
CA PHE A 18 -8.79 -4.54 3.35
C PHE A 18 -8.97 -5.37 4.60
N GLN A 19 -9.37 -6.60 4.39
CA GLN A 19 -9.61 -7.58 5.44
C GLN A 19 -8.47 -7.49 6.45
N LYS A 20 -7.28 -7.64 5.91
CA LYS A 20 -6.09 -7.37 6.66
C LYS A 20 -5.12 -6.56 5.81
N LYS A 21 -4.69 -5.43 6.32
CA LYS A 21 -3.58 -4.72 5.71
C LYS A 21 -2.30 -5.24 6.35
N LEU A 22 -1.24 -5.34 5.58
CA LEU A 22 0.02 -5.83 6.10
C LEU A 22 0.48 -4.96 7.28
N GLU A 23 1.44 -5.47 8.03
CA GLU A 23 1.92 -4.80 9.24
C GLU A 23 2.18 -3.30 9.00
N PRO A 24 1.89 -2.45 10.01
CA PRO A 24 2.03 -0.98 9.90
C PRO A 24 3.48 -0.51 9.75
N ALA A 25 4.27 -1.30 9.04
CA ALA A 25 5.64 -0.94 8.71
C ALA A 25 6.12 -1.75 7.53
N TYR A 26 5.84 -1.26 6.33
CA TYR A 26 6.28 -1.92 5.12
C TYR A 26 7.74 -1.60 4.90
N GLN A 27 8.56 -2.63 4.77
CA GLN A 27 9.98 -2.45 4.58
C GLN A 27 10.37 -2.60 3.12
N VAL A 28 10.73 -1.49 2.48
CA VAL A 28 11.13 -1.51 1.08
C VAL A 28 12.53 -2.06 0.96
N SER A 29 12.73 -2.96 0.03
CA SER A 29 14.07 -3.24 -0.40
C SER A 29 14.37 -2.25 -1.53
N LYS A 30 15.14 -1.22 -1.21
CA LYS A 30 15.33 -0.10 -2.13
C LYS A 30 15.63 -0.55 -3.54
N GLY A 31 14.81 -0.08 -4.47
CA GLY A 31 15.01 -0.40 -5.88
C GLY A 31 14.58 -1.81 -6.23
N HIS A 32 13.97 -2.48 -5.25
CA HIS A 32 13.42 -3.81 -5.48
C HIS A 32 11.96 -3.68 -5.84
N LYS A 33 11.45 -2.48 -5.60
CA LYS A 33 10.04 -2.17 -5.78
C LYS A 33 9.22 -2.89 -4.72
N ILE A 34 8.77 -2.15 -3.72
CA ILE A 34 8.12 -2.77 -2.58
C ILE A 34 6.62 -2.95 -2.83
N ARG A 35 6.15 -4.16 -2.61
CA ARG A 35 4.76 -4.48 -2.83
C ARG A 35 3.94 -4.19 -1.58
N LEU A 36 2.79 -3.53 -1.73
CA LEU A 36 1.94 -3.27 -0.60
C LEU A 36 0.89 -4.37 -0.52
N THR A 37 1.21 -5.39 0.24
CA THR A 37 0.39 -6.59 0.30
C THR A 37 -0.69 -6.45 1.35
N VAL A 38 -1.89 -6.89 1.01
CA VAL A 38 -3.04 -6.82 1.90
C VAL A 38 -3.98 -7.97 1.61
N GLU A 39 -4.67 -8.45 2.63
CA GLU A 39 -5.73 -9.40 2.40
C GLU A 39 -7.01 -8.63 2.25
N LEU A 40 -7.53 -8.57 1.04
CA LEU A 40 -8.68 -7.73 0.77
C LEU A 40 -9.96 -8.37 1.28
N ALA A 41 -10.91 -7.53 1.63
CA ALA A 41 -12.26 -7.96 1.94
C ALA A 41 -13.07 -7.96 0.65
N ASP A 42 -12.76 -6.99 -0.20
CA ASP A 42 -13.37 -6.87 -1.53
C ASP A 42 -12.84 -7.95 -2.46
N HIS A 43 -11.56 -8.28 -2.27
CA HIS A 43 -10.86 -9.31 -3.05
C HIS A 43 -10.50 -8.81 -4.45
N ASP A 44 -11.51 -8.54 -5.28
CA ASP A 44 -11.26 -8.11 -6.64
C ASP A 44 -11.77 -6.70 -6.86
N ALA A 45 -11.37 -5.81 -5.99
CA ALA A 45 -11.64 -4.41 -6.16
C ALA A 45 -10.36 -3.64 -6.33
N GLU A 46 -10.45 -2.53 -7.05
CA GLU A 46 -9.31 -1.68 -7.27
C GLU A 46 -8.93 -1.00 -5.97
N VAL A 47 -7.73 -1.25 -5.50
CA VAL A 47 -7.28 -0.68 -4.26
C VAL A 47 -6.50 0.60 -4.51
N LYS A 48 -6.94 1.67 -3.88
CA LYS A 48 -6.23 2.93 -3.92
C LYS A 48 -5.48 3.07 -2.61
N TRP A 49 -4.39 3.78 -2.59
CA TRP A 49 -3.57 3.79 -1.40
C TRP A 49 -3.26 5.22 -1.01
N LEU A 50 -2.74 5.41 0.16
CA LEU A 50 -2.56 6.74 0.69
C LEU A 50 -1.10 6.91 1.11
N LYS A 51 -0.51 8.04 0.80
CA LYS A 51 0.77 8.37 1.37
C LYS A 51 0.48 9.22 2.60
N ASN A 52 1.25 9.11 3.67
CA ASN A 52 0.83 9.74 4.92
C ASN A 52 0.37 11.18 4.66
N GLY A 53 -0.92 11.39 4.82
CA GLY A 53 -1.54 12.65 4.45
C GLY A 53 -2.01 12.71 3.00
N GLN A 54 -1.16 12.36 2.03
CA GLN A 54 -1.54 12.51 0.63
C GLN A 54 -2.10 11.24 0.02
N GLU A 55 -2.78 11.41 -1.08
CA GLU A 55 -3.51 10.32 -1.70
C GLU A 55 -2.71 9.63 -2.80
N ILE A 56 -2.73 8.31 -2.75
CA ILE A 56 -1.95 7.49 -3.66
C ILE A 56 -2.85 6.69 -4.61
N GLN A 57 -2.70 6.95 -5.88
CA GLN A 57 -3.54 6.32 -6.89
C GLN A 57 -2.99 4.96 -7.30
N MET A 58 -2.96 4.71 -8.61
CA MET A 58 -2.45 3.47 -9.15
C MET A 58 -1.89 3.75 -10.54
N SER A 59 -0.76 3.14 -10.86
CA SER A 59 -0.04 3.49 -12.07
C SER A 59 0.85 2.34 -12.54
N GLY A 60 1.76 2.67 -13.46
CA GLY A 60 2.68 1.68 -13.99
C GLY A 60 4.04 1.77 -13.35
N SER A 61 4.44 2.99 -12.99
CA SER A 61 5.72 3.20 -12.33
C SER A 61 5.59 2.95 -10.83
N LYS A 62 5.10 3.96 -10.12
CA LYS A 62 4.76 3.80 -8.72
C LYS A 62 3.32 3.32 -8.60
N TYR A 63 2.97 2.75 -7.45
CA TYR A 63 1.60 2.35 -7.16
C TYR A 63 1.09 1.34 -8.20
N ILE A 64 1.85 0.28 -8.37
CA ILE A 64 1.51 -0.77 -9.32
C ILE A 64 0.52 -1.75 -8.71
N PHE A 65 -0.68 -1.82 -9.25
CA PHE A 65 -1.70 -2.73 -8.72
C PHE A 65 -1.37 -4.19 -9.05
N GLU A 66 -1.62 -5.07 -8.08
CA GLU A 66 -1.34 -6.49 -8.21
C GLU A 66 -2.32 -7.29 -7.36
N SER A 67 -2.80 -8.41 -7.89
CA SER A 67 -3.82 -9.20 -7.22
C SER A 67 -3.32 -10.62 -6.95
N ILE A 68 -3.35 -11.04 -5.70
CA ILE A 68 -2.92 -12.38 -5.35
C ILE A 68 -3.94 -13.08 -4.43
N GLY A 69 -4.82 -13.88 -5.03
CA GLY A 69 -5.77 -14.68 -4.28
C GLY A 69 -6.50 -13.87 -3.21
N ALA A 70 -7.29 -12.90 -3.66
CA ALA A 70 -7.97 -11.94 -2.77
C ALA A 70 -6.99 -10.93 -2.20
N LYS A 71 -5.79 -11.37 -1.86
CA LYS A 71 -4.80 -10.48 -1.29
C LYS A 71 -4.33 -9.49 -2.34
N ARG A 72 -4.60 -8.22 -2.10
CA ARG A 72 -4.22 -7.19 -3.05
C ARG A 72 -2.84 -6.67 -2.74
N THR A 73 -2.18 -6.22 -3.79
CA THR A 73 -0.84 -5.74 -3.67
C THR A 73 -0.65 -4.46 -4.45
N LEU A 74 0.04 -3.50 -3.85
CA LEU A 74 0.30 -2.23 -4.50
C LEU A 74 1.81 -2.01 -4.57
N THR A 75 2.40 -2.24 -5.74
CA THR A 75 3.84 -2.20 -5.88
C THR A 75 4.35 -0.76 -6.01
N ILE A 76 5.25 -0.41 -5.12
CA ILE A 76 5.89 0.89 -5.12
C ILE A 76 7.29 0.77 -5.72
N SER A 77 7.46 1.34 -6.91
CA SER A 77 8.68 1.17 -7.68
C SER A 77 9.50 2.45 -7.72
N GLN A 78 10.81 2.33 -7.50
CA GLN A 78 11.72 3.48 -7.44
C GLN A 78 11.15 4.50 -6.47
N CYS A 79 11.15 4.12 -5.21
CA CYS A 79 10.43 4.84 -4.17
C CYS A 79 10.95 4.36 -2.85
N SER A 80 12.23 4.57 -2.72
CA SER A 80 13.01 3.94 -1.70
C SER A 80 13.44 4.94 -0.65
N LEU A 81 14.76 5.18 -0.56
CA LEU A 81 15.34 6.04 0.48
C LEU A 81 14.98 7.51 0.26
N ALA A 82 13.69 7.79 0.24
CA ALA A 82 13.18 9.12 0.04
C ALA A 82 11.71 9.17 0.41
N ASP A 83 10.97 8.17 -0.05
CA ASP A 83 9.55 8.05 0.27
C ASP A 83 9.33 7.20 1.52
N ASP A 84 10.43 6.95 2.24
CA ASP A 84 10.37 6.31 3.54
C ASP A 84 9.54 7.16 4.49
N ALA A 85 8.35 6.68 4.80
CA ALA A 85 7.37 7.48 5.53
C ALA A 85 6.20 6.61 6.01
N ALA A 86 5.02 6.79 5.42
CA ALA A 86 3.87 5.95 5.74
C ALA A 86 2.94 5.86 4.53
N TYR A 87 2.47 4.65 4.22
CA TYR A 87 1.50 4.47 3.14
C TYR A 87 0.24 3.75 3.67
N GLN A 88 -0.86 4.49 3.71
CA GLN A 88 -2.16 3.95 4.05
C GLN A 88 -2.78 3.26 2.84
N CYS A 89 -3.89 2.56 3.06
CA CYS A 89 -4.58 1.86 1.96
C CYS A 89 -6.03 2.22 1.94
N VAL A 90 -6.56 2.41 0.75
CA VAL A 90 -7.84 3.06 0.64
C VAL A 90 -8.70 2.48 -0.49
N VAL A 91 -9.95 2.24 -0.16
CA VAL A 91 -10.92 1.73 -1.11
C VAL A 91 -12.22 2.49 -0.94
N GLY A 92 -12.63 3.20 -1.99
CA GLY A 92 -13.79 4.06 -1.91
C GLY A 92 -13.49 5.39 -1.23
N GLY A 93 -12.69 5.33 -0.17
CA GLY A 93 -12.37 6.51 0.61
C GLY A 93 -11.70 6.14 1.91
N GLU A 94 -12.11 4.99 2.44
CA GLU A 94 -11.55 4.46 3.68
C GLU A 94 -10.05 4.19 3.55
N LYS A 95 -9.25 4.75 4.46
CA LYS A 95 -7.81 4.53 4.46
C LYS A 95 -7.33 3.84 5.74
N CYS A 96 -6.39 2.90 5.59
CA CYS A 96 -5.81 2.15 6.71
C CYS A 96 -4.32 2.43 6.74
N SER A 97 -3.82 2.90 7.87
CA SER A 97 -2.45 3.40 7.93
C SER A 97 -1.41 2.30 8.06
N THR A 98 -0.28 2.52 7.41
CA THR A 98 0.87 1.66 7.50
C THR A 98 2.12 2.50 7.33
N GLU A 99 3.10 2.32 8.19
CA GLU A 99 4.33 3.07 8.07
C GLU A 99 5.23 2.43 7.02
N LEU A 100 6.02 3.25 6.35
CA LEU A 100 6.85 2.79 5.26
C LEU A 100 8.31 3.04 5.59
N PHE A 101 9.09 1.96 5.64
CA PHE A 101 10.51 2.07 5.90
C PHE A 101 11.28 1.39 4.79
N VAL A 102 12.22 2.09 4.20
CA VAL A 102 13.00 1.50 3.12
C VAL A 102 14.40 1.08 3.58
N LYS A 103 14.81 -0.09 3.15
CA LYS A 103 16.12 -0.60 3.44
C LYS A 103 16.98 -0.48 2.19
N GLU A 104 18.16 0.11 2.34
CA GLU A 104 19.07 0.33 1.23
C GLU A 104 19.48 -1.01 0.61
N ASP A 11 -9.15 10.40 9.20
CA ASP A 11 -9.91 9.22 9.69
C ASP A 11 -9.08 7.96 9.53
N GLU A 12 -7.83 8.04 9.93
CA GLU A 12 -6.90 6.93 9.80
C GLU A 12 -7.20 5.87 10.84
N LYS A 13 -7.67 4.71 10.38
CA LYS A 13 -8.10 3.64 11.25
C LYS A 13 -8.49 2.47 10.38
N LYS A 14 -8.15 1.26 10.78
CA LYS A 14 -8.42 0.12 9.92
C LYS A 14 -9.93 -0.06 9.73
N SER A 15 -10.31 -0.17 8.48
CA SER A 15 -11.68 -0.36 8.08
C SER A 15 -11.64 -0.75 6.62
N THR A 16 -11.58 0.29 5.78
CA THR A 16 -11.22 0.15 4.38
C THR A 16 -11.98 -1.02 3.73
N ALA A 17 -11.37 -1.63 2.75
CA ALA A 17 -11.90 -2.84 2.19
C ALA A 17 -10.83 -3.91 2.22
N PHE A 18 -9.86 -3.68 3.10
CA PHE A 18 -8.78 -4.62 3.31
C PHE A 18 -9.09 -5.44 4.53
N GLN A 19 -9.44 -6.68 4.28
CA GLN A 19 -9.74 -7.65 5.32
C GLN A 19 -8.63 -7.64 6.35
N LYS A 20 -7.43 -7.77 5.84
CA LYS A 20 -6.23 -7.59 6.64
C LYS A 20 -5.21 -6.77 5.87
N LYS A 21 -4.76 -5.68 6.44
CA LYS A 21 -3.60 -4.98 5.89
C LYS A 21 -2.34 -5.57 6.51
N LEU A 22 -1.26 -5.60 5.74
CA LEU A 22 0.02 -6.09 6.24
C LEU A 22 0.50 -5.24 7.42
N GLU A 23 1.51 -5.73 8.13
CA GLU A 23 2.05 -5.06 9.32
C GLU A 23 2.25 -3.56 9.09
N PRO A 24 2.03 -2.74 10.12
CA PRO A 24 2.13 -1.26 10.02
C PRO A 24 3.56 -0.77 9.83
N ALA A 25 4.39 -1.58 9.18
CA ALA A 25 5.73 -1.17 8.81
C ALA A 25 6.16 -1.90 7.55
N TYR A 26 5.77 -1.35 6.41
CA TYR A 26 6.21 -1.88 5.14
C TYR A 26 7.62 -1.40 4.88
N GLN A 27 8.52 -2.33 4.60
CA GLN A 27 9.93 -1.98 4.49
C GLN A 27 10.43 -2.17 3.06
N VAL A 28 10.56 -1.07 2.33
CA VAL A 28 11.03 -1.10 0.95
C VAL A 28 12.47 -1.55 0.89
N SER A 29 12.75 -2.41 -0.05
CA SER A 29 14.12 -2.59 -0.44
C SER A 29 14.38 -1.62 -1.60
N LYS A 30 15.00 -0.50 -1.26
CA LYS A 30 15.05 0.64 -2.18
C LYS A 30 15.34 0.24 -3.61
N GLY A 31 14.44 0.66 -4.48
CA GLY A 31 14.60 0.43 -5.90
C GLY A 31 14.36 -1.03 -6.29
N HIS A 32 13.96 -1.83 -5.33
CA HIS A 32 13.62 -3.22 -5.59
C HIS A 32 12.12 -3.33 -5.79
N LYS A 33 11.46 -2.18 -5.62
CA LYS A 33 10.00 -2.07 -5.72
C LYS A 33 9.35 -2.75 -4.52
N ILE A 34 8.66 -1.97 -3.70
CA ILE A 34 8.02 -2.56 -2.53
C ILE A 34 6.56 -2.86 -2.82
N ARG A 35 6.13 -4.05 -2.45
CA ARG A 35 4.76 -4.48 -2.68
C ARG A 35 3.92 -4.29 -1.42
N LEU A 36 2.74 -3.66 -1.55
CA LEU A 36 1.90 -3.47 -0.40
C LEU A 36 0.84 -4.56 -0.39
N THR A 37 1.16 -5.65 0.29
CA THR A 37 0.31 -6.82 0.29
C THR A 37 -0.70 -6.77 1.42
N VAL A 38 -1.93 -7.12 1.09
CA VAL A 38 -3.05 -7.07 2.02
C VAL A 38 -4.01 -8.19 1.68
N GLU A 39 -4.78 -8.65 2.63
CA GLU A 39 -5.86 -9.54 2.31
C GLU A 39 -7.10 -8.70 2.11
N LEU A 40 -7.60 -8.64 0.89
CA LEU A 40 -8.73 -7.77 0.62
C LEU A 40 -10.02 -8.37 1.12
N ALA A 41 -10.92 -7.51 1.52
CA ALA A 41 -12.27 -7.91 1.86
C ALA A 41 -13.10 -7.95 0.59
N ASP A 42 -12.83 -6.95 -0.26
CA ASP A 42 -13.51 -6.81 -1.54
C ASP A 42 -13.01 -7.84 -2.54
N HIS A 43 -11.68 -7.98 -2.58
CA HIS A 43 -10.99 -8.87 -3.53
C HIS A 43 -10.84 -8.22 -4.90
N ASP A 44 -11.95 -7.84 -5.51
CA ASP A 44 -11.95 -7.30 -6.87
C ASP A 44 -11.53 -5.86 -6.89
N ALA A 45 -11.89 -5.17 -5.83
CA ALA A 45 -11.63 -3.74 -5.65
C ALA A 45 -10.38 -3.23 -6.33
N GLU A 46 -10.53 -2.06 -6.93
CA GLU A 46 -9.36 -1.29 -7.28
C GLU A 46 -8.86 -0.66 -6.00
N VAL A 47 -7.67 -1.01 -5.59
CA VAL A 47 -7.18 -0.50 -4.33
C VAL A 47 -6.35 0.75 -4.53
N LYS A 48 -6.81 1.80 -3.89
CA LYS A 48 -6.05 3.03 -3.85
C LYS A 48 -5.23 3.01 -2.58
N TRP A 49 -4.10 3.63 -2.60
CA TRP A 49 -3.27 3.63 -1.42
C TRP A 49 -2.92 5.06 -1.10
N LEU A 50 -2.41 5.28 0.07
CA LEU A 50 -2.27 6.62 0.55
C LEU A 50 -0.83 6.82 1.02
N LYS A 51 -0.21 7.91 0.66
CA LYS A 51 1.03 8.25 1.32
C LYS A 51 0.65 9.15 2.46
N ASN A 52 1.37 9.11 3.57
CA ASN A 52 0.94 9.83 4.77
C ASN A 52 0.48 11.25 4.39
N GLY A 53 -0.83 11.44 4.45
CA GLY A 53 -1.43 12.67 3.96
C GLY A 53 -1.73 12.66 2.45
N GLN A 54 -0.74 12.27 1.64
CA GLN A 54 -0.88 12.33 0.18
C GLN A 54 -1.69 11.15 -0.35
N GLU A 55 -2.63 11.41 -1.23
CA GLU A 55 -3.45 10.31 -1.76
C GLU A 55 -2.78 9.64 -2.95
N ILE A 56 -2.77 8.31 -2.89
CA ILE A 56 -2.02 7.49 -3.84
C ILE A 56 -2.96 6.66 -4.74
N GLN A 57 -3.10 7.12 -5.96
CA GLN A 57 -3.93 6.43 -6.96
C GLN A 57 -3.10 5.38 -7.68
N MET A 58 -3.69 4.23 -7.94
CA MET A 58 -2.98 3.14 -8.60
C MET A 58 -2.62 3.52 -10.04
N SER A 59 -1.48 3.04 -10.50
CA SER A 59 -0.98 3.36 -11.83
C SER A 59 -0.18 2.18 -12.39
N GLY A 60 0.79 2.45 -13.28
CA GLY A 60 1.53 1.37 -13.90
C GLY A 60 3.03 1.60 -13.88
N SER A 61 3.51 2.22 -12.81
CA SER A 61 4.95 2.41 -12.59
C SER A 61 5.17 2.67 -11.11
N LYS A 62 4.49 3.70 -10.62
CA LYS A 62 4.34 3.88 -9.19
C LYS A 62 2.96 3.39 -8.80
N TYR A 63 2.79 2.87 -7.58
CA TYR A 63 1.49 2.41 -7.12
C TYR A 63 0.90 1.40 -8.11
N ILE A 64 1.65 0.35 -8.38
CA ILE A 64 1.25 -0.67 -9.34
C ILE A 64 0.29 -1.66 -8.71
N PHE A 65 -0.85 -1.86 -9.35
CA PHE A 65 -1.86 -2.78 -8.84
C PHE A 65 -1.46 -4.23 -9.09
N GLU A 66 -1.65 -5.07 -8.08
CA GLU A 66 -1.36 -6.49 -8.20
C GLU A 66 -2.25 -7.26 -7.24
N SER A 67 -2.84 -8.36 -7.68
CA SER A 67 -3.77 -9.10 -6.84
C SER A 67 -3.37 -10.57 -6.79
N ILE A 68 -3.35 -11.12 -5.59
CA ILE A 68 -2.97 -12.52 -5.39
C ILE A 68 -3.98 -13.22 -4.48
N GLY A 69 -4.86 -14.03 -5.09
CA GLY A 69 -5.84 -14.78 -4.33
C GLY A 69 -6.62 -13.92 -3.36
N ALA A 70 -7.21 -12.84 -3.88
CA ALA A 70 -7.88 -11.82 -3.09
C ALA A 70 -6.89 -10.89 -2.40
N LYS A 71 -5.76 -11.44 -1.98
CA LYS A 71 -4.77 -10.64 -1.29
C LYS A 71 -4.19 -9.63 -2.26
N ARG A 72 -4.58 -8.39 -2.05
CA ARG A 72 -4.21 -7.33 -2.94
C ARG A 72 -2.83 -6.79 -2.62
N THR A 73 -2.11 -6.39 -3.64
CA THR A 73 -0.78 -5.89 -3.48
C THR A 73 -0.55 -4.62 -4.29
N LEU A 74 0.04 -3.63 -3.63
CA LEU A 74 0.40 -2.38 -4.29
C LEU A 74 1.90 -2.36 -4.56
N THR A 75 2.29 -2.61 -5.79
CA THR A 75 3.69 -2.63 -6.14
C THR A 75 4.22 -1.22 -6.39
N ILE A 76 5.02 -0.71 -5.48
CA ILE A 76 5.56 0.62 -5.63
C ILE A 76 6.99 0.56 -6.18
N SER A 77 7.20 1.26 -7.29
CA SER A 77 8.47 1.29 -7.97
C SER A 77 9.03 2.72 -7.96
N GLN A 78 10.33 2.85 -7.73
CA GLN A 78 10.98 4.16 -7.65
C GLN A 78 10.34 4.96 -6.52
N CYS A 79 10.42 4.39 -5.32
CA CYS A 79 9.80 4.94 -4.13
C CYS A 79 10.36 4.12 -3.01
N SER A 80 11.31 4.72 -2.36
CA SER A 80 12.18 4.01 -1.50
C SER A 80 12.93 4.97 -0.61
N LEU A 81 14.24 5.10 -0.84
CA LEU A 81 15.08 5.98 -0.03
C LEU A 81 14.77 7.45 -0.32
N ALA A 82 13.53 7.81 -0.04
CA ALA A 82 13.03 9.13 -0.30
C ALA A 82 11.67 9.28 0.36
N ASP A 83 10.82 8.26 0.17
CA ASP A 83 9.46 8.34 0.66
C ASP A 83 9.17 7.38 1.80
N ASP A 84 10.19 6.98 2.53
CA ASP A 84 10.01 6.23 3.75
C ASP A 84 9.28 7.11 4.76
N ALA A 85 8.07 6.70 5.09
CA ALA A 85 7.18 7.48 5.96
C ALA A 85 5.99 6.62 6.34
N ALA A 86 4.87 6.78 5.63
CA ALA A 86 3.72 5.90 5.83
C ALA A 86 2.90 5.80 4.54
N TYR A 87 2.48 4.59 4.19
CA TYR A 87 1.54 4.41 3.09
C TYR A 87 0.28 3.72 3.61
N GLN A 88 -0.82 4.47 3.65
CA GLN A 88 -2.11 3.94 4.04
C GLN A 88 -2.74 3.18 2.87
N CYS A 89 -3.81 2.46 3.14
CA CYS A 89 -4.49 1.70 2.11
C CYS A 89 -5.94 2.07 2.04
N VAL A 90 -6.43 2.28 0.84
CA VAL A 90 -7.70 2.97 0.70
C VAL A 90 -8.55 2.43 -0.45
N VAL A 91 -9.84 2.33 -0.17
CA VAL A 91 -10.80 1.86 -1.16
C VAL A 91 -12.04 2.74 -1.10
N GLY A 92 -12.30 3.46 -2.18
CA GLY A 92 -13.37 4.44 -2.20
C GLY A 92 -13.02 5.71 -1.45
N GLY A 93 -12.48 5.54 -0.25
CA GLY A 93 -12.10 6.67 0.58
C GLY A 93 -11.46 6.22 1.88
N GLU A 94 -11.91 5.07 2.37
CA GLU A 94 -11.41 4.51 3.63
C GLU A 94 -9.92 4.18 3.54
N LYS A 95 -9.12 4.73 4.46
CA LYS A 95 -7.67 4.49 4.48
C LYS A 95 -7.21 3.88 5.81
N CYS A 96 -6.33 2.88 5.71
CA CYS A 96 -5.71 2.25 6.87
C CYS A 96 -4.24 2.57 6.85
N SER A 97 -3.72 3.10 7.94
CA SER A 97 -2.36 3.57 7.96
C SER A 97 -1.35 2.45 8.17
N THR A 98 -0.27 2.53 7.42
CA THR A 98 0.84 1.62 7.59
C THR A 98 2.13 2.40 7.37
N GLU A 99 3.07 2.24 8.29
CA GLU A 99 4.29 3.02 8.23
C GLU A 99 5.25 2.41 7.23
N LEU A 100 5.91 3.27 6.48
CA LEU A 100 6.78 2.82 5.43
C LEU A 100 8.23 3.11 5.77
N PHE A 101 9.02 2.07 5.80
CA PHE A 101 10.46 2.19 6.03
C PHE A 101 11.16 1.74 4.77
N VAL A 102 12.30 2.31 4.43
CA VAL A 102 13.02 1.81 3.28
C VAL A 102 14.44 1.37 3.65
N LYS A 103 14.71 0.11 3.37
CA LYS A 103 16.04 -0.45 3.51
C LYS A 103 16.74 -0.31 2.18
N GLU A 104 17.87 0.38 2.18
CA GLU A 104 18.48 0.78 0.96
C GLU A 104 19.82 0.07 0.74
N ASP A 11 -7.72 10.11 9.77
CA ASP A 11 -8.63 9.18 10.47
C ASP A 11 -8.38 7.75 10.00
N GLU A 12 -7.14 7.32 10.09
CA GLU A 12 -6.76 6.01 9.61
C GLU A 12 -6.78 4.98 10.73
N LYS A 13 -7.53 3.93 10.50
CA LYS A 13 -7.64 2.82 11.44
C LYS A 13 -8.20 1.62 10.68
N LYS A 14 -7.81 0.42 11.08
CA LYS A 14 -8.15 -0.77 10.33
C LYS A 14 -9.65 -0.88 10.08
N SER A 15 -9.99 -0.74 8.81
CA SER A 15 -11.36 -0.75 8.33
C SER A 15 -11.30 -1.05 6.85
N THR A 16 -11.49 0.00 6.02
CA THR A 16 -11.27 -0.08 4.57
C THR A 16 -11.95 -1.32 3.97
N ALA A 17 -11.48 -1.73 2.81
CA ALA A 17 -11.96 -2.95 2.21
C ALA A 17 -10.87 -4.00 2.27
N PHE A 18 -9.88 -3.75 3.10
CA PHE A 18 -8.79 -4.67 3.27
C PHE A 18 -9.03 -5.50 4.49
N GLN A 19 -9.37 -6.75 4.24
CA GLN A 19 -9.64 -7.73 5.26
C GLN A 19 -8.53 -7.70 6.29
N LYS A 20 -7.33 -7.84 5.79
CA LYS A 20 -6.15 -7.64 6.60
C LYS A 20 -5.11 -6.82 5.84
N LYS A 21 -4.68 -5.72 6.40
CA LYS A 21 -3.55 -4.97 5.85
C LYS A 21 -2.28 -5.42 6.56
N LEU A 22 -1.17 -5.47 5.82
CA LEU A 22 0.10 -5.84 6.41
C LEU A 22 0.50 -4.87 7.52
N GLU A 23 1.46 -5.27 8.34
CA GLU A 23 1.90 -4.49 9.51
C GLU A 23 2.11 -3.01 9.16
N PRO A 24 1.85 -2.11 10.12
CA PRO A 24 2.00 -0.66 9.93
C PRO A 24 3.45 -0.23 9.77
N ALA A 25 4.22 -1.05 9.07
CA ALA A 25 5.60 -0.72 8.74
C ALA A 25 6.09 -1.61 7.61
N TYR A 26 5.80 -1.21 6.39
CA TYR A 26 6.28 -1.90 5.22
C TYR A 26 7.73 -1.50 4.99
N GLN A 27 8.60 -2.47 4.74
CA GLN A 27 10.01 -2.20 4.57
C GLN A 27 10.44 -2.41 3.13
N VAL A 28 10.69 -1.31 2.41
CA VAL A 28 11.18 -1.41 1.05
C VAL A 28 12.55 -2.06 1.04
N SER A 29 12.73 -3.00 0.16
CA SER A 29 14.09 -3.37 -0.18
C SER A 29 14.50 -2.43 -1.30
N LYS A 30 15.28 -1.41 -0.94
CA LYS A 30 15.48 -0.26 -1.82
C LYS A 30 15.69 -0.67 -3.28
N GLY A 31 14.88 -0.09 -4.15
CA GLY A 31 14.99 -0.36 -5.58
C GLY A 31 14.43 -1.72 -5.99
N HIS A 32 14.13 -2.56 -5.00
CA HIS A 32 13.54 -3.87 -5.27
C HIS A 32 12.06 -3.72 -5.56
N LYS A 33 11.58 -2.49 -5.37
CA LYS A 33 10.17 -2.14 -5.57
C LYS A 33 9.34 -2.75 -4.45
N ILE A 34 8.90 -1.94 -3.49
CA ILE A 34 8.19 -2.51 -2.37
C ILE A 34 6.70 -2.66 -2.67
N ARG A 35 6.19 -3.85 -2.41
CA ARG A 35 4.82 -4.19 -2.72
C ARG A 35 3.96 -4.07 -1.45
N LEU A 36 2.75 -3.52 -1.56
CA LEU A 36 1.91 -3.37 -0.41
C LEU A 36 0.90 -4.48 -0.37
N THR A 37 1.25 -5.54 0.34
CA THR A 37 0.43 -6.73 0.41
C THR A 37 -0.64 -6.59 1.47
N VAL A 38 -1.83 -7.04 1.15
CA VAL A 38 -2.97 -6.99 2.03
C VAL A 38 -3.92 -8.12 1.66
N GLU A 39 -4.69 -8.59 2.59
CA GLU A 39 -5.75 -9.52 2.28
C GLU A 39 -7.00 -8.72 2.07
N LEU A 40 -7.46 -8.61 0.83
CA LEU A 40 -8.59 -7.76 0.53
C LEU A 40 -9.88 -8.39 1.00
N ALA A 41 -10.81 -7.54 1.41
CA ALA A 41 -12.16 -7.96 1.71
C ALA A 41 -12.98 -7.90 0.43
N ASP A 42 -12.59 -6.96 -0.43
CA ASP A 42 -13.18 -6.84 -1.76
C ASP A 42 -12.65 -7.94 -2.68
N HIS A 43 -11.46 -8.42 -2.34
CA HIS A 43 -10.79 -9.51 -3.06
C HIS A 43 -10.20 -9.08 -4.39
N ASP A 44 -11.00 -8.45 -5.23
CA ASP A 44 -10.49 -7.96 -6.51
C ASP A 44 -11.18 -6.66 -6.89
N ALA A 45 -11.00 -5.67 -6.05
CA ALA A 45 -11.45 -4.33 -6.35
C ALA A 45 -10.25 -3.43 -6.54
N GLU A 46 -10.47 -2.30 -7.18
CA GLU A 46 -9.40 -1.34 -7.39
C GLU A 46 -9.03 -0.74 -6.05
N VAL A 47 -7.79 -0.94 -5.65
CA VAL A 47 -7.32 -0.40 -4.39
C VAL A 47 -6.51 0.85 -4.62
N LYS A 48 -6.92 1.90 -3.96
CA LYS A 48 -6.14 3.11 -3.97
C LYS A 48 -5.44 3.23 -2.64
N TRP A 49 -4.33 3.87 -2.60
CA TRP A 49 -3.53 3.83 -1.38
C TRP A 49 -3.17 5.24 -1.00
N LEU A 50 -2.65 5.39 0.17
CA LEU A 50 -2.46 6.71 0.72
C LEU A 50 -1.00 6.90 1.10
N LYS A 51 -0.46 8.08 0.91
CA LYS A 51 0.81 8.40 1.51
C LYS A 51 0.48 9.26 2.71
N ASN A 52 1.26 9.19 3.79
CA ASN A 52 0.85 9.86 5.03
C ASN A 52 0.31 11.27 4.74
N GLY A 53 -1.00 11.41 4.88
CA GLY A 53 -1.67 12.63 4.49
C GLY A 53 -2.05 12.69 3.01
N GLN A 54 -1.13 12.38 2.12
CA GLN A 54 -1.38 12.49 0.67
C GLN A 54 -2.23 11.32 0.17
N GLU A 55 -3.27 11.61 -0.59
CA GLU A 55 -4.14 10.56 -1.10
C GLU A 55 -3.65 10.06 -2.45
N ILE A 56 -3.49 8.75 -2.53
CA ILE A 56 -2.85 8.09 -3.65
C ILE A 56 -3.82 7.20 -4.45
N GLN A 57 -3.77 7.30 -5.76
CA GLN A 57 -4.59 6.48 -6.63
C GLN A 57 -3.83 5.23 -7.05
N MET A 58 -3.86 4.92 -8.34
CA MET A 58 -3.12 3.78 -8.88
C MET A 58 -2.24 4.26 -10.02
N SER A 59 -1.11 3.59 -10.24
CA SER A 59 -0.13 4.08 -11.19
C SER A 59 0.59 2.93 -11.93
N GLY A 60 1.69 3.28 -12.61
CA GLY A 60 2.41 2.30 -13.41
C GLY A 60 3.91 2.41 -13.24
N SER A 61 4.42 3.65 -13.19
CA SER A 61 5.83 3.88 -12.90
C SER A 61 6.07 3.59 -11.42
N LYS A 62 5.07 3.92 -10.63
CA LYS A 62 5.03 3.53 -9.23
C LYS A 62 3.66 2.97 -8.96
N TYR A 63 3.33 2.72 -7.69
CA TYR A 63 1.97 2.31 -7.30
C TYR A 63 1.27 1.39 -8.32
N ILE A 64 1.91 0.27 -8.61
CA ILE A 64 1.37 -0.71 -9.52
C ILE A 64 0.38 -1.62 -8.79
N PHE A 65 -0.81 -1.80 -9.34
CA PHE A 65 -1.80 -2.64 -8.68
C PHE A 65 -1.62 -4.12 -9.04
N GLU A 66 -1.66 -4.98 -8.02
CA GLU A 66 -1.50 -6.42 -8.22
C GLU A 66 -2.48 -7.20 -7.34
N SER A 67 -3.22 -8.12 -7.93
CA SER A 67 -4.22 -8.89 -7.21
C SER A 67 -3.78 -10.34 -7.10
N ILE A 68 -3.65 -10.86 -5.87
CA ILE A 68 -3.22 -12.23 -5.67
C ILE A 68 -4.18 -12.98 -4.76
N GLY A 69 -5.09 -13.76 -5.37
CA GLY A 69 -6.02 -14.59 -4.60
C GLY A 69 -6.72 -13.82 -3.50
N ALA A 70 -7.38 -12.73 -3.87
CA ALA A 70 -7.99 -11.79 -2.94
C ALA A 70 -6.95 -10.90 -2.28
N LYS A 71 -5.79 -11.46 -1.97
CA LYS A 71 -4.76 -10.67 -1.35
C LYS A 71 -4.23 -9.65 -2.33
N ARG A 72 -4.57 -8.41 -2.06
CA ARG A 72 -4.20 -7.32 -2.90
C ARG A 72 -2.78 -6.87 -2.58
N THR A 73 -2.05 -6.53 -3.59
CA THR A 73 -0.73 -6.01 -3.39
C THR A 73 -0.50 -4.79 -4.26
N LEU A 74 -0.01 -3.75 -3.63
CA LEU A 74 0.32 -2.54 -4.34
C LEU A 74 1.82 -2.53 -4.62
N THR A 75 2.20 -2.88 -5.84
CA THR A 75 3.61 -2.91 -6.19
C THR A 75 4.14 -1.50 -6.39
N ILE A 76 4.84 -1.00 -5.40
CA ILE A 76 5.43 0.32 -5.50
C ILE A 76 6.82 0.21 -6.09
N SER A 77 6.97 0.78 -7.26
CA SER A 77 8.23 0.79 -7.99
C SER A 77 8.82 2.18 -7.87
N GLN A 78 10.15 2.27 -7.94
CA GLN A 78 10.85 3.53 -7.69
C GLN A 78 10.63 3.93 -6.24
N CYS A 79 11.37 3.26 -5.37
CA CYS A 79 11.17 3.34 -3.97
C CYS A 79 12.41 2.85 -3.30
N SER A 80 12.94 3.65 -2.42
CA SER A 80 14.13 3.28 -1.74
C SER A 80 14.30 4.22 -0.57
N LEU A 81 15.53 4.61 -0.26
CA LEU A 81 15.79 5.53 0.84
C LEU A 81 15.37 6.96 0.46
N ALA A 82 14.15 7.10 0.00
CA ALA A 82 13.62 8.39 -0.41
C ALA A 82 12.14 8.48 -0.07
N ASP A 83 11.37 7.48 -0.50
CA ASP A 83 9.94 7.46 -0.19
C ASP A 83 9.67 6.84 1.18
N ASP A 84 10.74 6.69 1.97
CA ASP A 84 10.63 6.27 3.36
C ASP A 84 9.70 7.22 4.13
N ALA A 85 8.53 6.71 4.51
CA ALA A 85 7.47 7.54 5.08
C ALA A 85 6.34 6.67 5.66
N ALA A 86 5.11 6.87 5.18
CA ALA A 86 3.98 6.04 5.60
C ALA A 86 2.96 5.94 4.47
N TYR A 87 2.55 4.73 4.12
CA TYR A 87 1.59 4.52 3.04
C TYR A 87 0.36 3.73 3.53
N GLN A 88 -0.77 4.42 3.57
CA GLN A 88 -2.05 3.85 3.97
C GLN A 88 -2.70 3.11 2.80
N CYS A 89 -3.78 2.38 3.09
CA CYS A 89 -4.53 1.64 2.06
C CYS A 89 -5.95 2.07 2.00
N VAL A 90 -6.48 2.22 0.79
CA VAL A 90 -7.74 2.92 0.65
C VAL A 90 -8.65 2.36 -0.45
N VAL A 91 -9.89 2.16 -0.08
CA VAL A 91 -10.92 1.70 -1.00
C VAL A 91 -12.23 2.38 -0.64
N GLY A 92 -12.71 3.23 -1.54
CA GLY A 92 -13.89 4.02 -1.24
C GLY A 92 -13.62 5.08 -0.19
N GLY A 93 -12.46 5.72 -0.27
CA GLY A 93 -12.10 6.76 0.67
C GLY A 93 -11.48 6.22 1.95
N GLU A 94 -11.91 5.04 2.36
CA GLU A 94 -11.44 4.42 3.59
C GLU A 94 -9.94 4.16 3.51
N LYS A 95 -9.18 4.68 4.48
CA LYS A 95 -7.72 4.53 4.51
C LYS A 95 -7.23 3.92 5.84
N CYS A 96 -6.31 2.96 5.72
CA CYS A 96 -5.68 2.34 6.88
C CYS A 96 -4.19 2.57 6.81
N SER A 97 -3.63 3.13 7.87
CA SER A 97 -2.26 3.59 7.84
C SER A 97 -1.23 2.49 8.04
N THR A 98 -0.12 2.65 7.35
CA THR A 98 1.00 1.75 7.44
C THR A 98 2.28 2.55 7.20
N GLU A 99 3.25 2.45 8.09
CA GLU A 99 4.48 3.20 7.92
C GLU A 99 5.33 2.54 6.84
N LEU A 100 6.07 3.35 6.14
CA LEU A 100 6.91 2.85 5.08
C LEU A 100 8.36 3.08 5.40
N PHE A 101 9.05 2.01 5.76
CA PHE A 101 10.47 2.04 6.03
C PHE A 101 11.19 1.40 4.86
N VAL A 102 12.40 1.84 4.56
CA VAL A 102 13.13 1.25 3.47
C VAL A 102 14.51 0.80 3.91
N LYS A 103 14.89 -0.38 3.48
CA LYS A 103 16.20 -0.92 3.77
C LYS A 103 17.04 -0.88 2.50
N GLU A 104 18.27 -0.38 2.63
CA GLU A 104 19.16 -0.27 1.50
C GLU A 104 19.59 -1.66 1.03
N ASP A 11 -3.52 7.86 11.84
CA ASP A 11 -3.79 6.75 12.79
C ASP A 11 -5.06 6.02 12.36
N GLU A 12 -5.08 5.60 11.10
CA GLU A 12 -6.26 4.98 10.54
C GLU A 12 -6.44 3.56 11.02
N LYS A 13 -7.65 3.27 11.49
CA LYS A 13 -8.00 1.95 12.01
C LYS A 13 -8.30 0.99 10.86
N LYS A 14 -8.02 -0.28 11.10
CA LYS A 14 -8.21 -1.31 10.08
C LYS A 14 -9.68 -1.50 9.72
N SER A 15 -9.92 -1.34 8.43
CA SER A 15 -11.20 -1.58 7.80
C SER A 15 -10.94 -1.47 6.31
N THR A 16 -11.37 -0.34 5.74
CA THR A 16 -10.90 0.12 4.42
C THR A 16 -11.01 -0.92 3.31
N ALA A 17 -11.81 -1.93 3.56
CA ALA A 17 -12.01 -3.05 2.65
C ALA A 17 -10.71 -3.82 2.41
N PHE A 18 -9.78 -3.68 3.35
CA PHE A 18 -8.64 -4.56 3.39
C PHE A 18 -8.82 -5.46 4.59
N GLN A 19 -9.27 -6.67 4.31
CA GLN A 19 -9.53 -7.67 5.32
C GLN A 19 -8.36 -7.74 6.27
N LYS A 20 -7.18 -7.78 5.69
CA LYS A 20 -5.96 -7.62 6.43
C LYS A 20 -5.03 -6.65 5.70
N LYS A 21 -4.64 -5.60 6.40
CA LYS A 21 -3.54 -4.76 5.94
C LYS A 21 -2.27 -5.30 6.57
N LEU A 22 -1.20 -5.34 5.81
CA LEU A 22 0.07 -5.89 6.29
C LEU A 22 0.56 -5.08 7.50
N GLU A 23 1.55 -5.62 8.20
CA GLU A 23 2.09 -5.01 9.41
C GLU A 23 2.32 -3.51 9.20
N PRO A 24 1.98 -2.68 10.20
CA PRO A 24 2.02 -1.20 10.10
C PRO A 24 3.41 -0.62 9.92
N ALA A 25 4.26 -1.33 9.20
CA ALA A 25 5.55 -0.81 8.78
C ALA A 25 6.07 -1.64 7.62
N TYR A 26 5.76 -1.20 6.43
CA TYR A 26 6.23 -1.86 5.22
C TYR A 26 7.68 -1.47 4.98
N GLN A 27 8.53 -2.47 4.80
CA GLN A 27 9.95 -2.22 4.62
C GLN A 27 10.35 -2.45 3.17
N VAL A 28 10.43 -1.37 2.41
CA VAL A 28 10.82 -1.45 1.02
C VAL A 28 12.29 -1.74 0.89
N SER A 29 12.62 -2.66 0.00
CA SER A 29 13.99 -2.88 -0.34
C SER A 29 14.31 -1.95 -1.50
N LYS A 30 15.07 -0.89 -1.19
CA LYS A 30 15.25 0.21 -2.12
C LYS A 30 15.47 -0.25 -3.55
N GLY A 31 14.62 0.27 -4.43
CA GLY A 31 14.75 0.00 -5.86
C GLY A 31 14.34 -1.41 -6.23
N HIS A 32 14.02 -2.21 -5.22
CA HIS A 32 13.56 -3.57 -5.45
C HIS A 32 12.05 -3.57 -5.59
N LYS A 33 11.48 -2.37 -5.47
CA LYS A 33 10.05 -2.14 -5.58
C LYS A 33 9.32 -2.76 -4.40
N ILE A 34 8.79 -1.93 -3.51
CA ILE A 34 8.08 -2.47 -2.36
C ILE A 34 6.62 -2.69 -2.69
N ARG A 35 6.10 -3.85 -2.32
CA ARG A 35 4.73 -4.21 -2.62
C ARG A 35 3.88 -4.09 -1.36
N LEU A 36 2.68 -3.52 -1.49
CA LEU A 36 1.83 -3.36 -0.34
C LEU A 36 0.81 -4.48 -0.32
N THR A 37 1.17 -5.57 0.36
CA THR A 37 0.36 -6.76 0.36
C THR A 37 -0.69 -6.72 1.45
N VAL A 38 -1.92 -7.03 1.07
CA VAL A 38 -3.05 -7.03 1.98
C VAL A 38 -3.97 -8.17 1.60
N GLU A 39 -4.74 -8.66 2.56
CA GLU A 39 -5.80 -9.57 2.23
C GLU A 39 -7.05 -8.73 2.03
N LEU A 40 -7.48 -8.62 0.79
CA LEU A 40 -8.55 -7.69 0.47
C LEU A 40 -9.87 -8.21 1.01
N ALA A 41 -10.76 -7.30 1.36
CA ALA A 41 -12.11 -7.69 1.74
C ALA A 41 -12.98 -7.67 0.51
N ASP A 42 -12.53 -6.89 -0.48
CA ASP A 42 -13.23 -6.74 -1.74
C ASP A 42 -12.80 -7.80 -2.74
N HIS A 43 -11.49 -8.07 -2.74
CA HIS A 43 -10.88 -9.09 -3.60
C HIS A 43 -10.75 -8.57 -5.04
N ASP A 44 -11.86 -8.19 -5.63
CA ASP A 44 -11.88 -7.72 -7.01
C ASP A 44 -12.13 -6.23 -7.11
N ALA A 45 -11.48 -5.49 -6.23
CA ALA A 45 -11.62 -4.05 -6.22
C ALA A 45 -10.32 -3.37 -6.58
N GLU A 46 -10.44 -2.26 -7.28
CA GLU A 46 -9.30 -1.40 -7.51
C GLU A 46 -8.93 -0.74 -6.20
N VAL A 47 -7.73 -1.01 -5.73
CA VAL A 47 -7.30 -0.48 -4.46
C VAL A 47 -6.51 0.79 -4.65
N LYS A 48 -6.88 1.80 -3.90
CA LYS A 48 -6.14 3.03 -3.89
C LYS A 48 -5.36 3.11 -2.60
N TRP A 49 -4.26 3.77 -2.61
CA TRP A 49 -3.42 3.76 -1.44
C TRP A 49 -3.09 5.18 -1.07
N LEU A 50 -2.55 5.38 0.09
CA LEU A 50 -2.38 6.72 0.60
C LEU A 50 -0.92 6.95 0.96
N LYS A 51 -0.35 8.04 0.52
CA LYS A 51 0.98 8.43 0.99
C LYS A 51 0.78 9.29 2.22
N ASN A 52 1.74 9.25 3.12
CA ASN A 52 1.60 9.90 4.42
C ASN A 52 0.85 11.21 4.31
N GLY A 53 -0.43 11.18 4.69
CA GLY A 53 -1.28 12.35 4.58
C GLY A 53 -2.00 12.49 3.23
N GLN A 54 -1.30 12.27 2.12
CA GLN A 54 -1.91 12.52 0.81
C GLN A 54 -2.31 11.23 0.10
N GLU A 55 -3.21 11.37 -0.85
CA GLU A 55 -3.79 10.21 -1.50
C GLU A 55 -2.94 9.68 -2.65
N ILE A 56 -2.89 8.36 -2.72
CA ILE A 56 -2.10 7.64 -3.70
C ILE A 56 -3.01 6.90 -4.69
N GLN A 57 -3.04 7.41 -5.92
CA GLN A 57 -3.87 6.86 -6.96
C GLN A 57 -3.16 5.70 -7.66
N MET A 58 -3.91 4.64 -7.88
CA MET A 58 -3.38 3.43 -8.52
C MET A 58 -2.94 3.73 -9.96
N SER A 59 -1.78 3.19 -10.34
CA SER A 59 -1.23 3.45 -11.67
C SER A 59 -0.41 2.24 -12.14
N GLY A 60 0.59 2.46 -12.99
CA GLY A 60 1.36 1.37 -13.54
C GLY A 60 2.85 1.66 -13.59
N SER A 61 3.31 2.45 -12.63
CA SER A 61 4.72 2.73 -12.46
C SER A 61 4.97 2.96 -10.98
N LYS A 62 4.27 3.94 -10.46
CA LYS A 62 4.12 4.08 -9.03
C LYS A 62 2.79 3.49 -8.64
N TYR A 63 2.69 2.89 -7.44
CA TYR A 63 1.41 2.38 -6.97
C TYR A 63 0.77 1.42 -7.99
N ILE A 64 1.51 0.38 -8.31
CA ILE A 64 1.09 -0.61 -9.30
C ILE A 64 0.16 -1.65 -8.68
N PHE A 65 -0.92 -1.99 -9.36
CA PHE A 65 -1.85 -2.96 -8.83
C PHE A 65 -1.40 -4.41 -9.11
N GLU A 66 -1.54 -5.27 -8.10
CA GLU A 66 -1.26 -6.69 -8.27
C GLU A 66 -2.09 -7.48 -7.27
N SER A 67 -2.91 -8.40 -7.76
CA SER A 67 -3.83 -9.12 -6.89
C SER A 67 -3.50 -10.60 -6.85
N ILE A 68 -3.37 -11.15 -5.64
CA ILE A 68 -3.05 -12.56 -5.49
C ILE A 68 -4.10 -13.25 -4.61
N GLY A 69 -4.96 -14.04 -5.24
CA GLY A 69 -5.97 -14.80 -4.52
C GLY A 69 -6.72 -13.95 -3.52
N ALA A 70 -7.33 -12.87 -4.03
CA ALA A 70 -7.99 -11.85 -3.20
C ALA A 70 -6.98 -10.92 -2.55
N LYS A 71 -5.86 -11.46 -2.08
CA LYS A 71 -4.89 -10.64 -1.39
C LYS A 71 -4.32 -9.62 -2.35
N ARG A 72 -4.71 -8.38 -2.14
CA ARG A 72 -4.30 -7.31 -3.00
C ARG A 72 -2.92 -6.81 -2.61
N THR A 73 -2.14 -6.47 -3.61
CA THR A 73 -0.82 -5.96 -3.39
C THR A 73 -0.55 -4.73 -4.26
N LEU A 74 -0.09 -3.69 -3.59
CA LEU A 74 0.26 -2.46 -4.27
C LEU A 74 1.76 -2.47 -4.57
N THR A 75 2.12 -2.75 -5.81
CA THR A 75 3.51 -2.79 -6.21
C THR A 75 4.05 -1.38 -6.38
N ILE A 76 4.91 -0.96 -5.48
CA ILE A 76 5.46 0.36 -5.54
C ILE A 76 6.88 0.32 -6.10
N SER A 77 7.09 1.07 -7.17
CA SER A 77 8.36 1.13 -7.83
C SER A 77 8.96 2.52 -7.66
N GLN A 78 10.28 2.59 -7.50
CA GLN A 78 10.99 3.85 -7.30
C GLN A 78 10.46 4.57 -6.05
N CYS A 79 10.69 3.95 -4.90
CA CYS A 79 10.26 4.52 -3.63
C CYS A 79 11.25 4.08 -2.57
N SER A 80 12.49 4.41 -2.84
CA SER A 80 13.58 3.92 -2.06
C SER A 80 13.88 4.85 -0.89
N LEU A 81 15.14 5.24 -0.72
CA LEU A 81 15.57 6.10 0.38
C LEU A 81 15.06 7.54 0.24
N ALA A 82 13.75 7.69 0.13
CA ALA A 82 13.13 9.00 -0.01
C ALA A 82 11.65 8.94 0.33
N ASP A 83 10.97 7.91 -0.16
CA ASP A 83 9.54 7.75 0.07
C ASP A 83 9.28 7.21 1.48
N ASP A 84 10.35 6.94 2.21
CA ASP A 84 10.29 6.45 3.58
C ASP A 84 9.40 7.36 4.43
N ALA A 85 8.27 6.82 4.88
CA ALA A 85 7.27 7.60 5.63
C ALA A 85 6.16 6.68 6.14
N ALA A 86 4.94 6.86 5.62
CA ALA A 86 3.85 5.94 5.91
C ALA A 86 2.89 5.91 4.73
N TYR A 87 2.50 4.71 4.30
CA TYR A 87 1.58 4.58 3.18
C TYR A 87 0.30 3.86 3.63
N GLN A 88 -0.79 4.59 3.66
CA GLN A 88 -2.08 4.06 4.05
C GLN A 88 -2.74 3.32 2.88
N CYS A 89 -3.77 2.56 3.16
CA CYS A 89 -4.44 1.76 2.14
C CYS A 89 -5.91 2.07 2.07
N VAL A 90 -6.43 2.23 0.86
CA VAL A 90 -7.71 2.87 0.72
C VAL A 90 -8.58 2.27 -0.40
N VAL A 91 -9.84 2.09 -0.07
CA VAL A 91 -10.82 1.58 -1.03
C VAL A 91 -12.08 2.41 -0.95
N GLY A 92 -12.41 3.08 -2.05
CA GLY A 92 -13.55 3.98 -2.08
C GLY A 92 -13.26 5.32 -1.41
N GLY A 93 -12.67 5.25 -0.24
CA GLY A 93 -12.33 6.45 0.51
C GLY A 93 -11.62 6.12 1.80
N GLU A 94 -12.00 5.00 2.40
CA GLU A 94 -11.41 4.53 3.65
C GLU A 94 -9.92 4.25 3.49
N LYS A 95 -9.10 4.86 4.34
CA LYS A 95 -7.65 4.61 4.37
C LYS A 95 -7.23 3.99 5.70
N CYS A 96 -6.29 3.04 5.64
CA CYS A 96 -5.72 2.40 6.83
C CYS A 96 -4.24 2.67 6.85
N SER A 97 -3.72 3.18 7.96
CA SER A 97 -2.34 3.64 7.99
C SER A 97 -1.35 2.50 8.17
N THR A 98 -0.25 2.60 7.42
CA THR A 98 0.85 1.68 7.56
C THR A 98 2.15 2.45 7.32
N GLU A 99 3.13 2.26 8.19
CA GLU A 99 4.36 3.02 8.08
C GLU A 99 5.22 2.43 6.96
N LEU A 100 6.06 3.26 6.38
CA LEU A 100 6.89 2.84 5.28
C LEU A 100 8.35 3.13 5.57
N PHE A 101 9.14 2.06 5.66
CA PHE A 101 10.56 2.17 5.89
C PHE A 101 11.31 1.57 4.72
N VAL A 102 12.39 2.19 4.28
CA VAL A 102 13.15 1.62 3.19
C VAL A 102 14.48 1.06 3.65
N LYS A 103 14.68 -0.21 3.34
CA LYS A 103 15.95 -0.88 3.54
C LYS A 103 16.78 -0.73 2.28
N GLU A 104 18.05 -0.39 2.46
CA GLU A 104 18.93 -0.12 1.32
C GLU A 104 19.16 -1.39 0.50
N ASP A 11 -9.29 7.71 13.49
CA ASP A 11 -8.03 7.58 12.71
C ASP A 11 -7.91 6.20 12.12
N GLU A 12 -7.43 6.12 10.88
CA GLU A 12 -7.30 4.84 10.21
C GLU A 12 -6.19 4.00 10.83
N LYS A 13 -6.58 2.92 11.50
CA LYS A 13 -5.62 2.01 12.11
C LYS A 13 -5.77 0.63 11.50
N LYS A 14 -6.96 0.04 11.65
CA LYS A 14 -7.30 -1.13 10.87
C LYS A 14 -7.70 -0.66 9.48
N SER A 15 -7.45 -1.50 8.50
CA SER A 15 -7.55 -1.10 7.12
C SER A 15 -8.97 -0.76 6.69
N THR A 16 -9.04 -0.34 5.45
CA THR A 16 -10.28 -0.07 4.74
C THR A 16 -11.02 -1.40 4.51
N ALA A 17 -11.48 -1.62 3.30
CA ALA A 17 -12.08 -2.88 2.91
C ALA A 17 -11.02 -3.97 2.76
N PHE A 18 -9.97 -3.86 3.53
CA PHE A 18 -8.94 -4.87 3.53
C PHE A 18 -9.17 -5.76 4.72
N GLN A 19 -9.49 -7.01 4.43
CA GLN A 19 -9.68 -8.03 5.43
C GLN A 19 -8.54 -7.98 6.42
N LYS A 20 -7.35 -8.03 5.86
CA LYS A 20 -6.16 -7.74 6.60
C LYS A 20 -5.21 -6.89 5.75
N LYS A 21 -4.77 -5.76 6.26
CA LYS A 21 -3.67 -5.06 5.62
C LYS A 21 -2.38 -5.43 6.35
N LEU A 22 -1.27 -5.52 5.62
CA LEU A 22 0.00 -5.94 6.21
C LEU A 22 0.43 -5.01 7.36
N GLU A 23 1.38 -5.48 8.16
CA GLU A 23 1.82 -4.75 9.37
C GLU A 23 2.07 -3.27 9.08
N PRO A 24 1.69 -2.38 10.03
CA PRO A 24 1.83 -0.92 9.88
C PRO A 24 3.27 -0.43 9.80
N ALA A 25 4.11 -1.19 9.11
CA ALA A 25 5.46 -0.79 8.81
C ALA A 25 6.00 -1.62 7.66
N TYR A 26 5.70 -1.18 6.45
CA TYR A 26 6.17 -1.87 5.26
C TYR A 26 7.62 -1.50 5.03
N GLN A 27 8.46 -2.49 4.74
CA GLN A 27 9.88 -2.25 4.55
C GLN A 27 10.30 -2.44 3.10
N VAL A 28 10.58 -1.33 2.42
CA VAL A 28 10.99 -1.36 1.03
C VAL A 28 12.36 -2.01 0.89
N SER A 29 12.47 -2.90 -0.06
CA SER A 29 13.78 -3.24 -0.54
C SER A 29 14.17 -2.17 -1.55
N LYS A 30 15.00 -1.22 -1.10
CA LYS A 30 15.19 0.04 -1.81
C LYS A 30 15.39 -0.16 -3.31
N GLY A 31 14.54 0.52 -4.08
CA GLY A 31 14.60 0.45 -5.52
C GLY A 31 14.18 -0.90 -6.08
N HIS A 32 13.93 -1.86 -5.20
CA HIS A 32 13.48 -3.18 -5.61
C HIS A 32 11.98 -3.18 -5.75
N LYS A 33 11.39 -2.00 -5.52
CA LYS A 33 9.95 -1.78 -5.57
C LYS A 33 9.27 -2.45 -4.39
N ILE A 34 8.75 -1.69 -3.44
CA ILE A 34 8.07 -2.31 -2.31
C ILE A 34 6.61 -2.58 -2.64
N ARG A 35 6.17 -3.79 -2.34
CA ARG A 35 4.82 -4.23 -2.62
C ARG A 35 3.96 -4.11 -1.38
N LEU A 36 2.81 -3.45 -1.48
CA LEU A 36 1.95 -3.29 -0.33
C LEU A 36 0.87 -4.36 -0.37
N THR A 37 1.17 -5.48 0.26
CA THR A 37 0.28 -6.63 0.20
C THR A 37 -0.76 -6.59 1.31
N VAL A 38 -1.97 -6.99 0.97
CA VAL A 38 -3.09 -7.02 1.89
C VAL A 38 -4.01 -8.19 1.55
N GLU A 39 -4.73 -8.68 2.54
CA GLU A 39 -5.79 -9.62 2.29
C GLU A 39 -7.07 -8.80 2.17
N LEU A 40 -7.58 -8.67 0.97
CA LEU A 40 -8.72 -7.78 0.73
C LEU A 40 -10.00 -8.39 1.23
N ALA A 41 -10.89 -7.54 1.73
CA ALA A 41 -12.24 -7.96 2.07
C ALA A 41 -13.11 -7.89 0.83
N ASP A 42 -12.79 -6.94 -0.03
CA ASP A 42 -13.47 -6.78 -1.32
C ASP A 42 -13.06 -7.91 -2.27
N HIS A 43 -11.85 -8.40 -2.07
CA HIS A 43 -11.27 -9.52 -2.82
C HIS A 43 -10.82 -9.11 -4.22
N ASP A 44 -11.76 -8.78 -5.09
CA ASP A 44 -11.41 -8.45 -6.46
C ASP A 44 -11.78 -7.02 -6.80
N ALA A 45 -11.38 -6.11 -5.93
CA ALA A 45 -11.58 -4.69 -6.16
C ALA A 45 -10.24 -4.00 -6.34
N GLU A 46 -10.25 -2.91 -7.09
CA GLU A 46 -9.08 -2.12 -7.30
C GLU A 46 -8.73 -1.41 -6.00
N VAL A 47 -7.50 -1.58 -5.54
CA VAL A 47 -7.09 -0.95 -4.30
C VAL A 47 -6.32 0.33 -4.56
N LYS A 48 -6.74 1.39 -3.88
CA LYS A 48 -6.03 2.67 -3.95
C LYS A 48 -5.23 2.86 -2.67
N TRP A 49 -4.14 3.57 -2.75
CA TRP A 49 -3.26 3.63 -1.60
C TRP A 49 -2.93 5.05 -1.28
N LEU A 50 -2.33 5.26 -0.16
CA LEU A 50 -2.19 6.58 0.38
C LEU A 50 -0.74 6.75 0.83
N LYS A 51 -0.19 7.93 0.71
CA LYS A 51 1.04 8.22 1.43
C LYS A 51 0.64 9.15 2.54
N ASN A 52 1.30 9.11 3.70
CA ASN A 52 0.80 9.83 4.86
C ASN A 52 0.30 11.23 4.48
N GLY A 53 -1.01 11.38 4.55
CA GLY A 53 -1.67 12.58 4.07
C GLY A 53 -1.98 12.59 2.57
N GLN A 54 -0.99 12.26 1.74
CA GLN A 54 -1.14 12.33 0.28
C GLN A 54 -1.92 11.12 -0.25
N GLU A 55 -2.87 11.36 -1.13
CA GLU A 55 -3.67 10.27 -1.69
C GLU A 55 -3.01 9.66 -2.91
N ILE A 56 -2.94 8.34 -2.90
CA ILE A 56 -2.20 7.58 -3.89
C ILE A 56 -3.09 6.70 -4.78
N GLN A 57 -3.06 7.00 -6.07
CA GLN A 57 -3.88 6.27 -7.03
C GLN A 57 -3.16 5.03 -7.57
N MET A 58 -2.92 4.99 -8.87
CA MET A 58 -2.31 3.84 -9.52
C MET A 58 -1.51 4.28 -10.73
N SER A 59 -0.47 3.53 -11.05
CA SER A 59 0.39 3.87 -12.17
C SER A 59 1.32 2.69 -12.51
N GLY A 60 2.09 2.84 -13.57
CA GLY A 60 3.01 1.80 -13.99
C GLY A 60 4.35 1.92 -13.32
N SER A 61 4.85 3.15 -13.19
CA SER A 61 6.16 3.38 -12.62
C SER A 61 6.11 3.55 -11.10
N LYS A 62 4.91 3.40 -10.53
CA LYS A 62 4.69 3.55 -9.10
C LYS A 62 3.22 3.32 -8.80
N TYR A 63 2.87 3.00 -7.55
CA TYR A 63 1.47 2.76 -7.19
C TYR A 63 0.88 1.68 -8.11
N ILE A 64 1.61 0.59 -8.27
CA ILE A 64 1.20 -0.46 -9.17
C ILE A 64 0.19 -1.40 -8.49
N PHE A 65 -0.99 -1.51 -9.06
CA PHE A 65 -2.01 -2.38 -8.49
C PHE A 65 -1.74 -3.84 -8.85
N GLU A 66 -1.67 -4.67 -7.83
CA GLU A 66 -1.39 -6.10 -8.01
C GLU A 66 -2.48 -6.92 -7.35
N SER A 67 -3.03 -7.86 -8.09
CA SER A 67 -4.16 -8.65 -7.62
C SER A 67 -3.75 -10.11 -7.42
N ILE A 68 -3.87 -10.60 -6.20
CA ILE A 68 -3.48 -11.97 -5.87
C ILE A 68 -4.56 -12.69 -5.07
N GLY A 69 -5.46 -13.39 -5.77
CA GLY A 69 -6.46 -14.23 -5.12
C GLY A 69 -7.10 -13.60 -3.91
N ALA A 70 -7.83 -12.50 -4.13
CA ALA A 70 -8.43 -11.68 -3.07
C ALA A 70 -7.39 -10.78 -2.44
N LYS A 71 -6.20 -11.32 -2.18
CA LYS A 71 -5.15 -10.52 -1.60
C LYS A 71 -4.67 -9.50 -2.61
N ARG A 72 -4.57 -8.27 -2.18
CA ARG A 72 -4.24 -7.19 -3.08
C ARG A 72 -2.92 -6.55 -2.69
N THR A 73 -2.19 -6.09 -3.68
CA THR A 73 -0.87 -5.55 -3.42
C THR A 73 -0.65 -4.25 -4.19
N LEU A 74 -0.06 -3.28 -3.51
CA LEU A 74 0.34 -2.05 -4.17
C LEU A 74 1.84 -2.07 -4.41
N THR A 75 2.26 -2.34 -5.62
CA THR A 75 3.67 -2.37 -5.92
C THR A 75 4.18 -0.96 -6.19
N ILE A 76 4.97 -0.44 -5.27
CA ILE A 76 5.49 0.90 -5.41
C ILE A 76 6.94 0.86 -5.91
N SER A 77 7.17 1.58 -7.00
CA SER A 77 8.47 1.66 -7.63
C SER A 77 9.03 3.06 -7.47
N GLN A 78 10.36 3.19 -7.48
CA GLN A 78 11.01 4.46 -7.26
C GLN A 78 10.67 4.96 -5.86
N CYS A 79 11.09 4.18 -4.88
CA CYS A 79 10.78 4.44 -3.50
C CYS A 79 11.75 3.65 -2.68
N SER A 80 12.58 4.35 -1.97
CA SER A 80 13.69 3.73 -1.32
C SER A 80 14.10 4.55 -0.10
N LEU A 81 15.40 4.78 0.07
CA LEU A 81 15.93 5.52 1.21
C LEU A 81 15.64 7.03 1.10
N ALA A 82 14.44 7.37 0.66
CA ALA A 82 14.04 8.76 0.56
C ALA A 82 12.53 8.88 0.75
N ASP A 83 11.78 8.00 0.09
CA ASP A 83 10.32 8.01 0.21
C ASP A 83 9.88 7.32 1.50
N ASP A 84 10.86 6.87 2.28
CA ASP A 84 10.62 6.27 3.59
C ASP A 84 9.77 7.22 4.44
N ALA A 85 8.58 6.75 4.81
CA ALA A 85 7.60 7.58 5.53
C ALA A 85 6.41 6.73 5.98
N ALA A 86 5.25 6.91 5.35
CA ALA A 86 4.09 6.07 5.64
C ALA A 86 3.19 5.96 4.40
N TYR A 87 2.68 4.76 4.14
CA TYR A 87 1.69 4.57 3.08
C TYR A 87 0.43 3.93 3.65
N GLN A 88 -0.68 4.65 3.54
CA GLN A 88 -1.97 4.12 3.92
C GLN A 88 -2.56 3.25 2.81
N CYS A 89 -3.45 2.37 3.21
CA CYS A 89 -4.07 1.38 2.33
C CYS A 89 -5.54 1.69 2.14
N VAL A 90 -6.04 1.80 0.91
CA VAL A 90 -7.36 2.41 0.75
C VAL A 90 -8.25 1.80 -0.35
N VAL A 91 -9.53 1.70 -0.04
CA VAL A 91 -10.55 1.31 -0.99
C VAL A 91 -11.83 2.08 -0.73
N GLY A 92 -12.34 2.72 -1.78
CA GLY A 92 -13.52 3.54 -1.65
C GLY A 92 -13.30 4.73 -0.73
N GLY A 93 -12.13 5.36 -0.86
CA GLY A 93 -11.80 6.50 -0.02
C GLY A 93 -11.25 6.09 1.33
N GLU A 94 -11.77 5.00 1.89
CA GLU A 94 -11.34 4.53 3.19
C GLU A 94 -9.88 4.09 3.17
N LYS A 95 -9.08 4.65 4.07
CA LYS A 95 -7.64 4.36 4.13
C LYS A 95 -7.28 3.63 5.42
N CYS A 96 -6.02 3.23 5.50
CA CYS A 96 -5.46 2.52 6.64
C CYS A 96 -4.00 2.90 6.77
N SER A 97 -3.61 3.48 7.88
CA SER A 97 -2.27 4.00 7.97
C SER A 97 -1.25 2.90 8.25
N THR A 98 -0.18 2.93 7.48
CA THR A 98 0.87 1.97 7.59
C THR A 98 2.20 2.67 7.33
N GLU A 99 3.16 2.47 8.21
CA GLU A 99 4.43 3.18 8.11
C GLU A 99 5.28 2.54 7.03
N LEU A 100 6.10 3.35 6.39
CA LEU A 100 6.91 2.89 5.31
C LEU A 100 8.38 3.09 5.64
N PHE A 101 9.06 1.98 5.86
CA PHE A 101 10.49 1.98 6.14
C PHE A 101 11.22 1.27 5.01
N VAL A 102 12.43 1.68 4.72
CA VAL A 102 13.13 1.12 3.57
C VAL A 102 14.47 0.51 3.96
N LYS A 103 14.77 -0.64 3.37
CA LYS A 103 16.05 -1.29 3.53
C LYS A 103 16.87 -1.09 2.27
N GLU A 104 18.15 -0.79 2.43
CA GLU A 104 19.02 -0.58 1.29
C GLU A 104 19.24 -1.88 0.52
N ASP A 11 -8.93 9.59 12.18
CA ASP A 11 -7.59 9.08 11.81
C ASP A 11 -7.72 7.74 11.11
N GLU A 12 -6.86 7.52 10.14
CA GLU A 12 -6.82 6.28 9.40
C GLU A 12 -6.33 5.13 10.30
N LYS A 13 -7.05 4.03 10.27
CA LYS A 13 -6.70 2.87 11.06
C LYS A 13 -7.15 1.61 10.33
N LYS A 14 -7.02 0.46 10.96
CA LYS A 14 -7.38 -0.79 10.32
C LYS A 14 -8.89 -0.92 10.14
N SER A 15 -9.29 -0.98 8.87
CA SER A 15 -10.67 -1.18 8.42
C SER A 15 -10.60 -1.27 6.91
N THR A 16 -11.23 -0.28 6.25
CA THR A 16 -10.99 0.04 4.84
C THR A 16 -11.14 -1.13 3.89
N ALA A 17 -11.92 -2.10 4.30
CA ALA A 17 -12.23 -3.27 3.47
C ALA A 17 -11.00 -4.07 3.06
N PHE A 18 -9.87 -3.82 3.70
CA PHE A 18 -8.76 -4.72 3.58
C PHE A 18 -8.88 -5.70 4.72
N GLN A 19 -9.34 -6.91 4.39
CA GLN A 19 -9.56 -7.97 5.36
C GLN A 19 -8.45 -7.97 6.38
N LYS A 20 -7.24 -8.04 5.86
CA LYS A 20 -6.05 -7.78 6.64
C LYS A 20 -5.12 -6.89 5.84
N LYS A 21 -4.74 -5.77 6.41
CA LYS A 21 -3.66 -4.97 5.84
C LYS A 21 -2.37 -5.43 6.49
N LEU A 22 -1.29 -5.46 5.74
CA LEU A 22 0.00 -5.96 6.22
C LEU A 22 0.45 -5.18 7.47
N GLU A 23 1.45 -5.71 8.17
CA GLU A 23 1.93 -5.08 9.40
C GLU A 23 2.16 -3.57 9.20
N PRO A 24 1.85 -2.74 10.21
CA PRO A 24 1.94 -1.27 10.12
C PRO A 24 3.35 -0.73 9.93
N ALA A 25 4.21 -1.52 9.31
CA ALA A 25 5.52 -1.06 8.91
C ALA A 25 6.01 -1.83 7.70
N TYR A 26 5.71 -1.31 6.53
CA TYR A 26 6.17 -1.91 5.29
C TYR A 26 7.62 -1.51 5.05
N GLN A 27 8.45 -2.48 4.72
CA GLN A 27 9.86 -2.20 4.49
C GLN A 27 10.23 -2.40 3.03
N VAL A 28 10.50 -1.30 2.34
CA VAL A 28 10.91 -1.34 0.94
C VAL A 28 12.24 -2.03 0.80
N SER A 29 12.33 -2.95 -0.13
CA SER A 29 13.65 -3.33 -0.58
C SER A 29 14.09 -2.28 -1.58
N LYS A 30 14.98 -1.38 -1.13
CA LYS A 30 15.30 -0.17 -1.86
C LYS A 30 15.53 -0.43 -3.34
N GLY A 31 14.74 0.25 -4.14
CA GLY A 31 14.86 0.15 -5.59
C GLY A 31 14.39 -1.19 -6.13
N HIS A 32 13.92 -2.04 -5.24
CA HIS A 32 13.37 -3.34 -5.63
C HIS A 32 11.86 -3.21 -5.75
N LYS A 33 11.38 -2.00 -5.52
CA LYS A 33 9.95 -1.69 -5.54
C LYS A 33 9.24 -2.38 -4.38
N ILE A 34 8.71 -1.62 -3.43
CA ILE A 34 8.02 -2.24 -2.30
C ILE A 34 6.55 -2.48 -2.63
N ARG A 35 6.09 -3.68 -2.32
CA ARG A 35 4.72 -4.08 -2.57
C ARG A 35 3.87 -3.93 -1.31
N LEU A 36 2.68 -3.34 -1.43
CA LEU A 36 1.80 -3.22 -0.29
C LEU A 36 0.79 -4.34 -0.34
N THR A 37 1.12 -5.44 0.32
CA THR A 37 0.32 -6.65 0.24
C THR A 37 -0.73 -6.70 1.33
N VAL A 38 -1.96 -6.96 0.94
CA VAL A 38 -3.08 -6.96 1.85
C VAL A 38 -4.02 -8.09 1.50
N GLU A 39 -4.69 -8.65 2.49
CA GLU A 39 -5.75 -9.58 2.20
C GLU A 39 -7.03 -8.79 2.19
N LEU A 40 -7.69 -8.75 1.04
CA LEU A 40 -8.84 -7.87 0.87
C LEU A 40 -10.12 -8.51 1.40
N ALA A 41 -11.07 -7.65 1.75
CA ALA A 41 -12.42 -8.10 2.05
C ALA A 41 -13.25 -8.02 0.77
N ASP A 42 -12.89 -7.04 -0.05
CA ASP A 42 -13.52 -6.85 -1.37
C ASP A 42 -13.06 -7.90 -2.34
N HIS A 43 -11.75 -8.15 -2.34
CA HIS A 43 -11.09 -9.11 -3.22
C HIS A 43 -10.93 -8.55 -4.63
N ASP A 44 -12.05 -8.22 -5.27
CA ASP A 44 -12.03 -7.82 -6.68
C ASP A 44 -11.81 -6.34 -6.86
N ALA A 45 -12.20 -5.59 -5.87
CA ALA A 45 -12.12 -4.16 -5.93
C ALA A 45 -10.70 -3.67 -6.10
N GLU A 46 -10.54 -2.66 -6.92
CA GLU A 46 -9.26 -1.98 -7.05
C GLU A 46 -8.99 -1.21 -5.78
N VAL A 47 -7.84 -1.43 -5.18
CA VAL A 47 -7.50 -0.71 -3.99
C VAL A 47 -6.67 0.53 -4.34
N LYS A 48 -7.12 1.65 -3.83
CA LYS A 48 -6.35 2.86 -3.92
C LYS A 48 -5.47 2.92 -2.69
N TRP A 49 -4.37 3.62 -2.76
CA TRP A 49 -3.46 3.64 -1.64
C TRP A 49 -3.14 5.07 -1.30
N LEU A 50 -2.52 5.28 -0.17
CA LEU A 50 -2.33 6.62 0.31
C LEU A 50 -0.87 6.78 0.74
N LYS A 51 -0.23 7.86 0.37
CA LYS A 51 1.05 8.18 0.97
C LYS A 51 0.80 9.19 2.05
N ASN A 52 1.60 9.16 3.09
CA ASN A 52 1.31 9.91 4.31
C ASN A 52 0.76 11.30 3.96
N GLY A 53 -0.56 11.43 4.10
CA GLY A 53 -1.24 12.65 3.74
C GLY A 53 -1.76 12.69 2.31
N GLN A 54 -0.93 12.33 1.33
CA GLN A 54 -1.35 12.41 -0.07
C GLN A 54 -1.98 11.14 -0.57
N GLU A 55 -2.98 11.33 -1.39
CA GLU A 55 -3.69 10.24 -1.98
C GLU A 55 -2.87 9.52 -3.06
N ILE A 56 -2.91 8.20 -3.03
CA ILE A 56 -2.19 7.37 -3.99
C ILE A 56 -3.16 6.57 -4.88
N GLN A 57 -3.08 6.81 -6.18
CA GLN A 57 -3.91 6.07 -7.12
C GLN A 57 -3.15 4.84 -7.65
N MET A 58 -3.09 4.71 -8.96
CA MET A 58 -2.37 3.61 -9.57
C MET A 58 -1.73 4.05 -10.87
N SER A 59 -0.53 3.54 -11.13
CA SER A 59 0.26 3.95 -12.30
C SER A 59 1.29 2.87 -12.64
N GLY A 60 1.78 2.92 -13.86
CA GLY A 60 2.75 1.92 -14.32
C GLY A 60 4.08 2.02 -13.60
N SER A 61 4.50 3.24 -13.29
CA SER A 61 5.78 3.47 -12.62
C SER A 61 5.63 3.31 -11.10
N LYS A 62 5.01 4.30 -10.47
CA LYS A 62 4.75 4.27 -9.05
C LYS A 62 3.31 3.82 -8.80
N TYR A 63 3.03 3.28 -7.61
CA TYR A 63 1.66 2.89 -7.25
C TYR A 63 1.12 1.87 -8.26
N ILE A 64 1.84 0.78 -8.43
CA ILE A 64 1.45 -0.28 -9.36
C ILE A 64 0.45 -1.22 -8.70
N PHE A 65 -0.66 -1.48 -9.39
CA PHE A 65 -1.66 -2.39 -8.85
C PHE A 65 -1.27 -3.84 -9.11
N GLU A 66 -1.37 -4.66 -8.07
CA GLU A 66 -1.01 -6.07 -8.16
C GLU A 66 -1.97 -6.89 -7.30
N SER A 67 -2.32 -8.08 -7.76
CA SER A 67 -3.32 -8.88 -7.05
C SER A 67 -2.91 -10.34 -6.98
N ILE A 68 -3.13 -10.92 -5.81
CA ILE A 68 -2.89 -12.34 -5.58
C ILE A 68 -4.14 -12.94 -4.94
N GLY A 69 -5.02 -13.47 -5.78
CA GLY A 69 -6.31 -13.92 -5.29
C GLY A 69 -7.10 -12.76 -4.71
N ALA A 70 -7.54 -12.91 -3.48
CA ALA A 70 -8.15 -11.80 -2.75
C ALA A 70 -7.09 -10.80 -2.34
N LYS A 71 -5.91 -11.32 -2.04
CA LYS A 71 -4.84 -10.49 -1.53
C LYS A 71 -4.42 -9.46 -2.56
N ARG A 72 -4.61 -8.21 -2.24
CA ARG A 72 -4.29 -7.15 -3.14
C ARG A 72 -2.96 -6.51 -2.75
N THR A 73 -2.22 -6.05 -3.74
CA THR A 73 -0.88 -5.55 -3.52
C THR A 73 -0.63 -4.25 -4.28
N LEU A 74 -0.03 -3.28 -3.60
CA LEU A 74 0.39 -2.05 -4.25
C LEU A 74 1.89 -2.10 -4.48
N THR A 75 2.31 -2.30 -5.71
CA THR A 75 3.73 -2.32 -6.02
C THR A 75 4.24 -0.90 -6.23
N ILE A 76 5.03 -0.41 -5.30
CA ILE A 76 5.53 0.94 -5.40
C ILE A 76 7.01 0.95 -5.82
N SER A 77 7.27 1.65 -6.92
CA SER A 77 8.61 1.76 -7.46
C SER A 77 9.21 3.10 -7.07
N GLN A 78 10.51 3.12 -6.86
CA GLN A 78 11.22 4.34 -6.47
C GLN A 78 10.65 4.89 -5.17
N CYS A 79 10.95 4.21 -4.08
CA CYS A 79 10.56 4.66 -2.76
C CYS A 79 11.57 4.11 -1.79
N SER A 80 12.81 4.25 -2.20
CA SER A 80 13.91 3.62 -1.54
C SER A 80 14.39 4.44 -0.34
N LEU A 81 15.72 4.62 -0.22
CA LEU A 81 16.32 5.32 0.92
C LEU A 81 16.02 6.82 0.90
N ALA A 82 14.75 7.19 0.89
CA ALA A 82 14.36 8.59 0.86
C ALA A 82 12.86 8.73 1.01
N ASP A 83 12.15 7.80 0.40
CA ASP A 83 10.69 7.88 0.35
C ASP A 83 10.03 7.14 1.51
N ASP A 84 10.83 6.74 2.49
CA ASP A 84 10.33 6.14 3.68
C ASP A 84 9.47 7.13 4.47
N ALA A 85 8.32 6.66 4.94
CA ALA A 85 7.33 7.51 5.62
C ALA A 85 6.19 6.64 6.12
N ALA A 86 5.01 6.80 5.53
CA ALA A 86 3.89 5.89 5.78
C ALA A 86 2.98 5.84 4.57
N TYR A 87 2.57 4.64 4.17
CA TYR A 87 1.61 4.50 3.08
C TYR A 87 0.32 3.85 3.58
N GLN A 88 -0.75 4.62 3.59
CA GLN A 88 -2.04 4.12 3.94
C GLN A 88 -2.65 3.39 2.76
N CYS A 89 -3.66 2.61 3.03
CA CYS A 89 -4.27 1.76 2.05
C CYS A 89 -5.76 2.01 2.01
N VAL A 90 -6.34 2.10 0.83
CA VAL A 90 -7.68 2.66 0.75
C VAL A 90 -8.58 1.98 -0.29
N VAL A 91 -9.80 1.69 0.12
CA VAL A 91 -10.81 1.16 -0.78
C VAL A 91 -11.94 2.16 -0.92
N GLY A 92 -12.07 2.73 -2.12
CA GLY A 92 -13.07 3.75 -2.37
C GLY A 92 -12.68 5.10 -1.79
N GLY A 93 -12.15 5.09 -0.57
CA GLY A 93 -11.76 6.31 0.09
C GLY A 93 -11.19 6.04 1.47
N GLU A 94 -11.71 5.02 2.13
CA GLU A 94 -11.27 4.65 3.46
C GLU A 94 -9.81 4.23 3.44
N LYS A 95 -8.97 4.90 4.25
CA LYS A 95 -7.54 4.59 4.29
C LYS A 95 -7.12 3.96 5.63
N CYS A 96 -6.25 2.95 5.55
CA CYS A 96 -5.66 2.32 6.73
C CYS A 96 -4.17 2.64 6.73
N SER A 97 -3.69 3.23 7.78
CA SER A 97 -2.34 3.73 7.78
C SER A 97 -1.33 2.62 8.06
N THR A 98 -0.22 2.68 7.36
CA THR A 98 0.85 1.75 7.56
C THR A 98 2.18 2.45 7.33
N GLU A 99 3.09 2.27 8.25
CA GLU A 99 4.34 3.01 8.22
C GLU A 99 5.27 2.39 7.20
N LEU A 100 6.09 3.23 6.61
CA LEU A 100 6.94 2.82 5.51
C LEU A 100 8.40 3.04 5.83
N PHE A 101 9.14 1.95 5.90
CA PHE A 101 10.57 1.98 6.11
C PHE A 101 11.25 1.31 4.92
N VAL A 102 12.45 1.74 4.58
CA VAL A 102 13.13 1.14 3.45
C VAL A 102 14.36 0.36 3.88
N LYS A 103 14.41 -0.90 3.43
CA LYS A 103 15.57 -1.75 3.59
C LYS A 103 16.47 -1.58 2.39
N GLU A 104 17.77 -1.54 2.60
CA GLU A 104 18.67 -1.38 1.48
C GLU A 104 18.75 -2.66 0.66
#